data_3I4K
#
_entry.id   3I4K
#
_cell.length_a   108.541
_cell.length_b   156.709
_cell.length_c   202.952
_cell.angle_alpha   90.00
_cell.angle_beta   90.00
_cell.angle_gamma   90.00
#
_symmetry.space_group_name_H-M   'P 21 21 21'
#
loop_
_entity.id
_entity.type
_entity.pdbx_description
1 polymer 'Muconate lactonizing enzyme'
2 non-polymer 'ACETIC ACID'
3 non-polymer 'MAGNESIUM ION'
4 water water
#
_entity_poly.entity_id   1
_entity_poly.type   'polypeptide(L)'
_entity_poly.pdbx_seq_one_letter_code
;(MSE)SLSDLTIQKVESRILDVPLIRPHGFATTTSTEQHILLVSVHLENGVIGYGEGVVPGGPWWGGESVET(MSE)KAL
VDGYLAPVLIGRAVSELAGI(MSE)ADLERVVARARYAKAAVDVA(MSE)HDAWARSLNVPVRDLLGGTVRDKVDVTWAL
GVLPLDVAVAEIEERIEEFGNRSFKLK(MSE)GAGDPAEDTRRVAELAREVGDRVSLRIDINARWDRRTALHYLPILAEA
GVELFEQPTPADDLETLREITRRTNVSV(MSE)ADESVWTPAEALAVVKAQAADVIALKTTKHGGLLESKKIAAIAEAGG
LACHGATSLEGPIGTAASLQFAASTKAISYGTELFGPQLLKDTYIVQEFEYKDGQVAIPQGPGLGVDVD(MSE)DKVNFY
TRKEGHHHHHH
;
_entity_poly.pdbx_strand_id   A,B,C,D,E,F,G,H
#
# COMPACT_ATOMS: atom_id res chain seq x y z
N ASP A 5 -18.02 -52.55 7.70
CA ASP A 5 -19.47 -52.40 8.02
C ASP A 5 -20.01 -51.06 7.54
N LEU A 6 -19.29 -49.99 7.86
CA LEU A 6 -19.69 -48.65 7.47
C LEU A 6 -18.99 -48.34 6.15
N THR A 7 -18.41 -49.37 5.57
CA THR A 7 -17.67 -49.29 4.30
C THR A 7 -18.56 -48.84 3.14
N ILE A 8 -17.95 -48.20 2.15
CA ILE A 8 -18.66 -47.73 0.96
C ILE A 8 -18.49 -48.80 -0.12
N GLN A 9 -19.59 -49.47 -0.46
CA GLN A 9 -19.54 -50.54 -1.46
C GLN A 9 -19.70 -50.01 -2.87
N LYS A 10 -20.57 -49.02 -3.04
CA LYS A 10 -20.82 -48.48 -4.36
C LYS A 10 -21.30 -47.04 -4.34
N VAL A 11 -21.06 -46.34 -5.45
CA VAL A 11 -21.49 -44.95 -5.62
C VAL A 11 -22.06 -44.83 -7.03
N GLU A 12 -23.30 -44.39 -7.13
CA GLU A 12 -23.95 -44.24 -8.42
C GLU A 12 -24.32 -42.78 -8.67
N SER A 13 -24.43 -42.40 -9.94
CA SER A 13 -24.79 -41.03 -10.30
C SER A 13 -25.87 -41.05 -11.39
N ARG A 14 -26.97 -40.35 -11.12
CA ARG A 14 -28.07 -40.30 -12.06
C ARG A 14 -28.36 -38.86 -12.49
N ILE A 15 -28.49 -38.64 -13.79
CA ILE A 15 -28.81 -37.31 -14.29
C ILE A 15 -30.33 -37.18 -14.30
N LEU A 16 -30.84 -36.17 -13.61
CA LEU A 16 -32.27 -35.96 -13.54
C LEU A 16 -32.66 -34.63 -14.18
N ASP A 17 -33.66 -34.68 -15.06
CA ASP A 17 -34.15 -33.49 -15.72
C ASP A 17 -35.58 -33.24 -15.24
N VAL A 18 -35.73 -32.27 -14.34
CA VAL A 18 -37.03 -31.94 -13.79
C VAL A 18 -37.48 -30.59 -14.33
N PRO A 19 -38.72 -30.53 -14.86
CA PRO A 19 -39.26 -29.28 -15.42
C PRO A 19 -39.60 -28.26 -14.35
N LEU A 20 -39.44 -26.99 -14.69
CA LEU A 20 -39.76 -25.91 -13.77
C LEU A 20 -41.20 -25.49 -14.02
N ILE A 21 -41.79 -24.82 -13.04
CA ILE A 21 -43.17 -24.39 -13.20
C ILE A 21 -43.25 -23.33 -14.29
N ARG A 22 -42.31 -22.39 -14.26
CA ARG A 22 -42.25 -21.31 -15.24
C ARG A 22 -40.85 -21.24 -15.83
N PRO A 23 -40.69 -20.57 -16.99
CA PRO A 23 -39.36 -20.46 -17.61
C PRO A 23 -38.50 -19.57 -16.72
N HIS A 24 -37.31 -20.03 -16.39
CA HIS A 24 -36.42 -19.24 -15.54
C HIS A 24 -35.31 -18.66 -16.40
N GLY A 25 -35.41 -17.37 -16.69
CA GLY A 25 -34.42 -16.74 -17.55
C GLY A 25 -33.27 -16.02 -16.86
N PHE A 26 -32.07 -16.28 -17.37
CA PHE A 26 -30.85 -15.67 -16.84
C PHE A 26 -30.34 -14.65 -17.86
N ALA A 27 -29.16 -14.11 -17.59
CA ALA A 27 -28.56 -13.10 -18.46
C ALA A 27 -28.39 -13.58 -19.90
N THR A 28 -27.96 -14.82 -20.08
CA THR A 28 -27.73 -15.31 -21.43
C THR A 28 -28.41 -16.62 -21.81
N THR A 29 -29.16 -17.19 -20.88
CA THR A 29 -29.85 -18.44 -21.14
C THR A 29 -31.22 -18.40 -20.47
N THR A 30 -32.01 -19.43 -20.69
CA THR A 30 -33.33 -19.56 -20.11
C THR A 30 -33.54 -21.03 -19.85
N SER A 31 -33.88 -21.37 -18.61
CA SER A 31 -34.12 -22.76 -18.25
C SER A 31 -35.62 -23.00 -18.17
N THR A 32 -36.02 -24.20 -18.55
CA THR A 32 -37.42 -24.60 -18.50
C THR A 32 -37.44 -25.83 -17.62
N GLU A 33 -36.24 -26.30 -17.28
CA GLU A 33 -36.05 -27.46 -16.42
C GLU A 33 -34.65 -27.45 -15.79
N GLN A 34 -34.52 -28.03 -14.60
CA GLN A 34 -33.23 -28.07 -13.94
C GLN A 34 -32.62 -29.44 -14.15
N HIS A 35 -31.30 -29.48 -14.27
CA HIS A 35 -30.57 -30.72 -14.48
C HIS A 35 -29.84 -31.00 -13.18
N ILE A 36 -30.08 -32.19 -12.63
CA ILE A 36 -29.48 -32.56 -11.38
C ILE A 36 -28.76 -33.88 -11.45
N LEU A 37 -27.52 -33.91 -10.98
CA LEU A 37 -26.77 -35.15 -10.95
C LEU A 37 -26.98 -35.71 -9.56
N LEU A 38 -27.95 -36.61 -9.42
CA LEU A 38 -28.23 -37.22 -8.13
C LEU A 38 -27.20 -38.31 -7.89
N VAL A 39 -26.30 -38.08 -6.93
CA VAL A 39 -25.26 -39.04 -6.62
C VAL A 39 -25.63 -39.76 -5.33
N SER A 40 -25.38 -41.06 -5.29
CA SER A 40 -25.69 -41.85 -4.10
C SER A 40 -24.51 -42.69 -3.64
N VAL A 41 -24.33 -42.74 -2.33
CA VAL A 41 -23.28 -43.52 -1.73
C VAL A 41 -23.94 -44.68 -0.98
N HIS A 42 -23.59 -45.90 -1.40
CA HIS A 42 -24.15 -47.12 -0.84
C HIS A 42 -23.20 -47.75 0.15
N LEU A 43 -23.65 -47.85 1.40
CA LEU A 43 -22.84 -48.42 2.47
C LEU A 43 -23.15 -49.89 2.76
N GLU A 44 -22.11 -50.62 3.15
CA GLU A 44 -22.20 -52.03 3.47
C GLU A 44 -23.44 -52.37 4.30
N ASN A 45 -23.78 -51.51 5.26
CA ASN A 45 -24.93 -51.71 6.13
C ASN A 45 -26.26 -51.40 5.44
N GLY A 46 -26.25 -51.35 4.11
CA GLY A 46 -27.46 -51.09 3.36
C GLY A 46 -27.93 -49.65 3.26
N VAL A 47 -27.41 -48.76 4.09
CA VAL A 47 -27.83 -47.35 4.02
C VAL A 47 -27.36 -46.69 2.73
N ILE A 48 -28.17 -45.76 2.22
CA ILE A 48 -27.85 -45.04 0.99
C ILE A 48 -27.92 -43.52 1.21
N GLY A 49 -26.80 -42.84 0.97
CA GLY A 49 -26.75 -41.39 1.14
C GLY A 49 -26.83 -40.68 -0.21
N TYR A 50 -27.52 -39.55 -0.25
CA TYR A 50 -27.69 -38.80 -1.50
C TYR A 50 -27.10 -37.39 -1.51
N GLY A 51 -26.57 -37.02 -2.67
CA GLY A 51 -25.98 -35.70 -2.86
C GLY A 51 -26.27 -35.23 -4.27
N GLU A 52 -26.28 -33.92 -4.49
CA GLU A 52 -26.56 -33.36 -5.82
C GLU A 52 -25.41 -32.66 -6.54
N GLY A 53 -25.22 -33.03 -7.81
CA GLY A 53 -24.22 -32.39 -8.65
C GLY A 53 -25.09 -31.46 -9.47
N VAL A 54 -25.16 -30.18 -9.08
CA VAL A 54 -26.04 -29.24 -9.75
C VAL A 54 -25.56 -27.80 -9.85
N VAL A 55 -25.77 -27.18 -11.02
CA VAL A 55 -25.41 -25.79 -11.28
C VAL A 55 -26.69 -25.08 -11.75
N PRO A 56 -26.70 -23.74 -11.71
CA PRO A 56 -27.88 -22.98 -12.14
C PRO A 56 -28.20 -23.06 -13.62
N GLY A 57 -28.87 -24.14 -14.03
CA GLY A 57 -29.25 -24.29 -15.43
C GLY A 57 -28.29 -24.99 -16.38
N GLY A 58 -27.03 -24.51 -16.44
CA GLY A 58 -26.07 -25.13 -17.33
C GLY A 58 -24.63 -24.69 -17.10
N PRO A 59 -23.71 -25.07 -18.00
CA PRO A 59 -22.31 -24.67 -17.84
C PRO A 59 -22.02 -23.19 -18.08
N TRP A 60 -23.04 -22.40 -18.39
CA TRP A 60 -22.85 -20.98 -18.64
C TRP A 60 -22.45 -20.27 -17.33
N TRP A 61 -22.88 -20.85 -16.21
CA TRP A 61 -22.59 -20.24 -14.91
C TRP A 61 -21.09 -20.33 -14.54
N GLY A 62 -20.52 -21.53 -14.59
CA GLY A 62 -19.12 -21.68 -14.23
C GLY A 62 -18.28 -22.70 -14.95
N GLY A 63 -18.84 -23.34 -15.98
CA GLY A 63 -18.04 -24.32 -16.71
C GLY A 63 -18.29 -25.79 -16.40
N GLU A 64 -19.05 -26.04 -15.35
CA GLU A 64 -19.37 -27.42 -14.99
C GLU A 64 -20.82 -27.69 -15.32
N SER A 65 -21.12 -28.91 -15.71
CA SER A 65 -22.49 -29.29 -16.03
C SER A 65 -22.77 -30.71 -15.58
N VAL A 66 -24.04 -31.06 -15.51
CA VAL A 66 -24.43 -32.39 -15.12
C VAL A 66 -23.62 -33.43 -15.88
N GLU A 67 -23.38 -33.20 -17.18
CA GLU A 67 -22.59 -34.14 -17.99
C GLU A 67 -21.15 -34.16 -17.49
N THR A 68 -20.60 -32.97 -17.30
CA THR A 68 -19.22 -32.82 -16.82
C THR A 68 -19.03 -33.44 -15.46
N LYS A 70 -20.84 -35.91 -14.07
CA LYS A 70 -20.99 -37.35 -14.07
C LYS A 70 -19.70 -38.00 -14.57
N ALA A 71 -19.07 -37.40 -15.57
CA ALA A 71 -17.83 -37.96 -16.09
C ALA A 71 -16.76 -37.94 -15.00
N LEU A 72 -16.75 -36.88 -14.19
CA LEU A 72 -15.76 -36.78 -13.13
C LEU A 72 -16.11 -37.65 -11.92
N VAL A 73 -17.37 -37.64 -11.50
CA VAL A 73 -17.79 -38.46 -10.37
C VAL A 73 -17.60 -39.93 -10.71
N ASP A 74 -18.15 -40.37 -11.84
CA ASP A 74 -18.04 -41.75 -12.25
C ASP A 74 -16.61 -42.22 -12.52
N GLY A 75 -15.92 -41.52 -13.41
CA GLY A 75 -14.56 -41.91 -13.76
C GLY A 75 -13.38 -41.56 -12.89
N TYR A 76 -13.51 -40.58 -12.00
CA TYR A 76 -12.37 -40.19 -11.18
C TYR A 76 -12.58 -40.08 -9.67
N LEU A 77 -13.67 -39.45 -9.26
CA LEU A 77 -13.93 -39.27 -7.84
C LEU A 77 -14.44 -40.52 -7.11
N ALA A 78 -15.54 -41.08 -7.60
CA ALA A 78 -16.15 -42.26 -7.00
C ALA A 78 -15.16 -43.37 -6.65
N PRO A 79 -14.36 -43.81 -7.62
CA PRO A 79 -13.39 -44.88 -7.37
C PRO A 79 -12.48 -44.66 -6.17
N VAL A 80 -12.43 -43.45 -5.64
CA VAL A 80 -11.57 -43.16 -4.50
C VAL A 80 -12.27 -43.61 -3.22
N LEU A 81 -13.58 -43.45 -3.18
CA LEU A 81 -14.38 -43.81 -2.00
C LEU A 81 -14.51 -45.32 -1.74
N ILE A 82 -14.71 -46.08 -2.81
CA ILE A 82 -14.92 -47.52 -2.72
C ILE A 82 -13.92 -48.28 -1.85
N GLY A 83 -14.46 -49.06 -0.92
CA GLY A 83 -13.62 -49.85 -0.04
C GLY A 83 -13.16 -49.11 1.21
N ARG A 84 -13.71 -47.92 1.44
CA ARG A 84 -13.33 -47.13 2.61
C ARG A 84 -14.54 -46.80 3.46
N ALA A 85 -14.33 -46.59 4.75
CA ALA A 85 -15.42 -46.26 5.67
C ALA A 85 -15.87 -44.82 5.42
N VAL A 86 -17.18 -44.60 5.46
CA VAL A 86 -17.72 -43.26 5.24
C VAL A 86 -17.28 -42.35 6.38
N SER A 87 -16.82 -42.95 7.48
CA SER A 87 -16.38 -42.20 8.64
C SER A 87 -14.97 -41.64 8.40
N GLU A 88 -14.46 -41.81 7.18
CA GLU A 88 -13.16 -41.28 6.79
C GLU A 88 -13.41 -40.06 5.92
N LEU A 89 -14.65 -39.58 5.95
CA LEU A 89 -15.09 -38.44 5.18
C LEU A 89 -13.99 -37.41 4.89
N ALA A 90 -13.54 -36.70 5.92
CA ALA A 90 -12.51 -35.68 5.74
C ALA A 90 -11.27 -36.17 4.99
N GLY A 91 -10.81 -37.38 5.30
CA GLY A 91 -9.63 -37.91 4.62
C GLY A 91 -9.88 -38.21 3.16
N ILE A 92 -11.08 -38.69 2.85
CA ILE A 92 -11.43 -39.01 1.47
C ILE A 92 -11.49 -37.73 0.65
N ALA A 94 -9.91 -35.10 1.11
CA ALA A 94 -8.54 -34.66 0.90
C ALA A 94 -7.89 -35.47 -0.22
N ASP A 95 -8.21 -36.76 -0.30
CA ASP A 95 -7.62 -37.58 -1.35
C ASP A 95 -8.21 -37.30 -2.72
N LEU A 96 -9.41 -36.73 -2.77
CA LEU A 96 -10.02 -36.43 -4.07
C LEU A 96 -9.14 -35.44 -4.83
N GLU A 97 -8.54 -34.51 -4.11
CA GLU A 97 -7.66 -33.49 -4.71
C GLU A 97 -6.52 -34.12 -5.50
N ARG A 98 -6.08 -35.30 -5.09
CA ARG A 98 -4.98 -35.96 -5.79
C ARG A 98 -5.35 -36.47 -7.19
N VAL A 99 -6.64 -36.68 -7.42
CA VAL A 99 -7.10 -37.19 -8.72
C VAL A 99 -7.80 -36.16 -9.60
N VAL A 100 -8.41 -35.16 -8.97
CA VAL A 100 -9.12 -34.11 -9.71
C VAL A 100 -8.98 -32.75 -9.03
N ALA A 101 -8.34 -31.81 -9.71
CA ALA A 101 -8.18 -30.47 -9.18
C ALA A 101 -9.46 -29.71 -9.51
N ARG A 102 -9.79 -28.71 -8.70
CA ARG A 102 -10.98 -27.88 -8.90
C ARG A 102 -12.24 -28.72 -8.99
N ALA A 103 -13.07 -28.47 -10.01
CA ALA A 103 -14.31 -29.21 -10.18
C ALA A 103 -15.06 -29.34 -8.85
N ARG A 104 -15.20 -28.22 -8.13
CA ARG A 104 -15.88 -28.23 -6.84
C ARG A 104 -17.33 -28.71 -6.89
N TYR A 105 -18.08 -28.28 -7.91
CA TYR A 105 -19.47 -28.70 -8.01
C TYR A 105 -19.62 -30.23 -8.02
N ALA A 106 -18.76 -30.91 -8.77
CA ALA A 106 -18.80 -32.36 -8.84
C ALA A 106 -18.50 -32.96 -7.47
N LYS A 107 -17.47 -32.43 -6.83
CA LYS A 107 -17.03 -32.89 -5.51
C LYS A 107 -18.09 -32.69 -4.44
N ALA A 108 -18.83 -31.58 -4.51
CA ALA A 108 -19.84 -31.30 -3.51
C ALA A 108 -20.86 -32.44 -3.39
N ALA A 109 -21.20 -33.06 -4.51
CA ALA A 109 -22.16 -34.16 -4.49
C ALA A 109 -21.59 -35.31 -3.69
N VAL A 110 -20.34 -35.67 -3.94
CA VAL A 110 -19.70 -36.76 -3.23
C VAL A 110 -19.67 -36.46 -1.72
N ASP A 111 -19.35 -35.23 -1.39
CA ASP A 111 -19.30 -34.81 0.01
C ASP A 111 -20.67 -34.96 0.69
N VAL A 112 -21.71 -34.39 0.09
CA VAL A 112 -23.04 -34.47 0.66
C VAL A 112 -23.57 -35.90 0.76
N ALA A 113 -23.30 -36.71 -0.26
CA ALA A 113 -23.75 -38.11 -0.25
C ALA A 113 -23.11 -38.84 0.92
N HIS A 115 -22.00 -37.47 3.74
CA HIS A 115 -22.54 -36.94 4.97
C HIS A 115 -23.89 -37.58 5.26
N ASP A 116 -24.72 -37.69 4.22
CA ASP A 116 -26.04 -38.29 4.37
C ASP A 116 -25.90 -39.74 4.84
N ALA A 117 -25.14 -40.54 4.10
CA ALA A 117 -24.93 -41.95 4.43
C ALA A 117 -24.43 -42.14 5.86
N TRP A 118 -23.55 -41.25 6.31
CA TRP A 118 -22.99 -41.33 7.65
C TRP A 118 -23.98 -40.89 8.74
N ALA A 119 -24.66 -39.77 8.52
CA ALA A 119 -25.63 -39.26 9.49
C ALA A 119 -26.79 -40.25 9.68
N ARG A 120 -27.21 -40.90 8.60
CA ARG A 120 -28.31 -41.87 8.71
C ARG A 120 -27.82 -43.12 9.43
N SER A 121 -26.57 -43.52 9.13
CA SER A 121 -25.99 -44.69 9.77
C SER A 121 -25.86 -44.50 11.28
N LEU A 122 -25.65 -43.26 11.70
CA LEU A 122 -25.51 -42.95 13.13
C LEU A 122 -26.87 -42.55 13.68
N ASN A 123 -27.85 -42.49 12.79
CA ASN A 123 -29.21 -42.12 13.14
C ASN A 123 -29.33 -40.71 13.70
N VAL A 124 -28.78 -39.75 12.96
CA VAL A 124 -28.83 -38.34 13.36
C VAL A 124 -28.97 -37.46 12.12
N PRO A 125 -29.36 -36.19 12.31
CA PRO A 125 -29.51 -35.27 11.17
C PRO A 125 -28.09 -35.00 10.63
N VAL A 126 -27.98 -34.51 9.41
CA VAL A 126 -26.66 -34.21 8.87
C VAL A 126 -25.99 -33.07 9.65
N ARG A 127 -26.80 -32.15 10.18
CA ARG A 127 -26.28 -31.02 10.94
C ARG A 127 -25.56 -31.40 12.23
N ASP A 128 -25.87 -32.58 12.77
CA ASP A 128 -25.21 -33.01 14.00
C ASP A 128 -23.78 -33.46 13.70
N LEU A 129 -23.41 -33.47 12.43
CA LEU A 129 -22.04 -33.83 12.06
C LEU A 129 -21.33 -32.52 11.76
N LEU A 130 -22.09 -31.43 11.81
CA LEU A 130 -21.59 -30.09 11.50
C LEU A 130 -21.66 -29.10 12.66
N GLY A 131 -21.74 -29.60 13.89
CA GLY A 131 -21.78 -28.71 15.04
C GLY A 131 -23.09 -28.62 15.82
N GLY A 132 -24.12 -29.30 15.36
CA GLY A 132 -25.39 -29.24 16.07
C GLY A 132 -26.29 -28.15 15.52
N THR A 133 -27.29 -27.75 16.28
CA THR A 133 -28.19 -26.73 15.77
C THR A 133 -28.07 -25.36 16.43
N VAL A 134 -28.19 -24.33 15.60
CA VAL A 134 -28.14 -22.93 16.00
C VAL A 134 -29.51 -22.33 15.73
N ARG A 135 -30.20 -22.90 14.73
CA ARG A 135 -31.53 -22.43 14.32
C ARG A 135 -32.33 -23.57 13.71
N ASP A 136 -33.66 -23.45 13.72
CA ASP A 136 -34.51 -24.47 13.16
C ASP A 136 -35.35 -23.96 12.00
N LYS A 137 -35.07 -22.72 11.58
CA LYS A 137 -35.78 -22.10 10.47
C LYS A 137 -34.97 -20.90 9.97
N VAL A 138 -35.02 -20.66 8.66
CA VAL A 138 -34.29 -19.56 8.05
C VAL A 138 -35.16 -18.68 7.18
N ASP A 139 -34.72 -17.45 6.94
CA ASP A 139 -35.48 -16.57 6.07
C ASP A 139 -35.15 -16.96 4.64
N VAL A 140 -36.09 -16.73 3.74
CA VAL A 140 -35.91 -17.09 2.35
C VAL A 140 -36.22 -15.92 1.42
N THR A 141 -35.23 -15.57 0.61
CA THR A 141 -35.36 -14.50 -0.37
C THR A 141 -35.83 -15.19 -1.64
N TRP A 142 -36.84 -14.62 -2.29
CA TRP A 142 -37.35 -15.21 -3.54
C TRP A 142 -36.70 -14.53 -4.74
N ALA A 143 -36.11 -15.35 -5.62
CA ALA A 143 -35.46 -14.82 -6.81
C ALA A 143 -36.34 -14.99 -8.06
N LEU A 144 -36.43 -13.93 -8.84
CA LEU A 144 -37.20 -13.97 -10.07
C LEU A 144 -36.20 -14.01 -11.23
N GLY A 145 -36.43 -14.89 -12.19
CA GLY A 145 -35.55 -14.93 -13.35
C GLY A 145 -35.86 -13.64 -14.10
N VAL A 146 -35.20 -13.40 -15.23
CA VAL A 146 -35.47 -12.18 -15.98
C VAL A 146 -36.92 -12.24 -16.47
N LEU A 147 -37.72 -11.25 -16.09
CA LEU A 147 -39.13 -11.19 -16.44
C LEU A 147 -39.54 -9.76 -16.79
N PRO A 148 -40.57 -9.61 -17.64
CA PRO A 148 -41.02 -8.27 -18.02
C PRO A 148 -41.53 -7.56 -16.76
N LEU A 149 -41.49 -6.23 -16.76
CA LEU A 149 -41.93 -5.45 -15.61
C LEU A 149 -43.24 -5.86 -14.95
N ASP A 150 -44.28 -5.99 -15.77
CA ASP A 150 -45.61 -6.35 -15.29
C ASP A 150 -45.66 -7.75 -14.68
N VAL A 151 -45.02 -8.70 -15.34
CA VAL A 151 -44.99 -10.07 -14.86
C VAL A 151 -44.27 -10.14 -13.51
N ALA A 152 -43.15 -9.43 -13.40
CA ALA A 152 -42.36 -9.41 -12.17
C ALA A 152 -43.16 -8.84 -11.00
N VAL A 153 -43.73 -7.65 -11.17
CA VAL A 153 -44.52 -7.02 -10.13
C VAL A 153 -45.65 -7.94 -9.71
N ALA A 154 -46.23 -8.64 -10.69
CA ALA A 154 -47.33 -9.55 -10.41
C ALA A 154 -46.84 -10.73 -9.57
N GLU A 155 -45.70 -11.29 -9.95
CA GLU A 155 -45.14 -12.42 -9.23
C GLU A 155 -44.73 -12.07 -7.80
N ILE A 156 -44.29 -10.82 -7.59
CA ILE A 156 -43.91 -10.40 -6.25
C ILE A 156 -45.16 -10.32 -5.37
N GLU A 157 -46.22 -9.67 -5.87
CA GLU A 157 -47.48 -9.54 -5.14
C GLU A 157 -48.00 -10.93 -4.72
N GLU A 158 -47.98 -11.85 -5.66
CA GLU A 158 -48.43 -13.20 -5.39
C GLU A 158 -47.59 -13.83 -4.30
N ARG A 159 -46.27 -13.78 -4.47
CA ARG A 159 -45.35 -14.36 -3.49
C ARG A 159 -45.56 -13.75 -2.11
N ILE A 160 -45.69 -12.43 -2.04
CA ILE A 160 -45.87 -11.77 -0.76
C ILE A 160 -47.08 -12.33 -0.04
N GLU A 161 -48.20 -12.37 -0.75
CA GLU A 161 -49.46 -12.84 -0.20
C GLU A 161 -49.53 -14.34 0.09
N GLU A 162 -48.86 -15.15 -0.72
CA GLU A 162 -48.92 -16.59 -0.52
C GLU A 162 -47.79 -17.26 0.26
N PHE A 163 -46.61 -16.66 0.28
CA PHE A 163 -45.50 -17.26 1.01
C PHE A 163 -44.84 -16.35 2.04
N GLY A 164 -45.16 -15.05 1.98
CA GLY A 164 -44.63 -14.10 2.92
C GLY A 164 -43.21 -13.60 2.75
N ASN A 165 -42.58 -13.87 1.60
CA ASN A 165 -41.20 -13.43 1.38
C ASN A 165 -41.10 -11.93 1.61
N ARG A 166 -40.13 -11.54 2.43
CA ARG A 166 -39.91 -10.13 2.75
C ARG A 166 -38.78 -9.54 1.91
N SER A 167 -38.13 -10.39 1.12
CA SER A 167 -37.05 -9.95 0.25
C SER A 167 -37.11 -10.67 -1.10
N PHE A 168 -36.80 -9.93 -2.15
CA PHE A 168 -36.81 -10.45 -3.51
C PHE A 168 -35.54 -10.11 -4.28
N LYS A 169 -35.06 -11.09 -5.03
CA LYS A 169 -33.85 -10.94 -5.85
C LYS A 169 -34.25 -10.98 -7.34
N LEU A 170 -33.85 -9.94 -8.07
CA LEU A 170 -34.17 -9.81 -9.49
C LEU A 170 -32.96 -10.06 -10.39
N LYS A 171 -33.00 -11.14 -11.18
CA LYS A 171 -31.91 -11.45 -12.08
C LYS A 171 -31.94 -10.42 -13.22
N GLY A 173 -29.21 -8.80 -16.77
CA GLY A 173 -28.14 -9.19 -17.67
C GLY A 173 -28.54 -9.54 -19.08
N ALA A 174 -29.85 -9.60 -19.33
CA ALA A 174 -30.35 -9.92 -20.66
C ALA A 174 -30.67 -8.65 -21.42
N GLY A 175 -30.18 -8.57 -22.65
CA GLY A 175 -30.45 -7.41 -23.49
C GLY A 175 -29.79 -6.12 -23.05
N ASP A 176 -30.30 -5.03 -23.63
CA ASP A 176 -29.80 -3.68 -23.37
C ASP A 176 -29.77 -3.30 -21.89
N PRO A 177 -28.61 -2.80 -21.43
CA PRO A 177 -28.42 -2.38 -20.04
C PRO A 177 -29.35 -1.24 -19.61
N ALA A 178 -29.47 -0.22 -20.47
CA ALA A 178 -30.32 0.93 -20.19
C ALA A 178 -31.78 0.54 -19.96
N GLU A 179 -32.27 -0.41 -20.75
CA GLU A 179 -33.64 -0.85 -20.61
C GLU A 179 -33.76 -1.78 -19.40
N ASP A 180 -32.79 -2.67 -19.25
CA ASP A 180 -32.77 -3.60 -18.13
C ASP A 180 -32.86 -2.82 -16.83
N THR A 181 -32.10 -1.73 -16.76
CA THR A 181 -32.06 -0.84 -15.60
C THR A 181 -33.45 -0.23 -15.36
N ARG A 182 -34.05 0.26 -16.43
CA ARG A 182 -35.36 0.89 -16.38
C ARG A 182 -36.37 -0.09 -15.82
N ARG A 183 -36.31 -1.33 -16.31
CA ARG A 183 -37.20 -2.41 -15.89
C ARG A 183 -37.15 -2.60 -14.37
N VAL A 184 -35.94 -2.70 -13.83
CA VAL A 184 -35.74 -2.91 -12.40
C VAL A 184 -36.05 -1.66 -11.58
N ALA A 185 -35.59 -0.50 -12.05
CA ALA A 185 -35.86 0.73 -11.32
C ALA A 185 -37.36 0.93 -11.17
N GLU A 186 -38.09 0.73 -12.26
CA GLU A 186 -39.55 0.88 -12.27
C GLU A 186 -40.21 -0.11 -11.34
N LEU A 187 -39.70 -1.33 -11.32
CA LEU A 187 -40.27 -2.35 -10.46
C LEU A 187 -40.01 -1.98 -9.01
N ALA A 188 -38.89 -1.29 -8.78
CA ALA A 188 -38.51 -0.88 -7.43
C ALA A 188 -39.42 0.22 -6.90
N ARG A 189 -39.90 1.08 -7.80
CA ARG A 189 -40.79 2.16 -7.39
C ARG A 189 -42.15 1.63 -6.99
N GLU A 190 -42.47 0.42 -7.45
CA GLU A 190 -43.76 -0.17 -7.14
C GLU A 190 -43.72 -1.24 -6.05
N VAL A 191 -42.53 -1.54 -5.53
CA VAL A 191 -42.42 -2.58 -4.52
C VAL A 191 -41.38 -2.28 -3.44
N GLY A 192 -40.39 -1.48 -3.80
CA GLY A 192 -39.33 -1.14 -2.87
C GLY A 192 -39.73 -0.60 -1.50
N ASP A 193 -41.02 -0.33 -1.30
CA ASP A 193 -41.46 0.19 -0.02
C ASP A 193 -41.91 -0.93 0.91
N ARG A 194 -42.28 -2.06 0.31
CA ARG A 194 -42.78 -3.20 1.08
C ARG A 194 -41.75 -4.29 1.32
N VAL A 195 -40.75 -4.39 0.44
CA VAL A 195 -39.75 -5.44 0.58
C VAL A 195 -38.33 -4.99 0.25
N SER A 196 -37.37 -5.85 0.58
CA SER A 196 -35.96 -5.60 0.31
C SER A 196 -35.67 -6.11 -1.09
N LEU A 197 -35.17 -5.24 -1.95
CA LEU A 197 -34.88 -5.62 -3.32
C LEU A 197 -33.38 -5.76 -3.61
N ARG A 198 -33.00 -6.90 -4.19
CA ARG A 198 -31.62 -7.18 -4.55
C ARG A 198 -31.62 -7.58 -6.03
N ILE A 199 -30.46 -7.42 -6.70
CA ILE A 199 -30.34 -7.83 -8.08
C ILE A 199 -29.14 -8.77 -8.22
N ASP A 200 -29.02 -9.40 -9.39
CA ASP A 200 -27.93 -10.32 -9.67
C ASP A 200 -27.78 -10.36 -11.19
N ILE A 201 -26.61 -9.96 -11.68
CA ILE A 201 -26.36 -9.93 -13.11
C ILE A 201 -25.47 -11.07 -13.58
N ASN A 202 -25.16 -11.98 -12.67
CA ASN A 202 -24.32 -13.13 -13.00
C ASN A 202 -23.07 -12.76 -13.81
N ALA A 203 -22.37 -11.73 -13.35
CA ALA A 203 -21.13 -11.29 -13.97
C ALA A 203 -21.23 -10.92 -15.44
N ARG A 204 -22.43 -10.68 -15.94
CA ARG A 204 -22.59 -10.36 -17.36
C ARG A 204 -22.59 -8.88 -17.77
N TRP A 205 -22.23 -7.99 -16.86
CA TRP A 205 -22.11 -6.57 -17.20
C TRP A 205 -20.63 -6.27 -17.08
N ASP A 206 -20.09 -5.40 -17.93
CA ASP A 206 -18.68 -5.07 -17.79
C ASP A 206 -18.58 -3.96 -16.75
N ARG A 207 -17.36 -3.69 -16.29
CA ARG A 207 -17.15 -2.67 -15.28
C ARG A 207 -17.75 -1.34 -15.63
N ARG A 208 -17.46 -0.83 -16.84
CA ARG A 208 -17.99 0.47 -17.22
C ARG A 208 -19.51 0.53 -17.16
N THR A 209 -20.16 -0.51 -17.67
CA THR A 209 -21.61 -0.56 -17.67
C THR A 209 -22.18 -0.59 -16.25
N ALA A 210 -21.53 -1.34 -15.36
CA ALA A 210 -22.03 -1.43 -13.99
C ALA A 210 -21.91 -0.09 -13.27
N LEU A 211 -20.76 0.56 -13.40
CA LEU A 211 -20.52 1.84 -12.76
C LEU A 211 -21.43 2.96 -13.28
N HIS A 212 -21.89 2.81 -14.51
CA HIS A 212 -22.76 3.81 -15.10
C HIS A 212 -24.23 3.67 -14.68
N TYR A 213 -24.76 2.45 -14.72
CA TYR A 213 -26.17 2.23 -14.40
C TYR A 213 -26.54 1.89 -12.96
N LEU A 214 -25.71 1.12 -12.27
CA LEU A 214 -26.04 0.74 -10.90
C LEU A 214 -26.43 1.93 -10.02
N PRO A 215 -25.82 3.12 -10.25
CA PRO A 215 -26.19 4.27 -9.42
C PRO A 215 -27.71 4.54 -9.53
N ILE A 216 -28.25 4.34 -10.74
CA ILE A 216 -29.68 4.55 -10.97
C ILE A 216 -30.50 3.58 -10.14
N LEU A 217 -30.04 2.33 -10.05
CA LEU A 217 -30.73 1.34 -9.24
C LEU A 217 -30.62 1.63 -7.75
N ALA A 218 -29.50 2.23 -7.35
CA ALA A 218 -29.29 2.57 -5.94
C ALA A 218 -30.26 3.66 -5.52
N GLU A 219 -30.46 4.64 -6.40
CA GLU A 219 -31.37 5.74 -6.11
C GLU A 219 -32.80 5.22 -6.07
N ALA A 220 -33.07 4.15 -6.82
CA ALA A 220 -34.41 3.56 -6.88
C ALA A 220 -34.71 2.67 -5.67
N GLY A 221 -33.70 2.42 -4.85
CA GLY A 221 -33.93 1.60 -3.67
C GLY A 221 -33.33 0.21 -3.64
N VAL A 222 -32.68 -0.24 -4.72
CA VAL A 222 -32.08 -1.56 -4.69
C VAL A 222 -31.01 -1.56 -3.59
N GLU A 223 -31.07 -2.52 -2.67
CA GLU A 223 -30.15 -2.59 -1.54
C GLU A 223 -28.95 -3.50 -1.68
N LEU A 224 -28.92 -4.32 -2.71
CA LEU A 224 -27.81 -5.23 -2.84
C LEU A 224 -27.50 -5.58 -4.28
N PHE A 225 -26.25 -5.42 -4.66
CA PHE A 225 -25.84 -5.76 -6.02
C PHE A 225 -25.01 -7.05 -6.00
N GLU A 226 -25.64 -8.15 -6.38
CA GLU A 226 -24.94 -9.44 -6.43
C GLU A 226 -24.19 -9.57 -7.76
N GLN A 227 -22.92 -10.00 -7.67
CA GLN A 227 -22.03 -10.21 -8.80
C GLN A 227 -22.45 -9.53 -10.10
N PRO A 228 -22.47 -8.20 -10.14
CA PRO A 228 -22.87 -7.49 -11.37
C PRO A 228 -21.83 -7.61 -12.47
N THR A 229 -20.58 -7.84 -12.07
CA THR A 229 -19.46 -7.89 -12.99
C THR A 229 -18.60 -9.17 -12.90
N PRO A 230 -17.64 -9.33 -13.83
CA PRO A 230 -16.76 -10.50 -13.88
C PRO A 230 -16.19 -10.99 -12.53
N ALA A 231 -16.18 -12.31 -12.35
CA ALA A 231 -15.70 -12.95 -11.13
C ALA A 231 -14.27 -12.58 -10.72
N ASP A 232 -13.41 -12.38 -11.71
CA ASP A 232 -12.02 -12.06 -11.43
C ASP A 232 -11.73 -10.63 -10.99
N ASP A 233 -12.63 -9.70 -11.31
CA ASP A 233 -12.41 -8.28 -11.00
C ASP A 233 -12.89 -7.84 -9.63
N LEU A 234 -12.14 -8.19 -8.60
CA LEU A 234 -12.54 -7.82 -7.24
C LEU A 234 -12.47 -6.30 -7.05
N GLU A 235 -11.52 -5.64 -7.70
CA GLU A 235 -11.37 -4.20 -7.54
C GLU A 235 -12.61 -3.45 -8.01
N THR A 236 -13.27 -3.99 -9.03
CA THR A 236 -14.49 -3.36 -9.54
C THR A 236 -15.66 -3.51 -8.55
N LEU A 237 -15.77 -4.64 -7.88
CA LEU A 237 -16.86 -4.82 -6.91
C LEU A 237 -16.69 -3.79 -5.81
N ARG A 238 -15.45 -3.56 -5.40
CA ARG A 238 -15.15 -2.57 -4.36
C ARG A 238 -15.48 -1.17 -4.87
N GLU A 239 -15.12 -0.90 -6.12
CA GLU A 239 -15.37 0.40 -6.73
C GLU A 239 -16.87 0.68 -6.87
N ILE A 240 -17.69 -0.32 -7.21
CA ILE A 240 -19.10 0.01 -7.36
C ILE A 240 -19.69 0.42 -6.02
N THR A 241 -19.21 -0.18 -4.94
CA THR A 241 -19.71 0.19 -3.61
C THR A 241 -19.21 1.60 -3.24
N ARG A 242 -17.95 1.90 -3.59
CA ARG A 242 -17.38 3.20 -3.31
C ARG A 242 -18.25 4.29 -3.95
N ARG A 243 -18.64 4.09 -5.20
CA ARG A 243 -19.44 5.08 -5.91
C ARG A 243 -20.94 5.09 -5.62
N THR A 244 -21.49 3.96 -5.17
CA THR A 244 -22.93 3.91 -4.89
C THR A 244 -23.35 3.73 -3.44
N ASN A 245 -22.39 3.36 -2.60
CA ASN A 245 -22.66 3.11 -1.19
C ASN A 245 -23.62 1.97 -0.92
N VAL A 246 -23.87 1.12 -1.92
CA VAL A 246 -24.74 -0.02 -1.67
C VAL A 246 -23.90 -1.30 -1.68
N SER A 247 -24.21 -2.18 -0.73
CA SER A 247 -23.50 -3.43 -0.58
C SER A 247 -23.50 -4.25 -1.83
N VAL A 248 -22.46 -5.07 -1.94
CA VAL A 248 -22.27 -5.99 -3.05
C VAL A 248 -22.20 -7.39 -2.44
N ALA A 250 -20.75 -11.22 -3.33
CA ALA A 250 -19.91 -11.98 -4.24
C ALA A 250 -20.48 -13.38 -4.41
N ASP A 251 -20.55 -13.84 -5.66
CA ASP A 251 -21.06 -15.17 -5.95
C ASP A 251 -20.03 -15.90 -6.81
N GLU A 252 -19.99 -15.62 -8.12
CA GLU A 252 -19.00 -16.31 -8.94
C GLU A 252 -17.58 -15.99 -8.53
N SER A 253 -17.36 -14.87 -7.85
CA SER A 253 -16.02 -14.51 -7.40
C SER A 253 -15.56 -15.42 -6.25
N VAL A 254 -16.48 -16.06 -5.55
CA VAL A 254 -16.09 -16.90 -4.41
C VAL A 254 -16.60 -18.34 -4.44
N TRP A 255 -15.72 -19.27 -4.77
CA TRP A 255 -16.03 -20.70 -4.79
C TRP A 255 -15.21 -21.38 -3.69
N THR A 256 -13.94 -20.99 -3.59
CA THR A 256 -12.99 -21.59 -2.64
C THR A 256 -12.58 -20.69 -1.47
N PRO A 257 -12.04 -21.30 -0.39
CA PRO A 257 -11.58 -20.57 0.80
C PRO A 257 -10.58 -19.49 0.39
N ALA A 258 -9.67 -19.86 -0.50
CA ALA A 258 -8.66 -18.91 -0.99
C ALA A 258 -9.34 -17.71 -1.67
N GLU A 259 -10.40 -17.96 -2.42
CA GLU A 259 -11.11 -16.88 -3.08
C GLU A 259 -11.89 -16.05 -2.05
N ALA A 260 -12.33 -16.68 -0.97
CA ALA A 260 -13.05 -15.91 0.06
C ALA A 260 -12.06 -14.95 0.73
N LEU A 261 -10.84 -15.44 0.92
CA LEU A 261 -9.76 -14.69 1.54
C LEU A 261 -9.41 -13.50 0.64
N ALA A 262 -9.41 -13.72 -0.68
CA ALA A 262 -9.08 -12.69 -1.65
C ALA A 262 -10.09 -11.55 -1.60
N VAL A 263 -11.36 -11.90 -1.45
CA VAL A 263 -12.42 -10.89 -1.35
C VAL A 263 -12.25 -10.10 -0.05
N VAL A 264 -11.89 -10.80 1.04
CA VAL A 264 -11.69 -10.13 2.32
C VAL A 264 -10.56 -9.11 2.20
N LYS A 265 -9.44 -9.53 1.62
CA LYS A 265 -8.31 -8.64 1.46
C LYS A 265 -8.59 -7.47 0.51
N ALA A 266 -9.46 -7.67 -0.48
CA ALA A 266 -9.76 -6.60 -1.42
C ALA A 266 -10.95 -5.74 -0.98
N GLN A 267 -11.58 -6.11 0.14
CA GLN A 267 -12.75 -5.41 0.68
C GLN A 267 -13.72 -5.28 -0.46
N ALA A 268 -13.86 -6.38 -1.19
CA ALA A 268 -14.70 -6.43 -2.39
C ALA A 268 -16.21 -6.67 -2.20
N ALA A 269 -16.61 -7.07 -0.99
CA ALA A 269 -18.03 -7.34 -0.77
C ALA A 269 -18.44 -7.46 0.70
N ASP A 270 -19.63 -6.95 1.01
CA ASP A 270 -20.18 -7.01 2.35
C ASP A 270 -20.76 -8.39 2.60
N VAL A 271 -21.17 -9.06 1.53
CA VAL A 271 -21.78 -10.37 1.68
C VAL A 271 -21.22 -11.41 0.73
N ILE A 272 -21.21 -12.66 1.17
CA ILE A 272 -20.74 -13.77 0.34
C ILE A 272 -21.87 -14.78 0.14
N ALA A 273 -22.15 -15.11 -1.12
CA ALA A 273 -23.20 -16.08 -1.43
C ALA A 273 -22.60 -17.46 -1.22
N LEU A 274 -22.88 -18.05 -0.05
CA LEU A 274 -22.36 -19.36 0.29
C LEU A 274 -23.30 -20.47 -0.16
N LYS A 275 -22.79 -21.36 -1.00
CA LYS A 275 -23.56 -22.48 -1.53
C LYS A 275 -22.75 -23.75 -1.33
N THR A 276 -23.34 -24.72 -0.63
CA THR A 276 -22.66 -25.98 -0.36
C THR A 276 -22.24 -26.69 -1.63
N THR A 277 -22.98 -26.47 -2.71
CA THR A 277 -22.65 -27.09 -3.99
C THR A 277 -21.43 -26.45 -4.66
N LYS A 278 -21.47 -25.13 -4.78
CA LYS A 278 -20.38 -24.38 -5.40
C LYS A 278 -19.06 -24.47 -4.65
N HIS A 279 -19.11 -24.63 -3.32
CA HIS A 279 -17.89 -24.70 -2.54
C HIS A 279 -17.27 -26.08 -2.51
N GLY A 280 -17.96 -27.05 -3.09
CA GLY A 280 -17.43 -28.40 -3.12
C GLY A 280 -17.67 -29.21 -1.87
N GLY A 281 -18.81 -29.00 -1.22
CA GLY A 281 -19.13 -29.79 -0.04
C GLY A 281 -19.46 -29.02 1.23
N LEU A 282 -19.90 -29.77 2.23
CA LEU A 282 -20.23 -29.18 3.52
C LEU A 282 -18.94 -28.83 4.29
N LEU A 283 -17.88 -29.60 4.09
CA LEU A 283 -16.63 -29.29 4.78
C LEU A 283 -16.08 -27.96 4.25
N GLU A 284 -15.97 -27.84 2.93
CA GLU A 284 -15.47 -26.61 2.32
C GLU A 284 -16.33 -25.42 2.70
N SER A 285 -17.64 -25.62 2.71
CA SER A 285 -18.58 -24.56 3.07
C SER A 285 -18.30 -24.03 4.49
N LYS A 286 -17.89 -24.90 5.40
CA LYS A 286 -17.57 -24.44 6.77
C LYS A 286 -16.37 -23.49 6.72
N LYS A 287 -15.44 -23.79 5.81
CA LYS A 287 -14.25 -22.96 5.67
C LYS A 287 -14.60 -21.59 5.13
N ILE A 288 -15.49 -21.54 4.14
CA ILE A 288 -15.91 -20.26 3.57
C ILE A 288 -16.47 -19.41 4.69
N ALA A 289 -17.36 -20.00 5.50
CA ALA A 289 -17.99 -19.28 6.59
C ALA A 289 -16.98 -18.74 7.62
N ALA A 290 -16.00 -19.57 7.97
CA ALA A 290 -14.98 -19.20 8.94
C ALA A 290 -14.22 -17.96 8.49
N ILE A 291 -13.80 -17.96 7.22
CA ILE A 291 -13.05 -16.85 6.67
C ILE A 291 -13.92 -15.60 6.59
N ALA A 292 -15.11 -15.73 6.01
CA ALA A 292 -16.02 -14.59 5.90
C ALA A 292 -16.27 -13.97 7.30
N GLU A 293 -16.67 -14.82 8.25
CA GLU A 293 -16.93 -14.38 9.61
C GLU A 293 -15.75 -13.63 10.24
N ALA A 294 -14.53 -14.13 10.02
CA ALA A 294 -13.36 -13.48 10.59
C ALA A 294 -13.10 -12.08 10.00
N GLY A 295 -13.43 -11.91 8.71
CA GLY A 295 -13.24 -10.63 8.06
C GLY A 295 -14.46 -9.73 8.20
N GLY A 296 -15.44 -10.17 8.98
CA GLY A 296 -16.64 -9.40 9.19
C GLY A 296 -17.60 -9.44 7.99
N LEU A 297 -17.44 -10.42 7.12
CA LEU A 297 -18.31 -10.49 5.95
C LEU A 297 -19.49 -11.43 6.20
N ALA A 298 -20.70 -10.95 5.98
CA ALA A 298 -21.89 -11.76 6.18
C ALA A 298 -21.96 -12.88 5.14
N CYS A 299 -22.59 -13.99 5.51
CA CYS A 299 -22.78 -15.10 4.58
C CYS A 299 -24.29 -15.26 4.35
N HIS A 300 -24.67 -15.45 3.10
CA HIS A 300 -26.05 -15.64 2.69
C HIS A 300 -26.22 -17.12 2.34
N GLY A 301 -27.34 -17.73 2.73
CA GLY A 301 -27.56 -19.13 2.39
C GLY A 301 -28.00 -19.15 0.93
N ALA A 302 -27.04 -19.05 0.01
CA ALA A 302 -27.32 -19.02 -1.42
C ALA A 302 -27.62 -20.37 -2.05
N THR A 303 -28.26 -20.33 -3.21
CA THR A 303 -28.65 -21.54 -3.92
C THR A 303 -28.16 -21.59 -5.36
N SER A 304 -27.87 -22.80 -5.80
CA SER A 304 -27.45 -23.04 -7.17
C SER A 304 -28.67 -23.66 -7.84
N LEU A 305 -29.84 -23.36 -7.24
CA LEU A 305 -31.12 -23.89 -7.69
C LEU A 305 -31.09 -25.41 -7.51
N GLU A 306 -30.73 -25.83 -6.30
CA GLU A 306 -30.68 -27.25 -5.97
C GLU A 306 -32.08 -27.83 -5.91
N GLY A 307 -32.16 -29.15 -6.11
CA GLY A 307 -33.43 -29.83 -6.01
C GLY A 307 -33.69 -30.01 -4.51
N PRO A 308 -34.63 -30.89 -4.13
CA PRO A 308 -34.91 -31.11 -2.70
C PRO A 308 -33.72 -31.63 -1.90
N ILE A 309 -32.96 -32.55 -2.47
CA ILE A 309 -31.80 -33.11 -1.78
C ILE A 309 -30.73 -32.03 -1.55
N GLY A 310 -30.36 -31.33 -2.61
CA GLY A 310 -29.34 -30.30 -2.48
C GLY A 310 -29.75 -29.19 -1.54
N THR A 311 -31.02 -28.79 -1.61
CA THR A 311 -31.54 -27.73 -0.77
C THR A 311 -31.55 -28.15 0.70
N ALA A 312 -31.80 -29.44 0.94
CA ALA A 312 -31.84 -29.97 2.29
C ALA A 312 -30.42 -30.02 2.87
N ALA A 313 -29.45 -30.28 2.01
CA ALA A 313 -28.06 -30.34 2.46
C ALA A 313 -27.67 -28.93 2.88
N SER A 314 -28.12 -27.94 2.12
CA SER A 314 -27.79 -26.54 2.42
C SER A 314 -28.54 -26.01 3.65
N LEU A 315 -29.72 -26.55 3.92
CA LEU A 315 -30.49 -26.11 5.08
C LEU A 315 -29.86 -26.67 6.37
N GLN A 316 -29.29 -27.86 6.25
CA GLN A 316 -28.64 -28.49 7.40
C GLN A 316 -27.41 -27.65 7.72
N PHE A 317 -26.78 -27.11 6.67
CA PHE A 317 -25.60 -26.28 6.85
C PHE A 317 -26.02 -25.00 7.54
N ALA A 318 -27.05 -24.36 7.03
CA ALA A 318 -27.53 -23.13 7.62
C ALA A 318 -27.99 -23.35 9.07
N ALA A 319 -28.52 -24.53 9.35
CA ALA A 319 -29.01 -24.84 10.69
C ALA A 319 -27.88 -24.88 11.72
N SER A 320 -26.69 -25.25 11.26
CA SER A 320 -25.53 -25.38 12.14
C SER A 320 -24.47 -24.29 11.98
N THR A 321 -24.71 -23.33 11.10
CA THR A 321 -23.72 -22.28 10.86
C THR A 321 -24.20 -20.89 11.25
N LYS A 322 -23.72 -20.41 12.38
CA LYS A 322 -24.11 -19.10 12.89
C LYS A 322 -23.73 -17.97 11.93
N ALA A 323 -22.62 -18.15 11.22
CA ALA A 323 -22.13 -17.15 10.27
C ALA A 323 -23.06 -16.94 9.07
N ILE A 324 -24.07 -17.80 8.90
CA ILE A 324 -25.05 -17.59 7.82
C ILE A 324 -25.89 -16.57 8.55
N SER A 325 -25.51 -15.32 8.36
CA SER A 325 -26.10 -14.18 9.03
C SER A 325 -26.97 -13.27 8.18
N TYR A 326 -27.21 -13.67 6.93
CA TYR A 326 -27.99 -12.86 6.01
C TYR A 326 -29.12 -13.64 5.34
N GLY A 327 -29.81 -14.46 6.11
CA GLY A 327 -30.90 -15.23 5.54
C GLY A 327 -30.40 -16.15 4.43
N THR A 328 -31.33 -16.61 3.61
CA THR A 328 -31.01 -17.52 2.51
C THR A 328 -31.94 -17.25 1.31
N GLU A 329 -31.77 -18.06 0.27
CA GLU A 329 -32.59 -18.01 -0.94
C GLU A 329 -32.77 -19.47 -1.34
N LEU A 330 -32.93 -20.32 -0.33
CA LEU A 330 -33.08 -21.75 -0.55
C LEU A 330 -34.54 -22.10 -0.88
N PHE A 331 -34.95 -21.70 -2.09
CA PHE A 331 -36.30 -21.90 -2.59
C PHE A 331 -36.34 -22.89 -3.75
N GLY A 332 -35.19 -23.42 -4.11
CA GLY A 332 -35.10 -24.37 -5.20
C GLY A 332 -36.33 -25.26 -5.38
N PRO A 333 -36.65 -26.08 -4.37
CA PRO A 333 -37.80 -27.01 -4.39
C PRO A 333 -39.08 -26.37 -4.92
N GLN A 334 -39.32 -25.10 -4.57
CA GLN A 334 -40.52 -24.41 -5.01
C GLN A 334 -40.55 -24.10 -6.50
N LEU A 335 -39.36 -23.92 -7.09
CA LEU A 335 -39.26 -23.59 -8.52
C LEU A 335 -39.55 -24.82 -9.37
N LEU A 336 -39.36 -26.00 -8.79
CA LEU A 336 -39.62 -27.25 -9.50
C LEU A 336 -41.13 -27.47 -9.61
N LYS A 337 -41.58 -27.97 -10.75
CA LYS A 337 -43.00 -28.23 -10.94
C LYS A 337 -43.36 -29.56 -10.27
N ASP A 338 -42.34 -30.35 -9.96
CA ASP A 338 -42.53 -31.64 -9.31
C ASP A 338 -41.29 -31.98 -8.50
N THR A 339 -41.37 -33.00 -7.66
CA THR A 339 -40.23 -33.38 -6.83
C THR A 339 -39.93 -34.88 -6.87
N TYR A 340 -39.07 -35.33 -5.97
CA TYR A 340 -38.69 -36.73 -5.85
C TYR A 340 -38.15 -36.94 -4.45
N ILE A 341 -38.77 -36.28 -3.49
CA ILE A 341 -38.31 -36.36 -2.12
C ILE A 341 -39.30 -36.90 -1.07
N VAL A 342 -40.45 -37.40 -1.51
CA VAL A 342 -41.45 -37.94 -0.58
C VAL A 342 -42.09 -36.87 0.29
N GLN A 343 -41.34 -36.35 1.27
CA GLN A 343 -41.87 -35.32 2.15
C GLN A 343 -41.91 -33.97 1.44
N GLU A 344 -42.54 -33.00 2.08
CA GLU A 344 -42.64 -31.65 1.52
C GLU A 344 -42.01 -30.67 2.50
N PHE A 345 -41.43 -29.60 1.96
CA PHE A 345 -40.80 -28.58 2.77
C PHE A 345 -41.90 -27.64 3.24
N GLU A 346 -41.67 -26.93 4.35
CA GLU A 346 -42.68 -26.02 4.85
C GLU A 346 -42.25 -24.59 4.68
N TYR A 347 -42.79 -23.93 3.66
CA TYR A 347 -42.48 -22.53 3.38
C TYR A 347 -43.64 -21.67 3.82
N LYS A 348 -43.46 -20.91 4.89
CA LYS A 348 -44.52 -20.03 5.35
C LYS A 348 -43.95 -18.80 6.02
N ASP A 349 -44.66 -17.68 5.88
CA ASP A 349 -44.25 -16.43 6.47
C ASP A 349 -42.82 -16.02 6.10
N GLY A 350 -42.45 -16.26 4.86
CA GLY A 350 -41.13 -15.88 4.39
C GLY A 350 -39.99 -16.75 4.87
N GLN A 351 -40.31 -17.91 5.43
CA GLN A 351 -39.29 -18.80 5.92
C GLN A 351 -39.54 -20.23 5.49
N VAL A 352 -38.62 -21.10 5.88
CA VAL A 352 -38.73 -22.52 5.61
C VAL A 352 -38.08 -23.20 6.80
N ALA A 353 -38.75 -24.23 7.33
CA ALA A 353 -38.23 -24.94 8.48
C ALA A 353 -37.17 -25.95 8.06
N ILE A 354 -36.20 -26.16 8.94
CA ILE A 354 -35.14 -27.11 8.66
C ILE A 354 -35.73 -28.51 8.73
N PRO A 355 -35.38 -29.37 7.77
CA PRO A 355 -35.87 -30.74 7.71
C PRO A 355 -35.44 -31.57 8.92
N GLN A 356 -36.41 -31.91 9.78
CA GLN A 356 -36.12 -32.70 10.95
C GLN A 356 -36.06 -34.17 10.54
N GLY A 357 -35.21 -34.94 11.21
CA GLY A 357 -35.08 -36.35 10.88
C GLY A 357 -33.66 -36.70 10.49
N PRO A 358 -33.36 -38.00 10.39
CA PRO A 358 -32.03 -38.49 10.03
C PRO A 358 -31.55 -37.99 8.67
N GLY A 359 -30.24 -38.11 8.43
CA GLY A 359 -29.68 -37.67 7.16
C GLY A 359 -30.06 -36.24 6.85
N LEU A 360 -30.38 -35.95 5.58
CA LEU A 360 -30.76 -34.59 5.20
C LEU A 360 -32.11 -34.22 5.80
N GLY A 361 -32.82 -35.21 6.32
CA GLY A 361 -34.13 -34.96 6.90
C GLY A 361 -35.20 -35.14 5.84
N VAL A 362 -34.82 -35.78 4.74
CA VAL A 362 -35.75 -36.01 3.65
C VAL A 362 -35.31 -37.22 2.85
N ASP A 363 -36.25 -38.09 2.50
CA ASP A 363 -35.94 -39.31 1.76
C ASP A 363 -36.32 -39.18 0.28
N VAL A 364 -35.62 -39.90 -0.57
CA VAL A 364 -35.91 -39.85 -2.00
C VAL A 364 -37.03 -40.80 -2.39
N ASP A 365 -37.73 -40.46 -3.46
CA ASP A 365 -38.81 -41.29 -3.98
C ASP A 365 -38.25 -41.93 -5.25
N ASP A 367 -39.26 -43.86 -7.33
CA ASP A 367 -40.14 -43.93 -8.49
C ASP A 367 -39.98 -42.66 -9.29
N LYS A 368 -40.09 -41.51 -8.62
CA LYS A 368 -39.97 -40.23 -9.29
C LYS A 368 -38.52 -40.00 -9.74
N VAL A 369 -37.58 -40.59 -9.04
CA VAL A 369 -36.17 -40.46 -9.41
C VAL A 369 -35.99 -41.19 -10.73
N ASN A 370 -36.56 -42.39 -10.80
CA ASN A 370 -36.49 -43.21 -12.01
C ASN A 370 -37.23 -42.52 -13.15
N PHE A 371 -38.37 -41.90 -12.80
CA PHE A 371 -39.19 -41.21 -13.79
C PHE A 371 -38.47 -40.05 -14.47
N TYR A 372 -37.72 -39.29 -13.68
CA TYR A 372 -37.00 -38.14 -14.20
C TYR A 372 -35.58 -38.41 -14.66
N THR A 373 -35.15 -39.66 -14.58
CA THR A 373 -33.80 -40.00 -15.02
C THR A 373 -33.69 -39.88 -16.53
N ARG A 374 -32.57 -39.32 -16.99
CA ARG A 374 -32.33 -39.14 -18.41
C ARG A 374 -32.06 -40.47 -19.10
N ASP B 5 -33.18 -35.70 27.49
CA ASP B 5 -32.34 -36.92 27.30
C ASP B 5 -30.90 -36.54 27.01
N LEU B 6 -30.73 -35.61 26.08
CA LEU B 6 -29.41 -35.11 25.71
C LEU B 6 -29.26 -33.80 26.48
N THR B 7 -30.31 -33.48 27.24
CA THR B 7 -30.39 -32.28 28.06
C THR B 7 -29.23 -32.13 29.05
N ILE B 8 -28.55 -30.99 28.99
CA ILE B 8 -27.46 -30.71 29.92
C ILE B 8 -28.12 -30.38 31.26
N GLN B 9 -27.97 -31.28 32.23
CA GLN B 9 -28.58 -31.07 33.53
C GLN B 9 -27.65 -30.31 34.45
N LYS B 10 -26.38 -30.69 34.41
CA LYS B 10 -25.38 -30.10 35.28
C LYS B 10 -23.99 -29.97 34.62
N VAL B 11 -23.27 -28.94 35.06
CA VAL B 11 -21.93 -28.67 34.57
C VAL B 11 -21.06 -28.38 35.79
N GLU B 12 -20.00 -29.18 35.97
CA GLU B 12 -19.11 -28.99 37.11
C GLU B 12 -17.67 -28.73 36.65
N SER B 13 -16.89 -28.08 37.53
CA SER B 13 -15.49 -27.76 37.24
C SER B 13 -14.62 -27.96 38.50
N ARG B 14 -13.51 -28.67 38.33
CA ARG B 14 -12.60 -28.93 39.46
C ARG B 14 -11.18 -28.52 39.09
N ILE B 15 -10.48 -27.83 39.99
CA ILE B 15 -9.10 -27.47 39.72
C ILE B 15 -8.19 -28.64 40.10
N LEU B 16 -7.42 -29.14 39.14
CA LEU B 16 -6.52 -30.26 39.39
C LEU B 16 -5.05 -29.81 39.41
N ASP B 17 -4.36 -30.13 40.49
CA ASP B 17 -2.95 -29.78 40.62
C ASP B 17 -2.15 -31.06 40.50
N VAL B 18 -1.65 -31.33 39.30
CA VAL B 18 -0.89 -32.54 39.04
C VAL B 18 0.60 -32.24 38.90
N PRO B 19 1.42 -32.86 39.75
CA PRO B 19 2.88 -32.69 39.77
C PRO B 19 3.57 -33.08 38.48
N LEU B 20 4.67 -32.41 38.17
CA LEU B 20 5.44 -32.73 36.98
C LEU B 20 6.62 -33.59 37.38
N ILE B 21 7.20 -34.32 36.44
CA ILE B 21 8.34 -35.15 36.76
C ILE B 21 9.53 -34.26 37.07
N ARG B 22 9.71 -33.20 36.29
CA ARG B 22 10.80 -32.25 36.49
C ARG B 22 10.26 -30.84 36.40
N PRO B 23 10.94 -29.88 37.05
CA PRO B 23 10.44 -28.50 36.97
C PRO B 23 10.53 -28.02 35.53
N HIS B 24 9.50 -27.31 35.07
CA HIS B 24 9.48 -26.82 33.69
C HIS B 24 9.74 -25.32 33.71
N GLY B 25 10.91 -24.93 33.22
CA GLY B 25 11.27 -23.52 33.21
C GLY B 25 10.88 -22.76 31.96
N PHE B 26 10.26 -21.61 32.15
CA PHE B 26 9.81 -20.72 31.07
C PHE B 26 10.63 -19.44 31.18
N ALA B 27 10.31 -18.45 30.35
CA ALA B 27 11.01 -17.17 30.35
C ALA B 27 10.98 -16.39 31.67
N THR B 28 9.83 -16.33 32.33
CA THR B 28 9.72 -15.58 33.58
C THR B 28 9.26 -16.38 34.81
N THR B 29 8.94 -17.65 34.59
CA THR B 29 8.47 -18.49 35.70
C THR B 29 8.95 -19.92 35.52
N THR B 30 8.83 -20.72 36.58
CA THR B 30 9.23 -22.12 36.53
C THR B 30 8.13 -22.94 37.20
N SER B 31 7.57 -23.91 36.48
CA SER B 31 6.49 -24.71 37.03
C SER B 31 6.99 -26.04 37.62
N THR B 32 6.46 -26.38 38.78
CA THR B 32 6.79 -27.65 39.43
C THR B 32 5.58 -28.55 39.25
N GLU B 33 4.45 -27.93 38.91
CA GLU B 33 3.19 -28.64 38.71
C GLU B 33 2.35 -27.90 37.66
N GLN B 34 1.40 -28.61 37.06
CA GLN B 34 0.50 -28.02 36.07
C GLN B 34 -0.88 -27.95 36.68
N HIS B 35 -1.53 -26.81 36.50
CA HIS B 35 -2.88 -26.59 37.02
C HIS B 35 -3.84 -26.81 35.86
N ILE B 36 -4.92 -27.53 36.14
CA ILE B 36 -5.90 -27.87 35.12
C ILE B 36 -7.31 -27.74 35.65
N LEU B 37 -8.18 -27.07 34.91
CA LEU B 37 -9.58 -26.95 35.33
C LEU B 37 -10.33 -28.03 34.56
N LEU B 38 -10.76 -29.07 35.25
CA LEU B 38 -11.50 -30.15 34.59
C LEU B 38 -12.97 -29.82 34.63
N VAL B 39 -13.57 -29.65 33.47
CA VAL B 39 -14.97 -29.33 33.37
C VAL B 39 -15.74 -30.54 32.86
N SER B 40 -16.85 -30.83 33.51
CA SER B 40 -17.68 -31.96 33.10
C SER B 40 -19.11 -31.53 32.83
N VAL B 41 -19.64 -32.00 31.71
CA VAL B 41 -21.01 -31.71 31.31
C VAL B 41 -21.79 -32.99 31.58
N HIS B 42 -22.81 -32.90 32.42
CA HIS B 42 -23.63 -34.05 32.80
C HIS B 42 -24.98 -34.05 32.08
N LEU B 43 -25.23 -35.08 31.28
CA LEU B 43 -26.48 -35.17 30.53
C LEU B 43 -27.55 -36.00 31.21
N GLU B 44 -28.80 -35.77 30.80
CA GLU B 44 -29.96 -36.48 31.31
C GLU B 44 -29.73 -38.00 31.29
N ASN B 45 -29.33 -38.50 30.13
CA ASN B 45 -29.07 -39.92 29.94
C ASN B 45 -27.94 -40.49 30.81
N GLY B 46 -27.41 -39.68 31.71
CA GLY B 46 -26.33 -40.16 32.58
C GLY B 46 -24.92 -40.12 32.02
N VAL B 47 -24.75 -39.76 30.75
CA VAL B 47 -23.40 -39.71 30.19
C VAL B 47 -22.72 -38.42 30.65
N ILE B 48 -21.41 -38.48 30.86
CA ILE B 48 -20.66 -37.30 31.30
C ILE B 48 -19.52 -37.02 30.33
N GLY B 49 -19.28 -35.74 30.07
CA GLY B 49 -18.21 -35.35 29.16
C GLY B 49 -17.20 -34.47 29.86
N TYR B 50 -15.95 -34.52 29.43
CA TYR B 50 -14.90 -33.72 30.05
C TYR B 50 -14.09 -32.83 29.10
N GLY B 51 -13.69 -31.68 29.60
CA GLY B 51 -12.88 -30.75 28.83
C GLY B 51 -11.91 -30.07 29.77
N GLU B 52 -10.75 -29.68 29.27
CA GLU B 52 -9.76 -29.01 30.10
C GLU B 52 -9.62 -27.51 29.86
N GLY B 53 -9.62 -26.75 30.95
CA GLY B 53 -9.43 -25.31 30.89
C GLY B 53 -8.03 -25.18 31.43
N VAL B 54 -7.04 -25.06 30.55
CA VAL B 54 -5.66 -25.02 31.00
C VAL B 54 -4.76 -24.06 30.20
N VAL B 55 -3.87 -23.38 30.92
CA VAL B 55 -2.91 -22.46 30.33
C VAL B 55 -1.53 -22.98 30.73
N PRO B 56 -0.49 -22.65 29.94
CA PRO B 56 0.86 -23.13 30.27
C PRO B 56 1.43 -22.60 31.58
N GLY B 57 1.25 -23.35 32.67
CA GLY B 57 1.78 -22.95 33.96
C GLY B 57 1.03 -21.90 34.76
N GLY B 58 0.57 -20.84 34.11
CA GLY B 58 -0.15 -19.82 34.86
C GLY B 58 -0.57 -18.62 34.03
N PRO B 59 -1.11 -17.57 34.68
CA PRO B 59 -1.58 -16.35 34.02
C PRO B 59 -0.52 -15.52 33.30
N TRP B 60 0.75 -15.79 33.56
CA TRP B 60 1.84 -15.05 32.93
C TRP B 60 1.75 -15.14 31.40
N TRP B 61 1.19 -16.25 30.93
CA TRP B 61 1.08 -16.52 29.51
C TRP B 61 0.09 -15.65 28.75
N GLY B 62 -1.10 -15.46 29.31
CA GLY B 62 -2.10 -14.67 28.62
C GLY B 62 -3.20 -14.04 29.46
N GLY B 63 -3.06 -14.05 30.78
CA GLY B 63 -4.07 -13.43 31.63
C GLY B 63 -5.14 -14.34 32.22
N GLU B 64 -5.24 -15.57 31.72
CA GLU B 64 -6.22 -16.49 32.29
C GLU B 64 -5.51 -17.53 33.14
N SER B 65 -6.17 -17.98 34.20
CA SER B 65 -5.61 -19.00 35.10
C SER B 65 -6.73 -19.96 35.49
N VAL B 66 -6.36 -21.08 36.10
CA VAL B 66 -7.37 -22.04 36.52
C VAL B 66 -8.39 -21.34 37.40
N GLU B 67 -7.94 -20.40 38.23
CA GLU B 67 -8.87 -19.68 39.10
C GLU B 67 -9.78 -18.80 38.27
N THR B 68 -9.22 -18.03 37.34
CA THR B 68 -10.05 -17.16 36.52
C THR B 68 -11.06 -17.95 35.71
N LYS B 70 -12.32 -20.93 36.33
CA LYS B 70 -13.36 -21.51 37.17
C LYS B 70 -14.42 -20.47 37.50
N ALA B 71 -13.98 -19.26 37.88
CA ALA B 71 -14.93 -18.21 38.20
C ALA B 71 -15.88 -18.01 37.02
N LEU B 72 -15.34 -17.88 35.80
CA LEU B 72 -16.20 -17.69 34.62
C LEU B 72 -17.00 -18.94 34.26
N VAL B 73 -16.40 -20.11 34.30
CA VAL B 73 -17.16 -21.32 33.97
C VAL B 73 -18.32 -21.54 34.93
N ASP B 74 -18.06 -21.53 36.23
CA ASP B 74 -19.14 -21.74 37.21
C ASP B 74 -20.16 -20.61 37.26
N GLY B 75 -19.68 -19.37 37.26
CA GLY B 75 -20.60 -18.25 37.35
C GLY B 75 -21.19 -17.62 36.10
N TYR B 76 -20.78 -18.03 34.90
CA TYR B 76 -21.32 -17.43 33.69
C TYR B 76 -21.56 -18.31 32.48
N LEU B 77 -20.62 -19.20 32.19
CA LEU B 77 -20.75 -20.07 31.02
C LEU B 77 -21.73 -21.22 31.28
N ALA B 78 -21.51 -21.94 32.38
CA ALA B 78 -22.34 -23.07 32.75
C ALA B 78 -23.84 -22.80 32.71
N PRO B 79 -24.32 -21.74 33.39
CA PRO B 79 -25.76 -21.46 33.38
C PRO B 79 -26.41 -21.39 32.01
N VAL B 80 -25.63 -21.11 30.98
CA VAL B 80 -26.18 -21.02 29.64
C VAL B 80 -26.49 -22.40 29.08
N LEU B 81 -25.71 -23.39 29.49
CA LEU B 81 -25.90 -24.77 29.03
C LEU B 81 -27.09 -25.53 29.61
N ILE B 82 -27.35 -25.29 30.89
CA ILE B 82 -28.42 -25.98 31.59
C ILE B 82 -29.82 -25.87 31.01
N GLY B 83 -30.41 -27.03 30.74
CA GLY B 83 -31.75 -27.08 30.19
C GLY B 83 -31.76 -27.18 28.66
N ARG B 84 -30.58 -27.25 28.06
CA ARG B 84 -30.47 -27.34 26.62
C ARG B 84 -29.84 -28.64 26.19
N ALA B 85 -30.24 -29.14 25.02
CA ALA B 85 -29.70 -30.37 24.47
C ALA B 85 -28.28 -30.12 24.00
N VAL B 86 -27.39 -31.08 24.27
CA VAL B 86 -25.99 -30.95 23.89
C VAL B 86 -25.86 -30.90 22.36
N SER B 87 -26.92 -31.32 21.68
CA SER B 87 -26.96 -31.32 20.21
C SER B 87 -27.13 -29.90 19.68
N GLU B 88 -27.14 -28.93 20.60
CA GLU B 88 -27.24 -27.52 20.25
C GLU B 88 -25.87 -26.87 20.43
N LEU B 89 -24.83 -27.69 20.52
CA LEU B 89 -23.45 -27.27 20.73
C LEU B 89 -23.08 -25.93 20.08
N ALA B 90 -23.17 -25.84 18.75
CA ALA B 90 -22.82 -24.60 18.05
C ALA B 90 -23.62 -23.38 18.51
N GLY B 91 -24.92 -23.55 18.69
CA GLY B 91 -25.75 -22.43 19.13
C GLY B 91 -25.43 -22.03 20.56
N ILE B 92 -25.01 -22.99 21.35
CA ILE B 92 -24.67 -22.71 22.74
C ILE B 92 -23.38 -21.89 22.77
N ALA B 94 -22.36 -19.84 20.56
CA ALA B 94 -22.68 -18.49 20.12
C ALA B 94 -23.29 -17.68 21.26
N ASP B 95 -24.20 -18.31 22.02
CA ASP B 95 -24.82 -17.61 23.14
C ASP B 95 -23.87 -17.33 24.30
N LEU B 96 -22.79 -18.10 24.41
CA LEU B 96 -21.84 -17.82 25.48
C LEU B 96 -21.25 -16.42 25.28
N GLU B 97 -21.11 -16.02 24.02
CA GLU B 97 -20.56 -14.71 23.65
C GLU B 97 -21.37 -13.55 24.19
N ARG B 98 -22.65 -13.78 24.46
CA ARG B 98 -23.52 -12.75 24.98
C ARG B 98 -23.23 -12.44 26.46
N VAL B 99 -22.73 -13.42 27.20
CA VAL B 99 -22.45 -13.19 28.62
C VAL B 99 -20.96 -13.07 28.98
N VAL B 100 -20.08 -13.51 28.08
CA VAL B 100 -18.64 -13.42 28.34
C VAL B 100 -17.85 -13.22 27.04
N ALA B 101 -17.23 -12.05 26.89
CA ALA B 101 -16.41 -11.80 25.71
C ALA B 101 -15.04 -12.38 26.01
N ARG B 102 -14.27 -12.70 24.97
CA ARG B 102 -12.93 -13.25 25.15
C ARG B 102 -12.94 -14.50 26.05
N ALA B 103 -11.94 -14.63 26.93
CA ALA B 103 -11.87 -15.79 27.82
C ALA B 103 -11.88 -17.11 27.05
N ARG B 104 -11.22 -17.14 25.90
CA ARG B 104 -11.20 -18.36 25.08
C ARG B 104 -10.73 -19.62 25.81
N TYR B 105 -9.72 -19.52 26.69
CA TYR B 105 -9.27 -20.71 27.41
C TYR B 105 -10.40 -21.29 28.25
N ALA B 106 -11.13 -20.42 28.97
CA ALA B 106 -12.25 -20.86 29.77
C ALA B 106 -13.31 -21.52 28.89
N LYS B 107 -13.62 -20.87 27.76
CA LYS B 107 -14.64 -21.38 26.86
C LYS B 107 -14.26 -22.71 26.21
N ALA B 108 -12.97 -22.91 25.95
CA ALA B 108 -12.53 -24.15 25.34
C ALA B 108 -12.93 -25.37 26.18
N ALA B 109 -12.90 -25.22 27.49
CA ALA B 109 -13.26 -26.33 28.39
C ALA B 109 -14.70 -26.75 28.17
N VAL B 110 -15.58 -25.76 28.05
CA VAL B 110 -16.98 -26.02 27.82
C VAL B 110 -17.21 -26.67 26.47
N ASP B 111 -16.50 -26.21 25.45
CA ASP B 111 -16.64 -26.76 24.12
C ASP B 111 -16.21 -28.23 24.05
N VAL B 112 -15.03 -28.53 24.59
CA VAL B 112 -14.54 -29.91 24.57
C VAL B 112 -15.40 -30.85 25.40
N ALA B 113 -15.86 -30.37 26.55
CA ALA B 113 -16.70 -31.19 27.42
C ALA B 113 -17.98 -31.61 26.69
N HIS B 115 -18.57 -31.72 23.42
CA HIS B 115 -18.25 -32.63 22.32
C HIS B 115 -18.05 -34.06 22.87
N ASP B 116 -17.37 -34.16 24.00
CA ASP B 116 -17.11 -35.45 24.63
C ASP B 116 -18.43 -36.12 25.00
N ALA B 117 -19.25 -35.40 25.76
CA ALA B 117 -20.55 -35.90 26.21
C ALA B 117 -21.44 -36.24 25.03
N TRP B 118 -21.45 -35.37 24.03
CA TRP B 118 -22.28 -35.58 22.85
C TRP B 118 -21.83 -36.80 22.07
N ALA B 119 -20.53 -36.90 21.80
CA ALA B 119 -20.00 -38.04 21.04
C ALA B 119 -20.25 -39.38 21.75
N ARG B 120 -20.19 -39.36 23.08
CA ARG B 120 -20.42 -40.57 23.87
C ARG B 120 -21.85 -41.05 23.73
N SER B 121 -22.80 -40.11 23.79
CA SER B 121 -24.22 -40.42 23.67
C SER B 121 -24.54 -41.02 22.30
N LEU B 122 -23.72 -40.71 21.31
CA LEU B 122 -23.95 -41.21 19.96
C LEU B 122 -23.01 -42.38 19.73
N ASN B 123 -22.21 -42.66 20.75
CA ASN B 123 -21.24 -43.76 20.72
C ASN B 123 -20.26 -43.68 19.54
N VAL B 124 -19.57 -42.54 19.43
CA VAL B 124 -18.58 -42.35 18.37
C VAL B 124 -17.42 -41.53 18.94
N PRO B 125 -16.30 -41.47 18.21
CA PRO B 125 -15.15 -40.69 18.70
C PRO B 125 -15.50 -39.22 18.50
N VAL B 126 -14.80 -38.32 19.18
CA VAL B 126 -15.09 -36.91 19.01
C VAL B 126 -14.75 -36.46 17.59
N ARG B 127 -13.72 -37.06 17.00
CA ARG B 127 -13.35 -36.68 15.64
C ARG B 127 -14.51 -36.87 14.65
N ASP B 128 -15.41 -37.80 14.97
CA ASP B 128 -16.55 -38.08 14.11
C ASP B 128 -17.59 -36.95 14.11
N LEU B 129 -17.40 -35.96 14.98
CA LEU B 129 -18.30 -34.81 15.02
C LEU B 129 -17.56 -33.67 14.31
N LEU B 130 -16.35 -33.97 13.85
CA LEU B 130 -15.50 -32.97 13.21
C LEU B 130 -15.02 -33.37 11.82
N GLY B 131 -15.79 -34.17 11.10
CA GLY B 131 -15.40 -34.56 9.77
C GLY B 131 -14.82 -35.96 9.55
N GLY B 132 -14.55 -36.69 10.63
CA GLY B 132 -14.01 -38.02 10.45
C GLY B 132 -12.52 -38.09 10.67
N THR B 133 -11.87 -39.07 10.06
CA THR B 133 -10.43 -39.19 10.26
C THR B 133 -9.59 -39.09 8.98
N VAL B 134 -8.48 -38.38 9.10
CA VAL B 134 -7.56 -38.19 7.99
C VAL B 134 -6.28 -38.95 8.30
N ARG B 135 -6.01 -39.10 9.59
CA ARG B 135 -4.82 -39.79 10.08
C ARG B 135 -5.12 -40.43 11.44
N ASP B 136 -4.30 -41.37 11.88
CA ASP B 136 -4.50 -42.01 13.18
C ASP B 136 -3.28 -41.91 14.09
N LYS B 137 -2.27 -41.18 13.63
CA LYS B 137 -1.07 -40.96 14.41
C LYS B 137 -0.47 -39.63 13.94
N VAL B 138 0.26 -38.95 14.81
CA VAL B 138 0.87 -37.67 14.45
C VAL B 138 2.25 -37.52 15.06
N ASP B 139 3.15 -36.86 14.32
CA ASP B 139 4.50 -36.65 14.82
C ASP B 139 4.40 -35.77 16.06
N VAL B 140 5.40 -35.88 16.92
CA VAL B 140 5.44 -35.11 18.15
C VAL B 140 6.81 -34.49 18.36
N THR B 141 6.81 -33.17 18.56
CA THR B 141 8.04 -32.45 18.80
C THR B 141 8.11 -32.39 20.32
N TRP B 142 9.30 -32.63 20.88
CA TRP B 142 9.45 -32.59 22.33
C TRP B 142 10.05 -31.25 22.73
N ALA B 143 9.43 -30.58 23.68
CA ALA B 143 9.90 -29.27 24.13
C ALA B 143 10.65 -29.38 25.45
N LEU B 144 11.75 -28.65 25.56
CA LEU B 144 12.54 -28.61 26.77
C LEU B 144 12.37 -27.23 27.40
N GLY B 145 12.06 -27.20 28.68
CA GLY B 145 11.94 -25.92 29.34
C GLY B 145 13.34 -25.34 29.39
N VAL B 146 13.50 -24.17 30.02
CA VAL B 146 14.83 -23.58 30.11
C VAL B 146 15.72 -24.51 30.94
N LEU B 147 16.91 -24.81 30.42
CA LEU B 147 17.87 -25.70 31.10
C LEU B 147 19.30 -25.42 30.67
N PRO B 148 20.27 -25.62 31.57
CA PRO B 148 21.69 -25.40 31.25
C PRO B 148 22.05 -26.27 30.04
N LEU B 149 23.05 -25.85 29.26
CA LEU B 149 23.45 -26.59 28.08
C LEU B 149 23.56 -28.11 28.25
N ASP B 150 24.27 -28.54 29.29
CA ASP B 150 24.48 -29.95 29.54
C ASP B 150 23.21 -30.74 29.85
N VAL B 151 22.40 -30.22 30.76
CA VAL B 151 21.15 -30.88 31.14
C VAL B 151 20.26 -30.98 29.93
N ALA B 152 20.32 -29.96 29.07
CA ALA B 152 19.50 -29.91 27.86
C ALA B 152 19.98 -30.96 26.86
N VAL B 153 21.25 -30.88 26.48
CA VAL B 153 21.83 -31.82 25.53
C VAL B 153 21.54 -33.25 25.97
N ALA B 154 21.66 -33.50 27.27
CA ALA B 154 21.42 -34.83 27.83
C ALA B 154 20.00 -35.29 27.59
N GLU B 155 19.03 -34.42 27.89
CA GLU B 155 17.63 -34.76 27.71
C GLU B 155 17.32 -35.10 26.25
N ILE B 156 17.75 -34.23 25.33
CA ILE B 156 17.51 -34.46 23.90
C ILE B 156 18.04 -35.83 23.49
N GLU B 157 19.28 -36.11 23.86
CA GLU B 157 19.91 -37.40 23.54
C GLU B 157 19.05 -38.54 24.07
N GLU B 158 18.58 -38.40 25.29
CA GLU B 158 17.75 -39.40 25.96
C GLU B 158 16.39 -39.61 25.30
N ARG B 159 15.71 -38.50 24.99
CA ARG B 159 14.40 -38.58 24.36
C ARG B 159 14.48 -39.29 23.02
N ILE B 160 15.53 -38.97 22.26
CA ILE B 160 15.74 -39.57 20.95
C ILE B 160 15.79 -41.09 21.06
N GLU B 161 16.51 -41.58 22.05
CA GLU B 161 16.68 -43.01 22.26
C GLU B 161 15.46 -43.69 22.87
N GLU B 162 14.80 -43.03 23.82
CA GLU B 162 13.64 -43.61 24.48
C GLU B 162 12.31 -43.44 23.75
N PHE B 163 12.11 -42.27 23.14
CA PHE B 163 10.85 -42.02 22.45
C PHE B 163 11.02 -41.70 20.98
N GLY B 164 12.25 -41.39 20.59
CA GLY B 164 12.54 -41.11 19.20
C GLY B 164 11.99 -39.83 18.60
N ASN B 165 11.90 -38.76 19.38
CA ASN B 165 11.40 -37.50 18.84
C ASN B 165 12.44 -37.03 17.83
N ARG B 166 11.97 -36.64 16.64
CA ARG B 166 12.88 -36.20 15.58
C ARG B 166 13.04 -34.69 15.56
N SER B 167 12.27 -33.99 16.38
CA SER B 167 12.36 -32.53 16.45
C SER B 167 12.26 -32.08 17.90
N PHE B 168 12.98 -31.02 18.24
CA PHE B 168 12.98 -30.51 19.59
C PHE B 168 12.76 -29.01 19.66
N LYS B 169 12.05 -28.58 20.68
CA LYS B 169 11.75 -27.17 20.89
C LYS B 169 12.44 -26.70 22.17
N LEU B 170 13.20 -25.62 22.08
CA LEU B 170 13.90 -25.08 23.24
C LEU B 170 13.28 -23.77 23.73
N LYS B 171 12.85 -23.74 24.99
CA LYS B 171 12.27 -22.53 25.55
C LYS B 171 13.38 -21.54 25.92
N GLY B 173 14.21 -17.01 27.02
CA GLY B 173 13.61 -15.85 27.68
C GLY B 173 14.06 -15.55 29.09
N ALA B 174 14.71 -16.51 29.75
CA ALA B 174 15.18 -16.28 31.12
C ALA B 174 16.58 -15.66 31.14
N GLY B 175 16.74 -14.58 31.89
CA GLY B 175 18.04 -13.93 31.99
C GLY B 175 18.61 -13.33 30.72
N ASP B 176 19.89 -12.98 30.80
CA ASP B 176 20.62 -12.36 29.71
C ASP B 176 20.40 -12.97 28.33
N PRO B 177 19.99 -12.14 27.35
CA PRO B 177 19.73 -12.56 25.97
C PRO B 177 20.98 -13.15 25.30
N ALA B 178 22.11 -12.45 25.43
CA ALA B 178 23.34 -12.91 24.82
C ALA B 178 23.72 -14.28 25.35
N GLU B 179 23.65 -14.45 26.66
CA GLU B 179 23.98 -15.74 27.26
C GLU B 179 22.98 -16.77 26.76
N ASP B 180 21.70 -16.40 26.77
CA ASP B 180 20.61 -17.27 26.32
C ASP B 180 20.88 -17.74 24.89
N THR B 181 21.30 -16.83 24.03
CA THR B 181 21.59 -17.16 22.64
C THR B 181 22.76 -18.12 22.54
N ARG B 182 23.84 -17.83 23.27
CA ARG B 182 25.00 -18.72 23.27
C ARG B 182 24.59 -20.11 23.70
N ARG B 183 23.82 -20.19 24.78
CA ARG B 183 23.34 -21.47 25.30
C ARG B 183 22.72 -22.31 24.20
N VAL B 184 21.72 -21.73 23.52
CA VAL B 184 21.02 -22.43 22.44
C VAL B 184 21.92 -22.64 21.24
N ALA B 185 22.72 -21.64 20.91
CA ALA B 185 23.62 -21.73 19.76
C ALA B 185 24.55 -22.94 19.91
N GLU B 186 25.09 -23.14 21.10
CA GLU B 186 25.99 -24.25 21.34
C GLU B 186 25.28 -25.59 21.29
N LEU B 187 24.09 -25.65 21.88
CA LEU B 187 23.32 -26.88 21.88
C LEU B 187 23.04 -27.28 20.44
N ALA B 188 22.86 -26.28 19.58
CA ALA B 188 22.59 -26.53 18.17
C ALA B 188 23.77 -27.23 17.49
N ARG B 189 24.98 -26.77 17.77
CA ARG B 189 26.16 -27.36 17.16
C ARG B 189 26.40 -28.81 17.59
N GLU B 190 25.77 -29.22 18.68
CA GLU B 190 25.93 -30.59 19.16
C GLU B 190 24.79 -31.52 18.76
N VAL B 191 23.60 -30.96 18.55
CA VAL B 191 22.45 -31.78 18.19
C VAL B 191 21.80 -31.38 16.86
N GLY B 192 21.87 -30.10 16.54
CA GLY B 192 21.27 -29.58 15.32
C GLY B 192 21.36 -30.45 14.07
N ASP B 193 22.45 -31.21 13.95
CA ASP B 193 22.64 -32.07 12.78
C ASP B 193 21.60 -33.18 12.69
N ARG B 194 21.44 -33.92 13.79
CA ARG B 194 20.51 -35.04 13.83
C ARG B 194 19.03 -34.68 13.79
N VAL B 195 18.66 -33.61 14.49
CA VAL B 195 17.27 -33.22 14.56
C VAL B 195 16.91 -31.79 14.19
N SER B 196 15.62 -31.54 14.05
CA SER B 196 15.09 -30.23 13.74
C SER B 196 14.95 -29.48 15.06
N LEU B 197 15.58 -28.33 15.17
CA LEU B 197 15.52 -27.54 16.39
C LEU B 197 14.69 -26.27 16.21
N ARG B 198 13.86 -25.97 17.20
CA ARG B 198 13.02 -24.79 17.19
C ARG B 198 13.15 -24.14 18.56
N ILE B 199 12.85 -22.84 18.65
CA ILE B 199 12.92 -22.12 19.91
C ILE B 199 11.57 -21.42 20.15
N ASP B 200 11.37 -20.93 21.37
CA ASP B 200 10.13 -20.23 21.73
C ASP B 200 10.49 -19.34 22.91
N ILE B 201 10.38 -18.04 22.73
CA ILE B 201 10.73 -17.12 23.81
C ILE B 201 9.50 -16.57 24.50
N ASN B 202 8.34 -17.10 24.13
CA ASN B 202 7.07 -16.67 24.71
C ASN B 202 6.86 -15.16 24.78
N ALA B 203 7.22 -14.47 23.71
CA ALA B 203 7.05 -13.03 23.62
C ALA B 203 7.83 -12.22 24.65
N ARG B 204 8.87 -12.80 25.24
CA ARG B 204 9.61 -12.06 26.26
C ARG B 204 10.86 -11.30 25.82
N TRP B 205 11.11 -11.22 24.52
CA TRP B 205 12.23 -10.45 23.99
C TRP B 205 11.57 -9.29 23.24
N ASP B 206 12.17 -8.10 23.33
CA ASP B 206 11.61 -6.96 22.61
C ASP B 206 12.14 -7.03 21.20
N ARG B 207 11.55 -6.27 20.30
CA ARG B 207 11.95 -6.27 18.89
C ARG B 207 13.45 -6.11 18.67
N ARG B 208 14.04 -5.08 19.26
CA ARG B 208 15.49 -4.86 19.07
C ARG B 208 16.33 -6.08 19.43
N THR B 209 16.02 -6.69 20.57
CA THR B 209 16.77 -7.85 21.03
C THR B 209 16.65 -9.04 20.08
N ALA B 210 15.42 -9.32 19.62
CA ALA B 210 15.19 -10.43 18.71
C ALA B 210 15.98 -10.25 17.42
N LEU B 211 15.87 -9.08 16.83
CA LEU B 211 16.56 -8.79 15.59
C LEU B 211 18.09 -8.87 15.74
N HIS B 212 18.57 -8.63 16.95
CA HIS B 212 20.00 -8.67 17.17
C HIS B 212 20.56 -10.07 17.36
N TYR B 213 19.92 -10.85 18.22
CA TYR B 213 20.39 -12.19 18.53
C TYR B 213 19.89 -13.35 17.68
N LEU B 214 18.68 -13.23 17.12
CA LEU B 214 18.15 -14.33 16.33
C LEU B 214 19.00 -14.71 15.11
N PRO B 215 19.71 -13.75 14.50
CA PRO B 215 20.51 -14.16 13.34
C PRO B 215 21.51 -15.25 13.76
N ILE B 216 22.05 -15.10 14.97
CA ILE B 216 23.01 -16.05 15.51
C ILE B 216 22.42 -17.45 15.57
N LEU B 217 21.17 -17.57 16.04
CA LEU B 217 20.52 -18.88 16.11
C LEU B 217 20.19 -19.36 14.70
N ALA B 218 20.03 -18.42 13.77
CA ALA B 218 19.72 -18.78 12.41
C ALA B 218 20.97 -19.40 11.81
N GLU B 219 22.08 -18.70 11.98
CA GLU B 219 23.38 -19.14 11.47
C GLU B 219 23.75 -20.48 12.09
N ALA B 220 23.27 -20.73 13.30
CA ALA B 220 23.58 -21.98 14.01
C ALA B 220 22.66 -23.15 13.65
N GLY B 221 21.68 -22.90 12.78
CA GLY B 221 20.79 -23.96 12.36
C GLY B 221 19.36 -24.05 12.89
N VAL B 222 18.96 -23.17 13.81
CA VAL B 222 17.58 -23.24 14.32
C VAL B 222 16.64 -23.01 13.14
N GLU B 223 15.64 -23.87 13.00
CA GLU B 223 14.69 -23.82 11.88
C GLU B 223 13.36 -23.13 12.09
N LEU B 224 13.04 -22.75 13.32
CA LEU B 224 11.76 -22.12 13.56
C LEU B 224 11.79 -21.23 14.79
N PHE B 225 11.41 -19.97 14.62
CA PHE B 225 11.38 -19.06 15.75
C PHE B 225 9.93 -18.89 16.18
N GLU B 226 9.55 -19.50 17.30
CA GLU B 226 8.18 -19.37 17.77
C GLU B 226 8.07 -18.14 18.65
N GLN B 227 7.05 -17.32 18.39
CA GLN B 227 6.76 -16.10 19.13
C GLN B 227 7.91 -15.58 20.00
N PRO B 228 8.93 -14.98 19.38
CA PRO B 228 10.01 -14.50 20.23
C PRO B 228 9.70 -13.12 20.81
N THR B 229 8.74 -12.44 20.17
CA THR B 229 8.37 -11.07 20.51
C THR B 229 6.89 -10.90 20.84
N PRO B 230 6.49 -9.72 21.38
CA PRO B 230 5.12 -9.41 21.75
C PRO B 230 4.02 -9.83 20.78
N ALA B 231 2.93 -10.32 21.35
CA ALA B 231 1.76 -10.79 20.61
C ALA B 231 1.24 -9.77 19.60
N ASP B 232 1.17 -8.50 20.03
CA ASP B 232 0.66 -7.43 19.19
C ASP B 232 1.51 -7.01 17.99
N ASP B 233 2.81 -7.22 18.06
CA ASP B 233 3.72 -6.75 17.03
C ASP B 233 3.93 -7.70 15.84
N LEU B 234 2.95 -7.76 14.95
CA LEU B 234 3.05 -8.65 13.79
C LEU B 234 4.13 -8.21 12.80
N GLU B 235 4.34 -6.90 12.65
CA GLU B 235 5.34 -6.40 11.71
C GLU B 235 6.73 -6.88 12.11
N THR B 236 6.96 -7.02 13.41
CA THR B 236 8.26 -7.49 13.89
C THR B 236 8.44 -8.96 13.53
N LEU B 237 7.36 -9.74 13.65
CA LEU B 237 7.47 -11.17 13.31
C LEU B 237 7.89 -11.28 11.85
N ARG B 238 7.25 -10.46 11.02
CA ARG B 238 7.53 -10.41 9.59
C ARG B 238 8.99 -9.99 9.38
N GLU B 239 9.40 -8.93 10.06
CA GLU B 239 10.76 -8.42 9.92
C GLU B 239 11.84 -9.40 10.36
N ILE B 240 11.62 -10.20 11.41
CA ILE B 240 12.71 -11.09 11.76
C ILE B 240 12.89 -12.14 10.67
N THR B 241 11.81 -12.58 10.03
CA THR B 241 11.93 -13.56 8.96
C THR B 241 12.61 -12.90 7.76
N ARG B 242 12.34 -11.62 7.55
CA ARG B 242 12.97 -10.92 6.44
C ARG B 242 14.47 -10.78 6.59
N ARG B 243 14.94 -10.56 7.81
CA ARG B 243 16.37 -10.40 8.03
C ARG B 243 17.10 -11.74 8.24
N THR B 244 16.38 -12.77 8.68
CA THR B 244 17.03 -14.06 8.93
C THR B 244 16.69 -15.18 7.96
N ASN B 245 15.57 -15.03 7.25
CA ASN B 245 15.10 -16.05 6.34
C ASN B 245 14.68 -17.34 7.05
N VAL B 246 14.39 -17.25 8.34
CA VAL B 246 13.92 -18.43 9.04
C VAL B 246 12.48 -18.18 9.45
N SER B 247 11.64 -19.21 9.27
CA SER B 247 10.22 -19.19 9.57
C SER B 247 9.86 -18.87 11.00
N VAL B 248 8.77 -18.14 11.17
CA VAL B 248 8.29 -17.79 12.49
C VAL B 248 6.96 -18.49 12.70
N ALA B 250 3.52 -18.22 14.95
CA ALA B 250 2.76 -17.37 15.84
C ALA B 250 2.03 -18.19 16.90
N ASP B 251 2.15 -17.77 18.16
CA ASP B 251 1.46 -18.44 19.25
C ASP B 251 0.62 -17.39 19.98
N GLU B 252 1.20 -16.64 20.90
CA GLU B 252 0.39 -15.63 21.58
C GLU B 252 -0.24 -14.63 20.60
N SER B 253 0.29 -14.55 19.38
CA SER B 253 -0.28 -13.61 18.40
C SER B 253 -1.60 -14.09 17.82
N VAL B 254 -1.87 -15.40 17.93
CA VAL B 254 -3.09 -15.94 17.37
C VAL B 254 -3.93 -16.80 18.31
N TRP B 255 -5.02 -16.23 18.81
CA TRP B 255 -5.98 -16.95 19.66
C TRP B 255 -7.28 -17.12 18.86
N THR B 256 -7.71 -16.03 18.23
CA THR B 256 -8.98 -15.99 17.50
C THR B 256 -8.85 -16.01 15.98
N PRO B 257 -9.95 -16.33 15.28
CA PRO B 257 -9.92 -16.36 13.82
C PRO B 257 -9.54 -14.99 13.24
N ALA B 258 -9.99 -13.92 13.89
CA ALA B 258 -9.65 -12.58 13.40
C ALA B 258 -8.15 -12.33 13.54
N GLU B 259 -7.56 -12.88 14.59
CA GLU B 259 -6.12 -12.72 14.81
C GLU B 259 -5.36 -13.57 13.81
N ALA B 260 -5.92 -14.71 13.47
CA ALA B 260 -5.29 -15.57 12.47
C ALA B 260 -5.32 -14.84 11.13
N LEU B 261 -6.43 -14.15 10.84
CA LEU B 261 -6.58 -13.41 9.58
C LEU B 261 -5.58 -12.24 9.54
N ALA B 262 -5.35 -11.61 10.70
CA ALA B 262 -4.42 -10.47 10.77
C ALA B 262 -3.00 -10.94 10.45
N VAL B 263 -2.64 -12.12 10.94
CA VAL B 263 -1.33 -12.69 10.67
C VAL B 263 -1.22 -12.97 9.17
N VAL B 264 -2.30 -13.45 8.57
CA VAL B 264 -2.31 -13.72 7.13
C VAL B 264 -2.06 -12.45 6.33
N LYS B 265 -2.80 -11.39 6.68
CA LYS B 265 -2.65 -10.11 5.97
C LYS B 265 -1.26 -9.51 6.13
N ALA B 266 -0.70 -9.67 7.32
CA ALA B 266 0.61 -9.12 7.63
C ALA B 266 1.77 -10.03 7.16
N GLN B 267 1.44 -11.22 6.66
CA GLN B 267 2.46 -12.17 6.22
C GLN B 267 3.45 -12.27 7.37
N ALA B 268 2.91 -12.34 8.59
CA ALA B 268 3.69 -12.39 9.82
C ALA B 268 4.28 -13.72 10.26
N ALA B 269 3.77 -14.83 9.74
CA ALA B 269 4.28 -16.14 10.17
C ALA B 269 3.98 -17.24 9.15
N ASP B 270 4.88 -18.20 9.07
CA ASP B 270 4.74 -19.33 8.15
C ASP B 270 3.92 -20.45 8.79
N VAL B 271 3.94 -20.51 10.11
CA VAL B 271 3.21 -21.53 10.84
C VAL B 271 2.40 -20.90 11.98
N ILE B 272 1.27 -21.50 12.32
CA ILE B 272 0.45 -21.02 13.42
C ILE B 272 0.35 -22.15 14.47
N ALA B 273 0.61 -21.80 15.73
CA ALA B 273 0.52 -22.76 16.82
C ALA B 273 -0.95 -22.90 17.16
N LEU B 274 -1.57 -23.92 16.59
CA LEU B 274 -2.99 -24.18 16.78
C LEU B 274 -3.27 -24.99 18.04
N LYS B 275 -3.87 -24.33 19.04
CA LYS B 275 -4.20 -25.00 20.31
C LYS B 275 -5.71 -24.96 20.55
N THR B 276 -6.34 -26.14 20.66
CA THR B 276 -7.78 -26.20 20.88
C THR B 276 -8.21 -25.46 22.14
N THR B 277 -7.33 -25.40 23.13
CA THR B 277 -7.65 -24.70 24.37
C THR B 277 -7.57 -23.17 24.22
N LYS B 278 -6.50 -22.70 23.59
CA LYS B 278 -6.30 -21.25 23.41
C LYS B 278 -7.37 -20.64 22.50
N HIS B 279 -7.77 -21.40 21.47
CA HIS B 279 -8.78 -20.90 20.53
C HIS B 279 -10.20 -20.87 21.04
N GLY B 280 -10.45 -21.48 22.20
CA GLY B 280 -11.81 -21.49 22.72
C GLY B 280 -12.67 -22.66 22.26
N GLY B 281 -12.04 -23.80 21.97
CA GLY B 281 -12.82 -24.96 21.57
C GLY B 281 -12.50 -25.56 20.22
N LEU B 282 -13.08 -26.74 20.00
CA LEU B 282 -12.90 -27.46 18.75
C LEU B 282 -13.51 -26.70 17.59
N LEU B 283 -14.65 -26.05 17.82
CA LEU B 283 -15.29 -25.29 16.74
C LEU B 283 -14.40 -24.15 16.28
N GLU B 284 -13.92 -23.36 17.24
CA GLU B 284 -13.04 -22.25 16.92
C GLU B 284 -11.78 -22.75 16.23
N SER B 285 -11.22 -23.84 16.73
CA SER B 285 -10.02 -24.39 16.14
C SER B 285 -10.21 -24.64 14.64
N LYS B 286 -11.33 -25.25 14.27
CA LYS B 286 -11.63 -25.51 12.86
C LYS B 286 -11.49 -24.23 12.04
N LYS B 287 -11.96 -23.13 12.62
CA LYS B 287 -11.91 -21.83 11.96
C LYS B 287 -10.47 -21.37 11.76
N ILE B 288 -9.67 -21.51 12.81
CA ILE B 288 -8.26 -21.15 12.75
C ILE B 288 -7.66 -21.92 11.59
N ALA B 289 -7.89 -23.22 11.57
CA ALA B 289 -7.35 -24.08 10.53
C ALA B 289 -7.77 -23.67 9.12
N ALA B 290 -9.04 -23.31 8.95
CA ALA B 290 -9.56 -22.89 7.65
C ALA B 290 -8.88 -21.62 7.12
N ILE B 291 -8.73 -20.62 7.98
CA ILE B 291 -8.10 -19.36 7.58
C ILE B 291 -6.63 -19.58 7.22
N ALA B 292 -5.91 -20.27 8.10
CA ALA B 292 -4.50 -20.56 7.87
C ALA B 292 -4.29 -21.27 6.54
N GLU B 293 -5.02 -22.37 6.36
CA GLU B 293 -4.94 -23.17 5.15
C GLU B 293 -5.23 -22.34 3.90
N ALA B 294 -6.24 -21.49 3.95
CA ALA B 294 -6.57 -20.67 2.79
C ALA B 294 -5.43 -19.70 2.46
N GLY B 295 -4.67 -19.30 3.47
CA GLY B 295 -3.57 -18.36 3.25
C GLY B 295 -2.24 -19.07 3.06
N GLY B 296 -2.28 -20.39 2.94
CA GLY B 296 -1.05 -21.15 2.76
C GLY B 296 -0.21 -21.31 4.01
N LEU B 297 -0.73 -20.88 5.16
CA LEU B 297 0.02 -21.00 6.40
C LEU B 297 -0.17 -22.41 6.97
N ALA B 298 0.91 -23.03 7.42
CA ALA B 298 0.82 -24.37 8.00
C ALA B 298 0.33 -24.29 9.44
N CYS B 299 -0.27 -25.37 9.92
CA CYS B 299 -0.77 -25.43 11.30
C CYS B 299 -0.07 -26.54 12.05
N HIS B 300 0.39 -26.20 13.25
CA HIS B 300 1.08 -27.12 14.13
C HIS B 300 0.12 -27.40 15.27
N GLY B 301 -0.14 -28.69 15.53
CA GLY B 301 -1.05 -29.02 16.62
C GLY B 301 -0.27 -28.73 17.88
N ALA B 302 -0.33 -27.48 18.32
CA ALA B 302 0.40 -27.02 19.49
C ALA B 302 -0.25 -27.42 20.80
N THR B 303 0.45 -27.17 21.90
CA THR B 303 -0.07 -27.53 23.21
C THR B 303 0.01 -26.42 24.24
N SER B 304 -0.92 -26.47 25.18
CA SER B 304 -0.97 -25.53 26.28
C SER B 304 -0.53 -26.34 27.50
N LEU B 305 0.12 -27.46 27.21
CA LEU B 305 0.57 -28.37 28.24
C LEU B 305 -0.67 -28.92 28.96
N GLU B 306 -1.66 -29.32 28.15
CA GLU B 306 -2.90 -29.88 28.69
C GLU B 306 -2.60 -31.24 29.33
N GLY B 307 -3.54 -31.71 30.13
CA GLY B 307 -3.39 -33.02 30.76
C GLY B 307 -3.77 -34.07 29.74
N PRO B 308 -4.24 -35.25 30.16
CA PRO B 308 -4.61 -36.29 29.18
C PRO B 308 -5.94 -36.02 28.46
N ILE B 309 -6.87 -35.37 29.13
CA ILE B 309 -8.15 -35.08 28.52
C ILE B 309 -7.99 -34.03 27.41
N GLY B 310 -7.30 -32.93 27.74
CA GLY B 310 -7.08 -31.88 26.77
C GLY B 310 -6.28 -32.38 25.58
N THR B 311 -5.19 -33.10 25.87
CA THR B 311 -4.35 -33.65 24.82
C THR B 311 -5.15 -34.58 23.90
N ALA B 312 -6.11 -35.32 24.47
CA ALA B 312 -6.95 -36.24 23.70
C ALA B 312 -7.85 -35.44 22.77
N ALA B 313 -8.35 -34.32 23.29
CA ALA B 313 -9.20 -33.44 22.52
C ALA B 313 -8.40 -32.93 21.31
N SER B 314 -7.20 -32.42 21.56
CA SER B 314 -6.35 -31.91 20.49
C SER B 314 -5.93 -33.02 19.54
N LEU B 315 -5.88 -34.24 20.02
CA LEU B 315 -5.50 -35.36 19.15
C LEU B 315 -6.68 -35.68 18.24
N GLN B 316 -7.90 -35.56 18.77
CA GLN B 316 -9.09 -35.82 17.96
C GLN B 316 -9.14 -34.73 16.89
N PHE B 317 -8.81 -33.50 17.27
CA PHE B 317 -8.82 -32.40 16.31
C PHE B 317 -7.83 -32.72 15.19
N ALA B 318 -6.62 -33.12 15.54
CA ALA B 318 -5.58 -33.42 14.55
C ALA B 318 -5.94 -34.60 13.63
N ALA B 319 -6.65 -35.57 14.18
CA ALA B 319 -7.06 -36.74 13.39
C ALA B 319 -8.01 -36.34 12.27
N SER B 320 -8.80 -35.32 12.51
CA SER B 320 -9.81 -34.88 11.55
C SER B 320 -9.46 -33.63 10.73
N THR B 321 -8.29 -33.04 10.97
CA THR B 321 -7.92 -31.81 10.26
C THR B 321 -6.67 -31.90 9.43
N LYS B 322 -6.86 -31.99 8.12
CA LYS B 322 -5.75 -32.08 7.18
C LYS B 322 -4.87 -30.82 7.29
N ALA B 323 -5.48 -29.72 7.69
CA ALA B 323 -4.75 -28.46 7.83
C ALA B 323 -3.61 -28.53 8.86
N ILE B 324 -3.65 -29.52 9.76
CA ILE B 324 -2.56 -29.71 10.72
C ILE B 324 -1.49 -30.38 9.85
N SER B 325 -0.60 -29.55 9.30
CA SER B 325 0.41 -29.99 8.37
C SER B 325 1.86 -29.90 8.83
N TYR B 326 2.08 -29.53 10.09
CA TYR B 326 3.44 -29.40 10.60
C TYR B 326 3.62 -30.16 11.92
N GLY B 327 3.13 -31.38 11.96
CA GLY B 327 3.25 -32.18 13.15
C GLY B 327 2.54 -31.55 14.32
N THR B 328 2.94 -31.94 15.53
CA THR B 328 2.33 -31.43 16.74
C THR B 328 3.36 -31.50 17.87
N GLU B 329 2.96 -31.01 19.04
CA GLU B 329 3.81 -31.07 20.22
C GLU B 329 2.91 -31.52 21.36
N LEU B 330 2.01 -32.46 21.06
CA LEU B 330 1.07 -32.96 22.06
C LEU B 330 1.69 -34.02 22.98
N PHE B 331 2.73 -33.59 23.71
CA PHE B 331 3.46 -34.46 24.64
C PHE B 331 3.03 -34.18 26.07
N GLY B 332 2.12 -33.23 26.24
CA GLY B 332 1.65 -32.85 27.56
C GLY B 332 1.63 -33.92 28.64
N PRO B 333 0.81 -34.97 28.49
CA PRO B 333 0.71 -36.06 29.47
C PRO B 333 2.04 -36.59 29.99
N GLN B 334 3.00 -36.77 29.08
CA GLN B 334 4.33 -37.27 29.45
C GLN B 334 5.06 -36.40 30.48
N LEU B 335 4.61 -35.15 30.65
CA LEU B 335 5.26 -34.24 31.59
C LEU B 335 4.75 -34.42 33.02
N LEU B 336 3.55 -34.97 33.14
CA LEU B 336 2.93 -35.18 34.44
C LEU B 336 3.54 -36.37 35.18
N LYS B 337 3.68 -36.23 36.49
CA LYS B 337 4.21 -37.28 37.34
C LYS B 337 3.30 -38.48 37.22
N ASP B 338 2.00 -38.21 37.22
CA ASP B 338 0.99 -39.26 37.13
C ASP B 338 -0.11 -38.81 36.15
N THR B 339 -1.27 -39.44 36.21
CA THR B 339 -2.37 -39.08 35.32
C THR B 339 -3.70 -39.51 35.97
N TYR B 340 -4.81 -39.03 35.42
CA TYR B 340 -6.13 -39.36 35.93
C TYR B 340 -7.00 -39.87 34.80
N ILE B 341 -6.43 -40.71 33.94
CA ILE B 341 -7.18 -41.18 32.79
C ILE B 341 -7.35 -42.68 32.49
N VAL B 342 -7.00 -43.56 33.44
CA VAL B 342 -7.18 -45.00 33.23
C VAL B 342 -6.26 -45.60 32.16
N GLN B 343 -6.51 -45.26 30.90
CA GLN B 343 -5.68 -45.78 29.81
C GLN B 343 -4.42 -44.95 29.68
N GLU B 344 -3.58 -45.31 28.71
CA GLU B 344 -2.35 -44.57 28.46
C GLU B 344 -2.07 -44.33 26.99
N PHE B 345 -1.47 -43.18 26.69
CA PHE B 345 -1.14 -42.81 25.32
C PHE B 345 0.04 -43.63 24.83
N GLU B 346 0.04 -43.95 23.54
CA GLU B 346 1.11 -44.75 22.95
C GLU B 346 2.14 -43.92 22.20
N TYR B 347 3.23 -43.60 22.89
CA TYR B 347 4.31 -42.81 22.30
C TYR B 347 5.42 -43.74 21.81
N LYS B 348 5.93 -43.48 20.62
CA LYS B 348 7.03 -44.27 20.05
C LYS B 348 7.37 -43.79 18.65
N ASP B 349 8.66 -43.87 18.30
CA ASP B 349 9.12 -43.44 17.00
C ASP B 349 8.75 -41.98 16.78
N GLY B 350 8.96 -41.16 17.81
CA GLY B 350 8.66 -39.74 17.73
C GLY B 350 7.24 -39.42 17.32
N GLN B 351 6.28 -40.24 17.76
CA GLN B 351 4.89 -40.00 17.41
C GLN B 351 3.98 -40.39 18.55
N VAL B 352 2.69 -40.36 18.29
CA VAL B 352 1.67 -40.72 19.26
C VAL B 352 0.43 -41.11 18.46
N ALA B 353 -0.20 -42.21 18.85
CA ALA B 353 -1.39 -42.66 18.14
C ALA B 353 -2.61 -41.94 18.67
N ILE B 354 -3.61 -41.75 17.81
CA ILE B 354 -4.85 -41.09 18.19
C ILE B 354 -5.68 -42.12 18.97
N PRO B 355 -6.19 -41.74 20.16
CA PRO B 355 -6.99 -42.66 20.98
C PRO B 355 -8.28 -43.12 20.30
N GLN B 356 -8.47 -44.43 20.25
CA GLN B 356 -9.69 -44.99 19.67
C GLN B 356 -10.74 -45.16 20.77
N GLY B 357 -12.00 -45.14 20.35
CA GLY B 357 -13.08 -45.29 21.31
C GLY B 357 -13.93 -44.04 21.39
N PRO B 358 -15.15 -44.13 21.93
CA PRO B 358 -16.10 -43.02 22.07
C PRO B 358 -15.54 -41.83 22.85
N GLY B 359 -16.15 -40.65 22.65
CA GLY B 359 -15.69 -39.44 23.32
C GLY B 359 -14.25 -39.14 22.92
N LEU B 360 -13.44 -38.66 23.87
CA LEU B 360 -12.05 -38.37 23.56
C LEU B 360 -11.23 -39.65 23.39
N GLY B 361 -11.87 -40.79 23.60
CA GLY B 361 -11.16 -42.05 23.48
C GLY B 361 -10.29 -42.30 24.70
N VAL B 362 -10.65 -41.66 25.80
CA VAL B 362 -9.91 -41.81 27.04
C VAL B 362 -10.85 -41.49 28.21
N ASP B 363 -10.92 -42.39 29.18
CA ASP B 363 -11.80 -42.22 30.33
C ASP B 363 -11.10 -41.76 31.58
N VAL B 364 -11.70 -40.80 32.29
CA VAL B 364 -11.12 -40.28 33.50
C VAL B 364 -11.25 -41.27 34.66
N ASP B 365 -10.19 -41.37 35.46
CA ASP B 365 -10.17 -42.24 36.63
C ASP B 365 -10.58 -41.33 37.78
N ASP B 367 -11.04 -41.61 40.78
CA ASP B 367 -10.29 -41.71 42.03
C ASP B 367 -9.06 -40.81 41.98
N LYS B 368 -8.38 -40.80 40.84
CA LYS B 368 -7.20 -39.95 40.68
C LYS B 368 -7.61 -38.48 40.50
N VAL B 369 -8.77 -38.25 39.90
CA VAL B 369 -9.27 -36.88 39.73
C VAL B 369 -9.46 -36.27 41.13
N ASN B 370 -10.20 -36.97 41.97
CA ASN B 370 -10.45 -36.53 43.34
C ASN B 370 -9.15 -36.35 44.13
N PHE B 371 -8.15 -37.16 43.84
CA PHE B 371 -6.88 -37.07 44.56
C PHE B 371 -6.07 -35.81 44.24
N TYR B 372 -6.13 -35.37 42.98
CA TYR B 372 -5.39 -34.18 42.58
C TYR B 372 -6.27 -32.93 42.59
N THR B 373 -7.54 -33.11 42.94
CA THR B 373 -8.51 -32.00 42.99
C THR B 373 -8.17 -31.05 44.12
N ARG B 374 -7.86 -29.80 43.79
CA ARG B 374 -7.52 -28.80 44.80
C ARG B 374 -8.68 -28.69 45.78
N ASP C 5 7.55 -12.53 -53.98
CA ASP C 5 6.25 -12.05 -54.53
C ASP C 5 5.53 -11.11 -53.56
N LEU C 6 5.60 -11.45 -52.28
CA LEU C 6 4.97 -10.66 -51.24
C LEU C 6 6.03 -9.66 -50.75
N THR C 7 7.18 -9.67 -51.43
CA THR C 7 8.32 -8.82 -51.12
C THR C 7 8.08 -7.32 -51.22
N ILE C 8 8.44 -6.58 -50.18
CA ILE C 8 8.27 -5.13 -50.19
C ILE C 8 9.41 -4.55 -51.00
N GLN C 9 9.07 -4.00 -52.15
CA GLN C 9 10.07 -3.41 -53.03
C GLN C 9 10.33 -1.96 -52.68
N LYS C 10 9.28 -1.25 -52.30
CA LYS C 10 9.41 0.16 -52.00
C LYS C 10 8.36 0.69 -51.04
N VAL C 11 8.70 1.77 -50.34
CA VAL C 11 7.80 2.42 -49.41
C VAL C 11 7.87 3.91 -49.67
N GLU C 12 6.72 4.51 -49.94
CA GLU C 12 6.68 5.95 -50.21
C GLU C 12 5.78 6.63 -49.19
N SER C 13 6.01 7.92 -48.98
CA SER C 13 5.21 8.71 -48.05
C SER C 13 4.99 10.11 -48.62
N ARG C 14 3.74 10.57 -48.57
CA ARG C 14 3.40 11.89 -49.10
C ARG C 14 2.61 12.67 -48.08
N ILE C 15 2.93 13.95 -47.91
CA ILE C 15 2.16 14.77 -46.97
C ILE C 15 0.95 15.33 -47.71
N LEU C 16 -0.23 15.13 -47.14
CA LEU C 16 -1.45 15.62 -47.75
C LEU C 16 -2.05 16.71 -46.88
N ASP C 17 -2.46 17.80 -47.51
CA ASP C 17 -3.08 18.90 -46.77
C ASP C 17 -4.48 19.10 -47.29
N VAL C 18 -5.43 18.36 -46.73
CA VAL C 18 -6.82 18.47 -47.13
C VAL C 18 -7.57 19.46 -46.24
N PRO C 19 -8.25 20.44 -46.85
CA PRO C 19 -9.01 21.47 -46.14
C PRO C 19 -10.15 20.94 -45.28
N LEU C 20 -10.55 21.72 -44.29
CA LEU C 20 -11.62 21.34 -43.39
C LEU C 20 -12.91 22.11 -43.73
N ILE C 21 -14.03 21.41 -43.70
CA ILE C 21 -15.31 22.03 -44.00
C ILE C 21 -15.55 23.24 -43.09
N ARG C 22 -14.94 23.21 -41.91
CA ARG C 22 -15.06 24.28 -40.92
C ARG C 22 -13.82 24.29 -40.04
N PRO C 23 -13.49 25.44 -39.45
CA PRO C 23 -12.30 25.48 -38.59
C PRO C 23 -12.55 24.57 -37.39
N HIS C 24 -11.55 23.77 -37.04
CA HIS C 24 -11.68 22.87 -35.90
C HIS C 24 -10.72 23.36 -34.82
N GLY C 25 -11.26 24.07 -33.85
CA GLY C 25 -10.45 24.63 -32.77
C GLY C 25 -10.22 23.73 -31.58
N PHE C 26 -8.99 23.76 -31.08
CA PHE C 26 -8.58 22.98 -29.92
C PHE C 26 -8.30 23.91 -28.74
N ALA C 27 -7.63 23.38 -27.72
CA ALA C 27 -7.31 24.15 -26.53
C ALA C 27 -6.32 25.28 -26.76
N THR C 28 -5.25 25.00 -27.49
CA THR C 28 -4.22 26.00 -27.74
C THR C 28 -3.97 26.29 -29.21
N THR C 29 -4.75 25.65 -30.08
CA THR C 29 -4.61 25.85 -31.52
C THR C 29 -5.94 25.64 -32.25
N THR C 30 -6.03 26.14 -33.48
CA THR C 30 -7.23 25.98 -34.31
C THR C 30 -6.79 25.58 -35.71
N SER C 31 -7.36 24.48 -36.22
CA SER C 31 -7.01 23.98 -37.55
C SER C 31 -8.00 24.32 -38.65
N THR C 32 -7.47 24.64 -39.82
CA THR C 32 -8.29 24.95 -41.00
C THR C 32 -8.14 23.83 -42.02
N GLU C 33 -7.10 23.04 -41.85
CA GLU C 33 -6.82 21.90 -42.73
C GLU C 33 -6.18 20.81 -41.88
N GLN C 34 -6.22 19.58 -42.37
CA GLN C 34 -5.63 18.45 -41.65
C GLN C 34 -4.45 17.92 -42.44
N HIS C 35 -3.35 17.63 -41.75
CA HIS C 35 -2.15 17.13 -42.40
C HIS C 35 -2.09 15.62 -42.18
N ILE C 36 -1.92 14.88 -43.27
CA ILE C 36 -1.86 13.43 -43.23
C ILE C 36 -0.65 12.94 -44.00
N LEU C 37 0.14 12.07 -43.38
CA LEU C 37 1.29 11.50 -44.06
C LEU C 37 0.81 10.18 -44.65
N LEU C 38 0.47 10.19 -45.93
CA LEU C 38 -0.01 8.98 -46.58
C LEU C 38 1.19 8.11 -46.92
N VAL C 39 1.35 7.03 -46.18
CA VAL C 39 2.44 6.11 -46.42
C VAL C 39 1.91 4.97 -47.28
N SER C 40 2.73 4.50 -48.21
CA SER C 40 2.34 3.40 -49.08
C SER C 40 3.47 2.38 -49.18
N VAL C 41 3.11 1.10 -49.05
CA VAL C 41 4.05 0.00 -49.14
C VAL C 41 3.75 -0.75 -50.42
N HIS C 42 4.72 -0.79 -51.33
CA HIS C 42 4.55 -1.44 -52.63
C HIS C 42 5.18 -2.84 -52.67
N LEU C 43 4.41 -3.83 -53.08
CA LEU C 43 4.89 -5.20 -53.15
C LEU C 43 5.29 -5.66 -54.55
N GLU C 44 5.96 -6.81 -54.61
CA GLU C 44 6.40 -7.40 -55.87
C GLU C 44 5.25 -7.63 -56.85
N ASN C 45 4.14 -8.13 -56.34
CA ASN C 45 2.97 -8.43 -57.17
C ASN C 45 2.16 -7.22 -57.58
N GLY C 46 2.70 -6.03 -57.37
CA GLY C 46 1.98 -4.84 -57.77
C GLY C 46 0.97 -4.27 -56.79
N VAL C 47 0.56 -5.04 -55.80
CA VAL C 47 -0.41 -4.53 -54.83
C VAL C 47 0.25 -3.43 -54.01
N ILE C 48 -0.52 -2.41 -53.67
CA ILE C 48 -0.01 -1.32 -52.87
C ILE C 48 -0.85 -1.17 -51.61
N GLY C 49 -0.19 -1.01 -50.46
CA GLY C 49 -0.89 -0.84 -49.19
C GLY C 49 -0.75 0.58 -48.68
N TYR C 50 -1.80 1.08 -48.04
CA TYR C 50 -1.80 2.46 -47.53
C TYR C 50 -2.04 2.60 -46.03
N GLY C 51 -1.28 3.49 -45.40
CA GLY C 51 -1.40 3.75 -43.98
C GLY C 51 -1.26 5.25 -43.77
N GLU C 52 -1.87 5.76 -42.71
CA GLU C 52 -1.79 7.19 -42.42
C GLU C 52 -0.96 7.56 -41.18
N GLY C 53 -0.11 8.56 -41.35
CA GLY C 53 0.70 9.06 -40.25
C GLY C 53 0.01 10.37 -39.91
N VAL C 54 -0.80 10.37 -38.86
CA VAL C 54 -1.53 11.59 -38.52
C VAL C 54 -1.80 11.86 -37.04
N VAL C 55 -1.73 13.14 -36.69
CA VAL C 55 -2.00 13.61 -35.34
C VAL C 55 -3.13 14.63 -35.45
N PRO C 56 -3.75 14.99 -34.32
CA PRO C 56 -4.85 15.97 -34.36
C PRO C 56 -4.38 17.41 -34.59
N GLY C 57 -4.29 17.81 -35.86
CA GLY C 57 -3.90 19.17 -36.18
C GLY C 57 -2.42 19.51 -36.22
N GLY C 58 -1.66 19.01 -35.26
CA GLY C 58 -0.23 19.29 -35.22
C GLY C 58 0.48 18.73 -34.00
N PRO C 59 1.81 18.87 -33.91
CA PRO C 59 2.66 18.40 -32.81
C PRO C 59 2.26 18.87 -31.41
N TRP C 60 1.34 19.82 -31.32
CA TRP C 60 0.92 20.30 -30.00
C TRP C 60 0.30 19.16 -29.19
N TRP C 61 -0.17 18.12 -29.88
CA TRP C 61 -0.82 17.00 -29.21
C TRP C 61 0.12 16.06 -28.49
N GLY C 62 1.09 15.52 -29.22
CA GLY C 62 2.03 14.58 -28.63
C GLY C 62 3.47 14.71 -29.07
N GLY C 63 3.81 15.80 -29.76
CA GLY C 63 5.19 15.98 -30.18
C GLY C 63 5.56 15.44 -31.54
N GLU C 64 4.60 14.86 -32.24
CA GLU C 64 4.86 14.32 -33.57
C GLU C 64 4.01 15.09 -34.57
N SER C 65 4.55 15.29 -35.78
CA SER C 65 3.83 16.00 -36.84
C SER C 65 4.09 15.28 -38.16
N VAL C 66 3.39 15.68 -39.21
CA VAL C 66 3.60 15.04 -40.50
C VAL C 66 5.04 15.17 -40.96
N GLU C 67 5.70 16.26 -40.60
CA GLU C 67 7.09 16.47 -41.00
C GLU C 67 7.98 15.50 -40.22
N THR C 68 7.76 15.46 -38.92
CA THR C 68 8.50 14.57 -38.01
C THR C 68 8.39 13.11 -38.48
N LYS C 70 7.37 11.97 -41.53
CA LYS C 70 7.93 11.70 -42.84
C LYS C 70 9.43 11.43 -42.68
N ALA C 71 10.07 12.25 -41.86
CA ALA C 71 11.50 12.09 -41.63
C ALA C 71 11.84 10.69 -41.10
N LEU C 72 11.12 10.21 -40.09
CA LEU C 72 11.41 8.90 -39.54
C LEU C 72 11.05 7.76 -40.49
N VAL C 73 9.89 7.87 -41.13
CA VAL C 73 9.46 6.85 -42.08
C VAL C 73 10.48 6.69 -43.20
N ASP C 74 10.74 7.76 -43.94
CA ASP C 74 11.69 7.69 -45.05
C ASP C 74 13.13 7.38 -44.67
N GLY C 75 13.62 7.96 -43.58
CA GLY C 75 14.99 7.73 -43.18
C GLY C 75 15.36 6.59 -42.26
N TYR C 76 14.41 6.03 -41.50
CA TYR C 76 14.77 4.95 -40.58
C TYR C 76 13.84 3.72 -40.57
N LEU C 77 12.53 3.92 -40.72
CA LEU C 77 11.58 2.80 -40.71
C LEU C 77 11.50 2.12 -42.07
N ALA C 78 11.14 2.90 -43.09
CA ALA C 78 11.00 2.41 -44.46
C ALA C 78 12.08 1.42 -44.88
N PRO C 79 13.36 1.82 -44.78
CA PRO C 79 14.49 0.96 -45.16
C PRO C 79 14.51 -0.42 -44.50
N VAL C 80 13.90 -0.54 -43.32
CA VAL C 80 13.88 -1.81 -42.61
C VAL C 80 13.00 -2.83 -43.35
N LEU C 81 11.93 -2.35 -43.97
CA LEU C 81 10.99 -3.22 -44.67
C LEU C 81 11.53 -3.75 -45.99
N ILE C 82 12.07 -2.85 -46.80
CA ILE C 82 12.59 -3.17 -48.12
C ILE C 82 13.30 -4.52 -48.23
N GLY C 83 12.79 -5.36 -49.12
CA GLY C 83 13.41 -6.67 -49.33
C GLY C 83 12.83 -7.81 -48.50
N ARG C 84 11.87 -7.50 -47.63
CA ARG C 84 11.28 -8.54 -46.80
C ARG C 84 9.86 -8.84 -47.20
N ALA C 85 9.42 -10.07 -46.93
CA ALA C 85 8.06 -10.48 -47.26
C ALA C 85 7.12 -9.76 -46.29
N VAL C 86 6.07 -9.18 -46.83
CA VAL C 86 5.11 -8.46 -46.00
C VAL C 86 4.44 -9.41 -45.01
N SER C 87 4.63 -10.71 -45.22
CA SER C 87 4.06 -11.72 -44.34
C SER C 87 4.93 -11.87 -43.10
N GLU C 88 5.91 -10.98 -42.98
CA GLU C 88 6.81 -10.95 -41.82
C GLU C 88 6.41 -9.75 -40.98
N LEU C 89 5.18 -9.29 -41.19
CA LEU C 89 4.63 -8.13 -40.50
C LEU C 89 5.01 -7.96 -39.04
N ALA C 90 4.66 -8.93 -38.20
CA ALA C 90 4.98 -8.85 -36.77
C ALA C 90 6.49 -8.79 -36.50
N GLY C 91 7.26 -9.53 -37.30
CA GLY C 91 8.71 -9.53 -37.14
C GLY C 91 9.32 -8.19 -37.55
N ILE C 92 8.77 -7.57 -38.58
CA ILE C 92 9.29 -6.29 -39.05
C ILE C 92 9.02 -5.20 -38.00
N ALA C 94 8.75 -5.48 -34.86
CA ALA C 94 9.65 -5.64 -33.73
C ALA C 94 11.03 -5.07 -34.10
N ASP C 95 11.47 -5.32 -35.32
CA ASP C 95 12.78 -4.81 -35.75
C ASP C 95 12.81 -3.29 -35.88
N LEU C 96 11.66 -2.68 -36.12
CA LEU C 96 11.62 -1.23 -36.22
C LEU C 96 12.02 -0.59 -34.89
N GLU C 97 11.94 -1.38 -33.81
CA GLU C 97 12.30 -0.90 -32.49
C GLU C 97 13.81 -0.74 -32.35
N ARG C 98 14.55 -1.55 -33.11
CA ARG C 98 16.00 -1.51 -33.07
C ARG C 98 16.57 -0.21 -33.66
N VAL C 99 15.81 0.47 -34.51
CA VAL C 99 16.32 1.70 -35.10
C VAL C 99 15.56 2.97 -34.73
N VAL C 100 14.37 2.80 -34.16
CA VAL C 100 13.56 3.95 -33.74
C VAL C 100 12.74 3.65 -32.49
N ALA C 101 13.02 4.36 -31.41
CA ALA C 101 12.26 4.17 -30.17
C ALA C 101 11.07 5.10 -30.23
N ARG C 102 10.01 4.74 -29.52
CA ARG C 102 8.79 5.54 -29.48
C ARG C 102 8.30 5.90 -30.89
N ALA C 103 7.96 7.16 -31.11
CA ALA C 103 7.46 7.58 -32.43
C ALA C 103 6.34 6.67 -32.94
N ARG C 104 5.44 6.27 -32.03
CA ARG C 104 4.35 5.37 -32.41
C ARG C 104 3.47 5.88 -33.55
N TYR C 105 3.19 7.17 -33.59
CA TYR C 105 2.36 7.74 -34.65
C TYR C 105 2.94 7.46 -36.02
N ALA C 106 4.27 7.56 -36.13
CA ALA C 106 4.95 7.31 -37.39
C ALA C 106 4.95 5.81 -37.69
N LYS C 107 5.21 5.01 -36.66
CA LYS C 107 5.24 3.56 -36.82
C LYS C 107 3.88 3.03 -37.22
N ALA C 108 2.83 3.65 -36.70
CA ALA C 108 1.46 3.22 -36.99
C ALA C 108 1.17 3.20 -38.49
N ALA C 109 1.62 4.23 -39.21
CA ALA C 109 1.40 4.30 -40.65
C ALA C 109 1.99 3.10 -41.37
N VAL C 110 3.15 2.63 -40.93
CA VAL C 110 3.81 1.51 -41.55
C VAL C 110 3.03 0.21 -41.28
N ASP C 111 2.65 0.01 -40.02
CA ASP C 111 1.88 -1.17 -39.63
C ASP C 111 0.59 -1.23 -40.44
N VAL C 112 -0.14 -0.11 -40.49
CA VAL C 112 -1.41 -0.06 -41.21
C VAL C 112 -1.29 -0.31 -42.72
N ALA C 113 -0.21 0.21 -43.31
CA ALA C 113 0.00 0.04 -44.75
C ALA C 113 0.38 -1.40 -45.07
N HIS C 115 -0.57 -4.07 -43.40
CA HIS C 115 -1.76 -4.89 -43.27
C HIS C 115 -2.59 -4.72 -44.55
N ASP C 116 -2.74 -3.49 -45.01
CA ASP C 116 -3.54 -3.21 -46.22
C ASP C 116 -2.95 -3.93 -47.42
N ALA C 117 -1.63 -3.83 -47.60
CA ALA C 117 -0.95 -4.48 -48.71
C ALA C 117 -1.06 -5.99 -48.60
N TRP C 118 -0.89 -6.51 -47.38
CA TRP C 118 -0.94 -7.95 -47.15
C TRP C 118 -2.37 -8.49 -47.34
N ALA C 119 -3.35 -7.80 -46.75
CA ALA C 119 -4.74 -8.23 -46.88
C ALA C 119 -5.19 -8.26 -48.34
N ARG C 120 -4.85 -7.22 -49.10
CA ARG C 120 -5.24 -7.17 -50.50
C ARG C 120 -4.63 -8.33 -51.30
N SER C 121 -3.41 -8.72 -50.95
CA SER C 121 -2.73 -9.82 -51.63
C SER C 121 -3.47 -11.15 -51.42
N LEU C 122 -4.10 -11.29 -50.25
CA LEU C 122 -4.84 -12.51 -49.93
C LEU C 122 -6.31 -12.38 -50.29
N ASN C 123 -6.69 -11.19 -50.75
CA ASN C 123 -8.07 -10.90 -51.16
C ASN C 123 -9.08 -10.96 -50.01
N VAL C 124 -8.64 -10.55 -48.82
CA VAL C 124 -9.50 -10.54 -47.64
C VAL C 124 -9.42 -9.17 -47.00
N PRO C 125 -10.43 -8.81 -46.19
CA PRO C 125 -10.42 -7.50 -45.53
C PRO C 125 -9.30 -7.52 -44.48
N VAL C 126 -8.87 -6.35 -44.01
CA VAL C 126 -7.81 -6.29 -43.01
C VAL C 126 -8.21 -6.95 -41.68
N ARG C 127 -9.49 -6.85 -41.31
CA ARG C 127 -9.97 -7.43 -40.05
C ARG C 127 -9.79 -8.95 -40.05
N ASP C 128 -9.76 -9.56 -41.23
CA ASP C 128 -9.59 -11.00 -41.33
C ASP C 128 -8.18 -11.42 -40.92
N LEU C 129 -7.33 -10.43 -40.74
CA LEU C 129 -5.95 -10.68 -40.30
C LEU C 129 -5.85 -10.39 -38.80
N LEU C 130 -6.95 -9.89 -38.23
CA LEU C 130 -7.00 -9.52 -36.82
C LEU C 130 -8.04 -10.31 -36.01
N GLY C 131 -8.32 -11.54 -36.43
CA GLY C 131 -9.30 -12.35 -35.70
C GLY C 131 -10.63 -12.58 -36.39
N GLY C 132 -10.95 -11.79 -37.39
CA GLY C 132 -12.21 -11.97 -38.09
C GLY C 132 -13.19 -10.88 -37.71
N THR C 133 -14.48 -11.12 -37.87
CA THR C 133 -15.43 -10.06 -37.54
C THR C 133 -16.31 -10.34 -36.33
N VAL C 134 -16.49 -9.29 -35.55
CA VAL C 134 -17.32 -9.36 -34.36
C VAL C 134 -18.53 -8.48 -34.60
N ARG C 135 -18.37 -7.52 -35.51
CA ARG C 135 -19.47 -6.61 -35.83
C ARG C 135 -19.24 -5.95 -37.19
N ASP C 136 -20.31 -5.51 -37.83
CA ASP C 136 -20.20 -4.86 -39.14
C ASP C 136 -20.69 -3.42 -39.12
N LYS C 137 -20.79 -2.84 -37.93
CA LYS C 137 -21.18 -1.45 -37.78
C LYS C 137 -20.89 -1.01 -36.35
N VAL C 138 -20.58 0.27 -36.17
CA VAL C 138 -20.27 0.81 -34.85
C VAL C 138 -20.92 2.16 -34.60
N ASP C 139 -21.11 2.50 -33.33
CA ASP C 139 -21.68 3.77 -32.94
C ASP C 139 -20.61 4.82 -33.10
N VAL C 140 -21.02 6.02 -33.52
CA VAL C 140 -20.08 7.10 -33.68
C VAL C 140 -20.57 8.27 -32.85
N THR C 141 -19.69 8.80 -32.00
CA THR C 141 -20.04 9.96 -31.19
C THR C 141 -19.43 11.12 -31.95
N TRP C 142 -20.17 12.23 -32.04
CA TRP C 142 -19.68 13.37 -32.78
C TRP C 142 -19.05 14.41 -31.87
N ALA C 143 -17.88 14.88 -32.26
CA ALA C 143 -17.16 15.86 -31.47
C ALA C 143 -17.25 17.23 -32.10
N LEU C 144 -17.41 18.24 -31.25
CA LEU C 144 -17.49 19.63 -31.69
C LEU C 144 -16.29 20.36 -31.10
N GLY C 145 -15.51 21.04 -31.96
CA GLY C 145 -14.36 21.77 -31.47
C GLY C 145 -14.83 22.93 -30.61
N VAL C 146 -13.90 23.68 -30.04
CA VAL C 146 -14.27 24.83 -29.21
C VAL C 146 -15.17 25.76 -30.04
N LEU C 147 -16.42 25.90 -29.63
CA LEU C 147 -17.39 26.74 -30.33
C LEU C 147 -18.32 27.45 -29.35
N PRO C 148 -18.88 28.60 -29.75
CA PRO C 148 -19.81 29.39 -28.92
C PRO C 148 -21.07 28.59 -28.53
N LEU C 149 -21.63 28.93 -27.37
CA LEU C 149 -22.81 28.26 -26.86
C LEU C 149 -23.95 28.14 -27.87
N ASP C 150 -24.08 29.11 -28.77
CA ASP C 150 -25.15 29.10 -29.75
C ASP C 150 -24.77 28.25 -30.97
N VAL C 151 -23.55 28.48 -31.47
CA VAL C 151 -23.04 27.75 -32.62
C VAL C 151 -23.07 26.25 -32.34
N ALA C 152 -22.56 25.88 -31.17
CA ALA C 152 -22.50 24.48 -30.73
C ALA C 152 -23.87 23.80 -30.70
N VAL C 153 -24.79 24.34 -29.90
CA VAL C 153 -26.12 23.76 -29.80
C VAL C 153 -26.74 23.57 -31.19
N ALA C 154 -26.48 24.53 -32.07
CA ALA C 154 -26.99 24.46 -33.44
C ALA C 154 -26.45 23.21 -34.12
N GLU C 155 -25.13 23.03 -34.04
CA GLU C 155 -24.47 21.89 -34.66
C GLU C 155 -25.06 20.58 -34.12
N ILE C 156 -25.17 20.47 -32.80
CA ILE C 156 -25.71 19.27 -32.17
C ILE C 156 -27.13 18.97 -32.68
N GLU C 157 -27.98 19.99 -32.65
CA GLU C 157 -29.37 19.85 -33.11
C GLU C 157 -29.43 19.33 -34.55
N GLU C 158 -28.49 19.81 -35.36
CA GLU C 158 -28.39 19.45 -36.77
C GLU C 158 -27.86 18.04 -37.02
N ARG C 159 -26.79 17.69 -36.33
CA ARG C 159 -26.17 16.36 -36.47
C ARG C 159 -27.17 15.27 -36.13
N ILE C 160 -28.03 15.55 -35.17
CA ILE C 160 -29.04 14.61 -34.72
C ILE C 160 -30.02 14.29 -35.84
N GLU C 161 -30.57 15.34 -36.43
CA GLU C 161 -31.56 15.22 -37.50
C GLU C 161 -30.99 14.62 -38.78
N GLU C 162 -29.72 14.92 -39.08
CA GLU C 162 -29.11 14.43 -40.31
C GLU C 162 -28.34 13.11 -40.20
N PHE C 163 -27.54 12.95 -39.15
CA PHE C 163 -26.75 11.74 -38.99
C PHE C 163 -27.21 10.84 -37.84
N GLY C 164 -27.99 11.40 -36.94
CA GLY C 164 -28.50 10.62 -35.82
C GLY C 164 -27.52 10.23 -34.72
N ASN C 165 -26.49 11.04 -34.51
CA ASN C 165 -25.51 10.75 -33.47
C ASN C 165 -26.24 10.76 -32.13
N ARG C 166 -25.91 9.80 -31.27
CA ARG C 166 -26.56 9.72 -29.97
C ARG C 166 -25.70 10.29 -28.85
N SER C 167 -24.42 10.49 -29.15
CA SER C 167 -23.48 11.05 -28.18
C SER C 167 -22.65 12.17 -28.80
N PHE C 168 -22.32 13.17 -28.00
CA PHE C 168 -21.53 14.31 -28.48
C PHE C 168 -20.37 14.63 -27.55
N LYS C 169 -19.24 14.99 -28.15
CA LYS C 169 -18.02 15.32 -27.41
C LYS C 169 -17.65 16.79 -27.58
N LEU C 170 -17.71 17.55 -26.49
CA LEU C 170 -17.39 18.98 -26.54
C LEU C 170 -15.95 19.23 -26.12
N LYS C 171 -15.15 19.76 -27.05
CA LYS C 171 -13.75 20.08 -26.78
C LYS C 171 -13.65 21.33 -25.92
N GLY C 173 -10.73 23.86 -23.16
CA GLY C 173 -9.35 24.25 -22.90
C GLY C 173 -8.93 25.59 -23.44
N ALA C 174 -9.80 26.23 -24.22
CA ALA C 174 -9.46 27.52 -24.79
C ALA C 174 -9.94 28.68 -23.93
N GLY C 175 -9.01 29.54 -23.54
CA GLY C 175 -9.36 30.68 -22.71
C GLY C 175 -9.70 30.35 -21.27
N ASP C 176 -10.39 31.29 -20.62
CA ASP C 176 -10.78 31.17 -19.22
C ASP C 176 -11.56 29.90 -18.88
N PRO C 177 -11.10 29.16 -17.85
CA PRO C 177 -11.73 27.91 -17.41
C PRO C 177 -13.18 28.13 -16.94
N ALA C 178 -13.38 29.13 -16.07
CA ALA C 178 -14.69 29.43 -15.54
C ALA C 178 -15.69 29.69 -16.66
N GLU C 179 -15.27 30.47 -17.64
CA GLU C 179 -16.13 30.78 -18.77
C GLU C 179 -16.29 29.55 -19.65
N ASP C 180 -15.21 28.81 -19.81
CA ASP C 180 -15.23 27.60 -20.62
C ASP C 180 -16.16 26.58 -19.97
N THR C 181 -16.18 26.56 -18.64
CA THR C 181 -17.02 25.63 -17.89
C THR C 181 -18.49 26.05 -17.99
N ARG C 182 -18.73 27.35 -17.93
CA ARG C 182 -20.08 27.90 -18.01
C ARG C 182 -20.69 27.58 -19.37
N ARG C 183 -19.87 27.67 -20.41
CA ARG C 183 -20.31 27.38 -21.77
C ARG C 183 -20.89 25.97 -21.84
N VAL C 184 -20.04 24.99 -21.55
CA VAL C 184 -20.43 23.57 -21.59
C VAL C 184 -21.59 23.28 -20.64
N ALA C 185 -21.52 23.85 -19.43
CA ALA C 185 -22.56 23.63 -18.43
C ALA C 185 -23.93 24.08 -18.94
N GLU C 186 -23.99 25.30 -19.49
CA GLU C 186 -25.24 25.81 -20.01
C GLU C 186 -25.70 24.99 -21.20
N LEU C 187 -24.76 24.60 -22.05
CA LEU C 187 -25.08 23.79 -23.22
C LEU C 187 -25.59 22.42 -22.76
N ALA C 188 -25.04 21.95 -21.64
CA ALA C 188 -25.43 20.66 -21.09
C ALA C 188 -26.91 20.63 -20.77
N ARG C 189 -27.42 21.75 -20.26
CA ARG C 189 -28.83 21.83 -19.90
C ARG C 189 -29.74 21.95 -21.12
N GLU C 190 -29.36 22.81 -22.07
CA GLU C 190 -30.14 23.00 -23.28
C GLU C 190 -30.36 21.68 -24.01
N VAL C 191 -29.35 20.83 -24.01
CA VAL C 191 -29.42 19.52 -24.67
C VAL C 191 -29.52 18.41 -23.62
N GLY C 192 -28.36 17.98 -23.14
CA GLY C 192 -28.25 16.95 -22.12
C GLY C 192 -29.25 15.80 -22.15
N ASP C 193 -30.43 16.06 -21.60
CA ASP C 193 -31.50 15.07 -21.51
C ASP C 193 -31.67 14.14 -22.72
N ARG C 194 -31.44 14.66 -23.92
CA ARG C 194 -31.61 13.85 -25.12
C ARG C 194 -30.40 13.03 -25.56
N VAL C 195 -29.19 13.53 -25.33
CA VAL C 195 -28.00 12.80 -25.72
C VAL C 195 -26.92 12.69 -24.64
N SER C 196 -26.00 11.76 -24.85
CA SER C 196 -24.89 11.53 -23.94
C SER C 196 -23.84 12.60 -24.24
N LEU C 197 -23.54 13.44 -23.27
CA LEU C 197 -22.55 14.51 -23.44
C LEU C 197 -21.21 14.20 -22.76
N ARG C 198 -20.11 14.40 -23.48
CA ARG C 198 -18.76 14.17 -22.96
C ARG C 198 -17.92 15.40 -23.24
N ILE C 199 -16.77 15.50 -22.57
CA ILE C 199 -15.87 16.62 -22.78
C ILE C 199 -14.44 16.14 -22.95
N ASP C 200 -13.58 17.00 -23.50
CA ASP C 200 -12.17 16.67 -23.71
C ASP C 200 -11.38 17.98 -23.63
N ILE C 201 -10.42 18.06 -22.70
CA ILE C 201 -9.63 19.28 -22.57
C ILE C 201 -8.21 19.06 -23.05
N ASN C 202 -7.95 17.90 -23.65
CA ASN C 202 -6.62 17.59 -24.16
C ASN C 202 -5.51 17.92 -23.17
N ALA C 203 -5.72 17.58 -21.90
CA ALA C 203 -4.73 17.78 -20.84
C ALA C 203 -4.27 19.22 -20.66
N ARG C 204 -5.12 20.19 -20.98
CA ARG C 204 -4.72 21.58 -20.86
C ARG C 204 -5.16 22.29 -19.58
N TRP C 205 -5.81 21.56 -18.68
CA TRP C 205 -6.21 22.15 -17.40
C TRP C 205 -5.23 21.59 -16.38
N ASP C 206 -4.81 22.39 -15.40
CA ASP C 206 -3.91 21.82 -14.39
C ASP C 206 -4.78 21.08 -13.38
N ARG C 207 -4.17 20.29 -12.50
CA ARG C 207 -4.95 19.52 -11.54
C ARG C 207 -5.97 20.34 -10.74
N ARG C 208 -5.52 21.47 -10.20
CA ARG C 208 -6.41 22.32 -9.39
C ARG C 208 -7.62 22.85 -10.15
N THR C 209 -7.39 23.33 -11.37
CA THR C 209 -8.47 23.87 -12.17
C THR C 209 -9.53 22.81 -12.46
N ALA C 210 -9.10 21.61 -12.89
CA ALA C 210 -10.05 20.53 -13.17
C ALA C 210 -10.83 20.12 -11.92
N LEU C 211 -10.14 19.99 -10.80
CA LEU C 211 -10.82 19.58 -9.57
C LEU C 211 -11.83 20.64 -9.11
N HIS C 212 -11.57 21.89 -9.48
CA HIS C 212 -12.47 22.98 -9.09
C HIS C 212 -13.70 23.12 -9.98
N TYR C 213 -13.53 23.05 -11.30
CA TYR C 213 -14.66 23.22 -12.21
C TYR C 213 -15.40 21.98 -12.69
N LEU C 214 -14.71 20.86 -12.87
CA LEU C 214 -15.38 19.65 -13.33
C LEU C 214 -16.64 19.28 -12.55
N PRO C 215 -16.67 19.54 -11.23
CA PRO C 215 -17.88 19.20 -10.48
C PRO C 215 -19.12 19.90 -11.05
N ILE C 216 -18.93 21.10 -11.57
CA ILE C 216 -20.04 21.87 -12.15
C ILE C 216 -20.57 21.12 -13.36
N LEU C 217 -19.66 20.60 -14.17
CA LEU C 217 -20.06 19.85 -15.36
C LEU C 217 -20.76 18.58 -14.91
N ALA C 218 -20.23 17.95 -13.86
CA ALA C 218 -20.84 16.74 -13.34
C ALA C 218 -22.30 17.04 -13.02
N GLU C 219 -22.52 18.12 -12.27
CA GLU C 219 -23.87 18.51 -11.89
C GLU C 219 -24.72 18.88 -13.12
N ALA C 220 -24.08 19.40 -14.16
CA ALA C 220 -24.78 19.79 -15.38
C ALA C 220 -25.12 18.61 -16.29
N GLY C 221 -24.59 17.43 -15.98
CA GLY C 221 -24.91 16.26 -16.79
C GLY C 221 -23.83 15.60 -17.64
N VAL C 222 -22.61 16.14 -17.63
CA VAL C 222 -21.55 15.51 -18.43
C VAL C 222 -21.24 14.12 -17.85
N GLU C 223 -21.29 13.11 -18.71
CA GLU C 223 -21.05 11.72 -18.28
C GLU C 223 -19.62 11.21 -18.45
N LEU C 224 -18.76 11.97 -19.12
CA LEU C 224 -17.39 11.52 -19.33
C LEU C 224 -16.39 12.66 -19.45
N PHE C 225 -15.33 12.58 -18.66
CA PHE C 225 -14.28 13.60 -18.71
C PHE C 225 -13.04 12.99 -19.34
N GLU C 226 -12.81 13.28 -20.62
CA GLU C 226 -11.63 12.76 -21.31
C GLU C 226 -10.44 13.66 -21.04
N GLN C 227 -9.32 13.02 -20.69
CA GLN C 227 -8.05 13.67 -20.41
C GLN C 227 -8.13 15.18 -20.12
N PRO C 228 -8.68 15.55 -18.96
CA PRO C 228 -8.76 16.98 -18.64
C PRO C 228 -7.44 17.53 -18.14
N THR C 229 -6.58 16.63 -17.66
CA THR C 229 -5.31 17.03 -17.09
C THR C 229 -4.08 16.34 -17.70
N PRO C 230 -2.86 16.76 -17.31
CA PRO C 230 -1.60 16.21 -17.80
C PRO C 230 -1.55 14.68 -17.94
N ALA C 231 -0.94 14.22 -19.01
CA ALA C 231 -0.84 12.79 -19.31
C ALA C 231 -0.10 11.98 -18.25
N ASP C 232 0.93 12.57 -17.65
CA ASP C 232 1.73 11.90 -16.64
C ASP C 232 1.04 11.76 -15.29
N ASP C 233 0.01 12.55 -15.04
CA ASP C 233 -0.64 12.54 -13.74
C ASP C 233 -1.81 11.58 -13.58
N LEU C 234 -1.49 10.29 -13.48
CA LEU C 234 -2.53 9.27 -13.33
C LEU C 234 -3.34 9.43 -12.06
N GLU C 235 -2.68 9.86 -10.98
CA GLU C 235 -3.36 10.04 -9.71
C GLU C 235 -4.45 11.10 -9.75
N THR C 236 -4.24 12.15 -10.54
CA THR C 236 -5.24 13.20 -10.66
C THR C 236 -6.47 12.72 -11.41
N LEU C 237 -6.27 11.85 -12.40
CA LEU C 237 -7.41 11.31 -13.14
C LEU C 237 -8.28 10.49 -12.21
N ARG C 238 -7.64 9.77 -11.29
CA ARG C 238 -8.35 8.96 -10.33
C ARG C 238 -9.06 9.86 -9.32
N GLU C 239 -8.36 10.88 -8.84
CA GLU C 239 -8.93 11.78 -7.85
C GLU C 239 -10.14 12.56 -8.38
N ILE C 240 -10.15 12.93 -9.66
CA ILE C 240 -11.32 13.67 -10.10
C ILE C 240 -12.55 12.78 -10.09
N THR C 241 -12.39 11.51 -10.47
CA THR C 241 -13.52 10.59 -10.45
C THR C 241 -13.95 10.37 -9.02
N ARG C 242 -12.98 10.36 -8.09
CA ARG C 242 -13.31 10.19 -6.68
C ARG C 242 -14.19 11.32 -6.17
N ARG C 243 -13.84 12.56 -6.51
CA ARG C 243 -14.58 13.73 -6.08
C ARG C 243 -15.83 14.06 -6.88
N THR C 244 -16.00 13.46 -8.05
CA THR C 244 -17.19 13.75 -8.86
C THR C 244 -18.04 12.53 -9.19
N ASN C 245 -17.45 11.34 -9.11
CA ASN C 245 -18.16 10.10 -9.43
C ASN C 245 -18.49 9.96 -10.91
N VAL C 246 -17.78 10.69 -11.76
CA VAL C 246 -18.03 10.57 -13.19
C VAL C 246 -16.78 10.02 -13.86
N SER C 247 -17.00 9.11 -14.80
CA SER C 247 -15.94 8.44 -15.52
C SER C 247 -14.97 9.35 -16.23
N VAL C 248 -13.74 8.89 -16.31
CA VAL C 248 -12.67 9.59 -16.98
C VAL C 248 -12.25 8.65 -18.10
N ALA C 250 -9.00 8.02 -20.50
CA ALA C 250 -7.61 8.41 -20.69
C ALA C 250 -7.30 8.41 -22.18
N ASP C 251 -6.58 9.43 -22.65
CA ASP C 251 -6.20 9.54 -24.06
C ASP C 251 -4.68 9.73 -24.13
N GLU C 252 -4.20 10.95 -23.95
CA GLU C 252 -2.75 11.15 -24.01
C GLU C 252 -2.01 10.35 -22.93
N SER C 253 -2.72 9.91 -21.89
CA SER C 253 -2.09 9.12 -20.82
C SER C 253 -1.78 7.71 -21.30
N VAL C 254 -2.41 7.29 -22.39
CA VAL C 254 -2.21 5.94 -22.89
C VAL C 254 -1.88 5.82 -24.39
N TRP C 255 -0.61 5.54 -24.70
CA TRP C 255 -0.18 5.34 -26.08
C TRP C 255 0.31 3.89 -26.19
N THR C 256 1.06 3.47 -25.17
CA THR C 256 1.68 2.15 -25.13
C THR C 256 1.01 1.12 -24.21
N PRO C 257 1.30 -0.17 -24.44
CA PRO C 257 0.72 -1.22 -23.59
C PRO C 257 1.13 -0.99 -22.15
N ALA C 258 2.39 -0.60 -21.93
CA ALA C 258 2.89 -0.35 -20.59
C ALA C 258 2.08 0.78 -19.94
N GLU C 259 1.75 1.81 -20.71
CA GLU C 259 0.96 2.92 -20.17
C GLU C 259 -0.49 2.50 -19.91
N ALA C 260 -1.01 1.55 -20.69
CA ALA C 260 -2.37 1.08 -20.44
C ALA C 260 -2.34 0.34 -19.10
N LEU C 261 -1.26 -0.41 -18.88
CA LEU C 261 -1.08 -1.16 -17.64
C LEU C 261 -1.01 -0.21 -16.44
N ALA C 262 -0.21 0.86 -16.56
CA ALA C 262 -0.08 1.83 -15.48
C ALA C 262 -1.44 2.37 -15.08
N VAL C 263 -2.28 2.64 -16.08
CA VAL C 263 -3.61 3.15 -15.84
C VAL C 263 -4.45 2.15 -15.06
N VAL C 264 -4.32 0.87 -15.41
CA VAL C 264 -5.05 -0.19 -14.72
C VAL C 264 -4.64 -0.25 -13.26
N LYS C 265 -3.33 -0.24 -13.03
CA LYS C 265 -2.78 -0.30 -11.66
C LYS C 265 -3.15 0.92 -10.85
N ALA C 266 -3.27 2.07 -11.51
CA ALA C 266 -3.59 3.30 -10.79
C ALA C 266 -5.11 3.56 -10.72
N GLN C 267 -5.91 2.69 -11.34
CA GLN C 267 -7.35 2.85 -11.37
C GLN C 267 -7.65 4.31 -11.77
N ALA C 268 -6.90 4.78 -12.77
CA ALA C 268 -7.00 6.16 -13.26
C ALA C 268 -8.11 6.45 -14.26
N ALA C 269 -8.67 5.42 -14.88
CA ALA C 269 -9.71 5.65 -15.85
C ALA C 269 -10.59 4.43 -16.13
N ASP C 270 -11.87 4.70 -16.35
CA ASP C 270 -12.85 3.67 -16.64
C ASP C 270 -12.79 3.33 -18.13
N VAL C 271 -12.39 4.30 -18.94
CA VAL C 271 -12.35 4.08 -20.37
C VAL C 271 -11.04 4.54 -20.99
N ILE C 272 -10.56 3.78 -21.98
CA ILE C 272 -9.35 4.14 -22.69
C ILE C 272 -9.68 4.54 -24.12
N ALA C 273 -9.09 5.64 -24.58
CA ALA C 273 -9.28 6.13 -25.94
C ALA C 273 -8.30 5.39 -26.83
N LEU C 274 -8.76 4.28 -27.40
CA LEU C 274 -7.93 3.44 -28.26
C LEU C 274 -7.86 3.98 -29.68
N LYS C 275 -6.67 4.44 -30.06
CA LYS C 275 -6.44 4.99 -31.40
C LYS C 275 -5.37 4.19 -32.10
N THR C 276 -5.75 3.55 -33.21
CA THR C 276 -4.82 2.73 -33.96
C THR C 276 -3.58 3.50 -34.39
N THR C 277 -3.71 4.81 -34.55
CA THR C 277 -2.58 5.65 -34.94
C THR C 277 -1.68 5.95 -33.73
N LYS C 278 -2.29 6.39 -32.64
CA LYS C 278 -1.55 6.70 -31.41
C LYS C 278 -0.75 5.51 -30.85
N HIS C 279 -1.30 4.31 -30.95
CA HIS C 279 -0.62 3.15 -30.39
C HIS C 279 0.48 2.59 -31.28
N GLY C 280 0.58 3.10 -32.50
CA GLY C 280 1.62 2.60 -33.37
C GLY C 280 1.24 1.39 -34.22
N GLY C 281 -0.03 1.31 -34.61
CA GLY C 281 -0.44 0.20 -35.46
C GLY C 281 -1.48 -0.74 -34.90
N LEU C 282 -2.00 -1.60 -35.79
CA LEU C 282 -3.03 -2.57 -35.41
C LEU C 282 -2.54 -3.61 -34.42
N LEU C 283 -1.27 -4.00 -34.52
CA LEU C 283 -0.73 -5.01 -33.62
C LEU C 283 -0.65 -4.48 -32.19
N GLU C 284 -0.22 -3.23 -32.03
CA GLU C 284 -0.12 -2.64 -30.71
C GLU C 284 -1.51 -2.38 -30.17
N SER C 285 -2.43 -2.02 -31.06
CA SER C 285 -3.77 -1.74 -30.62
C SER C 285 -4.41 -2.95 -29.96
N LYS C 286 -4.12 -4.14 -30.52
CA LYS C 286 -4.65 -5.39 -29.97
C LYS C 286 -4.15 -5.57 -28.55
N LYS C 287 -2.93 -5.09 -28.30
CA LYS C 287 -2.34 -5.22 -26.99
C LYS C 287 -3.06 -4.29 -26.00
N ILE C 288 -3.34 -3.06 -26.44
CA ILE C 288 -4.04 -2.10 -25.59
C ILE C 288 -5.38 -2.71 -25.15
N ALA C 289 -6.14 -3.23 -26.13
CA ALA C 289 -7.44 -3.82 -25.84
C ALA C 289 -7.35 -5.00 -24.87
N ALA C 290 -6.33 -5.84 -25.03
CA ALA C 290 -6.18 -6.99 -24.14
C ALA C 290 -5.95 -6.56 -22.70
N ILE C 291 -5.03 -5.61 -22.51
CA ILE C 291 -4.71 -5.12 -21.17
C ILE C 291 -5.93 -4.43 -20.55
N ALA C 292 -6.58 -3.56 -21.32
CA ALA C 292 -7.77 -2.86 -20.81
C ALA C 292 -8.84 -3.88 -20.40
N GLU C 293 -9.18 -4.78 -21.33
CA GLU C 293 -10.20 -5.81 -21.09
C GLU C 293 -9.93 -6.62 -19.82
N ALA C 294 -8.69 -7.10 -19.68
CA ALA C 294 -8.34 -7.90 -18.50
C ALA C 294 -8.56 -7.13 -17.22
N GLY C 295 -8.30 -5.82 -17.26
CA GLY C 295 -8.50 -4.97 -16.10
C GLY C 295 -9.90 -4.39 -16.00
N GLY C 296 -10.77 -4.77 -16.93
CA GLY C 296 -12.13 -4.29 -16.90
C GLY C 296 -12.38 -2.88 -17.45
N LEU C 297 -11.38 -2.29 -18.11
CA LEU C 297 -11.53 -0.95 -18.67
C LEU C 297 -12.11 -1.03 -20.07
N ALA C 298 -13.12 -0.22 -20.34
CA ALA C 298 -13.73 -0.19 -21.65
C ALA C 298 -12.80 0.52 -22.64
N CYS C 299 -12.92 0.18 -23.91
CA CYS C 299 -12.12 0.82 -24.94
C CYS C 299 -13.06 1.53 -25.89
N HIS C 300 -12.69 2.76 -26.25
CA HIS C 300 -13.47 3.58 -27.18
C HIS C 300 -12.67 3.60 -28.47
N GLY C 301 -13.35 3.42 -29.61
CA GLY C 301 -12.67 3.46 -30.90
C GLY C 301 -12.43 4.91 -31.21
N ALA C 302 -11.35 5.45 -30.62
CA ALA C 302 -11.01 6.85 -30.75
C ALA C 302 -10.34 7.24 -32.06
N THR C 303 -10.22 8.54 -32.30
CA THR C 303 -9.63 9.05 -33.53
C THR C 303 -8.58 10.14 -33.35
N SER C 304 -7.63 10.14 -34.26
CA SER C 304 -6.57 11.14 -34.28
C SER C 304 -6.96 12.10 -35.39
N LEU C 305 -8.24 12.04 -35.78
CA LEU C 305 -8.76 12.85 -36.88
C LEU C 305 -8.08 12.35 -38.15
N GLU C 306 -8.12 11.03 -38.32
CA GLU C 306 -7.51 10.38 -39.48
C GLU C 306 -8.33 10.67 -40.72
N GLY C 307 -7.69 10.56 -41.88
CA GLY C 307 -8.41 10.77 -43.12
C GLY C 307 -9.19 9.50 -43.37
N PRO C 308 -9.67 9.26 -44.60
CA PRO C 308 -10.44 8.05 -44.92
C PRO C 308 -9.66 6.74 -44.79
N ILE C 309 -8.37 6.79 -45.09
CA ILE C 309 -7.52 5.59 -44.99
C ILE C 309 -7.30 5.18 -43.54
N GLY C 310 -7.02 6.17 -42.69
CA GLY C 310 -6.79 5.90 -41.29
C GLY C 310 -8.07 5.49 -40.60
N THR C 311 -9.15 6.20 -40.92
CA THR C 311 -10.45 5.92 -40.34
C THR C 311 -10.89 4.50 -40.69
N ALA C 312 -10.54 4.04 -41.89
CA ALA C 312 -10.89 2.70 -42.33
C ALA C 312 -10.08 1.66 -41.54
N ALA C 313 -8.83 2.01 -41.23
CA ALA C 313 -7.98 1.08 -40.48
C ALA C 313 -8.53 0.85 -39.08
N SER C 314 -9.00 1.92 -38.44
CA SER C 314 -9.57 1.83 -37.10
C SER C 314 -10.91 1.12 -37.15
N LEU C 315 -11.63 1.29 -38.25
CA LEU C 315 -12.92 0.64 -38.39
C LEU C 315 -12.72 -0.87 -38.52
N GLN C 316 -11.67 -1.29 -39.20
CA GLN C 316 -11.39 -2.72 -39.36
C GLN C 316 -10.96 -3.26 -37.98
N PHE C 317 -10.29 -2.43 -37.20
CA PHE C 317 -9.85 -2.86 -35.87
C PHE C 317 -11.09 -3.12 -35.00
N ALA C 318 -11.99 -2.14 -35.01
CA ALA C 318 -13.21 -2.24 -34.23
C ALA C 318 -14.12 -3.39 -34.67
N ALA C 319 -14.05 -3.75 -35.94
CA ALA C 319 -14.87 -4.84 -36.45
C ALA C 319 -14.44 -6.17 -35.87
N SER C 320 -13.16 -6.25 -35.49
CA SER C 320 -12.60 -7.48 -34.97
C SER C 320 -12.26 -7.47 -33.48
N THR C 321 -12.53 -6.37 -32.78
CA THR C 321 -12.15 -6.28 -31.38
C THR C 321 -13.33 -6.11 -30.44
N LYS C 322 -13.71 -7.20 -29.79
CA LYS C 322 -14.83 -7.19 -28.84
C LYS C 322 -14.58 -6.12 -27.78
N ALA C 323 -13.34 -6.01 -27.33
CA ALA C 323 -12.91 -5.05 -26.31
C ALA C 323 -13.24 -3.58 -26.64
N ILE C 324 -13.59 -3.30 -27.89
CA ILE C 324 -14.01 -1.94 -28.26
C ILE C 324 -15.46 -2.05 -27.83
N SER C 325 -15.72 -1.64 -26.59
CA SER C 325 -17.05 -1.75 -25.96
C SER C 325 -17.77 -0.45 -25.68
N TYR C 326 -17.17 0.68 -26.03
CA TYR C 326 -17.80 1.96 -25.74
C TYR C 326 -17.94 2.85 -26.97
N GLY C 327 -18.41 2.26 -28.08
CA GLY C 327 -18.58 3.00 -29.32
C GLY C 327 -17.28 3.55 -29.88
N THR C 328 -17.41 4.52 -30.78
CA THR C 328 -16.25 5.13 -31.42
C THR C 328 -16.55 6.59 -31.74
N GLU C 329 -15.54 7.29 -32.23
CA GLU C 329 -15.66 8.69 -32.66
C GLU C 329 -14.95 8.76 -34.01
N LEU C 330 -15.13 7.70 -34.80
CA LEU C 330 -14.50 7.61 -36.12
C LEU C 330 -15.31 8.37 -37.16
N PHE C 331 -15.30 9.69 -37.06
CA PHE C 331 -16.03 10.55 -37.98
C PHE C 331 -15.03 11.36 -38.80
N GLY C 332 -13.76 11.03 -38.66
CA GLY C 332 -12.72 11.74 -39.37
C GLY C 332 -13.09 12.22 -40.76
N PRO C 333 -13.42 11.30 -41.69
CA PRO C 333 -13.79 11.66 -43.06
C PRO C 333 -14.83 12.79 -43.17
N GLN C 334 -15.85 12.74 -42.32
CA GLN C 334 -16.89 13.76 -42.34
C GLN C 334 -16.40 15.17 -42.07
N LEU C 335 -15.15 15.30 -41.66
CA LEU C 335 -14.58 16.61 -41.35
C LEU C 335 -13.86 17.21 -42.55
N LEU C 336 -13.38 16.36 -43.46
CA LEU C 336 -12.66 16.80 -44.64
C LEU C 336 -13.60 17.31 -45.73
N LYS C 337 -13.39 18.56 -46.17
CA LYS C 337 -14.21 19.16 -47.20
C LYS C 337 -14.19 18.34 -48.49
N ASP C 338 -13.14 17.53 -48.65
CA ASP C 338 -12.99 16.67 -49.82
C ASP C 338 -12.30 15.39 -49.37
N THR C 339 -12.26 14.38 -50.23
CA THR C 339 -11.64 13.11 -49.89
C THR C 339 -10.68 12.63 -50.97
N TYR C 340 -9.99 11.52 -50.69
CA TYR C 340 -9.06 10.95 -51.66
C TYR C 340 -9.15 9.43 -51.64
N ILE C 341 -10.36 8.92 -51.44
CA ILE C 341 -10.54 7.48 -51.34
C ILE C 341 -11.66 6.84 -52.17
N VAL C 342 -12.02 7.46 -53.29
CA VAL C 342 -13.06 6.91 -54.19
C VAL C 342 -14.45 6.70 -53.57
N GLN C 343 -14.57 5.65 -52.75
CA GLN C 343 -15.85 5.33 -52.10
C GLN C 343 -16.20 6.33 -51.00
N GLU C 344 -17.39 6.17 -50.45
CA GLU C 344 -17.86 7.04 -49.37
C GLU C 344 -18.15 6.17 -48.16
N PHE C 345 -18.24 6.81 -46.99
CA PHE C 345 -18.54 6.10 -45.76
C PHE C 345 -20.03 6.26 -45.46
N GLU C 346 -20.68 5.15 -45.12
CA GLU C 346 -22.11 5.15 -44.85
C GLU C 346 -22.45 5.51 -43.40
N TYR C 347 -22.66 6.80 -43.16
CA TYR C 347 -23.00 7.29 -41.83
C TYR C 347 -24.50 7.52 -41.69
N LYS C 348 -25.18 6.69 -40.91
CA LYS C 348 -26.61 6.85 -40.69
C LYS C 348 -27.08 6.25 -39.38
N ASP C 349 -27.99 6.95 -38.71
CA ASP C 349 -28.53 6.52 -37.43
C ASP C 349 -27.45 6.47 -36.35
N GLY C 350 -26.65 7.53 -36.30
CA GLY C 350 -25.58 7.60 -35.31
C GLY C 350 -24.56 6.48 -35.41
N GLN C 351 -24.42 5.90 -36.59
CA GLN C 351 -23.45 4.82 -36.78
C GLN C 351 -22.78 4.92 -38.14
N VAL C 352 -21.73 4.12 -38.33
CA VAL C 352 -21.02 4.05 -39.59
C VAL C 352 -20.78 2.58 -39.84
N ALA C 353 -21.06 2.13 -41.07
CA ALA C 353 -20.86 0.73 -41.42
C ALA C 353 -19.38 0.47 -41.62
N ILE C 354 -18.95 -0.76 -41.38
CA ILE C 354 -17.55 -1.12 -41.56
C ILE C 354 -17.33 -1.39 -43.05
N PRO C 355 -16.31 -0.73 -43.65
CA PRO C 355 -15.96 -0.87 -45.07
C PRO C 355 -15.72 -2.31 -45.53
N GLN C 356 -16.61 -2.82 -46.36
CA GLN C 356 -16.49 -4.16 -46.88
C GLN C 356 -15.54 -4.16 -48.07
N GLY C 357 -14.86 -5.28 -48.28
CA GLY C 357 -13.92 -5.38 -49.40
C GLY C 357 -12.52 -5.66 -48.88
N PRO C 358 -11.57 -6.04 -49.78
CA PRO C 358 -10.18 -6.34 -49.41
C PRO C 358 -9.45 -5.11 -48.86
N GLY C 359 -8.28 -5.35 -48.26
CA GLY C 359 -7.51 -4.26 -47.68
C GLY C 359 -8.39 -3.49 -46.71
N LEU C 360 -8.16 -2.19 -46.57
CA LEU C 360 -8.98 -1.41 -45.66
C LEU C 360 -10.43 -1.34 -46.12
N GLY C 361 -10.69 -1.91 -47.30
CA GLY C 361 -12.04 -1.90 -47.83
C GLY C 361 -12.41 -0.54 -48.40
N VAL C 362 -11.40 0.21 -48.77
CA VAL C 362 -11.60 1.54 -49.32
C VAL C 362 -10.36 1.77 -50.20
N ASP C 363 -10.61 2.14 -51.47
CA ASP C 363 -9.54 2.35 -52.46
C ASP C 363 -9.12 3.80 -52.65
N VAL C 364 -7.82 4.02 -52.77
CA VAL C 364 -7.31 5.38 -52.96
C VAL C 364 -7.51 5.89 -54.37
N ASP C 365 -7.76 7.20 -54.48
CA ASP C 365 -7.91 7.87 -55.76
C ASP C 365 -6.63 8.67 -55.90
N ASP C 367 -5.43 10.59 -58.24
CA ASP C 367 -5.51 11.94 -58.76
C ASP C 367 -5.77 12.85 -57.56
N LYS C 368 -6.60 12.37 -56.65
CA LYS C 368 -6.95 13.10 -55.44
C LYS C 368 -5.73 13.25 -54.54
N VAL C 369 -4.97 12.17 -54.38
CA VAL C 369 -3.77 12.21 -53.57
C VAL C 369 -2.82 13.27 -54.10
N ASN C 370 -2.54 13.22 -55.41
CA ASN C 370 -1.66 14.19 -56.05
C ASN C 370 -2.16 15.61 -55.86
N PHE C 371 -3.46 15.81 -56.06
CA PHE C 371 -4.06 17.13 -55.91
C PHE C 371 -3.84 17.75 -54.53
N TYR C 372 -3.70 16.90 -53.51
CA TYR C 372 -3.51 17.40 -52.15
C TYR C 372 -2.11 17.23 -51.58
N THR C 373 -1.21 16.64 -52.35
CA THR C 373 0.18 16.45 -51.89
C THR C 373 0.86 17.82 -51.73
N ARG C 374 1.79 17.90 -50.79
CA ARG C 374 2.50 19.14 -50.52
C ARG C 374 3.81 19.20 -51.32
N ASP D 5 -19.88 -20.48 -48.00
CA ASP D 5 -18.61 -21.10 -48.49
C ASP D 5 -17.68 -21.41 -47.32
N LEU D 6 -17.45 -20.41 -46.48
CA LEU D 6 -16.60 -20.55 -45.31
C LEU D 6 -17.47 -21.01 -44.14
N THR D 7 -18.77 -21.12 -44.40
CA THR D 7 -19.76 -21.55 -43.40
C THR D 7 -19.38 -22.85 -42.70
N ILE D 8 -19.50 -22.86 -41.37
CA ILE D 8 -19.20 -24.06 -40.58
C ILE D 8 -20.44 -24.95 -40.65
N GLN D 9 -20.30 -26.09 -41.32
CA GLN D 9 -21.40 -27.03 -41.47
C GLN D 9 -21.46 -28.03 -40.35
N LYS D 10 -20.30 -28.52 -39.94
CA LYS D 10 -20.26 -29.52 -38.90
C LYS D 10 -19.03 -29.35 -38.01
N VAL D 11 -19.09 -29.95 -36.82
CA VAL D 11 -18.01 -29.92 -35.86
C VAL D 11 -18.04 -31.25 -35.13
N GLU D 12 -16.94 -31.99 -35.19
CA GLU D 12 -16.87 -33.29 -34.54
C GLU D 12 -15.72 -33.34 -33.53
N SER D 13 -15.83 -34.23 -32.56
CA SER D 13 -14.79 -34.40 -31.55
C SER D 13 -14.55 -35.89 -31.33
N ARG D 14 -13.28 -36.28 -31.30
CA ARG D 14 -12.90 -37.67 -31.09
C ARG D 14 -11.92 -37.76 -29.92
N ILE D 15 -12.14 -38.72 -29.03
CA ILE D 15 -11.20 -38.89 -27.95
C ILE D 15 -10.17 -39.89 -28.45
N LEU D 16 -8.91 -39.50 -28.45
CA LEU D 16 -7.83 -40.36 -28.90
C LEU D 16 -7.00 -40.79 -27.70
N ASP D 17 -6.63 -42.06 -27.67
CA ASP D 17 -5.80 -42.58 -26.60
C ASP D 17 -4.54 -43.14 -27.25
N VAL D 18 -3.49 -42.33 -27.25
CA VAL D 18 -2.23 -42.73 -27.85
C VAL D 18 -1.17 -43.04 -26.81
N PRO D 19 -0.56 -44.23 -26.88
CA PRO D 19 0.48 -44.69 -25.97
C PRO D 19 1.77 -43.88 -25.97
N LEU D 20 2.31 -43.70 -24.77
CA LEU D 20 3.55 -42.96 -24.58
C LEU D 20 4.72 -43.93 -24.74
N ILE D 21 5.88 -43.40 -25.11
CA ILE D 21 7.06 -44.21 -25.27
C ILE D 21 7.54 -44.71 -23.91
N ARG D 22 7.21 -43.97 -22.86
CA ARG D 22 7.60 -44.32 -21.50
C ARG D 22 6.60 -43.74 -20.50
N PRO D 23 6.52 -44.32 -19.30
CA PRO D 23 5.60 -43.84 -18.26
C PRO D 23 5.99 -42.43 -17.79
N HIS D 24 5.04 -41.51 -17.83
CA HIS D 24 5.31 -40.12 -17.41
C HIS D 24 4.72 -39.89 -16.03
N GLY D 25 5.59 -39.85 -15.02
CA GLY D 25 5.16 -39.66 -13.65
C GLY D 25 5.11 -38.23 -13.15
N PHE D 26 3.99 -37.89 -12.50
CA PHE D 26 3.77 -36.56 -11.95
C PHE D 26 3.75 -36.61 -10.42
N ALA D 27 3.33 -35.51 -9.79
CA ALA D 27 3.29 -35.42 -8.33
C ALA D 27 2.23 -36.26 -7.64
N THR D 28 1.21 -36.70 -8.37
CA THR D 28 0.15 -37.51 -7.77
C THR D 28 -0.29 -38.67 -8.66
N THR D 29 0.03 -38.57 -9.95
CA THR D 29 -0.37 -39.61 -10.90
C THR D 29 0.75 -40.00 -11.86
N THR D 30 0.51 -41.06 -12.64
CA THR D 30 1.48 -41.55 -13.62
C THR D 30 0.77 -41.92 -14.92
N SER D 31 1.30 -41.44 -16.04
CA SER D 31 0.70 -41.72 -17.35
C SER D 31 1.43 -42.77 -18.17
N THR D 32 0.68 -43.45 -19.02
CA THR D 32 1.22 -44.48 -19.91
C THR D 32 0.65 -44.23 -21.31
N GLU D 33 -0.37 -43.38 -21.35
CA GLU D 33 -1.01 -43.00 -22.60
C GLU D 33 -1.58 -41.59 -22.43
N GLN D 34 -1.53 -40.79 -23.49
CA GLN D 34 -2.07 -39.44 -23.44
C GLN D 34 -3.43 -39.42 -24.10
N HIS D 35 -4.37 -38.74 -23.47
CA HIS D 35 -5.73 -38.64 -23.99
C HIS D 35 -5.84 -37.30 -24.73
N ILE D 36 -6.36 -37.33 -25.94
CA ILE D 36 -6.47 -36.11 -26.72
C ILE D 36 -7.82 -36.01 -27.40
N LEU D 37 -8.53 -34.92 -27.16
CA LEU D 37 -9.81 -34.73 -27.79
C LEU D 37 -9.51 -34.04 -29.12
N LEU D 38 -9.60 -34.79 -30.22
CA LEU D 38 -9.34 -34.22 -31.53
C LEU D 38 -10.63 -33.62 -32.04
N VAL D 39 -10.66 -32.30 -32.12
CA VAL D 39 -11.84 -31.59 -32.59
C VAL D 39 -11.64 -31.15 -34.04
N SER D 40 -12.70 -31.28 -34.83
CA SER D 40 -12.64 -30.90 -36.24
C SER D 40 -13.77 -29.97 -36.63
N VAL D 41 -13.41 -28.92 -37.39
CA VAL D 41 -14.37 -27.95 -37.88
C VAL D 41 -14.49 -28.15 -39.40
N HIS D 42 -15.67 -28.58 -39.83
CA HIS D 42 -15.92 -28.86 -41.25
C HIS D 42 -16.64 -27.71 -41.95
N LEU D 43 -15.97 -27.09 -42.92
CA LEU D 43 -16.55 -25.98 -43.66
C LEU D 43 -17.27 -26.43 -44.93
N GLU D 44 -18.17 -25.57 -45.40
CA GLU D 44 -18.97 -25.82 -46.59
C GLU D 44 -18.08 -26.18 -47.78
N ASN D 45 -17.01 -25.40 -47.96
CA ASN D 45 -16.07 -25.61 -49.05
C ASN D 45 -15.30 -26.93 -48.91
N GLY D 46 -15.72 -27.76 -47.97
CA GLY D 46 -15.06 -29.04 -47.78
C GLY D 46 -13.75 -29.05 -47.01
N VAL D 47 -13.25 -27.87 -46.61
CA VAL D 47 -12.00 -27.86 -45.85
C VAL D 47 -12.28 -28.26 -44.41
N ILE D 48 -11.33 -28.93 -43.78
CA ILE D 48 -11.50 -29.36 -42.40
C ILE D 48 -10.28 -28.95 -41.59
N GLY D 49 -10.53 -28.27 -40.47
CA GLY D 49 -9.45 -27.84 -39.59
C GLY D 49 -9.51 -28.62 -38.29
N TYR D 50 -8.36 -28.79 -37.63
CA TYR D 50 -8.30 -29.54 -36.39
C TYR D 50 -7.73 -28.78 -35.19
N GLY D 51 -8.15 -29.21 -34.02
CA GLY D 51 -7.70 -28.61 -32.78
C GLY D 51 -7.68 -29.67 -31.70
N GLU D 52 -6.85 -29.47 -30.67
CA GLU D 52 -6.74 -30.44 -29.59
C GLU D 52 -7.23 -29.95 -28.21
N GLY D 53 -7.99 -30.82 -27.56
CA GLY D 53 -8.48 -30.56 -26.22
C GLY D 53 -7.64 -31.53 -25.41
N VAL D 54 -6.57 -31.02 -24.81
CA VAL D 54 -5.68 -31.88 -24.05
C VAL D 54 -5.14 -31.25 -22.77
N VAL D 55 -5.13 -32.05 -21.71
CA VAL D 55 -4.61 -31.65 -20.42
C VAL D 55 -3.48 -32.61 -20.09
N PRO D 56 -2.57 -32.21 -19.21
CA PRO D 56 -1.46 -33.10 -18.85
C PRO D 56 -1.91 -34.32 -18.04
N GLY D 57 -2.02 -35.47 -18.70
CA GLY D 57 -2.42 -36.69 -18.01
C GLY D 57 -3.89 -36.87 -17.71
N GLY D 58 -4.44 -36.04 -16.83
CA GLY D 58 -5.85 -36.15 -16.49
C GLY D 58 -6.40 -34.91 -15.82
N PRO D 59 -7.60 -34.99 -15.20
CA PRO D 59 -8.25 -33.88 -14.52
C PRO D 59 -7.56 -33.46 -13.23
N TRP D 60 -6.50 -34.16 -12.86
CA TRP D 60 -5.75 -33.83 -11.66
C TRP D 60 -5.07 -32.48 -11.84
N TRP D 61 -4.84 -32.08 -13.09
CA TRP D 61 -4.15 -30.82 -13.36
C TRP D 61 -5.01 -29.59 -13.10
N GLY D 62 -6.22 -29.55 -13.68
CA GLY D 62 -7.08 -28.41 -13.49
C GLY D 62 -8.57 -28.71 -13.49
N GLY D 63 -8.94 -29.99 -13.43
CA GLY D 63 -10.35 -30.33 -13.38
C GLY D 63 -11.04 -30.62 -14.70
N GLU D 64 -10.35 -30.39 -15.81
CA GLU D 64 -10.92 -30.69 -17.11
C GLU D 64 -10.24 -31.96 -17.61
N SER D 65 -10.98 -32.78 -18.35
CA SER D 65 -10.43 -34.02 -18.90
C SER D 65 -11.02 -34.23 -20.28
N VAL D 66 -10.42 -35.14 -21.05
CA VAL D 66 -10.91 -35.39 -22.39
C VAL D 66 -12.41 -35.70 -22.36
N GLU D 67 -12.87 -36.43 -21.34
CA GLU D 67 -14.29 -36.74 -21.21
C GLU D 67 -15.10 -35.47 -20.96
N THR D 68 -14.60 -34.63 -20.06
CA THR D 68 -15.25 -33.37 -19.73
C THR D 68 -15.31 -32.44 -20.94
N LYS D 70 -15.22 -33.20 -24.09
CA LYS D 70 -16.07 -33.69 -25.16
C LYS D 70 -17.51 -33.27 -24.90
N ALA D 71 -17.96 -33.44 -23.67
CA ALA D 71 -19.32 -33.09 -23.30
C ALA D 71 -19.62 -31.62 -23.58
N LEU D 72 -18.66 -30.74 -23.28
CA LEU D 72 -18.88 -29.31 -23.50
C LEU D 72 -18.81 -28.93 -24.98
N VAL D 73 -17.85 -29.49 -25.69
CA VAL D 73 -17.70 -29.20 -27.11
C VAL D 73 -18.95 -29.66 -27.88
N ASP D 74 -19.28 -30.94 -27.75
CA ASP D 74 -20.45 -31.51 -28.44
C ASP D 74 -21.79 -30.91 -28.01
N GLY D 75 -22.00 -30.82 -26.70
CA GLY D 75 -23.28 -30.33 -26.22
C GLY D 75 -23.53 -28.84 -26.12
N TYR D 76 -22.47 -28.04 -26.04
CA TYR D 76 -22.66 -26.60 -25.88
C TYR D 76 -21.88 -25.69 -26.81
N LEU D 77 -20.59 -25.96 -26.96
CA LEU D 77 -19.77 -25.11 -27.82
C LEU D 77 -20.11 -25.30 -29.30
N ALA D 78 -19.99 -26.53 -29.80
CA ALA D 78 -20.26 -26.85 -31.20
C ALA D 78 -21.52 -26.21 -31.78
N PRO D 79 -22.68 -26.39 -31.13
CA PRO D 79 -23.89 -25.79 -31.68
C PRO D 79 -23.83 -24.28 -31.97
N VAL D 80 -22.87 -23.58 -31.37
CA VAL D 80 -22.74 -22.14 -31.58
C VAL D 80 -22.08 -21.82 -32.92
N LEU D 81 -21.14 -22.66 -33.34
CA LEU D 81 -20.41 -22.46 -34.60
C LEU D 81 -21.21 -22.74 -35.86
N ILE D 82 -21.95 -23.83 -35.86
CA ILE D 82 -22.73 -24.25 -37.01
C ILE D 82 -23.60 -23.16 -37.63
N GLY D 83 -23.36 -22.90 -38.91
CA GLY D 83 -24.14 -21.90 -39.63
C GLY D 83 -23.48 -20.54 -39.84
N ARG D 84 -22.31 -20.34 -39.22
CA ARG D 84 -21.62 -19.07 -39.35
C ARG D 84 -20.32 -19.22 -40.12
N ALA D 85 -19.84 -18.13 -40.70
CA ALA D 85 -18.60 -18.18 -41.46
C ALA D 85 -17.45 -18.28 -40.47
N VAL D 86 -16.46 -19.10 -40.78
CA VAL D 86 -15.33 -19.26 -39.88
C VAL D 86 -14.62 -17.92 -39.76
N SER D 87 -14.89 -17.01 -40.69
CA SER D 87 -14.29 -15.69 -40.69
C SER D 87 -14.95 -14.81 -39.61
N GLU D 88 -15.75 -15.45 -38.76
CA GLU D 88 -16.41 -14.75 -37.66
C GLU D 88 -15.75 -15.23 -36.38
N LEU D 89 -14.66 -15.98 -36.55
CA LEU D 89 -13.86 -16.57 -35.48
C LEU D 89 -13.91 -15.76 -34.16
N ALA D 90 -13.36 -14.54 -34.17
CA ALA D 90 -13.36 -13.74 -32.95
C ALA D 90 -14.74 -13.53 -32.35
N GLY D 91 -15.73 -13.29 -33.22
CA GLY D 91 -17.09 -13.08 -32.75
C GLY D 91 -17.65 -14.35 -32.14
N ILE D 92 -17.33 -15.48 -32.74
CA ILE D 92 -17.79 -16.77 -32.27
C ILE D 92 -17.20 -17.10 -30.89
N ALA D 94 -16.33 -15.10 -28.64
CA ALA D 94 -17.01 -14.28 -27.65
C ALA D 94 -18.37 -14.89 -27.33
N ASP D 95 -19.05 -15.41 -28.34
CA ASP D 95 -20.36 -16.01 -28.12
C ASP D 95 -20.30 -17.28 -27.31
N LEU D 96 -19.18 -17.99 -27.33
CA LEU D 96 -19.11 -19.22 -26.55
C LEU D 96 -19.26 -18.87 -25.06
N GLU D 97 -18.81 -17.68 -24.67
CA GLU D 97 -18.87 -17.23 -23.27
C GLU D 97 -20.31 -17.17 -22.78
N ARG D 98 -21.24 -16.90 -23.69
CA ARG D 98 -22.64 -16.84 -23.33
C ARG D 98 -23.24 -18.19 -22.92
N VAL D 99 -22.66 -19.28 -23.40
CA VAL D 99 -23.17 -20.62 -23.07
C VAL D 99 -22.25 -21.44 -22.18
N VAL D 100 -20.99 -21.07 -22.12
CA VAL D 100 -20.04 -21.78 -21.28
C VAL D 100 -19.01 -20.86 -20.69
N ALA D 101 -19.00 -20.77 -19.36
CA ALA D 101 -18.03 -19.96 -18.65
C ALA D 101 -16.83 -20.86 -18.41
N ARG D 102 -15.65 -20.26 -18.35
CA ARG D 102 -14.43 -21.00 -18.12
C ARG D 102 -14.26 -22.14 -19.12
N ALA D 103 -13.84 -23.31 -18.66
CA ALA D 103 -13.63 -24.46 -19.53
C ALA D 103 -12.73 -24.04 -20.70
N ARG D 104 -11.70 -23.26 -20.40
CA ARG D 104 -10.77 -22.78 -21.40
C ARG D 104 -10.17 -23.92 -22.23
N TYR D 105 -9.76 -25.01 -21.56
CA TYR D 105 -9.16 -26.13 -22.27
C TYR D 105 -10.08 -26.66 -23.36
N ALA D 106 -11.38 -26.72 -23.05
CA ALA D 106 -12.36 -27.18 -24.02
C ALA D 106 -12.42 -26.18 -25.18
N LYS D 107 -12.52 -24.91 -24.83
CA LYS D 107 -12.62 -23.84 -25.82
C LYS D 107 -11.41 -23.73 -26.74
N ALA D 108 -10.23 -24.04 -26.21
CA ALA D 108 -9.01 -23.96 -27.01
C ALA D 108 -9.13 -24.78 -28.30
N ALA D 109 -9.57 -26.03 -28.17
CA ALA D 109 -9.72 -26.92 -29.32
C ALA D 109 -10.53 -26.28 -30.43
N VAL D 110 -11.65 -25.70 -30.05
CA VAL D 110 -12.54 -25.04 -30.98
C VAL D 110 -11.80 -23.89 -31.66
N ASP D 111 -11.06 -23.14 -30.86
CA ASP D 111 -10.31 -22.00 -31.36
C ASP D 111 -9.27 -22.43 -32.39
N VAL D 112 -8.45 -23.41 -32.02
CA VAL D 112 -7.42 -23.88 -32.94
C VAL D 112 -8.04 -24.49 -34.20
N ALA D 113 -9.09 -25.29 -34.03
CA ALA D 113 -9.76 -25.92 -35.18
C ALA D 113 -10.22 -24.89 -36.20
N HIS D 115 -9.11 -21.73 -36.58
CA HIS D 115 -7.97 -21.06 -37.17
C HIS D 115 -7.43 -21.91 -38.31
N ASP D 116 -7.23 -23.19 -38.01
CA ASP D 116 -6.72 -24.17 -38.96
C ASP D 116 -7.56 -24.21 -40.25
N ALA D 117 -8.87 -24.31 -40.09
CA ALA D 117 -9.78 -24.37 -41.23
C ALA D 117 -9.82 -23.07 -42.01
N TRP D 118 -9.83 -21.96 -41.29
CA TRP D 118 -9.87 -20.65 -41.91
C TRP D 118 -8.59 -20.46 -42.72
N ALA D 119 -7.46 -20.75 -42.08
CA ALA D 119 -6.15 -20.60 -42.69
C ALA D 119 -6.02 -21.43 -43.96
N ARG D 120 -6.39 -22.70 -43.89
CA ARG D 120 -6.30 -23.59 -45.04
C ARG D 120 -7.12 -23.09 -46.22
N SER D 121 -8.27 -22.50 -45.92
CA SER D 121 -9.13 -21.97 -46.97
C SER D 121 -8.49 -20.79 -47.69
N LEU D 122 -7.74 -19.98 -46.96
CA LEU D 122 -7.09 -18.81 -47.54
C LEU D 122 -5.72 -19.23 -48.09
N ASN D 123 -5.34 -20.46 -47.77
CA ASN D 123 -4.07 -21.04 -48.19
C ASN D 123 -2.84 -20.36 -47.60
N VAL D 124 -2.90 -20.10 -46.29
CA VAL D 124 -1.79 -19.47 -45.56
C VAL D 124 -1.63 -20.23 -44.24
N PRO D 125 -0.44 -20.18 -43.63
CA PRO D 125 -0.21 -20.88 -42.35
C PRO D 125 -1.03 -20.16 -41.29
N VAL D 126 -1.40 -20.86 -40.23
CA VAL D 126 -2.19 -20.23 -39.18
C VAL D 126 -1.55 -18.94 -38.67
N ARG D 127 -0.23 -18.95 -38.53
CA ARG D 127 0.48 -17.78 -38.04
C ARG D 127 0.18 -16.50 -38.85
N ASP D 128 -0.18 -16.66 -40.12
CA ASP D 128 -0.50 -15.53 -40.96
C ASP D 128 -1.78 -14.83 -40.54
N LEU D 129 -2.56 -15.52 -39.68
CA LEU D 129 -3.79 -14.95 -39.14
C LEU D 129 -3.45 -14.41 -37.76
N LEU D 130 -2.21 -14.64 -37.33
CA LEU D 130 -1.73 -14.20 -36.02
C LEU D 130 -0.60 -13.14 -36.09
N GLY D 131 -0.54 -12.40 -37.20
CA GLY D 131 0.47 -11.36 -37.34
C GLY D 131 1.66 -11.65 -38.24
N GLY D 132 1.79 -12.88 -38.72
CA GLY D 132 2.92 -13.18 -39.58
C GLY D 132 4.04 -13.87 -38.82
N THR D 133 5.21 -13.97 -39.42
CA THR D 133 6.29 -14.66 -38.74
C THR D 133 7.36 -13.73 -38.18
N VAL D 134 7.85 -14.12 -37.01
CA VAL D 134 8.89 -13.39 -36.28
C VAL D 134 10.08 -14.32 -36.19
N ARG D 135 9.80 -15.62 -36.21
CA ARG D 135 10.81 -16.67 -36.13
C ARG D 135 10.29 -17.94 -36.82
N ASP D 136 11.19 -18.79 -37.31
CA ASP D 136 10.77 -20.02 -37.98
C ASP D 136 11.28 -21.27 -37.24
N LYS D 137 11.83 -21.05 -36.05
CA LYS D 137 12.35 -22.13 -35.21
C LYS D 137 12.37 -21.61 -33.77
N VAL D 138 12.34 -22.52 -32.81
CA VAL D 138 12.36 -22.13 -31.40
C VAL D 138 13.18 -23.10 -30.57
N ASP D 139 13.73 -22.59 -29.48
CA ASP D 139 14.52 -23.42 -28.57
C ASP D 139 13.53 -24.32 -27.83
N VAL D 140 13.98 -25.51 -27.45
CA VAL D 140 13.11 -26.43 -26.74
C VAL D 140 13.73 -26.89 -25.44
N THR D 141 12.92 -26.87 -24.39
CA THR D 141 13.38 -27.32 -23.09
C THR D 141 12.80 -28.72 -22.95
N TRP D 142 13.65 -29.68 -22.59
CA TRP D 142 13.20 -31.06 -22.43
C TRP D 142 12.87 -31.31 -20.95
N ALA D 143 11.67 -31.80 -20.70
CA ALA D 143 11.24 -32.07 -19.35
C ALA D 143 11.40 -33.54 -18.98
N LEU D 144 12.02 -33.79 -17.83
CA LEU D 144 12.19 -35.16 -17.36
C LEU D 144 11.15 -35.41 -16.28
N GLY D 145 10.31 -36.41 -16.49
CA GLY D 145 9.32 -36.73 -15.48
C GLY D 145 10.06 -37.19 -14.24
N VAL D 146 9.33 -37.54 -13.19
CA VAL D 146 9.97 -38.01 -11.96
C VAL D 146 10.63 -39.38 -12.14
N LEU D 147 11.95 -39.40 -12.02
CA LEU D 147 12.74 -40.61 -12.18
C LEU D 147 13.85 -40.66 -11.13
N PRO D 148 14.50 -41.82 -10.97
CA PRO D 148 15.60 -42.00 -10.00
C PRO D 148 16.80 -41.09 -10.25
N LEU D 149 17.68 -41.03 -9.26
CA LEU D 149 18.87 -40.19 -9.31
C LEU D 149 19.91 -40.57 -10.37
N ASP D 150 19.69 -41.67 -11.09
CA ASP D 150 20.63 -42.09 -12.12
C ASP D 150 20.01 -42.10 -13.50
N VAL D 151 18.73 -42.48 -13.56
CA VAL D 151 18.00 -42.54 -14.82
C VAL D 151 17.98 -41.15 -15.45
N ALA D 152 17.93 -40.13 -14.61
CA ALA D 152 17.90 -38.74 -15.06
C ALA D 152 19.26 -38.24 -15.57
N VAL D 153 20.30 -38.46 -14.78
CA VAL D 153 21.64 -38.03 -15.16
C VAL D 153 22.04 -38.62 -16.51
N ALA D 154 21.43 -39.76 -16.85
CA ALA D 154 21.73 -40.44 -18.10
C ALA D 154 20.93 -39.85 -19.25
N GLU D 155 19.62 -39.75 -19.05
CA GLU D 155 18.72 -39.21 -20.06
C GLU D 155 19.22 -37.86 -20.56
N ILE D 156 19.75 -37.06 -19.64
CA ILE D 156 20.25 -35.73 -19.97
C ILE D 156 21.44 -35.79 -20.91
N GLU D 157 22.39 -36.66 -20.60
CA GLU D 157 23.58 -36.85 -21.42
C GLU D 157 23.17 -37.27 -22.83
N GLU D 158 22.17 -38.14 -22.89
CA GLU D 158 21.66 -38.66 -24.14
C GLU D 158 20.94 -37.56 -24.94
N ARG D 159 20.04 -36.84 -24.28
CA ARG D 159 19.27 -35.76 -24.92
C ARG D 159 20.16 -34.73 -25.58
N ILE D 160 21.19 -34.29 -24.88
CA ILE D 160 22.13 -33.30 -25.41
C ILE D 160 22.76 -33.86 -26.68
N GLU D 161 23.20 -35.12 -26.59
CA GLU D 161 23.83 -35.81 -27.70
C GLU D 161 22.95 -35.99 -28.92
N GLU D 162 21.76 -36.55 -28.69
CA GLU D 162 20.83 -36.83 -29.77
C GLU D 162 20.00 -35.64 -30.26
N PHE D 163 19.49 -34.84 -29.34
CA PHE D 163 18.65 -33.70 -29.71
C PHE D 163 19.23 -32.32 -29.43
N GLY D 164 20.26 -32.26 -28.60
CA GLY D 164 20.91 -31.00 -28.31
C GLY D 164 20.21 -30.01 -27.40
N ASN D 165 19.24 -30.46 -26.61
CA ASN D 165 18.55 -29.55 -25.71
C ASN D 165 19.58 -28.91 -24.78
N ARG D 166 19.45 -27.61 -24.51
CA ARG D 166 20.41 -26.94 -23.65
C ARG D 166 19.83 -26.64 -22.26
N SER D 167 18.52 -26.83 -22.12
CA SER D 167 17.84 -26.61 -20.85
C SER D 167 16.96 -27.81 -20.56
N PHE D 168 16.97 -28.24 -19.29
CA PHE D 168 16.20 -29.39 -18.83
C PHE D 168 15.31 -29.05 -17.63
N LYS D 169 14.08 -29.56 -17.66
CA LYS D 169 13.10 -29.31 -16.60
C LYS D 169 12.76 -30.59 -15.83
N LEU D 170 12.96 -30.56 -14.52
CA LEU D 170 12.68 -31.72 -13.68
C LEU D 170 11.37 -31.64 -12.91
N LYS D 171 10.48 -32.59 -13.16
CA LYS D 171 9.20 -32.63 -12.47
C LYS D 171 9.43 -33.20 -11.07
N GLY D 173 7.39 -33.53 -6.85
CA GLY D 173 6.08 -33.58 -6.24
C GLY D 173 5.61 -34.93 -5.69
N ALA D 174 6.18 -36.02 -6.18
CA ALA D 174 5.79 -37.34 -5.71
C ALA D 174 6.59 -37.73 -4.48
N GLY D 175 5.88 -38.09 -3.40
CA GLY D 175 6.53 -38.49 -2.18
C GLY D 175 7.17 -37.41 -1.33
N ASP D 176 7.98 -37.87 -0.36
CA ASP D 176 8.70 -37.02 0.58
C ASP D 176 9.51 -35.89 -0.08
N PRO D 177 9.20 -34.64 0.27
CA PRO D 177 9.88 -33.46 -0.27
C PRO D 177 11.40 -33.49 -0.07
N ALA D 178 11.82 -33.91 1.12
CA ALA D 178 13.25 -33.98 1.44
C ALA D 178 14.02 -34.85 0.45
N GLU D 179 13.53 -36.07 0.24
CA GLU D 179 14.16 -37.00 -0.68
C GLU D 179 14.16 -36.40 -2.09
N ASP D 180 13.01 -35.87 -2.47
CA ASP D 180 12.80 -35.24 -3.77
C ASP D 180 13.86 -34.16 -3.97
N THR D 181 14.03 -33.35 -2.93
CA THR D 181 15.00 -32.26 -2.94
C THR D 181 16.41 -32.81 -3.12
N ARG D 182 16.73 -33.85 -2.34
CA ARG D 182 18.04 -34.50 -2.41
C ARG D 182 18.32 -34.93 -3.85
N ARG D 183 17.37 -35.64 -4.41
CA ARG D 183 17.43 -36.14 -5.78
C ARG D 183 17.88 -35.04 -6.75
N VAL D 184 17.06 -33.99 -6.86
CA VAL D 184 17.36 -32.88 -7.77
C VAL D 184 18.65 -32.17 -7.42
N ALA D 185 18.89 -31.95 -6.13
CA ALA D 185 20.10 -31.27 -5.69
C ALA D 185 21.37 -31.94 -6.21
N GLU D 186 21.42 -33.27 -6.13
CA GLU D 186 22.59 -34.01 -6.60
C GLU D 186 22.69 -33.92 -8.11
N LEU D 187 21.58 -34.17 -8.79
CA LEU D 187 21.55 -34.10 -10.24
C LEU D 187 22.04 -32.72 -10.68
N ALA D 188 21.67 -31.70 -9.90
CA ALA D 188 22.04 -30.33 -10.19
C ALA D 188 23.53 -30.08 -10.02
N ARG D 189 24.14 -30.76 -9.05
CA ARG D 189 25.57 -30.61 -8.81
C ARG D 189 26.38 -31.38 -9.85
N GLU D 190 25.71 -32.28 -10.56
CA GLU D 190 26.35 -33.08 -11.60
C GLU D 190 26.17 -32.48 -12.99
N VAL D 191 25.01 -31.89 -13.24
CA VAL D 191 24.71 -31.32 -14.54
C VAL D 191 24.54 -29.80 -14.56
N GLY D 192 24.24 -29.22 -13.40
CA GLY D 192 24.05 -27.78 -13.32
C GLY D 192 25.13 -26.97 -14.00
N ASP D 193 26.33 -27.52 -14.04
CA ASP D 193 27.46 -26.84 -14.65
C ASP D 193 27.26 -26.60 -16.14
N ARG D 194 26.87 -27.66 -16.85
CA ARG D 194 26.68 -27.60 -18.30
C ARG D 194 25.37 -27.03 -18.81
N VAL D 195 24.25 -27.50 -18.29
CA VAL D 195 22.96 -27.01 -18.78
C VAL D 195 22.15 -26.22 -17.75
N SER D 196 21.05 -25.63 -18.23
CA SER D 196 20.14 -24.84 -17.43
C SER D 196 19.05 -25.75 -16.86
N LEU D 197 19.01 -25.86 -15.54
CA LEU D 197 18.04 -26.72 -14.86
C LEU D 197 16.85 -25.97 -14.25
N ARG D 198 15.65 -26.47 -14.50
CA ARG D 198 14.43 -25.87 -13.96
C ARG D 198 13.67 -27.01 -13.31
N ILE D 199 12.72 -26.67 -12.45
CA ILE D 199 11.90 -27.67 -11.79
C ILE D 199 10.44 -27.26 -11.85
N ASP D 200 9.56 -28.23 -11.66
CA ASP D 200 8.11 -27.97 -11.68
C ASP D 200 7.49 -28.94 -10.68
N ILE D 201 6.80 -28.39 -9.69
CA ILE D 201 6.18 -29.24 -8.68
C ILE D 201 4.68 -29.27 -8.90
N ASN D 202 4.24 -28.74 -10.03
CA ASN D 202 2.84 -28.73 -10.36
C ASN D 202 1.92 -28.31 -9.22
N ALA D 203 2.39 -27.35 -8.43
CA ALA D 203 1.64 -26.82 -7.29
C ALA D 203 1.37 -27.83 -6.20
N ARG D 204 2.14 -28.91 -6.15
CA ARG D 204 1.87 -29.93 -5.15
C ARG D 204 2.62 -29.84 -3.82
N TRP D 205 3.20 -28.68 -3.52
CA TRP D 205 3.90 -28.46 -2.24
C TRP D 205 3.16 -27.30 -1.53
N ASP D 206 3.06 -27.36 -0.21
CA ASP D 206 2.40 -26.26 0.49
C ASP D 206 3.44 -25.15 0.66
N ARG D 207 2.98 -23.97 1.02
CA ARG D 207 3.86 -22.82 1.19
C ARG D 207 5.08 -23.11 2.05
N ARG D 208 4.85 -23.65 3.24
CA ARG D 208 5.93 -23.95 4.17
C ARG D 208 7.01 -24.86 3.60
N THR D 209 6.59 -25.95 2.97
CA THR D 209 7.52 -26.91 2.40
C THR D 209 8.39 -26.27 1.33
N ALA D 210 7.78 -25.50 0.45
CA ALA D 210 8.55 -24.86 -0.61
C ALA D 210 9.58 -23.90 -0.03
N LEU D 211 9.16 -23.10 0.95
CA LEU D 211 10.04 -22.13 1.58
C LEU D 211 11.17 -22.81 2.35
N HIS D 212 10.90 -24.02 2.82
CA HIS D 212 11.91 -24.78 3.56
C HIS D 212 12.97 -25.45 2.66
N TYR D 213 12.52 -26.09 1.58
CA TYR D 213 13.42 -26.81 0.67
C TYR D 213 13.97 -26.12 -0.58
N LEU D 214 13.20 -25.21 -1.18
CA LEU D 214 13.69 -24.55 -2.38
C LEU D 214 15.05 -23.88 -2.21
N PRO D 215 15.39 -23.42 -0.99
CA PRO D 215 16.70 -22.78 -0.83
C PRO D 215 17.84 -23.76 -1.12
N ILE D 216 17.59 -25.04 -0.87
CA ILE D 216 18.60 -26.07 -1.13
C ILE D 216 18.82 -26.15 -2.63
N LEU D 217 17.73 -26.22 -3.37
CA LEU D 217 17.78 -26.30 -4.83
C LEU D 217 18.38 -25.06 -5.46
N ALA D 218 18.13 -23.91 -4.83
CA ALA D 218 18.67 -22.65 -5.33
C ALA D 218 20.19 -22.71 -5.20
N GLU D 219 20.65 -23.19 -4.06
CA GLU D 219 22.09 -23.30 -3.80
C GLU D 219 22.73 -24.32 -4.72
N ALA D 220 22.03 -25.42 -5.00
CA ALA D 220 22.54 -26.46 -5.88
C ALA D 220 22.69 -25.93 -7.31
N GLY D 221 21.92 -24.90 -7.65
CA GLY D 221 22.03 -24.34 -8.98
C GLY D 221 20.80 -24.34 -9.86
N VAL D 222 19.64 -24.74 -9.34
CA VAL D 222 18.43 -24.71 -10.16
C VAL D 222 18.15 -23.23 -10.41
N GLU D 223 17.91 -22.86 -11.67
CA GLU D 223 17.67 -21.46 -12.03
C GLU D 223 16.21 -21.04 -12.14
N LEU D 224 15.29 -21.99 -12.03
CA LEU D 224 13.88 -21.65 -12.17
C LEU D 224 12.92 -22.55 -11.43
N PHE D 225 12.01 -21.95 -10.66
CA PHE D 225 11.03 -22.74 -9.92
C PHE D 225 9.65 -22.57 -10.54
N GLU D 226 9.19 -23.57 -11.29
CA GLU D 226 7.87 -23.49 -11.91
C GLU D 226 6.81 -24.00 -10.94
N GLN D 227 5.79 -23.16 -10.74
CA GLN D 227 4.65 -23.43 -9.86
C GLN D 227 4.86 -24.47 -8.77
N PRO D 228 5.69 -24.16 -7.78
CA PRO D 228 5.87 -25.17 -6.74
C PRO D 228 4.72 -25.22 -5.75
N THR D 229 3.90 -24.18 -5.75
CA THR D 229 2.80 -24.05 -4.80
C THR D 229 1.43 -23.80 -5.42
N PRO D 230 0.35 -23.87 -4.60
CA PRO D 230 -1.01 -23.67 -5.08
C PRO D 230 -1.22 -22.48 -6.02
N ALA D 231 -2.09 -22.67 -7.01
CA ALA D 231 -2.40 -21.68 -8.02
C ALA D 231 -2.91 -20.35 -7.44
N ASP D 232 -3.76 -20.44 -6.43
CA ASP D 232 -4.35 -19.27 -5.81
C ASP D 232 -3.41 -18.41 -4.95
N ASP D 233 -2.29 -18.99 -4.50
CA ASP D 233 -1.39 -18.27 -3.61
C ASP D 233 -0.28 -17.48 -4.30
N LEU D 234 -0.64 -16.34 -4.89
CA LEU D 234 0.36 -15.53 -5.59
C LEU D 234 1.41 -14.96 -4.64
N GLU D 235 1.00 -14.61 -3.43
CA GLU D 235 1.95 -14.05 -2.48
C GLU D 235 3.09 -15.02 -2.13
N THR D 236 2.78 -16.31 -2.10
CA THR D 236 3.79 -17.31 -1.79
C THR D 236 4.80 -17.41 -2.93
N LEU D 237 4.33 -17.31 -4.18
CA LEU D 237 5.23 -17.37 -5.31
C LEU D 237 6.20 -16.20 -5.18
N ARG D 238 5.68 -15.04 -4.80
CA ARG D 238 6.50 -13.85 -4.59
C ARG D 238 7.49 -14.03 -3.43
N GLU D 239 7.00 -14.57 -2.32
CA GLU D 239 7.86 -14.76 -1.16
C GLU D 239 9.01 -15.75 -1.41
N ILE D 240 8.78 -16.80 -2.17
CA ILE D 240 9.87 -17.74 -2.40
C ILE D 240 10.98 -17.04 -3.18
N THR D 241 10.62 -16.19 -4.13
CA THR D 241 11.64 -15.46 -4.88
C THR D 241 12.38 -14.52 -3.91
N ARG D 242 11.65 -13.89 -2.99
CA ARG D 242 12.27 -12.97 -2.04
C ARG D 242 13.28 -13.67 -1.14
N ARG D 243 12.99 -14.91 -0.76
CA ARG D 243 13.89 -15.63 0.13
C ARG D 243 15.01 -16.39 -0.55
N THR D 244 14.86 -16.68 -1.84
CA THR D 244 15.90 -17.44 -2.55
C THR D 244 16.52 -16.73 -3.74
N ASN D 245 15.93 -15.62 -4.14
CA ASN D 245 16.41 -14.87 -5.28
C ASN D 245 16.42 -15.63 -6.60
N VAL D 246 15.66 -16.71 -6.69
CA VAL D 246 15.59 -17.44 -7.95
C VAL D 246 14.22 -17.20 -8.58
N SER D 247 14.21 -17.02 -9.89
CA SER D 247 12.98 -16.77 -10.65
C SER D 247 11.91 -17.86 -10.53
N VAL D 248 10.66 -17.42 -10.60
CA VAL D 248 9.53 -18.33 -10.53
C VAL D 248 8.79 -18.21 -11.86
N ALA D 250 4.96 -18.93 -13.44
CA ALA D 250 3.58 -19.25 -13.12
C ALA D 250 2.98 -20.15 -14.21
N ASP D 251 2.28 -21.20 -13.80
CA ASP D 251 1.62 -22.12 -14.73
C ASP D 251 0.15 -22.18 -14.33
N GLU D 252 -0.19 -23.05 -13.38
CA GLU D 252 -1.59 -23.14 -12.97
C GLU D 252 -2.10 -21.81 -12.41
N SER D 253 -1.19 -20.93 -11.98
CA SER D 253 -1.62 -19.63 -11.49
C SER D 253 -2.18 -18.77 -12.64
N VAL D 254 -1.73 -19.03 -13.87
CA VAL D 254 -2.20 -18.23 -15.01
C VAL D 254 -2.87 -18.97 -16.17
N TRP D 255 -4.19 -18.84 -16.28
CA TRP D 255 -4.96 -19.43 -17.39
C TRP D 255 -5.56 -18.32 -18.24
N THR D 256 -6.12 -17.32 -17.56
CA THR D 256 -6.80 -16.19 -18.20
C THR D 256 -6.03 -14.87 -18.16
N PRO D 257 -6.39 -13.91 -19.02
CA PRO D 257 -5.71 -12.62 -19.03
C PRO D 257 -5.80 -11.94 -17.66
N ALA D 258 -6.95 -12.08 -16.99
CA ALA D 258 -7.13 -11.47 -15.67
C ALA D 258 -6.17 -12.06 -14.65
N GLU D 259 -5.87 -13.35 -14.79
CA GLU D 259 -4.93 -13.99 -13.86
C GLU D 259 -3.50 -13.59 -14.21
N ALA D 260 -3.24 -13.34 -15.50
CA ALA D 260 -1.91 -12.91 -15.90
C ALA D 260 -1.70 -11.49 -15.31
N LEU D 261 -2.77 -10.69 -15.33
CA LEU D 261 -2.75 -9.32 -14.79
C LEU D 261 -2.52 -9.37 -13.29
N ALA D 262 -3.17 -10.34 -12.63
CA ALA D 262 -3.03 -10.50 -11.19
C ALA D 262 -1.60 -10.85 -10.86
N VAL D 263 -0.95 -11.63 -11.72
CA VAL D 263 0.43 -12.00 -11.47
C VAL D 263 1.34 -10.77 -11.60
N VAL D 264 1.06 -9.95 -12.61
CA VAL D 264 1.84 -8.72 -12.83
C VAL D 264 1.72 -7.82 -11.60
N LYS D 265 0.49 -7.58 -11.14
CA LYS D 265 0.26 -6.73 -9.96
C LYS D 265 0.90 -7.26 -8.69
N ALA D 266 0.87 -8.58 -8.50
CA ALA D 266 1.46 -9.18 -7.30
C ALA D 266 2.96 -9.40 -7.43
N GLN D 267 3.50 -9.16 -8.63
CA GLN D 267 4.93 -9.36 -8.91
C GLN D 267 5.25 -10.81 -8.50
N ALA D 268 4.34 -11.72 -8.83
CA ALA D 268 4.47 -13.11 -8.43
C ALA D 268 5.39 -14.03 -9.24
N ALA D 269 5.82 -13.59 -10.42
CA ALA D 269 6.67 -14.44 -11.24
C ALA D 269 7.36 -13.72 -12.38
N ASP D 270 8.61 -14.10 -12.64
CA ASP D 270 9.38 -13.49 -13.72
C ASP D 270 8.97 -14.05 -15.06
N VAL D 271 8.34 -15.22 -15.04
CA VAL D 271 7.95 -15.86 -16.29
C VAL D 271 6.58 -16.54 -16.21
N ILE D 272 5.87 -16.52 -17.33
CA ILE D 272 4.57 -17.15 -17.42
C ILE D 272 4.63 -18.31 -18.42
N ALA D 273 4.07 -19.46 -18.02
CA ALA D 273 4.03 -20.62 -18.89
C ALA D 273 2.80 -20.46 -19.77
N LEU D 274 3.01 -19.96 -20.99
CA LEU D 274 1.88 -19.74 -21.88
C LEU D 274 1.63 -20.96 -22.75
N LYS D 275 0.42 -21.49 -22.61
CA LYS D 275 -0.04 -22.69 -23.34
C LYS D 275 -1.32 -22.33 -24.07
N THR D 276 -1.30 -22.42 -25.40
CA THR D 276 -2.46 -22.09 -26.21
C THR D 276 -3.70 -22.88 -25.78
N THR D 277 -3.45 -24.08 -25.26
CA THR D 277 -4.53 -24.94 -24.80
C THR D 277 -5.13 -24.41 -23.50
N LYS D 278 -4.28 -24.21 -22.50
CA LYS D 278 -4.70 -23.72 -21.20
C LYS D 278 -5.42 -22.37 -21.22
N HIS D 279 -5.05 -21.48 -22.13
CA HIS D 279 -5.67 -20.16 -22.19
C HIS D 279 -6.99 -20.12 -22.95
N GLY D 280 -7.35 -21.22 -23.60
CA GLY D 280 -8.61 -21.21 -24.33
C GLY D 280 -8.52 -20.78 -25.78
N GLY D 281 -7.35 -20.90 -26.37
CA GLY D 281 -7.24 -20.55 -27.78
C GLY D 281 -6.11 -19.64 -28.18
N LEU D 282 -5.91 -19.51 -29.49
CA LEU D 282 -4.87 -18.67 -30.02
C LEU D 282 -5.18 -17.20 -29.72
N LEU D 283 -6.45 -16.82 -29.80
CA LEU D 283 -6.80 -15.44 -29.51
C LEU D 283 -6.50 -15.09 -28.04
N GLU D 284 -6.97 -15.91 -27.11
CA GLU D 284 -6.71 -15.63 -25.70
C GLU D 284 -5.21 -15.59 -25.44
N SER D 285 -4.48 -16.51 -26.06
CA SER D 285 -3.03 -16.56 -25.91
C SER D 285 -2.35 -15.24 -26.25
N LYS D 286 -2.84 -14.53 -27.28
CA LYS D 286 -2.27 -13.23 -27.65
C LYS D 286 -2.46 -12.23 -26.52
N LYS D 287 -3.59 -12.32 -25.83
CA LYS D 287 -3.89 -11.42 -24.73
C LYS D 287 -2.94 -11.68 -23.55
N ILE D 288 -2.67 -12.95 -23.30
CA ILE D 288 -1.75 -13.34 -22.23
C ILE D 288 -0.40 -12.73 -22.52
N ALA D 289 0.05 -12.91 -23.76
CA ALA D 289 1.35 -12.38 -24.19
C ALA D 289 1.40 -10.84 -24.09
N ALA D 290 0.32 -10.18 -24.45
CA ALA D 290 0.26 -8.72 -24.39
C ALA D 290 0.41 -8.18 -22.96
N ILE D 291 -0.26 -8.82 -22.02
CA ILE D 291 -0.22 -8.41 -20.62
C ILE D 291 1.14 -8.67 -19.99
N ALA D 292 1.67 -9.87 -20.18
CA ALA D 292 2.98 -10.20 -19.64
C ALA D 292 4.05 -9.23 -20.18
N GLU D 293 4.07 -9.09 -21.51
CA GLU D 293 5.02 -8.22 -22.17
C GLU D 293 5.00 -6.81 -21.62
N ALA D 294 3.82 -6.26 -21.41
CA ALA D 294 3.69 -4.90 -20.89
C ALA D 294 4.19 -4.80 -19.45
N GLY D 295 4.17 -5.93 -18.73
CA GLY D 295 4.61 -5.96 -17.35
C GLY D 295 6.06 -6.39 -17.23
N GLY D 296 6.74 -6.52 -18.37
CA GLY D 296 8.13 -6.92 -18.34
C GLY D 296 8.34 -8.40 -18.04
N LEU D 297 7.26 -9.17 -18.02
CA LEU D 297 7.37 -10.60 -17.74
C LEU D 297 7.60 -11.42 -19.01
N ALA D 298 8.50 -12.39 -18.90
CA ALA D 298 8.82 -13.27 -20.01
C ALA D 298 7.77 -14.35 -20.22
N CYS D 299 7.54 -14.71 -21.46
CA CYS D 299 6.58 -15.77 -21.75
C CYS D 299 7.35 -16.97 -22.26
N HIS D 300 6.99 -18.12 -21.73
CA HIS D 300 7.59 -19.39 -22.10
C HIS D 300 6.56 -20.15 -22.93
N GLY D 301 6.98 -20.68 -24.08
CA GLY D 301 6.05 -21.44 -24.89
C GLY D 301 5.90 -22.81 -24.27
N ALA D 302 5.04 -22.89 -23.25
CA ALA D 302 4.82 -24.12 -22.50
C ALA D 302 3.84 -25.09 -23.14
N THR D 303 3.81 -26.32 -22.62
CA THR D 303 2.95 -27.38 -23.16
C THR D 303 2.00 -28.06 -22.17
N SER D 304 0.86 -28.50 -22.69
CA SER D 304 -0.11 -29.25 -21.88
C SER D 304 0.07 -30.70 -22.33
N LEU D 305 1.22 -30.98 -22.95
CA LEU D 305 1.51 -32.32 -23.47
C LEU D 305 0.56 -32.58 -24.65
N GLU D 306 0.49 -31.61 -25.56
CA GLU D 306 -0.37 -31.73 -26.73
C GLU D 306 0.20 -32.75 -27.70
N GLY D 307 -0.67 -33.27 -28.55
CA GLY D 307 -0.22 -34.22 -29.56
C GLY D 307 0.35 -33.41 -30.70
N PRO D 308 0.46 -33.96 -31.91
CA PRO D 308 1.02 -33.19 -33.03
C PRO D 308 0.20 -31.96 -33.40
N ILE D 309 -1.12 -32.09 -33.43
CA ILE D 309 -2.00 -30.98 -33.79
C ILE D 309 -1.88 -29.80 -32.80
N GLY D 310 -1.90 -30.10 -31.52
CA GLY D 310 -1.80 -29.05 -30.51
C GLY D 310 -0.44 -28.39 -30.56
N THR D 311 0.60 -29.19 -30.63
CA THR D 311 1.98 -28.71 -30.68
C THR D 311 2.21 -27.81 -31.89
N ALA D 312 1.59 -28.14 -33.02
CA ALA D 312 1.76 -27.34 -34.22
C ALA D 312 1.09 -25.99 -33.96
N ALA D 313 -0.06 -26.05 -33.30
CA ALA D 313 -0.83 -24.85 -32.98
C ALA D 313 0.01 -23.88 -32.15
N SER D 314 0.60 -24.40 -31.06
CA SER D 314 1.43 -23.58 -30.20
C SER D 314 2.72 -23.14 -30.89
N LEU D 315 3.13 -23.91 -31.89
CA LEU D 315 4.34 -23.56 -32.62
C LEU D 315 4.04 -22.39 -33.53
N GLN D 316 2.83 -22.39 -34.09
CA GLN D 316 2.39 -21.31 -34.98
C GLN D 316 2.25 -20.03 -34.17
N PHE D 317 1.90 -20.19 -32.90
CA PHE D 317 1.74 -19.05 -32.03
C PHE D 317 3.12 -18.47 -31.75
N ALA D 318 4.05 -19.34 -31.37
CA ALA D 318 5.42 -18.91 -31.06
C ALA D 318 6.11 -18.31 -32.29
N ALA D 319 5.58 -18.62 -33.48
CA ALA D 319 6.17 -18.10 -34.70
C ALA D 319 5.80 -16.64 -34.96
N SER D 320 4.66 -16.22 -34.40
CA SER D 320 4.16 -14.88 -34.61
C SER D 320 4.05 -14.04 -33.33
N THR D 321 4.71 -14.50 -32.27
CA THR D 321 4.64 -13.82 -30.98
C THR D 321 6.02 -13.52 -30.40
N LYS D 322 6.48 -12.30 -30.62
CA LYS D 322 7.78 -11.85 -30.13
C LYS D 322 7.86 -12.04 -28.62
N ALA D 323 6.73 -11.88 -27.93
CA ALA D 323 6.66 -12.01 -26.47
C ALA D 323 7.03 -13.40 -25.96
N ILE D 324 7.11 -14.38 -26.86
CA ILE D 324 7.56 -15.71 -26.46
C ILE D 324 9.05 -15.46 -26.47
N SER D 325 9.57 -15.05 -25.31
CA SER D 325 10.96 -14.69 -25.14
C SER D 325 11.80 -15.63 -24.30
N TYR D 326 11.21 -16.72 -23.82
CA TYR D 326 11.98 -17.63 -22.99
C TYR D 326 11.91 -19.06 -23.52
N GLY D 327 12.06 -19.19 -24.84
CA GLY D 327 12.03 -20.49 -25.46
C GLY D 327 10.71 -21.20 -25.31
N THR D 328 10.75 -22.53 -25.44
CA THR D 328 9.55 -23.34 -25.31
C THR D 328 9.90 -24.72 -24.76
N GLU D 329 8.87 -25.53 -24.54
CA GLU D 329 9.01 -26.92 -24.07
C GLU D 329 8.02 -27.73 -24.90
N LEU D 330 7.88 -27.37 -26.18
CA LEU D 330 6.95 -28.02 -27.09
C LEU D 330 7.53 -29.30 -27.71
N PHE D 331 7.78 -30.28 -26.84
CA PHE D 331 8.35 -31.57 -27.22
C PHE D 331 7.30 -32.67 -27.19
N GLY D 332 6.07 -32.29 -26.83
CA GLY D 332 4.97 -33.24 -26.74
C GLY D 332 4.99 -34.41 -27.71
N PRO D 333 5.02 -34.16 -29.02
CA PRO D 333 5.04 -35.24 -30.01
C PRO D 333 6.15 -36.29 -29.80
N GLN D 334 7.25 -35.89 -29.16
CA GLN D 334 8.36 -36.81 -28.92
C GLN D 334 8.06 -37.83 -27.82
N LEU D 335 6.97 -37.64 -27.10
CA LEU D 335 6.58 -38.57 -26.04
C LEU D 335 5.68 -39.69 -26.54
N LEU D 336 4.96 -39.42 -27.63
CA LEU D 336 4.04 -40.40 -28.21
C LEU D 336 4.82 -41.50 -28.93
N LYS D 337 4.41 -42.75 -28.71
CA LYS D 337 5.07 -43.89 -29.34
C LYS D 337 4.67 -43.97 -30.81
N ASP D 338 3.60 -43.26 -31.16
CA ASP D 338 3.10 -43.21 -32.53
C ASP D 338 2.32 -41.90 -32.68
N THR D 339 2.11 -41.47 -33.92
CA THR D 339 1.37 -40.23 -34.16
C THR D 339 0.21 -40.44 -35.12
N TYR D 340 -0.47 -39.35 -35.45
CA TYR D 340 -1.60 -39.39 -36.38
C TYR D 340 -1.56 -38.12 -37.23
N ILE D 341 -0.35 -37.70 -37.59
CA ILE D 341 -0.18 -36.48 -38.36
C ILE D 341 0.56 -36.56 -39.70
N VAL D 342 0.84 -37.77 -40.18
CA VAL D 342 1.52 -37.95 -41.46
C VAL D 342 2.99 -37.50 -41.49
N GLN D 343 3.24 -36.20 -41.42
CA GLN D 343 4.61 -35.69 -41.44
C GLN D 343 5.25 -35.79 -40.06
N GLU D 344 6.54 -35.46 -40.00
CA GLU D 344 7.29 -35.48 -38.75
C GLU D 344 7.85 -34.10 -38.40
N PHE D 345 8.03 -33.86 -37.10
CA PHE D 345 8.57 -32.60 -36.62
C PHE D 345 10.08 -32.68 -36.65
N GLU D 346 10.74 -31.55 -36.90
CA GLU D 346 12.19 -31.51 -36.97
C GLU D 346 12.82 -30.97 -35.68
N TYR D 347 13.28 -31.89 -34.85
CA TYR D 347 13.91 -31.56 -33.57
C TYR D 347 15.42 -31.76 -33.59
N LYS D 348 16.21 -30.70 -33.69
CA LYS D 348 17.66 -30.82 -33.67
C LYS D 348 18.35 -29.55 -33.16
N ASP D 349 19.56 -29.72 -32.64
CA ASP D 349 20.35 -28.61 -32.12
C ASP D 349 19.61 -27.88 -31.00
N GLY D 350 18.85 -28.63 -30.19
CA GLY D 350 18.10 -28.04 -29.09
C GLY D 350 16.88 -27.25 -29.48
N GLN D 351 16.53 -27.27 -30.76
CA GLN D 351 15.37 -26.52 -31.24
C GLN D 351 14.38 -27.40 -31.98
N VAL D 352 13.36 -26.75 -32.54
CA VAL D 352 12.34 -27.43 -33.35
C VAL D 352 11.89 -26.42 -34.39
N ALA D 353 11.71 -26.87 -35.62
CA ALA D 353 11.29 -25.99 -36.70
C ALA D 353 9.78 -25.82 -36.73
N ILE D 354 9.33 -24.61 -37.07
CA ILE D 354 7.91 -24.34 -37.17
C ILE D 354 7.42 -24.94 -38.48
N PRO D 355 6.44 -25.86 -38.40
CA PRO D 355 5.86 -26.54 -39.56
C PRO D 355 5.35 -25.62 -40.65
N GLN D 356 6.03 -25.65 -41.80
CA GLN D 356 5.66 -24.82 -42.93
C GLN D 356 4.46 -25.44 -43.66
N GLY D 357 3.62 -24.59 -44.25
CA GLY D 357 2.46 -25.09 -44.96
C GLY D 357 1.18 -24.40 -44.54
N PRO D 358 0.06 -24.66 -45.21
CA PRO D 358 -1.21 -24.02 -44.86
C PRO D 358 -1.73 -24.54 -43.53
N GLY D 359 -2.71 -23.84 -42.96
CA GLY D 359 -3.28 -24.27 -41.69
C GLY D 359 -2.23 -24.43 -40.60
N LEU D 360 -2.33 -25.52 -39.86
CA LEU D 360 -1.40 -25.79 -38.76
C LEU D 360 -0.02 -26.20 -39.27
N GLY D 361 0.08 -26.36 -40.59
CA GLY D 361 1.35 -26.75 -41.19
C GLY D 361 1.60 -28.24 -41.10
N VAL D 362 0.56 -29.00 -40.76
CA VAL D 362 0.68 -30.45 -40.63
C VAL D 362 -0.70 -31.08 -40.92
N ASP D 363 -0.71 -32.19 -41.66
CA ASP D 363 -1.95 -32.86 -42.02
C ASP D 363 -2.24 -34.11 -41.18
N VAL D 364 -3.50 -34.28 -40.79
CA VAL D 364 -3.88 -35.44 -39.98
C VAL D 364 -4.00 -36.71 -40.82
N ASP D 365 -3.72 -37.85 -40.18
CA ASP D 365 -3.81 -39.15 -40.85
C ASP D 365 -5.04 -39.86 -40.28
N ASP D 367 -6.46 -42.51 -40.85
CA ASP D 367 -6.34 -43.93 -40.56
C ASP D 367 -5.86 -44.12 -39.13
N LYS D 368 -4.86 -43.34 -38.73
CA LYS D 368 -4.35 -43.43 -37.37
C LYS D 368 -5.29 -42.81 -36.33
N VAL D 369 -6.05 -41.81 -36.73
CA VAL D 369 -7.00 -41.18 -35.81
C VAL D 369 -8.00 -42.25 -35.42
N ASN D 370 -8.61 -42.87 -36.44
CA ASN D 370 -9.60 -43.92 -36.23
C ASN D 370 -9.01 -45.03 -35.38
N PHE D 371 -7.77 -45.41 -35.67
CA PHE D 371 -7.11 -46.47 -34.92
C PHE D 371 -6.99 -46.14 -33.44
N TYR D 372 -6.69 -44.89 -33.12
CA TYR D 372 -6.52 -44.50 -31.72
C TYR D 372 -7.76 -43.94 -31.07
N THR D 373 -8.84 -43.84 -31.83
CA THR D 373 -10.11 -43.34 -31.31
C THR D 373 -10.64 -44.32 -30.28
N ARG D 374 -11.06 -43.82 -29.12
CA ARG D 374 -11.57 -44.67 -28.04
C ARG D 374 -12.95 -45.27 -28.34
N ASP E 5 9.16 3.06 55.18
CA ASP E 5 8.14 4.12 55.44
C ASP E 5 7.08 4.08 54.34
N LEU E 6 7.53 4.05 53.09
CA LEU E 6 6.64 3.99 51.94
C LEU E 6 6.55 2.53 51.49
N THR E 7 7.07 1.65 52.34
CA THR E 7 7.07 0.22 52.07
C THR E 7 5.64 -0.30 52.03
N ILE E 8 5.29 -1.05 50.98
CA ILE E 8 3.96 -1.62 50.87
C ILE E 8 3.93 -2.82 51.78
N GLN E 9 3.20 -2.69 52.88
CA GLN E 9 3.08 -3.78 53.85
C GLN E 9 2.04 -4.80 53.45
N LYS E 10 0.93 -4.34 52.90
CA LYS E 10 -0.13 -5.25 52.53
C LYS E 10 -1.08 -4.69 51.48
N VAL E 11 -1.69 -5.62 50.74
CA VAL E 11 -2.64 -5.27 49.69
C VAL E 11 -3.91 -6.10 49.88
N GLU E 12 -5.06 -5.43 49.95
CA GLU E 12 -6.33 -6.12 50.13
C GLU E 12 -7.29 -5.79 48.99
N SER E 13 -8.31 -6.63 48.81
CA SER E 13 -9.32 -6.40 47.77
C SER E 13 -10.67 -6.94 48.22
N ARG E 14 -11.69 -6.10 48.09
CA ARG E 14 -13.05 -6.47 48.47
C ARG E 14 -14.02 -6.28 47.31
N ILE E 15 -14.85 -7.29 47.06
CA ILE E 15 -15.83 -7.16 45.99
C ILE E 15 -17.06 -6.45 46.54
N LEU E 16 -17.32 -5.26 46.02
CA LEU E 16 -18.48 -4.49 46.45
C LEU E 16 -19.61 -4.59 45.43
N ASP E 17 -20.83 -4.83 45.93
CA ASP E 17 -22.00 -4.92 45.07
C ASP E 17 -22.93 -3.77 45.44
N VAL E 18 -23.01 -2.78 44.57
CA VAL E 18 -23.82 -1.60 44.83
C VAL E 18 -24.94 -1.36 43.82
N PRO E 19 -26.18 -1.36 44.31
CA PRO E 19 -27.40 -1.16 43.52
C PRO E 19 -27.40 0.18 42.77
N LEU E 20 -28.04 0.20 41.61
CA LEU E 20 -28.15 1.40 40.79
C LEU E 20 -29.50 2.04 41.06
N ILE E 21 -29.66 3.28 40.60
CA ILE E 21 -30.90 4.01 40.77
C ILE E 21 -31.97 3.40 39.86
N ARG E 22 -31.55 3.00 38.66
CA ARG E 22 -32.45 2.40 37.70
C ARG E 22 -31.69 1.31 36.92
N PRO E 23 -32.42 0.30 36.42
CA PRO E 23 -31.75 -0.76 35.66
C PRO E 23 -30.95 -0.12 34.52
N HIS E 24 -29.84 -0.74 34.14
CA HIS E 24 -29.01 -0.21 33.05
C HIS E 24 -28.88 -1.27 31.99
N GLY E 25 -29.55 -1.07 30.85
CA GLY E 25 -29.52 -2.05 29.78
C GLY E 25 -28.40 -1.91 28.77
N PHE E 26 -27.79 -3.05 28.44
CA PHE E 26 -26.70 -3.12 27.46
C PHE E 26 -27.18 -3.99 26.30
N ALA E 27 -26.38 -4.12 25.27
CA ALA E 27 -26.80 -4.92 24.12
C ALA E 27 -27.23 -6.34 24.48
N THR E 28 -26.56 -6.98 25.43
CA THR E 28 -26.92 -8.36 25.78
C THR E 28 -27.15 -8.67 27.24
N THR E 29 -27.13 -7.65 28.08
CA THR E 29 -27.37 -7.84 29.50
C THR E 29 -28.01 -6.58 30.05
N THR E 30 -28.48 -6.69 31.29
CA THR E 30 -29.09 -5.55 31.96
C THR E 30 -28.52 -5.58 33.36
N SER E 31 -27.93 -4.46 33.78
CA SER E 31 -27.36 -4.36 35.10
C SER E 31 -28.35 -3.78 36.09
N THR E 32 -28.42 -4.41 37.25
CA THR E 32 -29.30 -3.96 38.31
C THR E 32 -28.42 -3.37 39.41
N GLU E 33 -27.16 -3.78 39.39
CA GLU E 33 -26.17 -3.32 40.34
C GLU E 33 -24.78 -3.34 39.70
N GLN E 34 -23.85 -2.54 40.23
CA GLN E 34 -22.49 -2.50 39.71
C GLN E 34 -21.56 -3.24 40.67
N HIS E 35 -20.64 -4.02 40.11
CA HIS E 35 -19.69 -4.78 40.90
C HIS E 35 -18.36 -4.04 40.85
N ILE E 36 -17.78 -3.78 42.03
CA ILE E 36 -16.52 -3.05 42.13
C ILE E 36 -15.53 -3.72 43.05
N LEU E 37 -14.38 -4.14 42.51
CA LEU E 37 -13.34 -4.76 43.33
C LEU E 37 -12.52 -3.62 43.89
N LEU E 38 -12.71 -3.33 45.18
CA LEU E 38 -11.99 -2.25 45.82
C LEU E 38 -10.65 -2.79 46.30
N VAL E 39 -9.57 -2.30 45.71
CA VAL E 39 -8.24 -2.75 46.10
C VAL E 39 -7.59 -1.70 46.98
N SER E 40 -6.97 -2.15 48.06
CA SER E 40 -6.29 -1.22 48.98
C SER E 40 -4.82 -1.58 49.14
N VAL E 41 -3.97 -0.56 49.04
CA VAL E 41 -2.53 -0.71 49.19
C VAL E 41 -2.18 -0.10 50.55
N HIS E 42 -1.69 -0.94 51.46
CA HIS E 42 -1.35 -0.51 52.81
C HIS E 42 0.14 -0.27 53.00
N LEU E 43 0.51 0.96 53.33
CA LEU E 43 1.92 1.30 53.50
C LEU E 43 2.41 1.28 54.94
N GLU E 44 3.72 1.16 55.10
CA GLU E 44 4.39 1.12 56.40
C GLU E 44 3.95 2.28 57.32
N ASN E 45 3.83 3.47 56.76
CA ASN E 45 3.44 4.67 57.52
C ASN E 45 1.95 4.76 57.85
N GLY E 46 1.22 3.68 57.57
CA GLY E 46 -0.20 3.65 57.85
C GLY E 46 -1.14 4.29 56.85
N VAL E 47 -0.61 4.83 55.76
CA VAL E 47 -1.47 5.45 54.75
C VAL E 47 -2.05 4.32 53.90
N ILE E 48 -3.28 4.51 53.43
CA ILE E 48 -3.95 3.50 52.61
C ILE E 48 -4.43 4.13 51.31
N GLY E 49 -4.13 3.48 50.19
CA GLY E 49 -4.55 3.99 48.91
C GLY E 49 -5.56 3.05 48.28
N TYR E 50 -6.51 3.61 47.53
CA TYR E 50 -7.56 2.80 46.90
C TYR E 50 -7.66 2.92 45.38
N GLY E 51 -8.01 1.79 44.76
CA GLY E 51 -8.18 1.72 43.33
C GLY E 51 -9.34 0.78 43.06
N GLU E 52 -9.93 0.85 41.88
CA GLU E 52 -11.05 0.00 41.54
C GLU E 52 -10.78 -0.94 40.37
N GLY E 53 -11.10 -2.21 40.58
CA GLY E 53 -10.96 -3.20 39.53
C GLY E 53 -12.39 -3.32 39.07
N VAL E 54 -12.78 -2.59 38.02
CA VAL E 54 -14.17 -2.61 37.57
C VAL E 54 -14.44 -2.60 36.06
N VAL E 55 -15.40 -3.41 35.64
CA VAL E 55 -15.82 -3.48 34.24
C VAL E 55 -17.29 -3.06 34.16
N PRO E 56 -17.78 -2.72 32.96
CA PRO E 56 -19.19 -2.30 32.83
C PRO E 56 -20.20 -3.42 33.01
N GLY E 57 -20.62 -3.67 34.26
CA GLY E 57 -21.62 -4.68 34.52
C GLY E 57 -21.21 -6.14 34.65
N GLY E 58 -20.30 -6.61 33.79
CA GLY E 58 -19.89 -7.99 33.87
C GLY E 58 -18.87 -8.39 32.82
N PRO E 59 -18.49 -9.68 32.76
CA PRO E 59 -17.51 -10.22 31.80
C PRO E 59 -17.92 -10.17 30.33
N TRP E 60 -19.20 -9.90 30.08
CA TRP E 60 -19.68 -9.82 28.70
C TRP E 60 -18.93 -8.72 27.93
N TRP E 61 -18.45 -7.71 28.65
CA TRP E 61 -17.75 -6.60 28.01
C TRP E 61 -16.38 -6.96 27.43
N GLY E 62 -15.53 -7.59 28.24
CA GLY E 62 -14.20 -7.94 27.74
C GLY E 62 -13.53 -9.17 28.32
N GLY E 63 -14.26 -9.98 29.09
CA GLY E 63 -13.65 -11.19 29.64
C GLY E 63 -13.25 -11.13 31.10
N GLU E 64 -13.09 -9.93 31.65
CA GLU E 64 -12.73 -9.83 33.07
C GLU E 64 -13.96 -9.42 33.89
N SER E 65 -14.00 -9.84 35.15
CA SER E 65 -15.09 -9.49 36.05
C SER E 65 -14.50 -9.36 37.44
N VAL E 66 -15.30 -8.91 38.40
CA VAL E 66 -14.81 -8.75 39.75
C VAL E 66 -14.23 -10.04 40.30
N GLU E 67 -14.84 -11.18 39.98
CA GLU E 67 -14.31 -12.46 40.45
C GLU E 67 -12.96 -12.77 39.81
N THR E 68 -12.86 -12.56 38.50
CA THR E 68 -11.62 -12.83 37.80
C THR E 68 -10.52 -11.89 38.27
N LYS E 70 -10.26 -10.40 41.23
CA LYS E 70 -9.84 -10.71 42.58
C LYS E 70 -8.88 -11.90 42.57
N ALA E 71 -9.22 -12.94 41.83
CA ALA E 71 -8.33 -14.10 41.76
C ALA E 71 -6.92 -13.67 41.31
N LEU E 72 -6.85 -12.73 40.36
CA LEU E 72 -5.54 -12.29 39.86
C LEU E 72 -4.82 -11.33 40.79
N VAL E 73 -5.53 -10.37 41.37
CA VAL E 73 -4.90 -9.43 42.28
C VAL E 73 -4.35 -10.16 43.50
N ASP E 74 -5.22 -10.84 44.23
CA ASP E 74 -4.80 -11.55 45.44
C ASP E 74 -3.68 -12.57 45.21
N GLY E 75 -3.90 -13.48 44.26
CA GLY E 75 -2.93 -14.52 44.03
C GLY E 75 -1.76 -14.29 43.10
N TYR E 76 -1.69 -13.16 42.41
CA TYR E 76 -0.58 -12.95 41.50
C TYR E 76 0.02 -11.55 41.45
N LEU E 77 -0.81 -10.51 41.47
CA LEU E 77 -0.31 -9.15 41.41
C LEU E 77 0.10 -8.60 42.78
N ALA E 78 -0.71 -8.90 43.78
CA ALA E 78 -0.46 -8.45 45.15
C ALA E 78 0.93 -8.80 45.65
N PRO E 79 1.29 -10.10 45.65
CA PRO E 79 2.61 -10.52 46.13
C PRO E 79 3.80 -9.80 45.50
N VAL E 80 3.62 -9.27 44.30
CA VAL E 80 4.72 -8.55 43.65
C VAL E 80 5.05 -7.24 44.38
N LEU E 81 4.02 -6.59 44.92
CA LEU E 81 4.18 -5.31 45.59
C LEU E 81 4.74 -5.30 47.02
N ILE E 82 4.45 -6.36 47.77
CA ILE E 82 4.88 -6.44 49.16
C ILE E 82 6.38 -6.41 49.42
N GLY E 83 6.80 -5.44 50.22
CA GLY E 83 8.21 -5.31 50.55
C GLY E 83 8.88 -4.20 49.78
N ARG E 84 8.20 -3.70 48.75
CA ARG E 84 8.75 -2.64 47.94
C ARG E 84 8.17 -1.28 48.27
N ALA E 85 8.97 -0.23 48.02
CA ALA E 85 8.56 1.13 48.28
C ALA E 85 7.58 1.53 47.18
N VAL E 86 6.48 2.18 47.56
CA VAL E 86 5.48 2.58 46.59
C VAL E 86 6.06 3.55 45.56
N SER E 87 7.21 4.13 45.88
CA SER E 87 7.85 5.04 44.96
C SER E 87 8.58 4.26 43.85
N GLU E 88 8.38 2.94 43.84
CA GLU E 88 8.93 2.06 42.80
C GLU E 88 7.78 1.75 41.83
N LEU E 89 6.74 2.58 41.89
CA LEU E 89 5.52 2.45 41.08
C LEU E 89 5.75 1.91 39.66
N ALA E 90 6.35 2.72 38.78
CA ALA E 90 6.59 2.30 37.40
C ALA E 90 7.33 0.95 37.31
N GLY E 91 8.27 0.72 38.22
CA GLY E 91 9.02 -0.53 38.22
C GLY E 91 8.15 -1.71 38.60
N ILE E 92 7.24 -1.47 39.55
CA ILE E 92 6.34 -2.51 40.00
C ILE E 92 5.38 -2.87 38.85
N ALA E 94 5.94 -2.67 35.72
CA ALA E 94 6.70 -3.42 34.73
C ALA E 94 6.82 -4.87 35.18
N ASP E 95 7.15 -5.07 36.45
CA ASP E 95 7.31 -6.42 36.98
C ASP E 95 6.02 -7.25 37.03
N LEU E 96 4.87 -6.59 37.05
CA LEU E 96 3.61 -7.32 37.06
C LEU E 96 3.49 -8.14 35.79
N GLU E 97 4.08 -7.64 34.70
CA GLU E 97 4.02 -8.30 33.41
C GLU E 97 4.71 -9.65 33.41
N ARG E 98 5.64 -9.85 34.33
CA ARG E 98 6.35 -11.12 34.38
C ARG E 98 5.47 -12.23 34.93
N VAL E 99 4.48 -11.88 35.76
CA VAL E 99 3.62 -12.90 36.33
C VAL E 99 2.20 -12.97 35.73
N VAL E 100 1.77 -11.91 35.07
CA VAL E 100 0.43 -11.89 34.49
C VAL E 100 0.40 -11.06 33.21
N ALA E 101 0.11 -11.71 32.09
CA ALA E 101 0.01 -11.00 30.82
C ALA E 101 -1.42 -10.49 30.69
N ARG E 102 -1.62 -9.43 29.93
CA ARG E 102 -2.95 -8.87 29.74
C ARG E 102 -3.60 -8.53 31.08
N ALA E 103 -4.86 -8.93 31.27
CA ALA E 103 -5.60 -8.64 32.50
C ALA E 103 -5.43 -7.18 32.92
N ARG E 104 -5.54 -6.27 31.96
CA ARG E 104 -5.36 -4.86 32.27
C ARG E 104 -6.34 -4.27 33.29
N TYR E 105 -7.59 -4.72 33.28
CA TYR E 105 -8.56 -4.18 34.23
C TYR E 105 -8.13 -4.50 35.67
N ALA E 106 -7.68 -5.73 35.90
CA ALA E 106 -7.21 -6.11 37.22
C ALA E 106 -6.03 -5.24 37.58
N LYS E 107 -5.06 -5.14 36.66
CA LYS E 107 -3.86 -4.36 36.91
C LYS E 107 -4.13 -2.89 37.22
N ALA E 108 -5.11 -2.29 36.53
CA ALA E 108 -5.42 -0.88 36.74
C ALA E 108 -5.76 -0.58 38.21
N ALA E 109 -6.41 -1.53 38.87
CA ALA E 109 -6.78 -1.32 40.27
C ALA E 109 -5.55 -1.13 41.15
N VAL E 110 -4.53 -1.94 40.90
CA VAL E 110 -3.28 -1.90 41.64
C VAL E 110 -2.50 -0.61 41.36
N ASP E 111 -2.49 -0.19 40.11
CA ASP E 111 -1.81 1.05 39.71
C ASP E 111 -2.42 2.26 40.41
N VAL E 112 -3.75 2.38 40.37
CA VAL E 112 -4.42 3.51 40.99
C VAL E 112 -4.25 3.56 42.51
N ALA E 113 -4.40 2.42 43.18
CA ALA E 113 -4.23 2.37 44.62
C ALA E 113 -2.83 2.87 44.99
N HIS E 115 -0.89 4.81 43.35
CA HIS E 115 -0.85 6.24 43.06
C HIS E 115 -1.55 7.00 44.20
N ASP E 116 -2.68 6.46 44.66
CA ASP E 116 -3.45 7.08 45.73
C ASP E 116 -2.62 7.08 47.02
N ALA E 117 -2.02 5.94 47.35
CA ALA E 117 -1.20 5.80 48.54
C ALA E 117 0.00 6.74 48.51
N TRP E 118 0.75 6.69 47.42
CA TRP E 118 1.93 7.51 47.24
C TRP E 118 1.61 9.00 47.35
N ALA E 119 0.62 9.45 46.60
CA ALA E 119 0.23 10.85 46.61
C ALA E 119 -0.18 11.31 48.00
N ARG E 120 -0.93 10.48 48.71
CA ARG E 120 -1.36 10.85 50.05
C ARG E 120 -0.14 10.99 50.93
N SER E 121 0.80 10.04 50.82
CA SER E 121 2.02 10.09 51.61
C SER E 121 2.77 11.39 51.35
N LEU E 122 2.76 11.87 50.11
CA LEU E 122 3.44 13.10 49.74
C LEU E 122 2.56 14.31 49.96
N ASN E 123 1.35 14.04 50.43
CA ASN E 123 0.37 15.08 50.71
C ASN E 123 0.00 15.93 49.48
N VAL E 124 -0.07 15.28 48.32
CA VAL E 124 -0.44 15.97 47.09
C VAL E 124 -1.52 15.18 46.36
N PRO E 125 -2.27 15.84 45.47
CA PRO E 125 -3.32 15.16 44.71
C PRO E 125 -2.64 14.20 43.73
N VAL E 126 -3.34 13.16 43.31
CA VAL E 126 -2.77 12.19 42.38
C VAL E 126 -2.29 12.85 41.08
N ARG E 127 -3.00 13.89 40.64
CA ARG E 127 -2.62 14.57 39.40
C ARG E 127 -1.23 15.19 39.45
N ASP E 128 -0.73 15.46 40.65
CA ASP E 128 0.60 16.04 40.78
C ASP E 128 1.70 15.01 40.53
N LEU E 129 1.31 13.74 40.43
CA LEU E 129 2.26 12.69 40.12
C LEU E 129 2.16 12.44 38.60
N LEU E 130 1.27 13.20 37.96
CA LEU E 130 1.01 13.05 36.53
C LEU E 130 1.21 14.31 35.67
N GLY E 131 1.95 15.28 36.19
CA GLY E 131 2.19 16.50 35.42
C GLY E 131 1.54 17.79 35.90
N GLY E 132 0.70 17.72 36.92
CA GLY E 132 0.06 18.93 37.41
C GLY E 132 -1.31 19.15 36.80
N THR E 133 -1.88 20.32 36.98
CA THR E 133 -3.21 20.54 36.45
C THR E 133 -3.24 21.38 35.19
N VAL E 134 -4.12 20.97 34.27
CA VAL E 134 -4.33 21.64 33.01
C VAL E 134 -5.76 22.16 33.07
N ARG E 135 -6.60 21.45 33.82
CA ARG E 135 -8.00 21.81 33.97
C ARG E 135 -8.51 21.39 35.36
N ASP E 136 -9.57 22.02 35.84
CA ASP E 136 -10.12 21.67 37.15
C ASP E 136 -11.56 21.21 37.05
N LYS E 137 -12.10 21.25 35.83
CA LYS E 137 -13.46 20.81 35.58
C LYS E 137 -13.52 20.23 34.17
N VAL E 138 -14.42 19.27 33.96
CA VAL E 138 -14.55 18.63 32.66
C VAL E 138 -16.02 18.44 32.30
N ASP E 139 -16.33 18.55 31.02
CA ASP E 139 -17.69 18.36 30.54
C ASP E 139 -18.06 16.89 30.72
N VAL E 140 -19.34 16.63 30.91
CA VAL E 140 -19.79 15.26 31.10
C VAL E 140 -20.97 14.93 30.20
N THR E 141 -20.84 13.82 29.48
CA THR E 141 -21.89 13.37 28.58
C THR E 141 -22.61 12.26 29.36
N TRP E 142 -23.95 12.29 29.34
CA TRP E 142 -24.75 11.30 30.04
C TRP E 142 -25.06 10.13 29.13
N ALA E 143 -24.94 8.92 29.66
CA ALA E 143 -25.19 7.72 28.87
C ALA E 143 -26.45 7.00 29.31
N LEU E 144 -27.38 6.81 28.38
CA LEU E 144 -28.61 6.11 28.66
C LEU E 144 -28.48 4.66 28.23
N GLY E 145 -28.90 3.74 29.10
CA GLY E 145 -28.86 2.34 28.73
C GLY E 145 -29.97 2.17 27.70
N VAL E 146 -30.19 0.94 27.24
CA VAL E 146 -31.25 0.72 26.27
C VAL E 146 -32.60 1.05 26.92
N LEU E 147 -33.34 1.96 26.31
CA LEU E 147 -34.64 2.36 26.83
C LEU E 147 -35.62 2.58 25.69
N PRO E 148 -36.90 2.27 25.91
CA PRO E 148 -37.89 2.48 24.84
C PRO E 148 -37.87 3.98 24.54
N LEU E 149 -38.23 4.35 23.32
CA LEU E 149 -38.23 5.74 22.89
C LEU E 149 -38.69 6.76 23.94
N ASP E 150 -39.98 6.77 24.24
CA ASP E 150 -40.54 7.72 25.19
C ASP E 150 -39.80 7.82 26.51
N VAL E 151 -39.44 6.68 27.09
CA VAL E 151 -38.72 6.68 28.37
C VAL E 151 -37.41 7.46 28.23
N ALA E 152 -36.64 7.15 27.18
CA ALA E 152 -35.36 7.81 26.95
C ALA E 152 -35.49 9.32 26.76
N VAL E 153 -36.45 9.75 25.95
CA VAL E 153 -36.65 11.17 25.71
C VAL E 153 -36.97 11.87 27.03
N ALA E 154 -37.67 11.16 27.91
CA ALA E 154 -38.02 11.72 29.22
C ALA E 154 -36.75 11.94 30.02
N GLU E 155 -36.00 10.88 30.25
CA GLU E 155 -34.76 10.96 31.02
C GLU E 155 -33.83 12.06 30.51
N ILE E 156 -33.76 12.26 29.19
CA ILE E 156 -32.90 13.29 28.64
C ILE E 156 -33.41 14.66 29.06
N GLU E 157 -34.72 14.86 28.89
CA GLU E 157 -35.34 16.12 29.26
C GLU E 157 -35.01 16.43 30.71
N GLU E 158 -35.09 15.40 31.55
CA GLU E 158 -34.82 15.51 32.98
C GLU E 158 -33.35 15.86 33.28
N ARG E 159 -32.43 15.26 32.54
CA ARG E 159 -31.01 15.50 32.74
C ARG E 159 -30.61 16.92 32.33
N ILE E 160 -31.21 17.40 31.25
CA ILE E 160 -30.90 18.74 30.76
C ILE E 160 -31.27 19.79 31.80
N GLU E 161 -32.34 19.52 32.54
CA GLU E 161 -32.81 20.46 33.57
C GLU E 161 -32.04 20.39 34.88
N GLU E 162 -31.97 19.21 35.46
CA GLU E 162 -31.31 19.00 36.74
C GLU E 162 -29.78 19.01 36.74
N PHE E 163 -29.16 18.58 35.65
CA PHE E 163 -27.70 18.52 35.59
C PHE E 163 -27.04 19.29 34.46
N GLY E 164 -27.81 19.61 33.43
CA GLY E 164 -27.27 20.39 32.32
C GLY E 164 -26.41 19.69 31.29
N ASN E 165 -26.36 18.36 31.29
CA ASN E 165 -25.55 17.64 30.31
C ASN E 165 -25.85 18.15 28.90
N ARG E 166 -24.80 18.49 28.15
CA ARG E 166 -24.95 19.01 26.80
C ARG E 166 -24.80 17.96 25.69
N SER E 167 -24.68 16.69 26.07
CA SER E 167 -24.55 15.62 25.10
C SER E 167 -25.01 14.32 25.75
N PHE E 168 -25.61 13.45 24.95
CA PHE E 168 -26.10 12.20 25.47
C PHE E 168 -25.69 11.02 24.64
N LYS E 169 -25.40 9.92 25.33
CA LYS E 169 -24.97 8.69 24.70
C LYS E 169 -26.08 7.65 24.83
N LEU E 170 -26.49 7.08 23.70
CA LEU E 170 -27.55 6.08 23.73
C LEU E 170 -27.01 4.68 23.43
N LYS E 171 -27.11 3.78 24.41
CA LYS E 171 -26.64 2.42 24.18
C LYS E 171 -27.63 1.70 23.25
N GLY E 173 -28.10 -2.21 20.60
CA GLY E 173 -27.65 -3.59 20.47
C GLY E 173 -28.56 -4.71 20.88
N ALA E 174 -29.59 -4.40 21.65
CA ALA E 174 -30.55 -5.41 22.08
C ALA E 174 -31.67 -5.57 21.06
N GLY E 175 -31.96 -6.81 20.69
CA GLY E 175 -33.04 -7.06 19.73
C GLY E 175 -32.84 -6.51 18.33
N ASP E 176 -33.87 -6.71 17.50
CA ASP E 176 -33.89 -6.29 16.10
C ASP E 176 -33.21 -4.97 15.81
N PRO E 177 -32.23 -4.98 14.88
CA PRO E 177 -31.48 -3.78 14.49
C PRO E 177 -32.34 -2.69 13.88
N ALA E 178 -33.23 -3.07 12.97
CA ALA E 178 -34.10 -2.10 12.30
C ALA E 178 -34.90 -1.29 13.32
N GLU E 179 -35.49 -1.98 14.29
CA GLU E 179 -36.29 -1.30 15.30
C GLU E 179 -35.38 -0.46 16.19
N ASP E 180 -34.30 -1.09 16.63
CA ASP E 180 -33.32 -0.44 17.47
C ASP E 180 -32.96 0.88 16.77
N THR E 181 -32.80 0.81 15.45
CA THR E 181 -32.44 1.99 14.66
C THR E 181 -33.59 2.99 14.58
N ARG E 182 -34.81 2.48 14.46
CA ARG E 182 -36.00 3.32 14.39
C ARG E 182 -36.04 4.12 15.69
N ARG E 183 -35.91 3.41 16.80
CA ARG E 183 -35.92 3.98 18.13
C ARG E 183 -34.97 5.18 18.24
N VAL E 184 -33.70 4.95 17.97
CA VAL E 184 -32.74 6.05 18.07
C VAL E 184 -33.00 7.14 17.05
N ALA E 185 -33.33 6.76 15.82
CA ALA E 185 -33.60 7.75 14.78
C ALA E 185 -34.67 8.75 15.25
N GLU E 186 -35.81 8.25 15.71
CA GLU E 186 -36.88 9.11 16.17
C GLU E 186 -36.51 9.95 17.38
N LEU E 187 -35.69 9.41 18.27
CA LEU E 187 -35.28 10.16 19.45
C LEU E 187 -34.41 11.34 19.01
N ALA E 188 -33.63 11.10 17.96
CA ALA E 188 -32.74 12.14 17.44
C ALA E 188 -33.49 13.35 16.87
N ARG E 189 -34.58 13.11 16.17
CA ARG E 189 -35.34 14.21 15.58
C ARG E 189 -36.00 15.07 16.64
N GLU E 190 -36.38 14.45 17.75
CA GLU E 190 -37.03 15.14 18.85
C GLU E 190 -36.05 15.88 19.76
N VAL E 191 -34.87 15.30 19.97
CA VAL E 191 -33.87 15.89 20.85
C VAL E 191 -32.63 16.48 20.18
N GLY E 192 -32.18 15.82 19.11
CA GLY E 192 -30.98 16.24 18.39
C GLY E 192 -30.73 17.72 18.17
N ASP E 193 -31.80 18.49 18.06
CA ASP E 193 -31.67 19.93 17.83
C ASP E 193 -31.05 20.64 19.02
N ARG E 194 -31.32 20.13 20.21
CA ARG E 194 -30.83 20.74 21.45
C ARG E 194 -29.50 20.22 21.99
N VAL E 195 -29.25 18.92 21.85
CA VAL E 195 -28.02 18.34 22.37
C VAL E 195 -27.23 17.55 21.34
N SER E 196 -26.05 17.09 21.75
CA SER E 196 -25.19 16.30 20.90
C SER E 196 -25.52 14.83 21.17
N LEU E 197 -25.89 14.10 20.12
CA LEU E 197 -26.26 12.69 20.28
C LEU E 197 -25.22 11.70 19.74
N ARG E 198 -24.91 10.70 20.56
CA ARG E 198 -23.96 9.65 20.20
C ARG E 198 -24.59 8.30 20.53
N ILE E 199 -24.00 7.24 20.02
CA ILE E 199 -24.50 5.91 20.29
C ILE E 199 -23.34 4.95 20.56
N ASP E 200 -23.64 3.83 21.19
CA ASP E 200 -22.63 2.83 21.50
C ASP E 200 -23.31 1.49 21.41
N ILE E 201 -22.76 0.57 20.62
CA ILE E 201 -23.37 -0.73 20.46
C ILE E 201 -22.52 -1.84 21.07
N ASN E 202 -21.46 -1.45 21.77
CA ASN E 202 -20.59 -2.42 22.44
C ASN E 202 -20.24 -3.60 21.55
N ALA E 203 -19.87 -3.27 20.31
CA ALA E 203 -19.45 -4.27 19.34
C ALA E 203 -20.44 -5.39 19.11
N ARG E 204 -21.72 -5.17 19.38
CA ARG E 204 -22.66 -6.25 19.20
C ARG E 204 -23.44 -6.28 17.88
N TRP E 205 -23.07 -5.43 16.93
CA TRP E 205 -23.71 -5.47 15.60
C TRP E 205 -22.61 -6.04 14.68
N ASP E 206 -22.98 -6.82 13.68
CA ASP E 206 -21.95 -7.29 12.79
C ASP E 206 -21.71 -6.18 11.75
N ARG E 207 -20.64 -6.32 10.96
CA ARG E 207 -20.27 -5.32 9.96
C ARG E 207 -21.39 -4.97 8.97
N ARG E 208 -22.01 -5.98 8.39
CA ARG E 208 -23.08 -5.72 7.41
C ARG E 208 -24.20 -4.91 8.02
N THR E 209 -24.65 -5.33 9.20
CA THR E 209 -25.74 -4.63 9.89
C THR E 209 -25.41 -3.17 10.14
N ALA E 210 -24.17 -2.92 10.55
CA ALA E 210 -23.73 -1.56 10.83
C ALA E 210 -23.68 -0.68 9.59
N LEU E 211 -23.12 -1.19 8.51
CA LEU E 211 -23.03 -0.41 7.29
C LEU E 211 -24.44 -0.14 6.72
N HIS E 212 -25.36 -1.05 7.01
CA HIS E 212 -26.73 -0.93 6.51
C HIS E 212 -27.61 0.04 7.30
N TYR E 213 -27.50 0.05 8.63
CA TYR E 213 -28.35 0.92 9.45
C TYR E 213 -27.77 2.24 9.91
N LEU E 214 -26.48 2.27 10.23
CA LEU E 214 -25.87 3.49 10.70
C LEU E 214 -26.13 4.73 9.83
N PRO E 215 -26.18 4.56 8.49
CA PRO E 215 -26.45 5.72 7.63
C PRO E 215 -27.75 6.44 8.04
N ILE E 216 -28.73 5.65 8.45
CA ILE E 216 -30.02 6.16 8.88
C ILE E 216 -29.84 7.06 10.11
N LEU E 217 -28.96 6.65 11.03
CA LEU E 217 -28.72 7.46 12.22
C LEU E 217 -27.95 8.71 11.83
N ALA E 218 -27.01 8.57 10.90
CA ALA E 218 -26.21 9.70 10.43
C ALA E 218 -27.15 10.78 9.89
N GLU E 219 -28.08 10.38 9.04
CA GLU E 219 -29.04 11.30 8.44
C GLU E 219 -29.92 11.94 9.54
N ALA E 220 -30.29 11.14 10.54
CA ALA E 220 -31.12 11.63 11.64
C ALA E 220 -30.38 12.56 12.61
N GLY E 221 -29.06 12.65 12.49
CA GLY E 221 -28.32 13.54 13.36
C GLY E 221 -27.28 12.98 14.32
N VAL E 222 -27.22 11.67 14.50
CA VAL E 222 -26.21 11.08 15.39
C VAL E 222 -24.83 11.49 14.90
N GLU E 223 -24.02 12.05 15.81
CA GLU E 223 -22.68 12.54 15.49
C GLU E 223 -21.51 11.64 15.87
N LEU E 224 -21.78 10.51 16.50
CA LEU E 224 -20.69 9.62 16.90
C LEU E 224 -21.17 8.18 17.02
N PHE E 225 -20.38 7.27 16.46
CA PHE E 225 -20.68 5.85 16.52
C PHE E 225 -19.58 5.19 17.33
N GLU E 226 -19.88 4.88 18.60
CA GLU E 226 -18.89 4.24 19.45
C GLU E 226 -18.98 2.74 19.21
N GLN E 227 -17.83 2.13 19.01
CA GLN E 227 -17.69 0.69 18.80
C GLN E 227 -19.00 -0.02 18.43
N PRO E 228 -19.46 0.18 17.19
CA PRO E 228 -20.70 -0.49 16.79
C PRO E 228 -20.42 -1.94 16.43
N THR E 229 -19.18 -2.20 16.03
CA THR E 229 -18.79 -3.53 15.57
C THR E 229 -17.63 -4.19 16.34
N PRO E 230 -17.33 -5.46 16.03
CA PRO E 230 -16.24 -6.18 16.71
C PRO E 230 -14.92 -5.43 16.91
N ALA E 231 -14.35 -5.60 18.09
CA ALA E 231 -13.09 -4.98 18.47
C ALA E 231 -11.96 -5.26 17.49
N ASP E 232 -11.89 -6.49 16.99
CA ASP E 232 -10.85 -6.89 16.06
C ASP E 232 -10.89 -6.28 14.66
N ASP E 233 -12.06 -5.84 14.23
CA ASP E 233 -12.24 -5.35 12.86
C ASP E 233 -12.06 -3.84 12.66
N LEU E 234 -10.81 -3.39 12.62
CA LEU E 234 -10.52 -1.98 12.46
C LEU E 234 -10.91 -1.43 11.09
N GLU E 235 -10.83 -2.27 10.07
CA GLU E 235 -11.17 -1.83 8.72
C GLU E 235 -12.65 -1.44 8.64
N THR E 236 -13.49 -2.17 9.34
CA THR E 236 -14.91 -1.89 9.35
C THR E 236 -15.18 -0.54 10.01
N LEU E 237 -14.45 -0.23 11.09
CA LEU E 237 -14.66 1.06 11.74
C LEU E 237 -14.37 2.16 10.73
N ARG E 238 -13.30 1.98 9.97
CA ARG E 238 -12.91 2.94 8.95
C ARG E 238 -13.97 3.01 7.84
N GLU E 239 -14.44 1.86 7.38
CA GLU E 239 -15.42 1.84 6.31
C GLU E 239 -16.75 2.50 6.70
N ILE E 240 -17.18 2.34 7.95
CA ILE E 240 -18.44 2.96 8.33
C ILE E 240 -18.31 4.47 8.22
N THR E 241 -17.15 5.01 8.58
CA THR E 241 -16.96 6.45 8.48
C THR E 241 -16.88 6.86 7.02
N ARG E 242 -16.28 6.01 6.20
CA ARG E 242 -16.17 6.31 4.78
C ARG E 242 -17.55 6.40 4.13
N ARG E 243 -18.46 5.53 4.54
CA ARG E 243 -19.81 5.51 3.95
C ARG E 243 -20.85 6.39 4.64
N THR E 244 -20.52 6.97 5.78
CA THR E 244 -21.49 7.81 6.45
C THR E 244 -20.96 9.20 6.74
N ASN E 245 -19.64 9.32 6.76
CA ASN E 245 -19.00 10.59 7.07
C ASN E 245 -19.21 11.05 8.52
N VAL E 246 -19.48 10.11 9.42
CA VAL E 246 -19.64 10.43 10.82
C VAL E 246 -18.52 9.73 11.61
N SER E 247 -17.99 10.44 12.60
CA SER E 247 -16.90 9.95 13.43
C SER E 247 -17.20 8.66 14.19
N VAL E 248 -16.14 7.87 14.41
CA VAL E 248 -16.26 6.63 15.14
C VAL E 248 -15.38 6.78 16.37
N ALA E 250 -13.37 4.48 19.18
CA ALA E 250 -12.92 3.14 19.50
C ALA E 250 -12.96 2.91 21.00
N ASP E 251 -13.54 1.78 21.40
CA ASP E 251 -13.61 1.44 22.82
C ASP E 251 -13.04 0.06 23.05
N GLU E 252 -13.83 -0.99 22.79
CA GLU E 252 -13.26 -2.32 23.00
C GLU E 252 -12.05 -2.55 22.10
N SER E 253 -11.97 -1.84 20.97
CA SER E 253 -10.85 -1.98 20.04
C SER E 253 -9.52 -1.46 20.64
N VAL E 254 -9.62 -0.54 21.60
CA VAL E 254 -8.42 0.03 22.20
C VAL E 254 -8.29 -0.15 23.71
N TRP E 255 -7.44 -1.08 24.12
CA TRP E 255 -7.18 -1.30 25.54
C TRP E 255 -5.72 -0.91 25.83
N THR E 256 -4.81 -1.34 24.94
CA THR E 256 -3.37 -1.09 25.09
C THR E 256 -2.77 -0.07 24.12
N PRO E 257 -1.55 0.42 24.43
CA PRO E 257 -0.87 1.39 23.57
C PRO E 257 -0.67 0.84 22.15
N ALA E 258 -0.36 -0.45 22.04
CA ALA E 258 -0.18 -1.07 20.71
C ALA E 258 -1.50 -1.03 19.94
N GLU E 259 -2.61 -1.30 20.62
CA GLU E 259 -3.92 -1.27 19.98
C GLU E 259 -4.27 0.16 19.56
N ALA E 260 -3.84 1.14 20.36
CA ALA E 260 -4.12 2.52 20.00
C ALA E 260 -3.33 2.82 18.72
N LEU E 261 -2.09 2.35 18.68
CA LEU E 261 -1.23 2.54 17.52
C LEU E 261 -1.84 1.89 16.27
N ALA E 262 -2.44 0.71 16.46
CA ALA E 262 -3.06 -0.03 15.35
C ALA E 262 -4.21 0.77 14.80
N VAL E 263 -4.97 1.42 15.69
CA VAL E 263 -6.10 2.24 15.30
C VAL E 263 -5.59 3.45 14.51
N VAL E 264 -4.47 4.01 14.93
CA VAL E 264 -3.88 5.13 14.22
C VAL E 264 -3.47 4.71 12.80
N LYS E 265 -2.75 3.59 12.71
CA LYS E 265 -2.28 3.09 11.43
C LYS E 265 -3.41 2.76 10.46
N ALA E 266 -4.52 2.25 11.01
CA ALA E 266 -5.67 1.89 10.20
C ALA E 266 -6.67 3.05 10.01
N GLN E 267 -6.36 4.21 10.59
CA GLN E 267 -7.25 5.38 10.51
C GLN E 267 -8.65 4.89 10.87
N ALA E 268 -8.72 4.05 11.90
CA ALA E 268 -9.98 3.45 12.32
C ALA E 268 -10.96 4.31 13.12
N ALA E 269 -10.48 5.39 13.74
CA ALA E 269 -11.38 6.24 14.55
C ALA E 269 -10.84 7.63 14.84
N ASP E 270 -11.74 8.61 14.87
CA ASP E 270 -11.36 10.00 15.15
C ASP E 270 -11.18 10.21 16.65
N VAL E 271 -11.81 9.33 17.43
CA VAL E 271 -11.76 9.43 18.88
C VAL E 271 -11.51 8.09 19.57
N ILE E 272 -10.78 8.13 20.68
CA ILE E 272 -10.51 6.94 21.47
C ILE E 272 -11.18 7.07 22.85
N ALA E 273 -11.87 6.03 23.27
CA ALA E 273 -12.52 6.05 24.59
C ALA E 273 -11.46 5.64 25.59
N LEU E 274 -10.86 6.66 26.22
CA LEU E 274 -9.79 6.52 27.19
C LEU E 274 -10.33 6.27 28.60
N LYS E 275 -10.07 5.06 29.11
CA LYS E 275 -10.51 4.64 30.44
C LYS E 275 -9.31 4.15 31.23
N THR E 276 -9.04 4.78 32.36
CA THR E 276 -7.89 4.39 33.19
C THR E 276 -7.96 2.96 33.68
N THR E 277 -9.19 2.44 33.80
CA THR E 277 -9.44 1.08 34.23
C THR E 277 -9.11 0.08 33.10
N LYS E 278 -9.65 0.33 31.91
CA LYS E 278 -9.42 -0.54 30.76
C LYS E 278 -7.95 -0.58 30.34
N HIS E 279 -7.26 0.55 30.43
CA HIS E 279 -5.86 0.62 30.01
C HIS E 279 -4.84 -0.02 30.94
N GLY E 280 -5.22 -0.35 32.17
CA GLY E 280 -4.28 -0.98 33.08
C GLY E 280 -3.59 -0.03 34.04
N GLY E 281 -4.21 1.13 34.25
CA GLY E 281 -3.65 2.11 35.17
C GLY E 281 -3.41 3.47 34.58
N LEU E 282 -3.00 4.40 35.44
CA LEU E 282 -2.75 5.76 35.03
C LEU E 282 -1.50 5.85 34.14
N LEU E 283 -0.48 5.05 34.41
CA LEU E 283 0.73 5.09 33.59
C LEU E 283 0.38 4.70 32.14
N GLU E 284 -0.32 3.58 31.99
CA GLU E 284 -0.69 3.13 30.66
C GLU E 284 -1.58 4.15 29.99
N SER E 285 -2.49 4.75 30.76
CA SER E 285 -3.39 5.76 30.21
C SER E 285 -2.62 6.92 29.58
N LYS E 286 -1.51 7.31 30.20
CA LYS E 286 -0.70 8.40 29.64
C LYS E 286 -0.14 7.97 28.29
N LYS E 287 0.20 6.69 28.15
CA LYS E 287 0.74 6.16 26.91
C LYS E 287 -0.33 6.22 25.81
N ILE E 288 -1.55 5.82 26.15
CA ILE E 288 -2.67 5.86 25.19
C ILE E 288 -2.81 7.29 24.68
N ALA E 289 -2.80 8.24 25.61
CA ALA E 289 -2.94 9.65 25.30
C ALA E 289 -1.82 10.18 24.39
N ALA E 290 -0.58 9.80 24.67
CA ALA E 290 0.55 10.22 23.86
C ALA E 290 0.42 9.77 22.41
N ILE E 291 0.05 8.50 22.24
CA ILE E 291 -0.09 7.92 20.92
C ILE E 291 -1.25 8.54 20.15
N ALA E 292 -2.41 8.66 20.80
CA ALA E 292 -3.57 9.26 20.16
C ALA E 292 -3.26 10.67 19.69
N GLU E 293 -2.68 11.47 20.58
CA GLU E 293 -2.36 12.86 20.27
C GLU E 293 -1.36 13.03 19.13
N ALA E 294 -0.34 12.17 19.09
CA ALA E 294 0.66 12.26 18.03
C ALA E 294 0.01 12.02 16.68
N GLY E 295 -1.00 11.15 16.66
CA GLY E 295 -1.69 10.83 15.42
C GLY E 295 -2.93 11.69 15.16
N GLY E 296 -3.10 12.74 15.95
CA GLY E 296 -4.23 13.63 15.77
C GLY E 296 -5.57 13.11 16.26
N LEU E 297 -5.59 11.95 16.91
CA LEU E 297 -6.86 11.41 17.39
C LEU E 297 -7.23 12.00 18.74
N ALA E 298 -8.52 12.23 18.94
CA ALA E 298 -9.00 12.80 20.18
C ALA E 298 -9.25 11.73 21.21
N CYS E 299 -9.08 12.10 22.47
CA CYS E 299 -9.32 11.17 23.55
C CYS E 299 -10.51 11.70 24.34
N HIS E 300 -11.39 10.78 24.69
CA HIS E 300 -12.60 11.08 25.46
C HIS E 300 -12.36 10.43 26.83
N GLY E 301 -12.62 11.18 27.89
CA GLY E 301 -12.47 10.60 29.23
C GLY E 301 -13.62 9.64 29.45
N ALA E 302 -13.50 8.42 28.93
CA ALA E 302 -14.56 7.42 29.03
C ALA E 302 -14.65 6.72 30.38
N THR E 303 -15.71 5.92 30.55
CA THR E 303 -15.92 5.24 31.81
C THR E 303 -16.29 3.77 31.67
N SER E 304 -15.89 2.98 32.65
CA SER E 304 -16.24 1.57 32.70
C SER E 304 -17.33 1.47 33.76
N LEU E 305 -17.94 2.61 34.07
CA LEU E 305 -18.98 2.70 35.11
C LEU E 305 -18.31 2.50 36.47
N GLU E 306 -17.22 3.24 36.68
CA GLU E 306 -16.49 3.17 37.93
C GLU E 306 -17.27 3.86 39.06
N GLY E 307 -17.10 3.35 40.27
CA GLY E 307 -17.75 3.97 41.41
C GLY E 307 -16.99 5.25 41.74
N PRO E 308 -17.14 5.81 42.95
CA PRO E 308 -16.45 7.04 43.33
C PRO E 308 -14.92 7.01 43.31
N ILE E 309 -14.31 5.91 43.73
CA ILE E 309 -12.85 5.81 43.71
C ILE E 309 -12.31 5.75 42.28
N GLY E 310 -12.89 4.86 41.48
CA GLY E 310 -12.46 4.75 40.09
C GLY E 310 -12.65 6.07 39.36
N THR E 311 -13.82 6.67 39.53
CA THR E 311 -14.14 7.93 38.87
C THR E 311 -13.18 9.04 39.28
N ALA E 312 -12.83 9.11 40.56
CA ALA E 312 -11.89 10.12 41.06
C ALA E 312 -10.56 9.96 40.31
N ALA E 313 -10.05 8.74 40.24
CA ALA E 313 -8.79 8.51 39.53
C ALA E 313 -8.90 9.05 38.09
N SER E 314 -9.89 8.59 37.34
CA SER E 314 -10.03 9.08 35.97
C SER E 314 -10.14 10.60 35.88
N LEU E 315 -10.65 11.22 36.95
CA LEU E 315 -10.78 12.67 36.94
C LEU E 315 -9.44 13.36 37.17
N GLN E 316 -8.58 12.74 37.97
CA GLN E 316 -7.25 13.28 38.24
C GLN E 316 -6.48 13.28 36.92
N PHE E 317 -6.61 12.18 36.20
CA PHE E 317 -5.95 12.00 34.90
C PHE E 317 -6.42 13.07 33.91
N ALA E 318 -7.74 13.25 33.82
CA ALA E 318 -8.30 14.24 32.91
C ALA E 318 -7.80 15.63 33.27
N ALA E 319 -7.51 15.87 34.55
CA ALA E 319 -7.04 17.17 34.99
C ALA E 319 -5.60 17.43 34.57
N SER E 320 -4.84 16.37 34.35
CA SER E 320 -3.44 16.52 33.98
C SER E 320 -3.12 16.11 32.55
N THR E 321 -4.14 15.73 31.78
CA THR E 321 -3.91 15.30 30.41
C THR E 321 -4.57 16.23 29.39
N LYS E 322 -3.78 17.09 28.78
CA LYS E 322 -4.31 18.00 27.76
C LYS E 322 -4.97 17.19 26.65
N ALA E 323 -4.38 16.04 26.34
CA ALA E 323 -4.87 15.14 25.29
C ALA E 323 -6.33 14.71 25.44
N ILE E 324 -6.91 14.88 26.64
CA ILE E 324 -8.32 14.57 26.83
C ILE E 324 -8.96 15.84 26.25
N SER E 325 -9.27 15.78 24.96
CA SER E 325 -9.82 16.91 24.22
C SER E 325 -11.26 16.79 23.73
N TYR E 326 -12.00 15.78 24.18
CA TYR E 326 -13.38 15.63 23.74
C TYR E 326 -14.31 15.29 24.90
N GLY E 327 -14.19 16.08 25.97
CA GLY E 327 -15.01 15.88 27.16
C GLY E 327 -14.82 14.53 27.82
N THR E 328 -15.81 14.13 28.61
CA THR E 328 -15.79 12.85 29.30
C THR E 328 -17.22 12.34 29.50
N GLU E 329 -17.32 11.15 30.10
CA GLU E 329 -18.60 10.52 30.45
C GLU E 329 -18.41 9.94 31.86
N LEU E 330 -17.75 10.70 32.72
CA LEU E 330 -17.48 10.26 34.08
C LEU E 330 -18.68 10.63 34.97
N PHE E 331 -19.75 9.85 34.82
CA PHE E 331 -20.99 10.03 35.56
C PHE E 331 -21.26 8.83 36.44
N GLY E 332 -20.37 7.84 36.34
CA GLY E 332 -20.51 6.61 37.11
C GLY E 332 -21.11 6.70 38.51
N PRO E 333 -20.64 7.66 39.34
CA PRO E 333 -21.18 7.80 40.71
C PRO E 333 -22.69 8.03 40.71
N GLN E 334 -23.14 8.92 39.85
CA GLN E 334 -24.56 9.26 39.74
C GLN E 334 -25.45 8.06 39.39
N LEU E 335 -24.83 6.95 39.00
CA LEU E 335 -25.60 5.76 38.61
C LEU E 335 -25.85 4.83 39.79
N LEU E 336 -25.07 5.00 40.85
CA LEU E 336 -25.20 4.18 42.04
C LEU E 336 -26.25 4.78 42.98
N LYS E 337 -27.06 3.93 43.59
CA LYS E 337 -28.10 4.40 44.49
C LYS E 337 -27.48 4.98 45.76
N ASP E 338 -26.32 4.47 46.15
CA ASP E 338 -25.62 4.97 47.33
C ASP E 338 -24.13 5.01 47.04
N THR E 339 -23.32 5.38 48.02
CA THR E 339 -21.88 5.48 47.82
C THR E 339 -21.09 4.91 49.00
N TYR E 340 -19.77 4.98 48.89
CA TYR E 340 -18.86 4.52 49.93
C TYR E 340 -17.68 5.47 49.97
N ILE E 341 -17.93 6.73 49.63
CA ILE E 341 -16.85 7.71 49.58
C ILE E 341 -16.92 8.99 50.43
N VAL E 342 -17.75 9.04 51.46
CA VAL E 342 -17.81 10.22 52.33
C VAL E 342 -18.22 11.54 51.66
N GLN E 343 -17.39 12.06 50.76
CA GLN E 343 -17.70 13.32 50.08
C GLN E 343 -18.60 13.09 48.87
N GLU E 344 -19.00 14.19 48.25
CA GLU E 344 -19.85 14.17 47.06
C GLU E 344 -19.20 14.93 45.93
N PHE E 345 -19.47 14.49 44.70
CA PHE E 345 -18.94 15.16 43.52
C PHE E 345 -19.87 16.33 43.21
N GLU E 346 -19.34 17.35 42.56
CA GLU E 346 -20.17 18.51 42.22
C GLU E 346 -20.54 18.51 40.74
N TYR E 347 -21.67 17.91 40.42
CA TYR E 347 -22.17 17.85 39.05
C TYR E 347 -23.17 18.97 38.77
N LYS E 348 -22.84 19.86 37.84
CA LYS E 348 -23.75 20.95 37.48
C LYS E 348 -23.34 21.60 36.16
N ASP E 349 -24.29 22.23 35.51
CA ASP E 349 -24.02 22.90 34.24
C ASP E 349 -23.37 21.93 33.24
N GLY E 350 -23.83 20.69 33.25
CA GLY E 350 -23.29 19.69 32.35
C GLY E 350 -21.83 19.34 32.62
N GLN E 351 -21.34 19.66 33.81
CA GLN E 351 -19.96 19.36 34.15
C GLN E 351 -19.82 18.74 35.53
N VAL E 352 -18.56 18.60 35.95
CA VAL E 352 -18.19 18.05 37.25
C VAL E 352 -16.80 18.59 37.55
N ALA E 353 -16.59 19.06 38.78
CA ALA E 353 -15.29 19.60 39.14
C ALA E 353 -14.37 18.48 39.59
N ILE E 354 -13.07 18.61 39.32
CA ILE E 354 -12.13 17.59 39.75
C ILE E 354 -11.95 17.72 41.25
N PRO E 355 -12.13 16.62 42.00
CA PRO E 355 -12.00 16.64 43.46
C PRO E 355 -10.66 17.22 43.90
N GLN E 356 -10.72 18.08 44.91
CA GLN E 356 -9.52 18.70 45.45
C GLN E 356 -9.07 17.89 46.66
N GLY E 357 -7.78 17.95 46.96
CA GLY E 357 -7.27 17.22 48.10
C GLY E 357 -6.16 16.25 47.77
N PRO E 358 -5.55 15.62 48.78
CA PRO E 358 -4.46 14.65 48.61
C PRO E 358 -4.97 13.34 48.04
N GLY E 359 -4.10 12.60 47.36
CA GLY E 359 -4.51 11.33 46.78
C GLY E 359 -5.63 11.53 45.77
N LEU E 360 -6.54 10.57 45.67
CA LEU E 360 -7.65 10.68 44.73
C LEU E 360 -8.53 11.90 44.99
N GLY E 361 -8.34 12.52 46.15
CA GLY E 361 -9.12 13.70 46.50
C GLY E 361 -10.51 13.41 47.00
N VAL E 362 -10.74 12.16 47.37
CA VAL E 362 -12.03 11.72 47.88
C VAL E 362 -11.70 10.61 48.89
N ASP E 363 -12.36 10.63 50.05
CA ASP E 363 -12.08 9.63 51.09
C ASP E 363 -13.14 8.57 51.25
N VAL E 364 -12.72 7.31 51.33
CA VAL E 364 -13.64 6.19 51.49
C VAL E 364 -14.29 6.17 52.87
N ASP E 365 -15.48 5.59 52.93
CA ASP E 365 -16.24 5.46 54.17
C ASP E 365 -16.27 3.95 54.46
N ASP E 367 -17.54 2.19 56.65
CA ASP E 367 -18.84 1.64 57.03
C ASP E 367 -19.57 1.19 55.78
N LYS E 368 -19.76 2.14 54.86
CA LYS E 368 -20.43 1.84 53.62
C LYS E 368 -19.70 0.74 52.84
N VAL E 369 -18.37 0.73 52.90
CA VAL E 369 -17.60 -0.29 52.20
C VAL E 369 -17.93 -1.68 52.76
N ASN E 370 -17.90 -1.81 54.08
CA ASN E 370 -18.19 -3.08 54.72
C ASN E 370 -19.64 -3.48 54.47
N PHE E 371 -20.51 -2.47 54.39
CA PHE E 371 -21.92 -2.69 54.17
C PHE E 371 -22.22 -3.30 52.80
N TYR E 372 -21.56 -2.79 51.77
CA TYR E 372 -21.78 -3.29 50.41
C TYR E 372 -20.87 -4.44 50.00
N THR E 373 -20.04 -4.91 50.92
CA THR E 373 -19.11 -6.01 50.64
C THR E 373 -19.85 -7.33 50.43
N ARG E 374 -19.39 -8.11 49.44
CA ARG E 374 -19.98 -9.40 49.14
C ARG E 374 -19.56 -10.44 50.17
N ASP F 5 2.66 30.47 46.81
CA ASP F 5 3.73 29.66 47.46
C ASP F 5 4.57 28.96 46.38
N LEU F 6 3.93 28.10 45.62
CA LEU F 6 4.61 27.40 44.53
C LEU F 6 4.55 28.32 43.31
N THR F 7 3.98 29.50 43.53
CA THR F 7 3.85 30.52 42.49
C THR F 7 5.19 30.87 41.87
N ILE F 8 5.26 30.83 40.53
CA ILE F 8 6.50 31.20 39.84
C ILE F 8 6.60 32.71 39.84
N GLN F 9 7.59 33.23 40.56
CA GLN F 9 7.81 34.66 40.68
C GLN F 9 8.71 35.19 39.58
N LYS F 10 9.75 34.43 39.25
CA LYS F 10 10.70 34.84 38.23
C LYS F 10 11.38 33.66 37.54
N VAL F 11 11.93 33.94 36.36
CA VAL F 11 12.66 32.95 35.56
C VAL F 11 13.81 33.68 34.88
N GLU F 12 15.03 33.25 35.17
CA GLU F 12 16.22 33.86 34.60
C GLU F 12 16.94 32.91 33.66
N SER F 13 17.73 33.47 32.74
CA SER F 13 18.50 32.66 31.79
C SER F 13 19.90 33.24 31.58
N ARG F 14 20.91 32.39 31.76
CA ARG F 14 22.31 32.77 31.59
C ARG F 14 22.98 31.83 30.59
N ILE F 15 23.80 32.37 29.69
CA ILE F 15 24.52 31.54 28.75
C ILE F 15 25.84 31.19 29.44
N LEU F 16 26.14 29.91 29.54
CA LEU F 16 27.37 29.47 30.17
C LEU F 16 28.30 28.91 29.11
N ASP F 17 29.57 29.29 29.17
CA ASP F 17 30.57 28.83 28.23
C ASP F 17 31.61 28.01 29.00
N VAL F 18 31.36 26.71 29.11
CA VAL F 18 32.28 25.84 29.83
C VAL F 18 33.27 25.19 28.88
N PRO F 19 34.55 25.11 29.29
CA PRO F 19 35.60 24.51 28.48
C PRO F 19 35.55 22.99 28.48
N LEU F 20 35.84 22.41 27.33
CA LEU F 20 35.87 20.96 27.19
C LEU F 20 37.29 20.55 27.51
N ILE F 21 37.52 19.26 27.71
CA ILE F 21 38.86 18.80 28.01
C ILE F 21 39.65 18.71 26.70
N ARG F 22 39.13 17.93 25.76
CA ARG F 22 39.77 17.76 24.46
C ARG F 22 38.78 18.20 23.40
N PRO F 23 39.27 18.83 22.32
CA PRO F 23 38.35 19.28 21.26
C PRO F 23 37.46 18.13 20.77
N HIS F 24 36.17 18.42 20.59
CA HIS F 24 35.23 17.40 20.12
C HIS F 24 34.95 17.64 18.63
N GLY F 25 35.35 16.69 17.80
CA GLY F 25 35.15 16.81 16.37
C GLY F 25 33.90 16.18 15.82
N PHE F 26 33.09 17.00 15.16
CA PHE F 26 31.84 16.55 14.55
C PHE F 26 32.04 16.37 13.05
N ALA F 27 30.95 16.23 12.32
CA ALA F 27 31.00 16.04 10.87
C ALA F 27 31.41 17.28 10.10
N THR F 28 31.05 18.46 10.61
CA THR F 28 31.38 19.71 9.92
C THR F 28 31.92 20.81 10.84
N THR F 29 32.15 20.49 12.11
CA THR F 29 32.66 21.48 13.06
C THR F 29 33.46 20.83 14.18
N THR F 30 34.23 21.65 14.91
CA THR F 30 35.03 21.16 16.03
C THR F 30 34.74 22.03 17.25
N SER F 31 34.46 21.40 18.38
CA SER F 31 34.16 22.12 19.60
C SER F 31 35.32 22.13 20.60
N THR F 32 35.59 23.32 21.14
CA THR F 32 36.65 23.53 22.11
C THR F 32 36.01 23.74 23.48
N GLU F 33 34.71 24.03 23.46
CA GLU F 33 33.93 24.24 24.66
C GLU F 33 32.45 24.07 24.33
N GLN F 34 31.63 23.87 25.36
CA GLN F 34 30.19 23.68 25.18
C GLN F 34 29.41 24.85 25.73
N HIS F 35 28.40 25.28 24.99
CA HIS F 35 27.58 26.40 25.40
C HIS F 35 26.29 25.84 26.00
N ILE F 36 25.92 26.35 27.17
CA ILE F 36 24.73 25.90 27.87
C ILE F 36 23.90 27.07 28.38
N LEU F 37 22.60 27.03 28.16
CA LEU F 37 21.72 28.08 28.64
C LEU F 37 21.15 27.56 29.94
N LEU F 38 21.58 28.14 31.05
CA LEU F 38 21.09 27.72 32.35
C LEU F 38 19.84 28.52 32.67
N VAL F 39 18.70 27.85 32.68
CA VAL F 39 17.44 28.51 32.97
C VAL F 39 17.06 28.15 34.41
N SER F 40 16.51 29.12 35.13
CA SER F 40 16.13 28.89 36.50
C SER F 40 14.74 29.43 36.80
N VAL F 41 13.97 28.63 37.55
CA VAL F 41 12.62 28.99 37.93
C VAL F 41 12.58 29.29 39.43
N HIS F 42 12.40 30.57 39.75
CA HIS F 42 12.37 31.04 41.13
C HIS F 42 10.93 31.06 41.67
N LEU F 43 10.67 30.23 42.67
CA LEU F 43 9.34 30.13 43.26
C LEU F 43 9.18 30.99 44.53
N GLU F 44 7.98 31.52 44.70
CA GLU F 44 7.64 32.36 45.84
C GLU F 44 8.20 31.82 47.15
N ASN F 45 8.27 30.49 47.28
CA ASN F 45 8.77 29.87 48.50
C ASN F 45 10.30 29.84 48.60
N GLY F 46 10.95 30.54 47.68
CA GLY F 46 12.41 30.61 47.70
C GLY F 46 13.16 29.49 47.02
N VAL F 47 12.45 28.48 46.50
CA VAL F 47 13.13 27.39 45.82
C VAL F 47 13.46 27.77 44.39
N ILE F 48 14.60 27.30 43.90
CA ILE F 48 15.01 27.60 42.53
C ILE F 48 15.22 26.32 41.75
N GLY F 49 14.62 26.26 40.57
CA GLY F 49 14.75 25.09 39.70
C GLY F 49 15.62 25.41 38.50
N TYR F 50 16.42 24.44 38.08
CA TYR F 50 17.33 24.63 36.95
C TYR F 50 17.14 23.68 35.78
N GLY F 51 17.23 24.23 34.57
CA GLY F 51 17.10 23.44 33.37
C GLY F 51 18.14 23.87 32.36
N GLU F 52 18.48 23.00 31.43
CA GLU F 52 19.48 23.34 30.42
C GLU F 52 18.92 23.41 29.00
N GLY F 53 19.23 24.49 28.32
CA GLY F 53 18.81 24.67 26.94
C GLY F 53 20.13 24.51 26.22
N VAL F 54 20.35 23.33 25.63
CA VAL F 54 21.61 23.05 24.98
C VAL F 54 21.52 22.16 23.74
N VAL F 55 22.46 22.37 22.82
CA VAL F 55 22.57 21.61 21.58
C VAL F 55 24.03 21.16 21.43
N PRO F 56 24.30 20.18 20.56
CA PRO F 56 25.67 19.71 20.38
C PRO F 56 26.59 20.69 19.66
N GLY F 57 27.25 21.57 20.41
CA GLY F 57 28.17 22.51 19.79
C GLY F 57 27.60 23.79 19.21
N GLY F 58 26.56 23.68 18.38
CA GLY F 58 25.98 24.86 17.78
C GLY F 58 24.72 24.65 16.97
N PRO F 59 24.24 25.69 16.25
CA PRO F 59 23.04 25.60 15.44
C PRO F 59 23.14 24.70 14.21
N TRP F 60 24.34 24.20 13.92
CA TRP F 60 24.55 23.33 12.78
C TRP F 60 23.74 22.03 12.95
N TRP F 61 23.59 21.61 14.21
CA TRP F 61 22.86 20.37 14.51
C TRP F 61 21.40 20.45 14.13
N GLY F 62 20.72 21.51 14.57
CA GLY F 62 19.30 21.62 14.27
C GLY F 62 18.66 23.00 14.18
N GLY F 63 19.46 24.06 14.11
CA GLY F 63 18.89 25.38 13.96
C GLY F 63 18.74 26.21 15.21
N GLU F 64 18.94 25.59 16.37
CA GLU F 64 18.83 26.31 17.63
C GLU F 64 20.21 26.45 18.24
N SER F 65 20.43 27.58 18.91
CA SER F 65 21.69 27.87 19.60
C SER F 65 21.35 28.53 20.91
N VAL F 66 22.32 28.57 21.82
CA VAL F 66 22.07 29.19 23.11
C VAL F 66 21.50 30.60 22.93
N GLU F 67 21.99 31.32 21.93
CA GLU F 67 21.50 32.67 21.68
C GLU F 67 20.03 32.63 21.30
N THR F 68 19.70 31.74 20.37
CA THR F 68 18.33 31.58 19.91
C THR F 68 17.41 31.23 21.06
N LYS F 70 17.92 31.67 24.39
CA LYS F 70 17.80 32.74 25.36
C LYS F 70 16.78 33.77 24.88
N ALA F 71 16.85 34.13 23.61
CA ALA F 71 15.90 35.09 23.06
C ALA F 71 14.46 34.57 23.22
N LEU F 72 14.24 33.30 22.90
CA LEU F 72 12.89 32.72 23.01
C LEU F 72 12.45 32.59 24.47
N VAL F 73 13.35 32.08 25.32
CA VAL F 73 13.03 31.90 26.74
C VAL F 73 12.66 33.22 27.40
N ASP F 74 13.57 34.20 27.31
CA ASP F 74 13.32 35.50 27.91
C ASP F 74 12.15 36.27 27.28
N GLY F 75 12.18 36.40 25.97
CA GLY F 75 11.13 37.14 25.29
C GLY F 75 9.74 36.56 25.18
N TYR F 76 9.60 35.24 25.16
CA TYR F 76 8.27 34.66 24.99
C TYR F 76 7.85 33.53 25.92
N LEU F 77 8.79 32.68 26.33
CA LEU F 77 8.45 31.56 27.21
C LEU F 77 8.32 31.95 28.69
N ALA F 78 9.32 32.68 29.18
CA ALA F 78 9.35 33.10 30.59
C ALA F 78 8.06 33.77 31.07
N PRO F 79 7.61 34.82 30.36
CA PRO F 79 6.38 35.49 30.78
C PRO F 79 5.16 34.59 31.01
N VAL F 80 5.02 33.55 30.21
CA VAL F 80 3.86 32.65 30.39
C VAL F 80 3.84 31.99 31.77
N LEU F 81 5.02 31.78 32.36
CA LEU F 81 5.10 31.15 33.67
C LEU F 81 4.82 32.08 34.83
N ILE F 82 5.42 33.26 34.79
CA ILE F 82 5.29 34.23 35.86
C ILE F 82 3.87 34.45 36.37
N GLY F 83 3.64 34.07 37.63
CA GLY F 83 2.34 34.25 38.24
C GLY F 83 1.53 32.98 38.42
N ARG F 84 2.01 31.86 37.88
CA ARG F 84 1.28 30.60 38.00
C ARG F 84 1.98 29.62 38.91
N ALA F 85 1.21 28.76 39.56
CA ALA F 85 1.79 27.77 40.44
C ALA F 85 2.54 26.77 39.56
N VAL F 86 3.74 26.39 40.01
CA VAL F 86 4.55 25.45 39.27
C VAL F 86 3.80 24.13 39.09
N SER F 87 2.86 23.85 39.99
CA SER F 87 2.08 22.62 39.93
C SER F 87 1.09 22.62 38.77
N GLU F 88 1.24 23.60 37.89
CA GLU F 88 0.41 23.73 36.70
C GLU F 88 1.33 23.38 35.53
N LEU F 89 2.44 22.73 35.86
CA LEU F 89 3.46 22.34 34.88
C LEU F 89 2.90 21.92 33.52
N ALA F 90 2.14 20.83 33.48
CA ALA F 90 1.56 20.34 32.21
C ALA F 90 0.72 21.41 31.53
N GLY F 91 -0.07 22.13 32.31
CA GLY F 91 -0.90 23.17 31.74
C GLY F 91 -0.05 24.26 31.13
N ILE F 92 1.00 24.63 31.83
CA ILE F 92 1.91 25.67 31.36
C ILE F 92 2.56 25.28 30.03
N ALA F 94 1.46 23.32 27.72
CA ALA F 94 0.46 23.44 26.67
C ALA F 94 0.31 24.90 26.23
N ASP F 95 0.39 25.83 27.18
CA ASP F 95 0.24 27.25 26.86
C ASP F 95 1.43 27.86 26.13
N LEU F 96 2.62 27.30 26.31
CA LEU F 96 3.78 27.84 25.61
C LEU F 96 3.56 27.71 24.10
N GLU F 97 2.85 26.66 23.70
CA GLU F 97 2.58 26.41 22.29
C GLU F 97 1.82 27.58 21.63
N ARG F 98 1.04 28.30 22.41
CA ARG F 98 0.28 29.43 21.91
C ARG F 98 1.14 30.62 21.50
N VAL F 99 2.30 30.78 22.13
CA VAL F 99 3.19 31.90 21.82
C VAL F 99 4.47 31.51 21.08
N VAL F 100 4.85 30.24 21.16
CA VAL F 100 6.06 29.76 20.48
C VAL F 100 5.87 28.37 19.90
N ALA F 101 5.91 28.29 18.59
CA ALA F 101 5.78 27.02 17.91
C ALA F 101 7.15 26.41 17.79
N ARG F 102 7.21 25.08 17.87
CA ARG F 102 8.45 24.36 17.74
C ARG F 102 9.51 24.73 18.78
N ALA F 103 10.72 25.06 18.32
CA ALA F 103 11.83 25.42 19.21
C ALA F 103 11.90 24.53 20.45
N ARG F 104 11.88 23.22 20.24
CA ARG F 104 11.89 22.26 21.33
C ARG F 104 13.06 22.39 22.32
N TYR F 105 14.27 22.58 21.81
CA TYR F 105 15.42 22.69 22.71
C TYR F 105 15.25 23.80 23.77
N ALA F 106 14.64 24.91 23.37
CA ALA F 106 14.44 26.03 24.29
C ALA F 106 13.35 25.73 25.32
N LYS F 107 12.24 25.14 24.86
CA LYS F 107 11.14 24.82 25.76
C LYS F 107 11.54 23.76 26.78
N ALA F 108 12.48 22.90 26.39
CA ALA F 108 12.92 21.82 27.26
C ALA F 108 13.54 22.34 28.54
N ALA F 109 14.33 23.41 28.40
CA ALA F 109 14.98 24.05 29.54
C ALA F 109 13.93 24.46 30.56
N VAL F 110 12.82 25.02 30.08
CA VAL F 110 11.76 25.47 30.97
C VAL F 110 11.03 24.29 31.60
N ASP F 111 10.82 23.24 30.82
CA ASP F 111 10.16 22.03 31.33
C ASP F 111 10.98 21.50 32.50
N VAL F 112 12.28 21.35 32.27
CA VAL F 112 13.15 20.82 33.30
C VAL F 112 13.20 21.73 34.52
N ALA F 113 13.39 23.02 34.30
CA ALA F 113 13.45 23.99 35.38
C ALA F 113 12.25 23.81 36.32
N HIS F 115 10.26 21.26 36.71
CA HIS F 115 10.27 19.95 37.36
C HIS F 115 11.20 19.96 38.57
N ASP F 116 12.33 20.62 38.43
CA ASP F 116 13.33 20.69 39.50
C ASP F 116 12.79 21.55 40.66
N ALA F 117 12.18 22.67 40.34
CA ALA F 117 11.64 23.57 41.36
C ALA F 117 10.48 22.92 42.11
N TRP F 118 9.64 22.20 41.37
CA TRP F 118 8.48 21.55 41.94
C TRP F 118 8.87 20.31 42.76
N ALA F 119 9.84 19.55 42.27
CA ALA F 119 10.27 18.36 42.99
C ALA F 119 10.92 18.76 44.32
N ARG F 120 11.86 19.70 44.25
CA ARG F 120 12.53 20.16 45.46
C ARG F 120 11.51 20.64 46.49
N SER F 121 10.50 21.39 46.03
CA SER F 121 9.46 21.90 46.91
C SER F 121 8.69 20.78 47.62
N LEU F 122 8.59 19.62 46.99
CA LEU F 122 7.89 18.49 47.58
C LEU F 122 8.89 17.56 48.26
N ASN F 123 10.16 17.93 48.15
CA ASN F 123 11.25 17.16 48.74
C ASN F 123 11.31 15.74 48.21
N VAL F 124 11.28 15.63 46.88
CA VAL F 124 11.36 14.35 46.20
C VAL F 124 12.20 14.53 44.95
N PRO F 125 12.81 13.43 44.45
CA PRO F 125 13.63 13.48 43.24
C PRO F 125 12.70 13.81 42.07
N VAL F 126 13.23 14.34 40.98
CA VAL F 126 12.38 14.66 39.83
C VAL F 126 11.70 13.38 39.30
N ARG F 127 12.40 12.26 39.36
CA ARG F 127 11.84 11.01 38.87
C ARG F 127 10.54 10.62 39.56
N ASP F 128 10.31 11.15 40.76
CA ASP F 128 9.07 10.83 41.47
C ASP F 128 7.87 11.56 40.88
N LEU F 129 8.10 12.49 39.96
CA LEU F 129 7.01 13.21 39.31
C LEU F 129 6.78 12.56 37.95
N LEU F 130 7.55 11.51 37.66
CA LEU F 130 7.50 10.80 36.37
C LEU F 130 7.27 9.30 36.52
N GLY F 131 6.60 8.88 37.59
CA GLY F 131 6.32 7.47 37.77
C GLY F 131 7.12 6.72 38.81
N GLY F 132 8.11 7.38 39.41
CA GLY F 132 8.92 6.71 40.41
C GLY F 132 10.15 6.09 39.78
N THR F 133 10.71 5.07 40.43
CA THR F 133 11.92 4.46 39.90
C THR F 133 11.79 3.04 39.38
N VAL F 134 12.44 2.82 38.24
CA VAL F 134 12.49 1.53 37.55
C VAL F 134 13.90 0.97 37.70
N ARG F 135 14.88 1.87 37.69
CA ARG F 135 16.29 1.50 37.80
C ARG F 135 17.04 2.63 38.51
N ASP F 136 18.21 2.33 39.09
CA ASP F 136 18.99 3.37 39.77
C ASP F 136 20.36 3.58 39.14
N LYS F 137 20.62 2.89 38.04
CA LYS F 137 21.88 3.01 37.30
C LYS F 137 21.63 2.60 35.84
N VAL F 138 22.43 3.14 34.93
CA VAL F 138 22.27 2.84 33.50
C VAL F 138 23.61 2.68 32.81
N ASP F 139 23.64 1.82 31.78
CA ASP F 139 24.87 1.64 31.03
C ASP F 139 25.16 2.91 30.25
N VAL F 140 26.44 3.17 29.99
CA VAL F 140 26.83 4.35 29.25
C VAL F 140 27.72 3.96 28.07
N THR F 141 27.39 4.51 26.92
CA THR F 141 28.13 4.30 25.68
C THR F 141 29.01 5.52 25.52
N TRP F 142 30.31 5.31 25.33
CA TRP F 142 31.24 6.42 25.17
C TRP F 142 31.44 6.70 23.69
N ALA F 143 31.35 7.96 23.31
CA ALA F 143 31.52 8.35 21.92
C ALA F 143 32.85 9.06 21.73
N LEU F 144 33.47 8.81 20.57
CA LEU F 144 34.73 9.45 20.19
C LEU F 144 34.43 10.37 19.02
N GLY F 145 34.77 11.64 19.15
CA GLY F 145 34.56 12.57 18.06
C GLY F 145 35.45 12.13 16.91
N VAL F 146 35.41 12.85 15.79
CA VAL F 146 36.26 12.48 14.65
C VAL F 146 37.73 12.46 15.08
N LEU F 147 38.34 11.28 15.07
CA LEU F 147 39.73 11.12 15.46
C LEU F 147 40.44 10.07 14.61
N PRO F 148 41.73 10.30 14.30
CA PRO F 148 42.55 9.39 13.50
C PRO F 148 42.60 7.97 14.07
N LEU F 149 42.80 6.99 13.19
CA LEU F 149 42.86 5.58 13.59
C LEU F 149 43.54 5.32 14.93
N ASP F 150 44.87 5.46 14.98
CA ASP F 150 45.62 5.22 16.21
C ASP F 150 45.12 6.00 17.43
N VAL F 151 44.77 7.26 17.23
CA VAL F 151 44.27 8.10 18.31
C VAL F 151 43.03 7.46 18.93
N ALA F 152 42.06 7.14 18.08
CA ALA F 152 40.80 6.54 18.53
C ALA F 152 41.01 5.17 19.17
N VAL F 153 41.76 4.30 18.49
CA VAL F 153 42.01 2.94 19.00
C VAL F 153 42.69 2.97 20.37
N ALA F 154 43.28 4.11 20.71
CA ALA F 154 43.96 4.27 21.99
C ALA F 154 42.99 4.75 23.07
N GLU F 155 42.21 5.79 22.74
CA GLU F 155 41.24 6.34 23.67
C GLU F 155 40.30 5.25 24.17
N ILE F 156 39.90 4.37 23.25
CA ILE F 156 39.01 3.27 23.58
C ILE F 156 39.61 2.38 24.66
N GLU F 157 40.85 1.94 24.41
CA GLU F 157 41.55 1.09 25.36
C GLU F 157 41.60 1.72 26.75
N GLU F 158 41.78 3.03 26.79
CA GLU F 158 41.83 3.78 28.04
C GLU F 158 40.49 3.71 28.77
N ARG F 159 39.43 4.13 28.09
CA ARG F 159 38.09 4.13 28.66
C ARG F 159 37.74 2.76 29.22
N ILE F 160 38.07 1.72 28.48
CA ILE F 160 37.78 0.36 28.92
C ILE F 160 38.42 0.06 30.27
N GLU F 161 39.68 0.46 30.43
CA GLU F 161 40.40 0.23 31.68
C GLU F 161 40.01 1.20 32.79
N GLU F 162 39.82 2.47 32.44
CA GLU F 162 39.47 3.47 33.44
C GLU F 162 38.01 3.51 33.85
N PHE F 163 37.09 3.53 32.88
CA PHE F 163 35.67 3.61 33.20
C PHE F 163 34.83 2.35 32.98
N GLY F 164 35.23 1.50 32.05
CA GLY F 164 34.50 0.27 31.81
C GLY F 164 33.44 0.24 30.72
N ASN F 165 33.38 1.28 29.89
CA ASN F 165 32.41 1.29 28.81
C ASN F 165 32.53 0.04 27.93
N ARG F 166 31.39 -0.57 27.60
CA ARG F 166 31.41 -1.78 26.79
C ARG F 166 30.90 -1.49 25.37
N SER F 167 30.58 -0.23 25.11
CA SER F 167 30.12 0.17 23.79
C SER F 167 30.66 1.54 23.43
N PHE F 168 31.01 1.69 22.15
CA PHE F 168 31.56 2.95 21.69
C PHE F 168 30.91 3.41 20.41
N LYS F 169 30.58 4.70 20.39
CA LYS F 169 29.96 5.36 19.26
C LYS F 169 31.05 6.20 18.61
N LEU F 170 31.25 6.04 17.31
CA LEU F 170 32.28 6.79 16.57
C LEU F 170 31.63 7.83 15.66
N LYS F 171 31.93 9.10 15.90
CA LYS F 171 31.36 10.15 15.06
C LYS F 171 32.05 10.13 13.69
N GLY F 173 31.58 11.67 9.26
CA GLY F 173 31.04 12.74 8.44
C GLY F 173 32.04 13.78 7.99
N ALA F 174 33.24 13.74 8.54
CA ALA F 174 34.30 14.69 8.21
C ALA F 174 35.20 14.22 7.08
N GLY F 175 35.27 15.01 6.03
CA GLY F 175 36.10 14.68 4.90
C GLY F 175 35.58 13.58 3.99
N ASP F 176 36.48 13.05 3.18
CA ASP F 176 36.15 12.01 2.22
C ASP F 176 35.48 10.78 2.85
N PRO F 177 34.28 10.43 2.36
CA PRO F 177 33.51 9.29 2.86
C PRO F 177 34.31 7.99 2.87
N ALA F 178 34.97 7.69 1.76
CA ALA F 178 35.77 6.48 1.63
C ALA F 178 36.86 6.38 2.70
N GLU F 179 37.55 7.48 2.96
CA GLU F 179 38.61 7.50 3.96
C GLU F 179 38.02 7.34 5.35
N ASP F 180 36.91 8.03 5.59
CA ASP F 180 36.23 7.97 6.87
C ASP F 180 35.84 6.51 7.12
N THR F 181 35.30 5.88 6.08
CA THR F 181 34.87 4.48 6.12
C THR F 181 36.06 3.58 6.44
N ARG F 182 37.13 3.75 5.69
CA ARG F 182 38.35 2.96 5.88
C ARG F 182 38.78 3.11 7.33
N ARG F 183 38.86 4.37 7.77
CA ARG F 183 39.25 4.69 9.14
C ARG F 183 38.48 3.84 10.16
N VAL F 184 37.15 3.88 10.08
CA VAL F 184 36.30 3.14 11.02
C VAL F 184 36.31 1.64 10.79
N ALA F 185 36.33 1.21 9.53
CA ALA F 185 36.34 -0.22 9.25
C ALA F 185 37.56 -0.83 9.91
N GLU F 186 38.71 -0.19 9.73
CA GLU F 186 39.95 -0.69 10.31
C GLU F 186 39.88 -0.72 11.84
N LEU F 187 39.42 0.38 12.44
CA LEU F 187 39.30 0.43 13.89
C LEU F 187 38.36 -0.67 14.35
N ALA F 188 37.32 -0.90 13.55
CA ALA F 188 36.32 -1.93 13.86
C ALA F 188 36.91 -3.33 13.85
N ARG F 189 37.80 -3.63 12.91
CA ARG F 189 38.39 -4.96 12.84
C ARG F 189 39.37 -5.22 13.98
N GLU F 190 39.85 -4.16 14.61
CA GLU F 190 40.79 -4.29 15.71
C GLU F 190 40.11 -4.40 17.07
N VAL F 191 39.27 -3.41 17.39
CA VAL F 191 38.58 -3.37 18.68
C VAL F 191 37.22 -4.05 18.69
N GLY F 192 36.56 -4.08 17.53
CA GLY F 192 35.23 -4.66 17.43
C GLY F 192 34.95 -6.04 18.03
N ASP F 193 36.00 -6.76 18.43
CA ASP F 193 35.82 -8.09 19.00
C ASP F 193 35.54 -8.03 20.50
N ARG F 194 36.04 -6.98 21.14
CA ARG F 194 35.87 -6.82 22.58
C ARG F 194 34.69 -5.96 23.00
N VAL F 195 34.31 -4.98 22.18
CA VAL F 195 33.19 -4.10 22.51
C VAL F 195 32.18 -3.94 21.39
N SER F 196 31.07 -3.27 21.70
CA SER F 196 30.00 -3.00 20.74
C SER F 196 30.31 -1.68 20.04
N LEU F 197 30.37 -1.70 18.72
CA LEU F 197 30.68 -0.49 17.98
C LEU F 197 29.51 0.06 17.18
N ARG F 198 29.35 1.38 17.24
CA ARG F 198 28.27 2.08 16.54
C ARG F 198 28.85 3.35 15.90
N ILE F 199 28.17 3.88 14.89
CA ILE F 199 28.63 5.10 14.25
C ILE F 199 27.50 6.12 14.22
N ASP F 200 27.85 7.39 14.04
CA ASP F 200 26.88 8.47 13.94
C ASP F 200 27.47 9.44 12.92
N ILE F 201 26.74 9.71 11.83
CA ILE F 201 27.26 10.61 10.82
C ILE F 201 26.51 11.93 10.87
N ASN F 202 25.66 12.09 11.90
CA ASN F 202 24.88 13.31 12.08
C ASN F 202 24.19 13.80 10.81
N ALA F 203 23.65 12.86 10.04
CA ALA F 203 22.92 13.15 8.80
C ALA F 203 23.73 13.85 7.73
N ARG F 204 25.05 13.79 7.80
CA ARG F 204 25.86 14.49 6.81
C ARG F 204 26.25 13.74 5.54
N TRP F 205 25.79 12.50 5.42
CA TRP F 205 26.04 11.70 4.21
C TRP F 205 24.76 11.65 3.40
N ASP F 206 24.86 11.76 2.08
CA ASP F 206 23.65 11.65 1.29
C ASP F 206 23.31 10.17 1.15
N ARG F 207 22.12 9.90 0.65
CA ARG F 207 21.61 8.55 0.47
C ARG F 207 22.56 7.65 -0.32
N ARG F 208 23.01 8.12 -1.48
CA ARG F 208 23.90 7.30 -2.30
C ARG F 208 25.19 6.94 -1.59
N THR F 209 25.76 7.89 -0.84
CA THR F 209 27.00 7.63 -0.13
C THR F 209 26.81 6.61 1.00
N ALA F 210 25.70 6.71 1.73
CA ALA F 210 25.47 5.78 2.83
C ALA F 210 25.27 4.36 2.27
N LEU F 211 24.43 4.24 1.26
CA LEU F 211 24.15 2.93 0.67
C LEU F 211 25.40 2.29 0.09
N HIS F 212 26.34 3.12 -0.34
CA HIS F 212 27.57 2.63 -0.92
C HIS F 212 28.61 2.22 0.13
N TYR F 213 28.83 3.05 1.14
CA TYR F 213 29.83 2.76 2.14
C TYR F 213 29.45 1.99 3.41
N LEU F 214 28.26 2.23 3.95
CA LEU F 214 27.90 1.55 5.18
C LEU F 214 28.03 0.01 5.11
N PRO F 215 27.81 -0.60 3.92
CA PRO F 215 27.95 -2.06 3.83
C PRO F 215 29.36 -2.51 4.25
N ILE F 216 30.35 -1.68 3.95
CA ILE F 216 31.74 -1.96 4.31
C ILE F 216 31.88 -1.92 5.83
N LEU F 217 31.16 -1.01 6.48
CA LEU F 217 31.21 -0.92 7.93
C LEU F 217 30.45 -2.11 8.53
N ALA F 218 29.37 -2.52 7.86
CA ALA F 218 28.59 -3.65 8.33
C ALA F 218 29.45 -4.90 8.35
N GLU F 219 30.11 -5.18 7.24
CA GLU F 219 30.98 -6.35 7.15
C GLU F 219 32.06 -6.27 8.22
N ALA F 220 32.60 -5.06 8.41
CA ALA F 220 33.66 -4.85 9.40
C ALA F 220 33.20 -5.18 10.82
N GLY F 221 31.93 -4.96 11.11
CA GLY F 221 31.42 -5.28 12.44
C GLY F 221 30.63 -4.21 13.18
N VAL F 222 30.40 -3.06 12.57
CA VAL F 222 29.62 -2.01 13.24
C VAL F 222 28.20 -2.57 13.41
N GLU F 223 27.64 -2.44 14.62
CA GLU F 223 26.30 -2.97 14.90
C GLU F 223 25.14 -1.97 14.86
N LEU F 224 25.45 -0.69 14.68
CA LEU F 224 24.39 0.30 14.67
C LEU F 224 24.81 1.53 13.89
N PHE F 225 23.94 1.97 12.98
CA PHE F 225 24.18 3.15 12.16
C PHE F 225 23.26 4.27 12.64
N GLU F 226 23.78 5.19 13.44
CA GLU F 226 22.97 6.29 13.91
C GLU F 226 22.88 7.41 12.87
N GLN F 227 21.66 7.73 12.49
CA GLN F 227 21.35 8.80 11.56
C GLN F 227 22.45 9.18 10.56
N PRO F 228 22.80 8.27 9.63
CA PRO F 228 23.83 8.58 8.65
C PRO F 228 23.36 9.56 7.58
N THR F 229 22.04 9.61 7.38
CA THR F 229 21.46 10.45 6.34
C THR F 229 20.50 11.53 6.86
N PRO F 230 20.03 12.43 5.97
CA PRO F 230 19.10 13.52 6.31
C PRO F 230 17.87 13.15 7.13
N ALA F 231 17.53 14.04 8.06
CA ALA F 231 16.40 13.88 8.98
C ALA F 231 15.07 13.63 8.30
N ASP F 232 14.88 14.24 7.15
CA ASP F 232 13.63 14.11 6.41
C ASP F 232 13.44 12.80 5.63
N ASP F 233 14.53 12.15 5.28
CA ASP F 233 14.47 10.93 4.47
C ASP F 233 14.29 9.61 5.25
N LEU F 234 13.08 9.34 5.71
CA LEU F 234 12.85 8.13 6.49
C LEU F 234 13.00 6.88 5.62
N GLU F 235 12.62 6.99 4.34
CA GLU F 235 12.73 5.83 3.44
C GLU F 235 14.15 5.35 3.25
N THR F 236 15.11 6.28 3.31
CA THR F 236 16.50 5.91 3.16
C THR F 236 17.03 5.18 4.38
N LEU F 237 16.56 5.57 5.57
CA LEU F 237 16.98 4.92 6.81
C LEU F 237 16.55 3.45 6.77
N ARG F 238 15.35 3.22 6.23
CA ARG F 238 14.79 1.89 6.10
C ARG F 238 15.58 1.10 5.03
N GLU F 239 15.90 1.76 3.93
CA GLU F 239 16.63 1.11 2.85
C GLU F 239 18.05 0.68 3.21
N ILE F 240 18.76 1.45 4.05
CA ILE F 240 20.09 1.00 4.39
C ILE F 240 19.98 -0.27 5.24
N THR F 241 18.95 -0.36 6.07
CA THR F 241 18.80 -1.56 6.88
C THR F 241 18.42 -2.71 5.97
N ARG F 242 17.57 -2.45 4.98
CA ARG F 242 17.19 -3.50 4.05
C ARG F 242 18.43 -4.04 3.31
N ARG F 243 19.37 -3.16 2.96
CA ARG F 243 20.56 -3.60 2.24
C ARG F 243 21.73 -4.09 3.08
N THR F 244 21.78 -3.68 4.35
CA THR F 244 22.90 -4.09 5.22
C THR F 244 22.51 -4.99 6.37
N ASN F 245 21.22 -5.03 6.71
CA ASN F 245 20.75 -5.83 7.82
C ASN F 245 21.28 -5.38 9.17
N VAL F 246 21.75 -4.13 9.27
CA VAL F 246 22.18 -3.65 10.57
C VAL F 246 21.21 -2.57 11.02
N SER F 247 20.92 -2.55 12.31
CA SER F 247 19.97 -1.61 12.86
C SER F 247 20.35 -0.15 12.66
N VAL F 248 19.35 0.70 12.58
CA VAL F 248 19.56 2.12 12.43
C VAL F 248 18.94 2.78 13.65
N ALA F 250 17.46 6.39 14.92
CA ALA F 250 17.04 7.70 14.45
C ALA F 250 17.37 8.72 15.52
N ASP F 251 17.87 9.88 15.09
CA ASP F 251 18.21 10.97 16.02
C ASP F 251 17.59 12.25 15.47
N GLU F 252 18.25 12.90 14.52
CA GLU F 252 17.69 14.14 13.97
C GLU F 252 16.30 13.92 13.37
N SER F 253 15.99 12.69 12.96
CA SER F 253 14.68 12.37 12.39
C SER F 253 13.57 12.38 13.44
N VAL F 254 13.91 12.27 14.72
CA VAL F 254 12.88 12.26 15.75
C VAL F 254 13.06 13.31 16.86
N TRP F 255 12.27 14.38 16.82
CA TRP F 255 12.30 15.42 17.84
C TRP F 255 10.97 15.37 18.58
N THR F 256 9.88 15.34 17.80
CA THR F 256 8.52 15.33 18.33
C THR F 256 7.83 13.97 18.35
N PRO F 257 6.70 13.87 19.09
CA PRO F 257 5.95 12.62 19.18
C PRO F 257 5.45 12.20 17.80
N ALA F 258 5.04 13.18 17.00
CA ALA F 258 4.55 12.91 15.65
C ALA F 258 5.65 12.35 14.76
N GLU F 259 6.89 12.78 14.98
CA GLU F 259 8.02 12.28 14.20
C GLU F 259 8.38 10.88 14.67
N ALA F 260 8.11 10.58 15.94
CA ALA F 260 8.40 9.24 16.44
C ALA F 260 7.37 8.32 15.77
N LEU F 261 6.15 8.83 15.67
CA LEU F 261 5.05 8.11 15.05
C LEU F 261 5.38 7.86 13.57
N ALA F 262 5.90 8.88 12.88
CA ALA F 262 6.25 8.76 11.47
C ALA F 262 7.34 7.70 11.28
N VAL F 263 8.29 7.64 12.22
CA VAL F 263 9.37 6.63 12.14
C VAL F 263 8.79 5.23 12.33
N VAL F 264 7.85 5.08 13.27
CA VAL F 264 7.23 3.78 13.49
C VAL F 264 6.51 3.33 12.21
N LYS F 265 5.75 4.25 11.62
CA LYS F 265 4.99 3.94 10.40
C LYS F 265 5.84 3.59 9.18
N ALA F 266 7.00 4.21 9.06
CA ALA F 266 7.88 3.94 7.92
C ALA F 266 8.88 2.81 8.21
N GLN F 267 8.82 2.24 9.42
CA GLN F 267 9.74 1.19 9.86
C GLN F 267 11.15 1.68 9.55
N ALA F 268 11.40 2.95 9.87
CA ALA F 268 12.67 3.60 9.59
C ALA F 268 13.82 3.36 10.55
N ALA F 269 13.56 2.77 11.71
CA ALA F 269 14.62 2.51 12.67
C ALA F 269 14.24 1.57 13.80
N ASP F 270 15.22 0.78 14.25
CA ASP F 270 15.01 -0.16 15.34
C ASP F 270 15.14 0.55 16.69
N VAL F 271 15.86 1.67 16.69
CA VAL F 271 16.12 2.43 17.91
C VAL F 271 15.95 3.94 17.73
N ILE F 272 15.45 4.60 18.78
CA ILE F 272 15.28 6.04 18.75
C ILE F 272 16.19 6.69 19.79
N ALA F 273 16.91 7.72 19.37
CA ALA F 273 17.82 8.45 20.25
C ALA F 273 16.96 9.44 21.03
N LEU F 274 16.54 9.04 22.22
CA LEU F 274 15.68 9.86 23.08
C LEU F 274 16.50 10.85 23.91
N LYS F 275 16.27 12.14 23.70
CA LYS F 275 16.98 13.22 24.40
C LYS F 275 15.96 14.19 24.99
N THR F 276 15.96 14.33 26.32
CA THR F 276 15.00 15.22 26.97
C THR F 276 15.11 16.67 26.49
N THR F 277 16.31 17.09 26.11
CA THR F 277 16.51 18.45 25.59
C THR F 277 15.83 18.56 24.22
N LYS F 278 16.23 17.68 23.31
CA LYS F 278 15.69 17.64 21.95
C LYS F 278 14.16 17.53 21.87
N HIS F 279 13.56 16.75 22.75
CA HIS F 279 12.11 16.56 22.66
C HIS F 279 11.26 17.69 23.24
N GLY F 280 11.88 18.63 23.92
CA GLY F 280 11.12 19.73 24.49
C GLY F 280 10.72 19.52 25.95
N GLY F 281 11.48 18.71 26.66
CA GLY F 281 11.18 18.49 28.06
C GLY F 281 10.89 17.06 28.49
N LEU F 282 10.71 16.86 29.79
CA LEU F 282 10.45 15.54 30.35
C LEU F 282 9.06 15.02 29.99
N LEU F 283 8.09 15.92 29.85
CA LEU F 283 6.73 15.51 29.49
C LEU F 283 6.71 14.96 28.07
N GLU F 284 7.32 15.69 27.14
CA GLU F 284 7.36 15.26 25.75
C GLU F 284 8.13 13.96 25.60
N SER F 285 9.21 13.83 26.36
CA SER F 285 10.04 12.62 26.32
C SER F 285 9.25 11.37 26.70
N LYS F 286 8.30 11.52 27.61
CA LYS F 286 7.48 10.38 28.01
C LYS F 286 6.65 9.97 26.81
N LYS F 287 6.18 10.96 26.06
CA LYS F 287 5.37 10.69 24.88
C LYS F 287 6.18 9.92 23.84
N ILE F 288 7.41 10.37 23.62
CA ILE F 288 8.32 9.73 22.67
C ILE F 288 8.52 8.26 23.03
N ALA F 289 8.77 7.99 24.30
CA ALA F 289 8.98 6.62 24.77
C ALA F 289 7.73 5.77 24.60
N ALA F 290 6.57 6.37 24.88
CA ALA F 290 5.29 5.64 24.77
C ALA F 290 5.04 5.15 23.33
N ILE F 291 5.26 6.03 22.37
CA ILE F 291 5.05 5.71 20.96
C ILE F 291 6.05 4.66 20.46
N ALA F 292 7.32 4.84 20.83
CA ALA F 292 8.36 3.90 20.42
C ALA F 292 8.04 2.51 20.94
N GLU F 293 7.82 2.44 22.26
CA GLU F 293 7.49 1.21 22.96
C GLU F 293 6.30 0.48 22.35
N ALA F 294 5.24 1.21 22.00
CA ALA F 294 4.07 0.57 21.40
C ALA F 294 4.42 -0.05 20.05
N GLY F 295 5.34 0.61 19.34
CA GLY F 295 5.77 0.13 18.03
C GLY F 295 6.93 -0.85 18.09
N GLY F 296 7.35 -1.21 19.30
CA GLY F 296 8.44 -2.14 19.45
C GLY F 296 9.82 -1.54 19.25
N LEU F 297 9.91 -0.22 19.14
CA LEU F 297 11.20 0.42 18.93
C LEU F 297 11.89 0.64 20.28
N ALA F 298 13.20 0.40 20.30
CA ALA F 298 13.97 0.58 21.52
C ALA F 298 14.30 2.07 21.66
N CYS F 299 14.44 2.51 22.91
CA CYS F 299 14.80 3.88 23.16
C CYS F 299 16.17 3.92 23.83
N HIS F 300 17.04 4.79 23.32
CA HIS F 300 18.38 4.95 23.86
C HIS F 300 18.39 6.29 24.60
N GLY F 301 18.84 6.30 25.86
CA GLY F 301 18.89 7.55 26.59
C GLY F 301 20.04 8.34 26.02
N ALA F 302 19.77 9.07 24.94
CA ALA F 302 20.80 9.82 24.25
C ALA F 302 21.13 11.18 24.85
N THR F 303 22.21 11.80 24.37
CA THR F 303 22.66 13.09 24.87
C THR F 303 22.88 14.15 23.79
N SER F 304 22.58 15.41 24.15
CA SER F 304 22.79 16.53 23.27
C SER F 304 24.05 17.20 23.83
N LEU F 305 24.83 16.42 24.59
CA LEU F 305 26.05 16.89 25.22
C LEU F 305 25.72 17.90 26.32
N GLU F 306 24.82 17.50 27.22
CA GLU F 306 24.38 18.35 28.34
C GLU F 306 25.45 18.48 29.41
N GLY F 307 25.34 19.55 30.21
CA GLY F 307 26.25 19.74 31.32
C GLY F 307 25.66 18.90 32.45
N PRO F 308 26.03 19.15 33.72
CA PRO F 308 25.51 18.38 34.86
C PRO F 308 23.99 18.46 35.07
N ILE F 309 23.42 19.66 34.97
CA ILE F 309 22.00 19.83 35.17
C ILE F 309 21.18 19.08 34.11
N GLY F 310 21.57 19.22 32.85
CA GLY F 310 20.86 18.56 31.78
C GLY F 310 20.97 17.04 31.86
N THR F 311 22.15 16.56 32.20
CA THR F 311 22.40 15.13 32.29
C THR F 311 21.63 14.51 33.44
N ALA F 312 21.59 15.21 34.56
CA ALA F 312 20.84 14.72 35.72
C ALA F 312 19.37 14.57 35.31
N ALA F 313 18.85 15.57 34.60
CA ALA F 313 17.47 15.56 34.16
C ALA F 313 17.17 14.33 33.31
N SER F 314 18.08 14.00 32.39
CA SER F 314 17.92 12.82 31.53
C SER F 314 18.11 11.53 32.31
N LEU F 315 18.89 11.60 33.39
CA LEU F 315 19.12 10.41 34.20
C LEU F 315 17.87 10.11 35.02
N GLN F 316 17.19 11.15 35.47
CA GLN F 316 15.97 10.96 36.24
C GLN F 316 14.94 10.32 35.30
N PHE F 317 14.95 10.72 34.04
CA PHE F 317 14.02 10.18 33.05
C PHE F 317 14.29 8.69 32.86
N ALA F 318 15.55 8.34 32.64
CA ALA F 318 15.95 6.95 32.44
C ALA F 318 15.64 6.08 33.66
N ALA F 319 15.68 6.69 34.85
CA ALA F 319 15.40 5.95 36.06
C ALA F 319 13.92 5.58 36.14
N SER F 320 13.06 6.39 35.54
CA SER F 320 11.63 6.17 35.59
C SER F 320 10.99 5.71 34.28
N THR F 321 11.82 5.35 33.29
CA THR F 321 11.27 4.94 32.01
C THR F 321 11.77 3.59 31.55
N LYS F 322 10.92 2.58 31.72
CA LYS F 322 11.24 1.21 31.34
C LYS F 322 11.56 1.18 29.85
N ALA F 323 10.93 2.08 29.09
CA ALA F 323 11.14 2.15 27.64
C ALA F 323 12.56 2.52 27.23
N ILE F 324 13.35 3.08 28.16
CA ILE F 324 14.75 3.37 27.85
C ILE F 324 15.32 1.96 28.01
N SER F 325 15.39 1.23 26.89
CA SER F 325 15.80 -0.17 26.89
C SER F 325 17.08 -0.53 26.17
N TYR F 326 17.81 0.48 25.71
CA TYR F 326 19.04 0.20 24.98
C TYR F 326 20.16 1.07 25.53
N GLY F 327 20.25 1.12 26.86
CA GLY F 327 21.31 1.90 27.50
C GLY F 327 21.19 3.39 27.27
N THR F 328 22.31 4.10 27.47
CA THR F 328 22.36 5.55 27.30
C THR F 328 23.77 5.96 26.86
N GLU F 329 23.94 7.25 26.60
CA GLU F 329 25.22 7.85 26.22
C GLU F 329 25.32 9.18 26.99
N LEU F 330 24.83 9.16 28.23
CA LEU F 330 24.82 10.35 29.09
C LEU F 330 26.16 10.50 29.82
N PHE F 331 27.18 10.86 29.07
CA PHE F 331 28.54 11.04 29.59
C PHE F 331 28.94 12.51 29.54
N GLY F 332 27.98 13.35 29.16
CA GLY F 332 28.22 14.79 29.07
C GLY F 332 29.18 15.33 30.12
N PRO F 333 28.83 15.24 31.41
CA PRO F 333 29.68 15.73 32.50
C PRO F 333 31.16 15.38 32.36
N GLN F 334 31.46 14.20 31.84
CA GLN F 334 32.83 13.75 31.69
C GLN F 334 33.62 14.47 30.61
N LEU F 335 32.92 15.22 29.76
CA LEU F 335 33.55 15.94 28.67
C LEU F 335 34.06 17.32 29.09
N LEU F 336 33.54 17.83 30.19
CA LEU F 336 33.92 19.15 30.67
C LEU F 336 35.20 19.16 31.51
N LYS F 337 35.96 20.24 31.41
CA LYS F 337 37.20 20.38 32.17
C LYS F 337 36.87 20.85 33.59
N ASP F 338 35.68 21.42 33.74
CA ASP F 338 35.20 21.90 35.04
C ASP F 338 33.67 21.84 35.04
N THR F 339 33.08 21.77 36.22
CA THR F 339 31.63 21.70 36.33
C THR F 339 31.08 22.89 37.11
N TYR F 340 29.81 22.82 37.47
CA TYR F 340 29.18 23.88 38.24
C TYR F 340 28.04 23.26 39.03
N ILE F 341 28.31 22.09 39.59
CA ILE F 341 27.29 21.37 40.34
C ILE F 341 27.66 20.84 41.73
N VAL F 342 28.85 21.16 42.22
CA VAL F 342 29.26 20.69 43.56
C VAL F 342 29.55 19.20 43.60
N GLN F 343 28.52 18.38 43.47
CA GLN F 343 28.67 16.93 43.51
C GLN F 343 29.32 16.37 42.24
N GLU F 344 29.72 15.10 42.31
CA GLU F 344 30.34 14.43 41.18
C GLU F 344 29.57 13.16 40.84
N PHE F 345 29.30 12.96 39.55
CA PHE F 345 28.57 11.78 39.09
C PHE F 345 29.46 10.57 39.31
N GLU F 346 28.85 9.41 39.58
CA GLU F 346 29.61 8.19 39.80
C GLU F 346 29.61 7.30 38.55
N TYR F 347 30.70 7.39 37.78
CA TYR F 347 30.87 6.61 36.56
C TYR F 347 31.80 5.42 36.79
N LYS F 348 31.26 4.21 36.81
CA LYS F 348 32.08 3.02 37.00
C LYS F 348 31.45 1.78 36.39
N ASP F 349 32.29 0.80 36.05
CA ASP F 349 31.82 -0.45 35.45
C ASP F 349 30.99 -0.16 34.19
N GLY F 350 31.40 0.86 33.43
CA GLY F 350 30.70 1.22 32.21
C GLY F 350 29.29 1.70 32.46
N GLN F 351 29.04 2.25 33.64
CA GLN F 351 27.72 2.74 33.99
C GLN F 351 27.78 4.06 34.74
N VAL F 352 26.62 4.57 35.12
CA VAL F 352 26.54 5.81 35.88
C VAL F 352 25.33 5.71 36.80
N ALA F 353 25.50 6.10 38.05
CA ALA F 353 24.43 6.05 39.03
C ALA F 353 23.51 7.24 38.90
N ILE F 354 22.22 7.01 39.12
CA ILE F 354 21.24 8.07 39.07
C ILE F 354 21.42 8.94 40.31
N PRO F 355 21.53 10.27 40.12
CA PRO F 355 21.71 11.21 41.23
C PRO F 355 20.64 11.13 42.31
N GLN F 356 20.97 10.49 43.42
CA GLN F 356 20.03 10.38 44.53
C GLN F 356 19.97 11.76 45.17
N GLY F 357 18.80 12.12 45.68
CA GLY F 357 18.64 13.42 46.31
C GLY F 357 17.43 14.10 45.72
N PRO F 358 16.93 15.19 46.34
CA PRO F 358 15.76 15.92 45.85
C PRO F 358 16.00 16.62 44.52
N GLY F 359 14.91 16.93 43.81
CA GLY F 359 15.03 17.59 42.54
C GLY F 359 15.88 16.79 41.56
N LEU F 360 16.77 17.46 40.83
CA LEU F 360 17.63 16.78 39.88
C LEU F 360 18.64 15.86 40.58
N GLY F 361 18.74 16.00 41.89
CA GLY F 361 19.69 15.18 42.64
C GLY F 361 21.08 15.77 42.58
N VAL F 362 21.18 16.97 42.01
CA VAL F 362 22.46 17.65 41.88
C VAL F 362 22.24 19.15 42.09
N ASP F 363 23.11 19.79 42.89
CA ASP F 363 22.98 21.22 43.20
C ASP F 363 23.96 22.13 42.46
N VAL F 364 23.46 23.25 41.95
CA VAL F 364 24.32 24.19 41.24
C VAL F 364 25.22 24.98 42.18
N ASP F 365 26.47 25.15 41.75
CA ASP F 365 27.46 25.90 42.50
C ASP F 365 27.42 27.29 41.88
N ASP F 367 28.87 30.00 42.32
CA ASP F 367 30.12 30.69 42.04
C ASP F 367 30.63 30.32 40.66
N LYS F 368 30.60 29.03 40.34
CA LYS F 368 31.06 28.57 39.05
C LYS F 368 30.09 28.96 37.93
N VAL F 369 28.81 29.04 38.25
CA VAL F 369 27.80 29.44 37.27
C VAL F 369 28.09 30.88 36.87
N ASN F 370 28.50 31.68 37.86
CA ASN F 370 28.83 33.08 37.63
C ASN F 370 30.13 33.19 36.86
N PHE F 371 31.08 32.33 37.21
CA PHE F 371 32.39 32.33 36.58
C PHE F 371 32.33 32.03 35.09
N TYR F 372 31.39 31.18 34.69
CA TYR F 372 31.27 30.80 33.30
C TYR F 372 30.19 31.54 32.52
N THR F 373 29.53 32.51 33.15
CA THR F 373 28.51 33.28 32.46
C THR F 373 29.16 34.16 31.41
N ARG F 374 28.63 34.13 30.19
CA ARG F 374 29.16 34.92 29.09
C ARG F 374 28.91 36.41 29.30
N ASP G 5 35.91 42.52 -6.98
CA ASP G 5 35.05 43.64 -7.49
C ASP G 5 33.59 43.43 -7.12
N LEU G 6 33.23 42.18 -6.86
CA LEU G 6 31.85 41.84 -6.52
C LEU G 6 31.86 41.10 -5.19
N THR G 7 33.00 41.12 -4.53
CA THR G 7 33.21 40.46 -3.25
C THR G 7 32.34 40.98 -2.10
N ILE G 8 31.84 40.07 -1.28
CA ILE G 8 31.02 40.47 -0.14
C ILE G 8 32.00 40.97 0.92
N GLN G 9 31.93 42.26 1.20
CA GLN G 9 32.81 42.89 2.18
C GLN G 9 32.21 42.83 3.58
N LYS G 10 30.92 43.13 3.66
CA LYS G 10 30.24 43.15 4.94
C LYS G 10 28.76 42.81 4.79
N VAL G 11 28.16 42.33 5.88
CA VAL G 11 26.75 41.98 5.91
C VAL G 11 26.18 42.48 7.24
N GLU G 12 25.09 43.23 7.19
CA GLU G 12 24.50 43.77 8.40
C GLU G 12 23.02 43.41 8.52
N SER G 13 22.47 43.54 9.73
CA SER G 13 21.07 43.24 10.01
C SER G 13 20.49 44.22 11.02
N ARG G 14 19.29 44.71 10.74
CA ARG G 14 18.63 45.67 11.61
C ARG G 14 17.18 45.31 11.85
N ILE G 15 16.83 45.04 13.10
CA ILE G 15 15.44 44.72 13.41
C ILE G 15 14.62 45.98 13.19
N LEU G 16 13.44 45.85 12.61
CA LEU G 16 12.58 47.00 12.34
C LEU G 16 11.15 46.74 12.77
N ASP G 17 10.59 47.69 13.52
CA ASP G 17 9.21 47.58 13.98
C ASP G 17 8.38 48.64 13.27
N VAL G 18 7.35 48.21 12.54
CA VAL G 18 6.51 49.15 11.82
C VAL G 18 5.03 48.95 12.14
N PRO G 19 4.36 50.01 12.60
CA PRO G 19 2.93 49.97 12.96
C PRO G 19 2.04 49.39 11.87
N LEU G 20 0.85 48.97 12.29
CA LEU G 20 -0.13 48.40 11.38
C LEU G 20 -1.35 49.32 11.33
N ILE G 21 -1.81 49.60 10.12
CA ILE G 21 -2.97 50.46 9.91
C ILE G 21 -4.16 49.93 10.70
N ARG G 22 -4.10 48.65 11.08
CA ARG G 22 -5.17 48.01 11.84
C ARG G 22 -4.59 46.79 12.57
N PRO G 23 -5.11 46.48 13.77
CA PRO G 23 -4.61 45.33 14.53
C PRO G 23 -4.82 44.04 13.73
N HIS G 24 -3.80 43.20 13.67
CA HIS G 24 -3.88 41.94 12.93
C HIS G 24 -3.99 40.77 13.89
N GLY G 25 -5.21 40.27 14.06
CA GLY G 25 -5.43 39.15 14.97
C GLY G 25 -5.27 37.76 14.38
N PHE G 26 -4.55 36.91 15.12
CA PHE G 26 -4.29 35.53 14.72
C PHE G 26 -5.03 34.57 15.64
N ALA G 27 -4.78 33.28 15.47
CA ALA G 27 -5.42 32.26 16.28
C ALA G 27 -5.07 32.33 17.77
N THR G 28 -3.84 32.71 18.08
CA THR G 28 -3.42 32.80 19.48
C THR G 28 -2.72 34.10 19.84
N THR G 29 -2.61 35.01 18.87
CA THR G 29 -1.96 36.30 19.12
C THR G 29 -2.61 37.39 18.28
N THR G 30 -2.18 38.62 18.51
CA THR G 30 -2.68 39.78 17.78
C THR G 30 -1.52 40.76 17.64
N SER G 31 -1.21 41.13 16.40
CA SER G 31 -0.11 42.04 16.14
C SER G 31 -0.53 43.49 16.07
N THR G 32 0.19 44.35 16.77
CA THR G 32 -0.07 45.78 16.78
C THR G 32 0.93 46.40 15.81
N GLU G 33 1.99 45.64 15.55
CA GLU G 33 3.05 46.06 14.66
C GLU G 33 3.74 44.81 14.10
N GLN G 34 4.34 44.95 12.93
CA GLN G 34 5.05 43.85 12.30
C GLN G 34 6.54 44.04 12.49
N HIS G 35 7.22 42.99 12.91
CA HIS G 35 8.66 43.04 13.12
C HIS G 35 9.32 42.54 11.85
N ILE G 36 10.47 43.12 11.51
CA ILE G 36 11.17 42.73 10.31
C ILE G 36 12.67 42.83 10.48
N LEU G 37 13.39 41.80 10.07
CA LEU G 37 14.84 41.83 10.15
C LEU G 37 15.33 42.18 8.75
N LEU G 38 15.85 43.40 8.60
CA LEU G 38 16.35 43.86 7.32
C LEU G 38 17.84 43.55 7.24
N VAL G 39 18.20 42.61 6.37
CA VAL G 39 19.58 42.21 6.19
C VAL G 39 20.15 42.90 4.95
N SER G 40 21.45 43.16 4.96
CA SER G 40 22.10 43.82 3.84
C SER G 40 23.46 43.24 3.50
N VAL G 41 23.71 43.05 2.22
CA VAL G 41 24.97 42.51 1.72
C VAL G 41 25.74 43.64 1.04
N HIS G 42 26.90 43.97 1.61
CA HIS G 42 27.73 45.05 1.09
C HIS G 42 28.85 44.49 0.24
N LEU G 43 28.86 44.88 -1.04
CA LEU G 43 29.86 44.40 -1.97
C LEU G 43 31.03 45.35 -2.22
N GLU G 44 32.17 44.76 -2.57
CA GLU G 44 33.39 45.51 -2.85
C GLU G 44 33.12 46.72 -3.75
N ASN G 45 32.23 46.54 -4.72
CA ASN G 45 31.89 47.61 -5.66
C ASN G 45 30.83 48.58 -5.13
N GLY G 46 30.70 48.64 -3.81
CA GLY G 46 29.76 49.55 -3.19
C GLY G 46 28.26 49.27 -3.24
N VAL G 47 27.82 48.34 -4.09
CA VAL G 47 26.39 48.04 -4.18
C VAL G 47 25.91 47.38 -2.88
N ILE G 48 24.65 47.63 -2.55
CA ILE G 48 24.06 47.05 -1.35
C ILE G 48 22.79 46.29 -1.68
N GLY G 49 22.70 45.05 -1.21
CA GLY G 49 21.53 44.23 -1.45
C GLY G 49 20.73 44.06 -0.17
N TYR G 50 19.42 43.94 -0.29
CA TYR G 50 18.58 43.78 0.89
C TYR G 50 17.68 42.54 0.87
N GLY G 51 17.48 41.96 2.05
CA GLY G 51 16.63 40.79 2.20
C GLY G 51 15.93 40.89 3.54
N GLU G 52 14.73 40.31 3.64
CA GLU G 52 13.97 40.35 4.89
C GLU G 52 13.80 39.02 5.62
N GLY G 53 14.09 39.05 6.92
CA GLY G 53 13.93 37.87 7.75
C GLY G 53 12.68 38.16 8.54
N VAL G 54 11.53 37.73 8.04
CA VAL G 54 10.26 37.99 8.68
C VAL G 54 9.30 36.80 8.84
N VAL G 55 8.54 36.82 9.92
CA VAL G 55 7.56 35.79 10.22
C VAL G 55 6.27 36.50 10.59
N PRO G 56 5.12 35.82 10.41
CA PRO G 56 3.81 36.42 10.73
C PRO G 56 3.57 36.71 12.21
N GLY G 57 3.90 37.92 12.63
CA GLY G 57 3.70 38.30 14.02
C GLY G 57 4.89 38.02 14.92
N GLY G 58 5.17 36.74 15.15
CA GLY G 58 6.28 36.35 15.99
C GLY G 58 6.60 34.87 15.91
N PRO G 59 7.33 34.33 16.88
CA PRO G 59 7.74 32.92 16.96
C PRO G 59 6.60 31.92 17.16
N TRP G 60 5.38 32.42 17.28
CA TRP G 60 4.23 31.54 17.48
C TRP G 60 3.92 30.78 16.19
N TRP G 61 4.36 31.33 15.06
CA TRP G 61 4.08 30.71 13.79
C TRP G 61 4.90 29.45 13.53
N GLY G 62 6.22 29.54 13.73
CA GLY G 62 7.08 28.40 13.49
C GLY G 62 8.38 28.33 14.26
N GLY G 63 8.47 29.02 15.38
CA GLY G 63 9.69 28.95 16.19
C GLY G 63 10.78 29.95 15.95
N GLU G 64 10.72 30.66 14.83
CA GLU G 64 11.74 31.67 14.54
C GLU G 64 11.21 33.07 14.77
N SER G 65 12.05 33.95 15.32
CA SER G 65 11.65 35.33 15.55
C SER G 65 12.73 36.28 15.03
N VAL G 66 12.34 37.53 14.85
CA VAL G 66 13.28 38.54 14.38
C VAL G 66 14.53 38.53 15.28
N GLU G 67 14.35 38.14 16.55
CA GLU G 67 15.48 38.07 17.49
C GLU G 67 16.30 36.81 17.19
N THR G 68 15.58 35.72 16.95
CA THR G 68 16.21 34.44 16.64
C THR G 68 17.03 34.60 15.36
N LYS G 70 18.13 37.32 13.81
CA LYS G 70 19.28 38.22 13.93
C LYS G 70 20.48 37.54 14.56
N ALA G 71 20.24 36.74 15.60
CA ALA G 71 21.31 36.03 16.27
C ALA G 71 22.01 35.05 15.34
N LEU G 72 21.24 34.43 14.45
CA LEU G 72 21.82 33.47 13.53
C LEU G 72 22.51 34.16 12.36
N VAL G 73 21.89 35.21 11.83
CA VAL G 73 22.47 35.94 10.71
C VAL G 73 23.82 36.56 11.08
N ASP G 74 23.86 37.37 12.14
CA ASP G 74 25.11 38.01 12.58
C ASP G 74 26.13 37.04 13.15
N GLY G 75 25.65 36.07 13.93
CA GLY G 75 26.56 35.13 14.54
C GLY G 75 27.02 33.94 13.73
N TYR G 76 26.18 33.46 12.81
CA TYR G 76 26.56 32.27 12.06
C TYR G 76 26.51 32.31 10.54
N LEU G 77 25.45 32.86 9.96
CA LEU G 77 25.31 32.90 8.51
C LEU G 77 26.21 33.95 7.83
N ALA G 78 26.22 35.15 8.40
CA ALA G 78 27.00 36.27 7.86
C ALA G 78 28.46 36.00 7.55
N PRO G 79 29.25 35.56 8.54
CA PRO G 79 30.67 35.28 8.32
C PRO G 79 31.00 34.31 7.19
N VAL G 80 29.99 33.61 6.69
CA VAL G 80 30.22 32.66 5.59
C VAL G 80 30.38 33.40 4.27
N LEU G 81 29.66 34.51 4.13
CA LEU G 81 29.69 35.30 2.91
C LEU G 81 30.96 36.14 2.77
N ILE G 82 31.33 36.82 3.84
CA ILE G 82 32.50 37.69 3.86
C ILE G 82 33.74 37.16 3.13
N GLY G 83 34.15 37.89 2.10
CA GLY G 83 35.35 37.52 1.34
C GLY G 83 35.10 36.73 0.07
N ARG G 84 33.83 36.44 -0.22
CA ARG G 84 33.51 35.66 -1.41
C ARG G 84 32.67 36.46 -2.36
N ALA G 85 32.86 36.24 -3.65
CA ALA G 85 32.08 36.95 -4.66
C ALA G 85 30.64 36.49 -4.52
N VAL G 86 29.71 37.43 -4.66
CA VAL G 86 28.29 37.11 -4.56
C VAL G 86 27.88 36.28 -5.77
N SER G 87 28.81 36.09 -6.71
CA SER G 87 28.54 35.30 -7.91
C SER G 87 28.61 33.81 -7.56
N GLU G 88 28.78 33.54 -6.27
CA GLU G 88 28.85 32.16 -5.78
C GLU G 88 27.59 31.89 -4.97
N LEU G 89 26.57 32.70 -5.22
CA LEU G 89 25.29 32.63 -4.53
C LEU G 89 24.77 31.21 -4.25
N ALA G 90 24.90 30.30 -5.21
CA ALA G 90 24.43 28.93 -5.02
C ALA G 90 25.35 28.14 -4.11
N GLY G 91 26.66 28.24 -4.35
CA GLY G 91 27.62 27.52 -3.54
C GLY G 91 27.62 28.00 -2.10
N ILE G 92 27.38 29.30 -1.91
CA ILE G 92 27.33 29.89 -0.58
C ILE G 92 26.15 29.34 0.21
N ALA G 94 24.74 26.60 -0.07
CA ALA G 94 25.03 25.21 0.28
C ALA G 94 25.96 25.20 1.49
N ASP G 95 26.89 26.16 1.52
CA ASP G 95 27.84 26.22 2.63
C ASP G 95 27.22 26.65 3.96
N LEU G 96 26.12 27.38 3.91
CA LEU G 96 25.44 27.79 5.14
C LEU G 96 24.95 26.55 5.88
N GLU G 97 24.42 25.58 5.12
CA GLU G 97 23.91 24.35 5.70
C GLU G 97 24.93 23.68 6.59
N ARG G 98 26.21 23.99 6.39
CA ARG G 98 27.27 23.39 7.17
C ARG G 98 27.43 24.00 8.56
N VAL G 99 26.87 25.18 8.77
CA VAL G 99 27.00 25.84 10.07
C VAL G 99 25.66 26.05 10.76
N VAL G 100 24.58 25.92 10.00
CA VAL G 100 23.25 26.10 10.56
C VAL G 100 22.24 25.21 9.86
N ALA G 101 21.57 24.37 10.63
CA ALA G 101 20.55 23.49 10.08
C ALA G 101 19.22 24.21 10.23
N ARG G 102 18.29 23.93 9.31
CA ARG G 102 16.98 24.54 9.36
C ARG G 102 17.08 26.07 9.35
N ALA G 103 16.40 26.73 10.28
CA ALA G 103 16.43 28.20 10.33
C ALA G 103 16.25 28.80 8.94
N ARG G 104 15.33 28.24 8.16
CA ARG G 104 15.08 28.71 6.80
C ARG G 104 14.64 30.17 6.72
N TYR G 105 13.86 30.64 7.69
CA TYR G 105 13.40 32.03 7.66
C TYR G 105 14.58 32.99 7.68
N ALA G 106 15.60 32.64 8.46
CA ALA G 106 16.81 33.45 8.59
C ALA G 106 17.71 33.32 7.37
N LYS G 107 17.81 32.12 6.82
CA LYS G 107 18.64 31.90 5.63
C LYS G 107 18.04 32.62 4.42
N ALA G 108 16.72 32.76 4.41
CA ALA G 108 16.03 33.42 3.31
C ALA G 108 16.41 34.90 3.18
N ALA G 109 16.72 35.55 4.29
CA ALA G 109 17.12 36.95 4.28
C ALA G 109 18.42 37.06 3.52
N VAL G 110 19.36 36.18 3.85
CA VAL G 110 20.67 36.18 3.20
C VAL G 110 20.52 35.96 1.70
N ASP G 111 19.75 34.95 1.33
CA ASP G 111 19.53 34.62 -0.08
C ASP G 111 19.00 35.82 -0.88
N VAL G 112 17.94 36.42 -0.37
CA VAL G 112 17.32 37.57 -1.03
C VAL G 112 18.28 38.76 -1.07
N ALA G 113 19.19 38.83 -0.11
CA ALA G 113 20.16 39.91 -0.06
C ALA G 113 21.18 39.76 -1.19
N HIS G 115 20.94 38.02 -3.93
CA HIS G 115 20.27 38.18 -5.22
C HIS G 115 20.09 39.65 -5.57
N ASP G 116 19.72 40.45 -4.58
CA ASP G 116 19.52 41.88 -4.76
C ASP G 116 20.81 42.57 -5.16
N ALA G 117 21.86 42.33 -4.38
CA ALA G 117 23.16 42.92 -4.62
C ALA G 117 23.67 42.56 -6.02
N TRP G 118 23.65 41.27 -6.32
CA TRP G 118 24.11 40.74 -7.60
C TRP G 118 23.25 41.26 -8.76
N ALA G 119 21.94 41.26 -8.58
CA ALA G 119 21.04 41.74 -9.62
C ALA G 119 21.36 43.20 -9.94
N ARG G 120 21.55 44.01 -8.90
CA ARG G 120 21.87 45.43 -9.08
C ARG G 120 23.25 45.57 -9.69
N SER G 121 24.21 44.79 -9.19
CA SER G 121 25.57 44.83 -9.71
C SER G 121 25.62 44.59 -11.21
N LEU G 122 24.71 43.74 -11.70
CA LEU G 122 24.66 43.42 -13.12
C LEU G 122 23.64 44.28 -13.85
N ASN G 123 22.94 45.12 -13.10
CA ASN G 123 21.95 46.02 -13.67
C ASN G 123 20.72 45.34 -14.28
N VAL G 124 20.23 44.29 -13.62
CA VAL G 124 19.05 43.56 -14.08
C VAL G 124 18.12 43.29 -12.92
N PRO G 125 16.82 43.08 -13.18
CA PRO G 125 15.88 42.80 -12.10
C PRO G 125 16.23 41.45 -11.50
N VAL G 126 15.79 41.20 -10.27
CA VAL G 126 16.10 39.92 -9.64
C VAL G 126 15.59 38.76 -10.49
N ARG G 127 14.37 38.90 -11.01
CA ARG G 127 13.77 37.85 -11.82
C ARG G 127 14.66 37.41 -12.97
N ASP G 128 15.44 38.33 -13.53
CA ASP G 128 16.32 37.98 -14.64
C ASP G 128 17.40 37.02 -14.18
N LEU G 129 17.48 36.77 -12.89
CA LEU G 129 18.46 35.82 -12.36
C LEU G 129 17.73 34.49 -12.08
N LEU G 130 16.41 34.52 -12.17
CA LEU G 130 15.57 33.36 -11.89
C LEU G 130 14.78 32.87 -13.12
N GLY G 131 15.39 32.93 -14.30
CA GLY G 131 14.73 32.47 -15.51
C GLY G 131 14.12 33.51 -16.43
N GLY G 132 13.91 34.72 -15.94
CA GLY G 132 13.32 35.74 -16.79
C GLY G 132 11.90 36.07 -16.38
N THR G 133 11.14 36.73 -17.24
CA THR G 133 9.77 37.08 -16.87
C THR G 133 8.64 36.35 -17.59
N VAL G 134 7.76 35.77 -16.79
CA VAL G 134 6.61 35.02 -17.29
C VAL G 134 5.39 35.92 -17.20
N ARG G 135 5.44 36.89 -16.29
CA ARG G 135 4.32 37.79 -16.10
C ARG G 135 4.78 39.10 -15.47
N ASP G 136 4.05 40.18 -15.74
CA ASP G 136 4.40 41.48 -15.16
C ASP G 136 3.35 41.94 -14.16
N LYS G 137 2.50 41.02 -13.72
CA LYS G 137 1.47 41.31 -12.73
C LYS G 137 0.83 40.03 -12.23
N VAL G 138 0.43 40.02 -10.96
CA VAL G 138 -0.18 38.86 -10.34
C VAL G 138 -1.41 39.23 -9.54
N ASP G 139 -2.36 38.31 -9.43
CA ASP G 139 -3.57 38.56 -8.67
C ASP G 139 -3.25 38.52 -7.18
N VAL G 140 -4.06 39.20 -6.39
CA VAL G 140 -3.84 39.24 -4.96
C VAL G 140 -5.11 38.93 -4.21
N THR G 141 -4.99 38.12 -3.19
CA THR G 141 -6.13 37.77 -2.37
C THR G 141 -5.94 38.58 -1.10
N TRP G 142 -7.01 39.15 -0.57
CA TRP G 142 -6.89 39.95 0.64
C TRP G 142 -7.24 39.11 1.87
N ALA G 143 -6.35 39.13 2.85
CA ALA G 143 -6.54 38.37 4.08
C ALA G 143 -6.98 39.26 5.25
N LEU G 144 -8.13 38.91 5.82
CA LEU G 144 -8.65 39.63 6.97
C LEU G 144 -8.32 38.83 8.22
N GLY G 145 -7.67 39.47 9.19
CA GLY G 145 -7.34 38.78 10.43
C GLY G 145 -8.64 38.45 11.15
N VAL G 146 -8.55 37.73 12.27
CA VAL G 146 -9.75 37.38 13.01
C VAL G 146 -10.53 38.66 13.34
N LEU G 147 -11.75 38.77 12.81
CA LEU G 147 -12.59 39.94 13.03
C LEU G 147 -14.07 39.59 13.16
N PRO G 148 -14.82 40.41 13.92
CA PRO G 148 -16.26 40.16 14.12
C PRO G 148 -16.97 40.13 12.76
N LEU G 149 -18.14 39.50 12.72
CA LEU G 149 -18.91 39.37 11.49
C LEU G 149 -19.06 40.65 10.66
N ASP G 150 -19.78 41.63 11.19
CA ASP G 150 -20.01 42.89 10.47
C ASP G 150 -18.72 43.63 10.08
N VAL G 151 -17.83 43.84 11.04
CA VAL G 151 -16.57 44.53 10.75
C VAL G 151 -15.92 43.88 9.54
N ALA G 152 -15.87 42.56 9.55
CA ALA G 152 -15.26 41.79 8.46
C ALA G 152 -16.00 42.03 7.15
N VAL G 153 -17.32 41.89 7.18
CA VAL G 153 -18.12 42.10 5.98
C VAL G 153 -17.77 43.45 5.38
N ALA G 154 -17.76 44.47 6.23
CA ALA G 154 -17.45 45.83 5.81
C ALA G 154 -16.10 45.94 5.12
N GLU G 155 -15.06 45.42 5.76
CA GLU G 155 -13.72 45.50 5.19
C GLU G 155 -13.67 44.89 3.80
N ILE G 156 -14.40 43.79 3.60
CA ILE G 156 -14.45 43.14 2.30
C ILE G 156 -15.14 44.05 1.27
N GLU G 157 -16.31 44.55 1.65
CA GLU G 157 -17.09 45.43 0.80
C GLU G 157 -16.21 46.59 0.32
N GLU G 158 -15.32 47.03 1.19
CA GLU G 158 -14.40 48.12 0.88
C GLU G 158 -13.28 47.74 -0.08
N ARG G 159 -12.50 46.73 0.29
CA ARG G 159 -11.39 46.26 -0.54
C ARG G 159 -11.81 46.10 -1.99
N ILE G 160 -13.01 45.59 -2.20
CA ILE G 160 -13.54 45.39 -3.55
C ILE G 160 -13.51 46.70 -4.33
N GLU G 161 -14.17 47.72 -3.80
CA GLU G 161 -14.21 49.01 -4.45
C GLU G 161 -12.87 49.72 -4.59
N GLU G 162 -12.10 49.76 -3.49
CA GLU G 162 -10.81 50.43 -3.51
C GLU G 162 -9.66 49.72 -4.22
N PHE G 163 -9.62 48.39 -4.14
CA PHE G 163 -8.53 47.66 -4.78
C PHE G 163 -8.94 46.58 -5.77
N GLY G 164 -10.18 46.10 -5.65
CA GLY G 164 -10.67 45.10 -6.58
C GLY G 164 -10.27 43.65 -6.38
N ASN G 165 -10.15 43.23 -5.13
CA ASN G 165 -9.78 41.85 -4.84
C ASN G 165 -10.95 40.92 -5.15
N ARG G 166 -10.68 39.89 -5.95
CA ARG G 166 -11.73 38.93 -6.32
C ARG G 166 -11.78 37.78 -5.32
N SER G 167 -10.80 37.74 -4.43
CA SER G 167 -10.73 36.68 -3.42
C SER G 167 -10.33 37.21 -2.05
N PHE G 168 -10.90 36.60 -1.02
CA PHE G 168 -10.62 37.00 0.35
C PHE G 168 -10.33 35.78 1.22
N LYS G 169 -9.30 35.91 2.06
CA LYS G 169 -8.87 34.86 2.96
C LYS G 169 -9.18 35.26 4.41
N LEU G 170 -10.01 34.45 5.07
CA LEU G 170 -10.39 34.72 6.45
C LEU G 170 -9.61 33.89 7.48
N LYS G 171 -8.83 34.56 8.33
CA LYS G 171 -8.07 33.88 9.37
C LYS G 171 -9.00 33.43 10.50
N GLY G 173 -9.55 30.44 14.08
CA GLY G 173 -8.82 29.85 15.19
C GLY G 173 -8.84 30.55 16.53
N ALA G 174 -9.66 31.58 16.67
CA ALA G 174 -9.74 32.30 17.93
C ALA G 174 -11.00 31.91 18.70
N GLY G 175 -10.81 31.43 19.92
CA GLY G 175 -11.94 31.03 20.74
C GLY G 175 -12.71 29.83 20.24
N ASP G 176 -13.86 29.59 20.87
CA ASP G 176 -14.73 28.49 20.52
C ASP G 176 -14.83 28.27 19.01
N PRO G 177 -14.46 27.07 18.54
CA PRO G 177 -14.50 26.74 17.11
C PRO G 177 -15.91 26.83 16.54
N ALA G 178 -16.89 26.40 17.32
CA ALA G 178 -18.29 26.42 16.88
C ALA G 178 -18.76 27.83 16.52
N GLU G 179 -18.41 28.81 17.35
CA GLU G 179 -18.80 30.20 17.10
C GLU G 179 -17.96 30.76 15.96
N ASP G 180 -16.73 30.28 15.84
CA ASP G 180 -15.82 30.72 14.80
C ASP G 180 -16.41 30.30 13.45
N THR G 181 -16.99 29.10 13.41
CA THR G 181 -17.58 28.55 12.20
C THR G 181 -18.85 29.32 11.82
N ARG G 182 -19.64 29.68 12.84
CA ARG G 182 -20.87 30.44 12.63
C ARG G 182 -20.47 31.75 11.98
N ARG G 183 -19.56 32.45 12.65
CA ARG G 183 -19.03 33.72 12.20
C ARG G 183 -18.69 33.66 10.71
N VAL G 184 -17.76 32.79 10.36
CA VAL G 184 -17.32 32.63 8.97
C VAL G 184 -18.43 32.11 8.05
N ALA G 185 -19.27 31.22 8.56
CA ALA G 185 -20.35 30.68 7.75
C ALA G 185 -21.30 31.78 7.33
N GLU G 186 -21.77 32.57 8.30
CA GLU G 186 -22.68 33.66 8.03
C GLU G 186 -22.05 34.66 7.08
N LEU G 187 -20.79 34.99 7.33
CA LEU G 187 -20.06 35.92 6.48
C LEU G 187 -19.93 35.34 5.07
N ALA G 188 -19.85 34.01 4.99
CA ALA G 188 -19.72 33.33 3.70
C ALA G 188 -20.96 33.53 2.85
N ARG G 189 -22.14 33.38 3.45
CA ARG G 189 -23.38 33.55 2.72
C ARG G 189 -23.62 34.99 2.30
N GLU G 190 -22.97 35.92 3.01
CA GLU G 190 -23.11 37.34 2.72
C GLU G 190 -22.25 37.83 1.57
N VAL G 191 -21.00 37.37 1.51
CA VAL G 191 -20.08 37.79 0.46
C VAL G 191 -19.69 36.70 -0.53
N GLY G 192 -19.75 35.45 -0.09
CA GLY G 192 -19.38 34.32 -0.93
C GLY G 192 -19.91 34.30 -2.35
N ASP G 193 -21.00 35.01 -2.61
CA ASP G 193 -21.59 35.04 -3.94
C ASP G 193 -20.71 35.71 -5.00
N ARG G 194 -20.14 36.85 -4.64
CA ARG G 194 -19.33 37.64 -5.56
C ARG G 194 -17.81 37.43 -5.44
N VAL G 195 -17.37 36.74 -4.41
CA VAL G 195 -15.92 36.53 -4.23
C VAL G 195 -15.55 35.12 -3.78
N SER G 196 -14.32 34.72 -4.11
CA SER G 196 -13.80 33.41 -3.73
C SER G 196 -13.36 33.51 -2.27
N LEU G 197 -13.95 32.70 -1.42
CA LEU G 197 -13.61 32.74 0.00
C LEU G 197 -12.75 31.58 0.49
N ARG G 198 -11.60 31.93 1.08
CA ARG G 198 -10.66 30.95 1.62
C ARG G 198 -10.56 31.17 3.13
N ILE G 199 -10.00 30.19 3.84
CA ILE G 199 -9.82 30.32 5.28
C ILE G 199 -8.43 29.82 5.65
N ASP G 200 -8.02 30.07 6.89
CA ASP G 200 -6.71 29.63 7.37
C ASP G 200 -6.76 29.64 8.89
N ILE G 201 -6.56 28.48 9.51
CA ILE G 201 -6.59 28.38 10.97
C ILE G 201 -5.20 28.29 11.57
N ASN G 202 -4.17 28.49 10.77
CA ASN G 202 -2.79 28.42 11.23
C ASN G 202 -2.49 27.17 12.08
N ALA G 203 -3.08 26.06 11.68
CA ALA G 203 -2.86 24.78 12.36
C ALA G 203 -3.24 24.76 13.84
N ARG G 204 -4.24 25.54 14.23
CA ARG G 204 -4.61 25.57 15.63
C ARG G 204 -5.88 24.80 16.02
N TRP G 205 -6.45 24.08 15.06
CA TRP G 205 -7.62 23.24 15.32
C TRP G 205 -7.09 21.82 15.27
N ASP G 206 -7.55 20.94 16.16
CA ASP G 206 -7.09 19.56 16.13
C ASP G 206 -7.91 18.82 15.06
N ARG G 207 -7.47 17.62 14.70
CA ARG G 207 -8.14 16.82 13.67
C ARG G 207 -9.66 16.67 13.84
N ARG G 208 -10.10 16.32 15.05
CA ARG G 208 -11.52 16.10 15.31
C ARG G 208 -12.35 17.37 15.11
N THR G 209 -11.88 18.48 15.64
CA THR G 209 -12.59 19.74 15.51
C THR G 209 -12.73 20.13 14.05
N ALA G 210 -11.63 20.04 13.30
CA ALA G 210 -11.66 20.38 11.88
C ALA G 210 -12.64 19.48 11.13
N LEU G 211 -12.55 18.17 11.35
CA LEU G 211 -13.42 17.24 10.66
C LEU G 211 -14.89 17.50 10.98
N HIS G 212 -15.15 18.03 12.18
CA HIS G 212 -16.52 18.30 12.59
C HIS G 212 -17.11 19.60 12.05
N TYR G 213 -16.35 20.67 12.12
CA TYR G 213 -16.85 21.98 11.68
C TYR G 213 -16.60 22.43 10.24
N LEU G 214 -15.47 22.04 9.65
CA LEU G 214 -15.18 22.45 8.28
C LEU G 214 -16.30 22.14 7.30
N PRO G 215 -16.99 21.00 7.48
CA PRO G 215 -18.08 20.67 6.56
C PRO G 215 -19.12 21.81 6.51
N ILE G 216 -19.33 22.45 7.65
CA ILE G 216 -20.29 23.55 7.71
C ILE G 216 -19.81 24.69 6.82
N LEU G 217 -18.50 24.94 6.84
CA LEU G 217 -17.91 25.98 6.02
C LEU G 217 -17.93 25.63 4.54
N ALA G 218 -17.87 24.33 4.23
CA ALA G 218 -17.90 23.89 2.84
C ALA G 218 -19.25 24.26 2.28
N GLU G 219 -20.30 23.71 2.91
CA GLU G 219 -21.68 23.95 2.52
C GLU G 219 -21.96 25.46 2.44
N ALA G 220 -21.26 26.24 3.26
CA ALA G 220 -21.44 27.67 3.29
C ALA G 220 -20.83 28.38 2.08
N GLY G 221 -19.96 27.68 1.36
CA GLY G 221 -19.36 28.28 0.19
C GLY G 221 -17.85 28.50 0.23
N VAL G 222 -17.21 28.21 1.36
CA VAL G 222 -15.76 28.37 1.45
C VAL G 222 -15.12 27.38 0.48
N GLU G 223 -14.27 27.89 -0.42
CA GLU G 223 -13.62 27.06 -1.43
C GLU G 223 -12.23 26.51 -1.11
N LEU G 224 -11.57 27.05 -0.08
CA LEU G 224 -10.23 26.58 0.25
C LEU G 224 -9.94 26.56 1.74
N PHE G 225 -9.44 25.42 2.22
CA PHE G 225 -9.08 25.26 3.63
C PHE G 225 -7.56 25.28 3.81
N GLU G 226 -7.00 26.45 4.15
CA GLU G 226 -5.55 26.56 4.35
C GLU G 226 -5.16 26.06 5.74
N GLN G 227 -4.19 25.16 5.77
CA GLN G 227 -3.65 24.57 7.00
C GLN G 227 -4.54 24.69 8.23
N PRO G 228 -5.67 23.99 8.25
CA PRO G 228 -6.55 24.06 9.42
C PRO G 228 -6.04 23.24 10.60
N THR G 229 -5.17 22.27 10.34
CA THR G 229 -4.67 21.38 11.37
C THR G 229 -3.14 21.32 11.50
N PRO G 230 -2.63 20.63 12.52
CA PRO G 230 -1.18 20.51 12.75
C PRO G 230 -0.33 20.17 11.53
N ALA G 231 0.80 20.87 11.40
CA ALA G 231 1.73 20.72 10.29
C ALA G 231 2.21 19.30 10.02
N ASP G 232 2.40 18.51 11.08
CA ASP G 232 2.87 17.13 10.95
C ASP G 232 1.83 16.13 10.45
N ASP G 233 0.56 16.41 10.70
CA ASP G 233 -0.52 15.49 10.31
C ASP G 233 -0.98 15.62 8.85
N LEU G 234 -0.18 15.13 7.92
CA LEU G 234 -0.53 15.21 6.50
C LEU G 234 -1.78 14.38 6.20
N GLU G 235 -1.93 13.25 6.89
CA GLU G 235 -3.07 12.37 6.68
C GLU G 235 -4.39 13.08 6.99
N THR G 236 -4.36 13.98 7.97
CA THR G 236 -5.59 14.71 8.31
C THR G 236 -5.95 15.69 7.21
N LEU G 237 -4.95 16.33 6.62
CA LEU G 237 -5.19 17.27 5.54
C LEU G 237 -5.92 16.51 4.43
N ARG G 238 -5.40 15.33 4.11
CA ARG G 238 -5.99 14.47 3.08
C ARG G 238 -7.43 14.10 3.46
N GLU G 239 -7.61 13.70 4.71
CA GLU G 239 -8.91 13.28 5.19
C GLU G 239 -9.98 14.37 5.16
N ILE G 240 -9.63 15.62 5.48
CA ILE G 240 -10.68 16.62 5.44
C ILE G 240 -11.20 16.77 4.03
N THR G 241 -10.30 16.71 3.04
CA THR G 241 -10.73 16.82 1.65
C THR G 241 -11.60 15.64 1.23
N ARG G 242 -11.28 14.45 1.73
CA ARG G 242 -12.09 13.28 1.38
C ARG G 242 -13.52 13.42 1.91
N ARG G 243 -13.66 13.97 3.12
CA ARG G 243 -14.98 14.15 3.73
C ARG G 243 -15.75 15.41 3.31
N THR G 244 -15.03 16.47 2.94
CA THR G 244 -15.70 17.72 2.56
C THR G 244 -15.63 18.06 1.06
N ASN G 245 -14.77 17.36 0.34
CA ASN G 245 -14.57 17.60 -1.09
C ASN G 245 -14.07 18.99 -1.46
N VAL G 246 -13.53 19.71 -0.49
CA VAL G 246 -12.95 21.02 -0.77
C VAL G 246 -11.43 20.97 -0.61
N SER G 247 -10.75 21.68 -1.49
CA SER G 247 -9.30 21.73 -1.50
C SER G 247 -8.65 22.30 -0.26
N VAL G 248 -7.46 21.79 0.02
CA VAL G 248 -6.68 22.22 1.16
C VAL G 248 -5.43 22.87 0.62
N ALA G 250 -1.57 23.70 1.84
CA ALA G 250 -0.60 23.43 2.89
C ALA G 250 0.25 24.69 3.09
N ASP G 251 0.53 25.02 4.33
CA ASP G 251 1.34 26.19 4.64
C ASP G 251 2.43 25.73 5.62
N GLU G 252 2.10 25.63 6.91
CA GLU G 252 3.11 25.19 7.86
C GLU G 252 3.62 23.77 7.59
N SER G 253 2.85 22.98 6.84
CA SER G 253 3.26 21.61 6.53
C SER G 253 4.42 21.59 5.53
N VAL G 254 4.60 22.68 4.79
CA VAL G 254 5.66 22.75 3.80
C VAL G 254 6.63 23.96 3.85
N TRP G 255 7.85 23.70 4.30
CA TRP G 255 8.91 24.72 4.35
C TRP G 255 10.01 24.30 3.37
N THR G 256 10.33 23.01 3.39
CA THR G 256 11.41 22.44 2.58
C THR G 256 10.97 21.62 1.36
N PRO G 257 11.90 21.38 0.44
CA PRO G 257 11.56 20.59 -0.76
C PRO G 257 11.09 19.18 -0.33
N ALA G 258 11.73 18.63 0.70
CA ALA G 258 11.38 17.31 1.19
C ALA G 258 9.95 17.30 1.72
N GLU G 259 9.54 18.38 2.39
CA GLU G 259 8.19 18.47 2.92
C GLU G 259 7.16 18.62 1.79
N ALA G 260 7.56 19.30 0.71
CA ALA G 260 6.66 19.46 -0.44
C ALA G 260 6.47 18.07 -1.07
N LEU G 261 7.55 17.29 -1.08
CA LEU G 261 7.53 15.95 -1.64
C LEU G 261 6.64 15.05 -0.80
N ALA G 262 6.77 15.15 0.52
CA ALA G 262 5.97 14.35 1.45
C ALA G 262 4.49 14.64 1.22
N VAL G 263 4.18 15.92 1.01
CA VAL G 263 2.81 16.34 0.76
C VAL G 263 2.31 15.71 -0.54
N VAL G 264 3.15 15.70 -1.57
CA VAL G 264 2.79 15.11 -2.86
C VAL G 264 2.49 13.61 -2.70
N LYS G 265 3.35 12.90 -1.97
CA LYS G 265 3.16 11.45 -1.76
C LYS G 265 1.92 11.12 -0.95
N ALA G 266 1.56 12.01 -0.02
CA ALA G 266 0.40 11.79 0.83
C ALA G 266 -0.90 12.33 0.23
N GLN G 267 -0.78 13.02 -0.91
CA GLN G 267 -1.94 13.63 -1.58
C GLN G 267 -2.64 14.48 -0.54
N ALA G 268 -1.84 15.18 0.26
CA ALA G 268 -2.35 15.99 1.36
C ALA G 268 -2.90 17.38 1.04
N ALA G 269 -2.65 17.90 -0.16
CA ALA G 269 -3.13 19.24 -0.51
C ALA G 269 -3.07 19.56 -1.99
N ASP G 270 -4.11 20.22 -2.49
CA ASP G 270 -4.18 20.62 -3.90
C ASP G 270 -3.34 21.87 -4.15
N VAL G 271 -3.09 22.64 -3.09
CA VAL G 271 -2.32 23.88 -3.23
C VAL G 271 -1.28 24.03 -2.14
N ILE G 272 -0.14 24.59 -2.49
CA ILE G 272 0.94 24.82 -1.54
C ILE G 272 1.21 26.33 -1.38
N ALA G 273 1.23 26.80 -0.13
CA ALA G 273 1.49 28.22 0.14
C ALA G 273 2.99 28.44 0.05
N LEU G 274 3.45 28.84 -1.13
CA LEU G 274 4.87 29.08 -1.38
C LEU G 274 5.27 30.49 -0.98
N LYS G 275 6.14 30.58 0.03
CA LYS G 275 6.64 31.84 0.55
C LYS G 275 8.17 31.86 0.46
N THR G 276 8.71 32.87 -0.21
CA THR G 276 10.16 32.98 -0.37
C THR G 276 10.86 33.04 0.97
N THR G 277 10.17 33.55 1.98
CA THR G 277 10.75 33.63 3.32
C THR G 277 10.77 32.27 4.02
N LYS G 278 9.63 31.62 4.07
CA LYS G 278 9.50 30.31 4.70
C LYS G 278 10.46 29.23 4.17
N HIS G 279 10.69 29.20 2.85
CA HIS G 279 11.56 28.18 2.26
C HIS G 279 13.06 28.38 2.35
N GLY G 280 13.50 29.55 2.81
CA GLY G 280 14.93 29.79 2.91
C GLY G 280 15.52 30.49 1.70
N GLY G 281 14.71 31.24 0.97
CA GLY G 281 15.25 31.96 -0.18
C GLY G 281 14.65 31.65 -1.53
N LEU G 282 15.16 32.34 -2.54
CA LEU G 282 14.71 32.19 -3.91
C LEU G 282 15.14 30.85 -4.54
N LEU G 283 16.35 30.43 -4.27
CA LEU G 283 16.82 29.16 -4.82
C LEU G 283 15.91 28.03 -4.33
N GLU G 284 15.70 27.97 -3.02
CA GLU G 284 14.86 26.93 -2.44
C GLU G 284 13.43 27.01 -2.95
N SER G 285 12.90 28.22 -3.05
CA SER G 285 11.55 28.40 -3.53
C SER G 285 11.39 27.81 -4.94
N LYS G 286 12.46 27.85 -5.72
CA LYS G 286 12.41 27.28 -7.07
C LYS G 286 12.16 25.78 -6.94
N LYS G 287 12.81 25.16 -5.97
CA LYS G 287 12.68 23.72 -5.74
C LYS G 287 11.26 23.35 -5.34
N ILE G 288 10.65 24.16 -4.48
CA ILE G 288 9.29 23.94 -4.03
C ILE G 288 8.37 23.92 -5.25
N ALA G 289 8.50 24.93 -6.11
CA ALA G 289 7.67 25.03 -7.30
C ALA G 289 7.88 23.85 -8.28
N ALA G 290 9.11 23.39 -8.41
CA ALA G 290 9.40 22.28 -9.32
C ALA G 290 8.68 21.01 -8.83
N ILE G 291 8.90 20.67 -7.58
CA ILE G 291 8.28 19.50 -6.97
C ILE G 291 6.76 19.59 -7.03
N ALA G 292 6.20 20.71 -6.59
CA ALA G 292 4.75 20.89 -6.62
C ALA G 292 4.22 20.73 -8.05
N GLU G 293 4.89 21.37 -9.00
CA GLU G 293 4.48 21.30 -10.40
C GLU G 293 4.55 19.86 -10.96
N ALA G 294 5.58 19.12 -10.58
CA ALA G 294 5.71 17.76 -11.09
C ALA G 294 4.57 16.89 -10.57
N GLY G 295 4.08 17.21 -9.36
CA GLY G 295 2.99 16.47 -8.75
C GLY G 295 1.62 17.02 -9.09
N GLY G 296 1.56 18.04 -9.93
CA GLY G 296 0.27 18.61 -10.29
C GLY G 296 -0.31 19.53 -9.24
N LEU G 297 0.47 19.85 -8.21
CA LEU G 297 -0.03 20.74 -7.16
C LEU G 297 0.22 22.22 -7.50
N ALA G 298 -0.84 23.01 -7.43
CA ALA G 298 -0.77 24.46 -7.69
C ALA G 298 -0.02 25.20 -6.59
N CYS G 299 0.75 26.21 -6.98
CA CYS G 299 1.48 27.01 -6.02
C CYS G 299 0.87 28.39 -5.92
N HIS G 300 0.77 28.88 -4.69
CA HIS G 300 0.20 30.19 -4.43
C HIS G 300 1.32 31.07 -3.88
N GLY G 301 1.37 32.32 -4.36
CA GLY G 301 2.39 33.22 -3.87
C GLY G 301 1.95 33.74 -2.52
N ALA G 302 2.07 32.87 -1.51
CA ALA G 302 1.68 33.20 -0.15
C ALA G 302 2.64 34.19 0.47
N THR G 303 2.27 34.69 1.64
CA THR G 303 3.09 35.69 2.34
C THR G 303 3.26 35.40 3.82
N SER G 304 4.36 35.90 4.36
CA SER G 304 4.65 35.78 5.79
C SER G 304 4.47 37.20 6.31
N LEU G 305 3.60 37.94 5.64
CA LEU G 305 3.34 39.34 6.00
C LEU G 305 4.66 40.08 5.99
N GLU G 306 5.36 40.00 4.86
CA GLU G 306 6.66 40.66 4.71
C GLU G 306 6.50 42.13 4.34
N GLY G 307 7.54 42.91 4.61
CA GLY G 307 7.51 44.32 4.28
C GLY G 307 7.70 44.51 2.78
N PRO G 308 7.96 45.74 2.31
CA PRO G 308 8.15 46.05 0.89
C PRO G 308 9.33 45.35 0.21
N ILE G 309 10.42 45.13 0.96
CA ILE G 309 11.59 44.46 0.41
C ILE G 309 11.38 42.96 0.24
N GLY G 310 10.58 42.37 1.12
CA GLY G 310 10.30 40.95 1.05
C GLY G 310 9.15 40.70 0.10
N THR G 311 8.17 41.60 0.11
CA THR G 311 7.01 41.49 -0.76
C THR G 311 7.45 41.68 -2.21
N ALA G 312 8.58 42.34 -2.39
CA ALA G 312 9.11 42.58 -3.72
C ALA G 312 9.96 41.38 -4.14
N ALA G 313 10.68 40.82 -3.18
CA ALA G 313 11.52 39.66 -3.46
C ALA G 313 10.63 38.52 -3.90
N SER G 314 9.40 38.49 -3.39
CA SER G 314 8.47 37.45 -3.76
C SER G 314 7.80 37.75 -5.11
N LEU G 315 7.69 39.03 -5.44
CA LEU G 315 7.08 39.41 -6.71
C LEU G 315 8.03 39.04 -7.83
N GLN G 316 9.32 39.15 -7.57
CA GLN G 316 10.31 38.80 -8.58
C GLN G 316 10.20 37.29 -8.84
N PHE G 317 9.94 36.53 -7.78
CA PHE G 317 9.81 35.09 -7.92
C PHE G 317 8.54 34.71 -8.66
N ALA G 318 7.43 35.36 -8.30
CA ALA G 318 6.15 35.08 -8.94
C ALA G 318 6.14 35.49 -10.41
N ALA G 319 7.05 36.38 -10.78
CA ALA G 319 7.12 36.88 -12.15
C ALA G 319 7.94 35.96 -13.05
N SER G 320 8.80 35.17 -12.44
CA SER G 320 9.66 34.26 -13.19
C SER G 320 9.26 32.78 -13.07
N THR G 321 8.25 32.50 -12.26
CA THR G 321 7.83 31.12 -12.02
C THR G 321 6.41 30.79 -12.47
N LYS G 322 6.30 30.06 -13.57
CA LYS G 322 5.00 29.68 -14.09
C LYS G 322 4.24 28.82 -13.07
N ALA G 323 4.99 28.09 -12.25
CA ALA G 323 4.37 27.24 -11.23
C ALA G 323 3.47 27.98 -10.27
N ILE G 324 3.69 29.28 -10.10
CA ILE G 324 2.79 30.05 -9.23
C ILE G 324 1.57 30.14 -10.13
N SER G 325 0.60 29.26 -9.90
CA SER G 325 -0.59 29.21 -10.74
C SER G 325 -1.90 29.49 -10.04
N TYR G 326 -1.85 29.85 -8.77
CA TYR G 326 -3.06 30.14 -8.03
C TYR G 326 -3.01 31.53 -7.41
N GLY G 327 -2.55 32.50 -8.19
CA GLY G 327 -2.45 33.86 -7.69
C GLY G 327 -1.53 34.00 -6.50
N THR G 328 -1.63 35.14 -5.81
CA THR G 328 -0.80 35.41 -4.63
C THR G 328 -1.63 36.13 -3.57
N GLU G 329 -0.97 36.41 -2.44
CA GLU G 329 -1.59 37.14 -1.33
C GLU G 329 -0.49 38.07 -0.84
N LEU G 330 0.33 38.53 -1.78
CA LEU G 330 1.44 39.43 -1.48
C LEU G 330 0.92 40.86 -1.33
N PHE G 331 0.13 41.08 -0.29
CA PHE G 331 -0.45 42.38 0.00
C PHE G 331 0.34 43.10 1.10
N GLY G 332 1.36 42.42 1.61
CA GLY G 332 2.19 42.96 2.66
C GLY G 332 2.10 44.44 2.98
N PRO G 333 2.89 45.27 2.27
CA PRO G 333 2.89 46.73 2.48
C PRO G 333 1.53 47.33 2.82
N GLN G 334 0.48 46.89 2.12
CA GLN G 334 -0.86 47.40 2.36
C GLN G 334 -1.31 47.30 3.82
N LEU G 335 -0.56 46.56 4.63
CA LEU G 335 -0.92 46.39 6.03
C LEU G 335 -0.11 47.30 6.94
N LEU G 336 1.06 47.71 6.46
CA LEU G 336 1.96 48.58 7.21
C LEU G 336 1.45 50.01 7.24
N LYS G 337 1.47 50.63 8.42
CA LYS G 337 1.00 52.00 8.56
C LYS G 337 1.95 52.96 7.87
N ASP G 338 3.14 52.46 7.52
CA ASP G 338 4.15 53.27 6.82
C ASP G 338 5.12 52.31 6.13
N THR G 339 5.93 52.83 5.22
CA THR G 339 6.90 52.01 4.50
C THR G 339 8.32 52.53 4.74
N TYR G 340 9.27 51.98 3.99
CA TYR G 340 10.68 52.38 4.09
C TYR G 340 11.37 51.98 2.80
N ILE G 341 10.61 51.99 1.71
CA ILE G 341 11.15 51.58 0.42
C ILE G 341 11.15 52.64 -0.68
N VAL G 342 10.92 53.90 -0.33
CA VAL G 342 10.93 54.98 -1.32
C VAL G 342 9.80 54.94 -2.36
N GLN G 343 9.73 53.89 -3.17
CA GLN G 343 8.69 53.78 -4.18
C GLN G 343 7.42 53.17 -3.62
N GLU G 344 6.37 53.17 -4.42
CA GLU G 344 5.09 52.61 -4.01
C GLU G 344 4.65 51.47 -4.90
N PHE G 345 4.05 50.46 -4.29
CA PHE G 345 3.55 49.30 -5.01
C PHE G 345 2.21 49.68 -5.63
N GLU G 346 1.95 49.19 -6.83
CA GLU G 346 0.71 49.52 -7.51
C GLU G 346 -0.36 48.43 -7.38
N TYR G 347 -1.26 48.63 -6.44
CA TYR G 347 -2.35 47.69 -6.19
C TYR G 347 -3.63 48.18 -6.85
N LYS G 348 -4.23 47.36 -7.70
CA LYS G 348 -5.46 47.73 -8.37
C LYS G 348 -5.98 46.60 -9.24
N ASP G 349 -7.30 46.55 -9.39
CA ASP G 349 -7.94 45.51 -10.20
C ASP G 349 -7.65 44.12 -9.65
N GLY G 350 -7.66 44.00 -8.34
CA GLY G 350 -7.40 42.72 -7.71
C GLY G 350 -6.03 42.18 -8.07
N GLN G 351 -5.08 43.09 -8.25
CA GLN G 351 -3.72 42.70 -8.59
C GLN G 351 -2.69 43.66 -8.03
N VAL G 352 -1.46 43.48 -8.51
CA VAL G 352 -0.33 44.31 -8.14
C VAL G 352 0.75 43.99 -9.16
N ALA G 353 1.29 45.04 -9.78
CA ALA G 353 2.31 44.86 -10.80
C ALA G 353 3.69 44.59 -10.19
N ILE G 354 4.51 43.83 -10.90
CA ILE G 354 5.84 43.52 -10.44
C ILE G 354 6.71 44.77 -10.59
N PRO G 355 7.45 45.14 -9.54
CA PRO G 355 8.32 46.31 -9.58
C PRO G 355 9.44 46.18 -10.61
N GLN G 356 9.54 47.15 -11.50
CA GLN G 356 10.58 47.15 -12.53
C GLN G 356 11.81 47.89 -12.02
N GLY G 357 12.96 47.62 -12.63
CA GLY G 357 14.18 48.27 -12.21
C GLY G 357 15.16 47.22 -11.72
N PRO G 358 16.43 47.58 -11.47
CA PRO G 358 17.44 46.62 -11.01
C PRO G 358 17.10 46.02 -9.63
N GLY G 359 17.91 45.07 -9.19
CA GLY G 359 17.69 44.42 -7.90
C GLY G 359 16.23 44.08 -7.67
N LEU G 360 15.77 44.15 -6.42
CA LEU G 360 14.38 43.84 -6.11
C LEU G 360 13.46 44.76 -6.90
N GLY G 361 14.04 45.76 -7.55
CA GLY G 361 13.26 46.71 -8.32
C GLY G 361 12.57 47.70 -7.41
N VAL G 362 13.19 47.97 -6.26
CA VAL G 362 12.66 48.91 -5.30
C VAL G 362 13.79 49.26 -4.33
N ASP G 363 14.06 50.55 -4.17
CA ASP G 363 15.15 51.02 -3.31
C ASP G 363 14.74 51.32 -1.89
N VAL G 364 15.64 51.07 -0.94
CA VAL G 364 15.36 51.32 0.46
C VAL G 364 15.59 52.77 0.85
N ASP G 365 14.73 53.29 1.72
CA ASP G 365 14.85 54.67 2.19
C ASP G 365 15.53 54.65 3.57
N ASP G 367 16.42 56.56 5.57
CA ASP G 367 15.91 57.46 6.60
C ASP G 367 14.85 56.75 7.41
N LYS G 368 13.84 56.20 6.72
CA LYS G 368 12.77 55.49 7.41
C LYS G 368 13.28 54.19 8.02
N VAL G 369 14.41 53.70 7.52
CA VAL G 369 15.02 52.48 8.04
C VAL G 369 15.47 52.74 9.46
N ASN G 370 16.33 53.74 9.63
CA ASN G 370 16.83 54.09 10.95
C ASN G 370 15.69 54.52 11.85
N PHE G 371 14.72 55.22 11.28
CA PHE G 371 13.57 55.70 12.04
C PHE G 371 12.82 54.55 12.70
N TYR G 372 12.75 53.41 12.00
CA TYR G 372 12.03 52.26 12.54
C TYR G 372 12.93 51.19 13.13
N THR G 373 14.24 51.40 13.08
CA THR G 373 15.20 50.45 13.64
C THR G 373 15.05 50.38 15.15
N ARG G 374 14.58 49.24 15.66
CA ARG G 374 14.39 49.06 17.09
C ARG G 374 15.63 49.47 17.87
N ASP H 5 15.97 45.68 -27.91
CA ASP H 5 17.45 45.46 -27.98
C ASP H 5 17.83 44.01 -27.72
N LEU H 6 17.21 43.44 -26.69
CA LEU H 6 17.48 42.05 -26.31
C LEU H 6 16.54 41.15 -27.11
N THR H 7 15.73 41.78 -27.94
CA THR H 7 14.76 41.09 -28.79
C THR H 7 15.42 40.06 -29.70
N ILE H 8 14.75 38.92 -29.86
CA ILE H 8 15.25 37.85 -30.74
C ILE H 8 14.70 38.15 -32.13
N GLN H 9 15.59 38.40 -33.07
CA GLN H 9 15.19 38.71 -34.43
C GLN H 9 15.05 37.45 -35.27
N LYS H 10 16.09 36.63 -35.26
CA LYS H 10 16.09 35.42 -36.05
C LYS H 10 16.52 34.20 -35.26
N VAL H 11 16.08 33.04 -35.71
CA VAL H 11 16.42 31.76 -35.10
C VAL H 11 16.70 30.78 -36.24
N GLU H 12 17.92 30.28 -36.30
CA GLU H 12 18.31 29.34 -37.35
C GLU H 12 18.76 28.02 -36.73
N SER H 13 18.77 26.97 -37.54
CA SER H 13 19.21 25.66 -37.09
C SER H 13 19.95 24.96 -38.23
N ARG H 14 21.06 24.32 -37.91
CA ARG H 14 21.86 23.62 -38.92
C ARG H 14 22.23 22.22 -38.45
N ILE H 15 22.04 21.24 -39.31
CA ILE H 15 22.40 19.87 -38.96
C ILE H 15 23.86 19.70 -39.30
N LEU H 16 24.66 19.39 -38.28
CA LEU H 16 26.09 19.19 -38.48
C LEU H 16 26.45 17.72 -38.37
N ASP H 17 27.31 17.24 -39.27
CA ASP H 17 27.75 15.85 -39.26
C ASP H 17 29.25 15.80 -38.97
N VAL H 18 29.60 15.89 -37.69
CA VAL H 18 31.01 15.86 -37.30
C VAL H 18 31.55 14.44 -37.18
N PRO H 19 32.69 14.17 -37.85
CA PRO H 19 33.34 12.86 -37.84
C PRO H 19 33.76 12.46 -36.44
N LEU H 20 33.78 11.14 -36.21
CA LEU H 20 34.18 10.60 -34.92
C LEU H 20 35.56 9.99 -35.08
N ILE H 21 36.33 10.00 -34.01
CA ILE H 21 37.67 9.45 -34.01
C ILE H 21 37.61 7.91 -34.07
N ARG H 22 36.53 7.34 -33.56
CA ARG H 22 36.35 5.89 -33.57
C ARG H 22 34.87 5.51 -33.68
N PRO H 23 34.60 4.28 -34.14
CA PRO H 23 33.24 3.75 -34.32
C PRO H 23 32.55 3.44 -32.98
N HIS H 24 31.85 4.43 -32.42
CA HIS H 24 31.16 4.24 -31.15
C HIS H 24 29.95 3.33 -31.31
N GLY H 25 30.10 2.07 -30.90
CA GLY H 25 29.02 1.11 -31.01
C GLY H 25 28.07 1.06 -29.83
N PHE H 26 26.80 0.80 -30.12
CA PHE H 26 25.75 0.71 -29.10
C PHE H 26 25.06 -0.66 -29.18
N ALA H 27 23.97 -0.80 -28.44
CA ALA H 27 23.21 -2.06 -28.41
C ALA H 27 22.60 -2.44 -29.76
N THR H 28 22.13 -1.44 -30.50
CA THR H 28 21.52 -1.70 -31.80
C THR H 28 22.16 -0.92 -32.95
N THR H 29 23.04 0.02 -32.65
CA THR H 29 23.69 0.83 -33.67
C THR H 29 25.14 1.21 -33.34
N THR H 30 25.97 1.31 -34.38
CA THR H 30 27.38 1.70 -34.21
C THR H 30 27.59 3.03 -34.94
N SER H 31 28.15 4.00 -34.24
CA SER H 31 28.38 5.32 -34.83
C SER H 31 29.74 5.53 -35.49
N THR H 32 29.76 6.36 -36.53
CA THR H 32 30.97 6.69 -37.27
C THR H 32 31.04 8.21 -37.43
N GLU H 33 29.99 8.87 -36.93
CA GLU H 33 29.88 10.32 -36.97
C GLU H 33 28.72 10.74 -36.07
N GLN H 34 28.86 11.87 -35.38
CA GLN H 34 27.79 12.35 -34.51
C GLN H 34 26.99 13.38 -35.27
N HIS H 35 25.68 13.37 -35.06
CA HIS H 35 24.76 14.28 -35.72
C HIS H 35 24.29 15.30 -34.71
N ILE H 36 24.52 16.57 -35.00
CA ILE H 36 24.14 17.63 -34.08
C ILE H 36 23.34 18.74 -34.75
N LEU H 37 22.24 19.13 -34.12
CA LEU H 37 21.46 20.22 -34.67
C LEU H 37 21.90 21.48 -33.91
N LEU H 38 22.69 22.31 -34.59
CA LEU H 38 23.17 23.54 -33.98
C LEU H 38 22.13 24.60 -34.23
N VAL H 39 21.53 25.10 -33.15
CA VAL H 39 20.51 26.12 -33.26
C VAL H 39 21.09 27.45 -32.82
N SER H 40 20.59 28.54 -33.39
CA SER H 40 21.10 29.87 -33.05
C SER H 40 20.01 30.91 -32.83
N VAL H 41 20.16 31.67 -31.75
CA VAL H 41 19.21 32.73 -31.41
C VAL H 41 19.95 34.04 -31.68
N HIS H 42 19.43 34.82 -32.61
CA HIS H 42 20.03 36.08 -33.02
C HIS H 42 19.29 37.27 -32.41
N LEU H 43 19.98 37.99 -31.54
CA LEU H 43 19.40 39.14 -30.86
C LEU H 43 19.61 40.44 -31.64
N GLU H 44 18.74 41.42 -31.38
CA GLU H 44 18.81 42.71 -32.04
C GLU H 44 20.14 43.43 -31.82
N ASN H 45 20.80 43.16 -30.69
CA ASN H 45 22.08 43.79 -30.37
C ASN H 45 23.23 43.08 -31.08
N GLY H 46 22.89 42.20 -32.02
CA GLY H 46 23.91 41.49 -32.78
C GLY H 46 24.44 40.19 -32.21
N VAL H 47 24.30 39.98 -30.91
CA VAL H 47 24.81 38.73 -30.31
C VAL H 47 24.02 37.51 -30.75
N ILE H 48 24.66 36.35 -30.71
CA ILE H 48 24.01 35.11 -31.10
C ILE H 48 24.21 34.02 -30.05
N GLY H 49 23.14 33.25 -29.79
CA GLY H 49 23.22 32.17 -28.82
C GLY H 49 23.22 30.81 -29.50
N TYR H 50 23.97 29.87 -28.94
CA TYR H 50 24.05 28.53 -29.52
C TYR H 50 23.54 27.43 -28.58
N GLY H 51 22.81 26.50 -29.16
CA GLY H 51 22.26 25.38 -28.42
C GLY H 51 22.23 24.15 -29.30
N GLU H 52 22.47 22.98 -28.70
CA GLU H 52 22.48 21.74 -29.46
C GLU H 52 21.25 20.85 -29.30
N GLY H 53 20.78 20.33 -30.43
CA GLY H 53 19.66 19.39 -30.42
C GLY H 53 20.42 18.11 -30.77
N VAL H 54 20.68 17.27 -29.78
CA VAL H 54 21.45 16.06 -30.04
C VAL H 54 21.07 14.83 -29.20
N VAL H 55 21.06 13.68 -29.86
CA VAL H 55 20.73 12.41 -29.23
C VAL H 55 21.90 11.45 -29.46
N PRO H 56 22.01 10.39 -28.66
CA PRO H 56 23.11 9.43 -28.84
C PRO H 56 23.09 8.63 -30.14
N GLY H 57 23.56 9.25 -31.23
CA GLY H 57 23.61 8.55 -32.50
C GLY H 57 22.43 8.66 -33.45
N GLY H 58 21.23 8.34 -32.96
CA GLY H 58 20.05 8.42 -33.80
C GLY H 58 18.75 8.29 -33.04
N PRO H 59 17.62 8.14 -33.75
CA PRO H 59 16.28 8.00 -33.16
C PRO H 59 16.06 6.72 -32.35
N TRP H 60 16.97 5.75 -32.49
CA TRP H 60 16.84 4.51 -31.74
C TRP H 60 16.87 4.76 -30.24
N TRP H 61 17.33 5.94 -29.82
CA TRP H 61 17.41 6.23 -28.39
C TRP H 61 16.10 6.68 -27.75
N GLY H 62 15.40 7.61 -28.41
CA GLY H 62 14.16 8.10 -27.83
C GLY H 62 13.12 8.62 -28.80
N GLY H 63 13.32 8.35 -30.08
CA GLY H 63 12.35 8.77 -31.08
C GLY H 63 12.58 10.12 -31.75
N GLU H 64 13.60 10.84 -31.29
CA GLU H 64 13.90 12.13 -31.87
C GLU H 64 15.22 12.03 -32.61
N SER H 65 15.39 12.85 -33.64
CA SER H 65 16.61 12.86 -34.44
C SER H 65 16.87 14.29 -34.89
N VAL H 66 18.08 14.52 -35.40
CA VAL H 66 18.43 15.85 -35.89
C VAL H 66 17.39 16.26 -36.94
N GLU H 67 16.87 15.29 -37.69
CA GLU H 67 15.85 15.62 -38.69
C GLU H 67 14.54 16.03 -38.04
N THR H 68 14.06 15.21 -37.09
CA THR H 68 12.81 15.54 -36.42
C THR H 68 12.91 16.86 -35.66
N LYS H 70 14.97 19.47 -36.19
CA LYS H 70 15.03 20.63 -37.07
C LYS H 70 13.62 20.97 -37.53
N ALA H 71 12.85 19.96 -37.93
CA ALA H 71 11.48 20.19 -38.39
C ALA H 71 10.65 20.86 -37.30
N LEU H 72 10.80 20.43 -36.06
CA LEU H 72 10.03 21.03 -34.98
C LEU H 72 10.52 22.44 -34.66
N VAL H 73 11.84 22.63 -34.65
CA VAL H 73 12.42 23.94 -34.36
C VAL H 73 12.01 25.03 -35.37
N ASP H 74 12.31 24.79 -36.66
CA ASP H 74 11.96 25.76 -37.70
C ASP H 74 10.45 25.92 -37.88
N GLY H 75 9.75 24.79 -37.95
CA GLY H 75 8.32 24.85 -38.16
C GLY H 75 7.42 25.27 -37.00
N TYR H 76 7.82 24.98 -35.76
CA TYR H 76 6.95 25.32 -34.64
C TYR H 76 7.57 26.04 -33.44
N LEU H 77 8.76 25.63 -33.02
CA LEU H 77 9.40 26.27 -31.87
C LEU H 77 9.92 27.68 -32.16
N ALA H 78 10.76 27.80 -33.19
CA ALA H 78 11.35 29.07 -33.56
C ALA H 78 10.39 30.27 -33.63
N PRO H 79 9.27 30.14 -34.36
CA PRO H 79 8.32 31.25 -34.45
C PRO H 79 7.76 31.82 -33.16
N VAL H 80 7.86 31.08 -32.06
CA VAL H 80 7.34 31.59 -30.80
C VAL H 80 8.30 32.62 -30.21
N LEU H 81 9.59 32.46 -30.50
CA LEU H 81 10.63 33.33 -29.99
C LEU H 81 10.74 34.70 -30.68
N ILE H 82 10.59 34.69 -31.99
CA ILE H 82 10.70 35.90 -32.79
C ILE H 82 9.89 37.10 -32.30
N GLY H 83 10.58 38.20 -32.02
CA GLY H 83 9.91 39.41 -31.58
C GLY H 83 9.83 39.60 -30.08
N ARG H 84 10.27 38.60 -29.34
CA ARG H 84 10.21 38.65 -27.89
C ARG H 84 11.61 38.82 -27.29
N ALA H 85 11.69 39.51 -26.16
CA ALA H 85 12.97 39.71 -25.51
C ALA H 85 13.45 38.38 -24.92
N VAL H 86 14.74 38.08 -25.07
CA VAL H 86 15.28 36.84 -24.56
C VAL H 86 15.20 36.83 -23.03
N SER H 87 14.88 37.99 -22.46
CA SER H 87 14.76 38.13 -21.00
C SER H 87 13.40 37.56 -20.60
N GLU H 88 12.65 37.10 -21.59
CA GLU H 88 11.34 36.50 -21.39
C GLU H 88 11.52 34.99 -21.42
N LEU H 89 12.77 34.56 -21.39
CA LEU H 89 13.15 33.14 -21.44
C LEU H 89 12.13 32.16 -20.84
N ALA H 90 11.94 32.21 -19.52
CA ALA H 90 11.01 31.30 -18.85
C ALA H 90 9.60 31.38 -19.40
N GLY H 91 9.19 32.58 -19.80
CA GLY H 91 7.84 32.73 -20.34
C GLY H 91 7.74 32.07 -21.70
N ILE H 92 8.81 32.22 -22.48
CA ILE H 92 8.86 31.65 -23.82
C ILE H 92 8.82 30.12 -23.78
N ALA H 94 7.53 28.23 -21.67
CA ALA H 94 6.20 27.78 -21.31
C ALA H 94 5.23 27.88 -22.48
N ASP H 95 5.43 28.89 -23.32
CA ASP H 95 4.56 29.08 -24.46
C ASP H 95 4.82 28.03 -25.53
N LEU H 96 5.99 27.40 -25.49
CA LEU H 96 6.31 26.38 -26.48
C LEU H 96 5.40 25.17 -26.26
N GLU H 97 5.03 24.93 -25.01
CA GLU H 97 4.16 23.82 -24.67
C GLU H 97 2.82 23.91 -25.37
N ARG H 98 2.42 25.13 -25.74
CA ARG H 98 1.15 25.35 -26.41
C ARG H 98 1.15 24.88 -27.87
N VAL H 99 2.32 24.88 -28.49
CA VAL H 99 2.44 24.49 -29.89
C VAL H 99 3.08 23.13 -30.12
N VAL H 100 3.89 22.68 -29.18
CA VAL H 100 4.55 21.39 -29.31
C VAL H 100 4.60 20.67 -27.97
N ALA H 101 4.02 19.48 -27.91
CA ALA H 101 4.05 18.71 -26.68
C ALA H 101 5.28 17.81 -26.73
N ARG H 102 5.82 17.47 -25.57
CA ARG H 102 6.99 16.62 -25.48
C ARG H 102 8.14 17.15 -26.34
N ALA H 103 8.79 16.25 -27.07
CA ALA H 103 9.90 16.65 -27.92
C ALA H 103 10.88 17.50 -27.12
N ARG H 104 11.27 16.99 -25.95
CA ARG H 104 12.20 17.68 -25.06
C ARG H 104 13.57 17.93 -25.64
N TYR H 105 14.07 17.01 -26.46
CA TYR H 105 15.40 17.19 -27.05
C TYR H 105 15.43 18.41 -27.97
N ALA H 106 14.37 18.59 -28.75
CA ALA H 106 14.29 19.73 -29.66
C ALA H 106 14.23 21.02 -28.85
N LYS H 107 13.39 21.01 -27.81
CA LYS H 107 13.22 22.16 -26.94
C LYS H 107 14.50 22.53 -26.18
N ALA H 108 15.31 21.54 -25.86
CA ALA H 108 16.55 21.80 -25.14
C ALA H 108 17.43 22.76 -25.93
N ALA H 109 17.57 22.51 -27.23
CA ALA H 109 18.39 23.36 -28.08
C ALA H 109 17.97 24.82 -27.95
N VAL H 110 16.68 25.08 -28.09
CA VAL H 110 16.15 26.44 -28.00
C VAL H 110 16.43 27.08 -26.65
N ASP H 111 16.34 26.27 -25.60
CA ASP H 111 16.58 26.74 -24.24
C ASP H 111 18.04 27.15 -24.03
N VAL H 112 18.96 26.29 -24.47
CA VAL H 112 20.36 26.58 -24.32
C VAL H 112 20.85 27.74 -25.18
N ALA H 113 20.18 28.00 -26.30
CA ALA H 113 20.58 29.10 -27.15
C ALA H 113 20.12 30.41 -26.54
N HIS H 115 19.73 31.01 -23.52
CA HIS H 115 20.57 31.21 -22.36
C HIS H 115 21.92 31.79 -22.77
N ASP H 116 22.54 31.19 -23.78
CA ASP H 116 23.85 31.62 -24.27
C ASP H 116 23.80 33.06 -24.77
N ALA H 117 22.73 33.39 -25.50
CA ALA H 117 22.57 34.73 -26.05
C ALA H 117 22.28 35.74 -24.95
N TRP H 118 21.37 35.39 -24.05
CA TRP H 118 20.99 36.29 -22.96
C TRP H 118 22.14 36.46 -21.97
N ALA H 119 23.01 35.46 -21.90
CA ALA H 119 24.14 35.52 -20.99
C ALA H 119 25.20 36.45 -21.56
N ARG H 120 25.56 36.24 -22.82
CA ARG H 120 26.56 37.05 -23.50
C ARG H 120 26.16 38.51 -23.53
N SER H 121 24.85 38.77 -23.65
CA SER H 121 24.33 40.12 -23.68
C SER H 121 24.50 40.82 -22.33
N LEU H 122 24.75 40.03 -21.29
CA LEU H 122 24.95 40.57 -19.96
C LEU H 122 26.41 40.43 -19.58
N ASN H 123 27.18 39.85 -20.48
CA ASN H 123 28.60 39.64 -20.30
C ASN H 123 28.91 38.70 -19.13
N VAL H 124 27.91 37.95 -18.69
CA VAL H 124 28.10 37.00 -17.60
C VAL H 124 28.00 35.58 -18.14
N PRO H 125 28.67 34.62 -17.49
CA PRO H 125 28.63 33.22 -17.92
C PRO H 125 27.21 32.71 -17.75
N VAL H 126 26.84 31.66 -18.47
CA VAL H 126 25.49 31.11 -18.36
C VAL H 126 25.16 30.67 -16.94
N ARG H 127 26.10 29.99 -16.29
CA ARG H 127 25.90 29.52 -14.92
C ARG H 127 25.44 30.61 -13.96
N ASP H 128 25.76 31.87 -14.27
CA ASP H 128 25.35 32.98 -13.41
C ASP H 128 23.86 33.29 -13.58
N LEU H 129 23.25 32.64 -14.57
CA LEU H 129 21.82 32.83 -14.79
C LEU H 129 21.10 31.69 -14.09
N LEU H 130 21.89 30.70 -13.66
CA LEU H 130 21.40 29.51 -12.99
C LEU H 130 21.79 29.43 -11.51
N GLY H 131 21.98 30.57 -10.86
CA GLY H 131 22.33 30.56 -9.45
C GLY H 131 23.76 30.92 -9.06
N GLY H 132 24.69 30.88 -9.99
CA GLY H 132 26.07 31.21 -9.64
C GLY H 132 26.98 30.01 -9.74
N THR H 133 28.12 30.06 -9.07
CA THR H 133 29.03 28.91 -9.14
C THR H 133 29.18 28.17 -7.81
N VAL H 134 29.14 26.85 -7.91
CA VAL H 134 29.27 25.96 -6.77
C VAL H 134 30.58 25.21 -6.89
N ARG H 135 31.02 25.04 -8.14
CA ARG H 135 32.26 24.33 -8.44
C ARG H 135 32.76 24.86 -9.79
N ASP H 136 34.07 24.70 -10.04
CA ASP H 136 34.64 25.16 -11.31
C ASP H 136 35.28 24.01 -12.10
N LYS H 137 35.03 22.79 -11.65
CA LYS H 137 35.54 21.59 -12.31
C LYS H 137 34.69 20.40 -11.85
N VAL H 138 34.65 19.34 -12.66
CA VAL H 138 33.88 18.15 -12.31
C VAL H 138 34.61 16.88 -12.68
N ASP H 139 34.30 15.80 -11.98
CA ASP H 139 34.90 14.51 -12.27
C ASP H 139 34.27 14.03 -13.56
N VAL H 140 34.98 13.15 -14.27
CA VAL H 140 34.46 12.65 -15.52
C VAL H 140 34.62 11.15 -15.62
N THR H 141 33.52 10.47 -15.95
CA THR H 141 33.53 9.03 -16.12
C THR H 141 33.69 8.77 -17.62
N TRP H 142 34.66 7.96 -18.00
CA TRP H 142 34.88 7.64 -19.42
C TRP H 142 34.15 6.36 -19.79
N ALA H 143 33.35 6.41 -20.84
CA ALA H 143 32.60 5.24 -21.28
C ALA H 143 33.23 4.53 -22.47
N LEU H 144 33.22 3.20 -22.41
CA LEU H 144 33.75 2.38 -23.50
C LEU H 144 32.57 1.72 -24.19
N GLY H 145 32.35 2.05 -25.47
CA GLY H 145 31.26 1.46 -26.22
C GLY H 145 31.49 -0.04 -26.36
N VAL H 146 30.65 -0.71 -27.15
CA VAL H 146 30.81 -2.15 -27.33
C VAL H 146 32.21 -2.47 -27.87
N LEU H 147 32.95 -3.30 -27.13
CA LEU H 147 34.31 -3.68 -27.50
C LEU H 147 34.74 -5.00 -26.86
N PRO H 148 35.52 -5.82 -27.58
CA PRO H 148 36.00 -7.11 -27.07
C PRO H 148 36.83 -6.96 -25.80
N LEU H 149 37.00 -8.08 -25.09
CA LEU H 149 37.73 -8.13 -23.83
C LEU H 149 39.05 -7.34 -23.77
N ASP H 150 40.07 -7.84 -24.43
CA ASP H 150 41.39 -7.20 -24.43
C ASP H 150 41.37 -5.76 -24.92
N VAL H 151 40.60 -5.51 -25.98
CA VAL H 151 40.49 -4.17 -26.55
C VAL H 151 40.23 -3.13 -25.45
N ALA H 152 39.18 -3.34 -24.67
CA ALA H 152 38.81 -2.43 -23.60
C ALA H 152 39.80 -2.42 -22.44
N VAL H 153 40.28 -3.60 -22.06
CA VAL H 153 41.24 -3.70 -20.96
C VAL H 153 42.42 -2.78 -21.24
N ALA H 154 42.73 -2.60 -22.51
CA ALA H 154 43.84 -1.73 -22.92
C ALA H 154 43.45 -0.26 -22.89
N GLU H 155 42.24 0.04 -23.34
CA GLU H 155 41.75 1.41 -23.37
C GLU H 155 41.75 2.03 -21.98
N ILE H 156 41.32 1.26 -20.99
CA ILE H 156 41.28 1.72 -19.60
C ILE H 156 42.65 2.18 -19.16
N GLU H 157 43.62 1.28 -19.27
CA GLU H 157 45.01 1.57 -18.91
C GLU H 157 45.45 2.88 -19.52
N GLU H 158 45.21 3.03 -20.82
CA GLU H 158 45.57 4.23 -21.56
C GLU H 158 44.88 5.46 -20.97
N ARG H 159 43.58 5.34 -20.73
CA ARG H 159 42.80 6.44 -20.18
C ARG H 159 43.29 6.91 -18.82
N ILE H 160 43.58 5.96 -17.94
CA ILE H 160 44.05 6.26 -16.60
C ILE H 160 45.32 7.10 -16.69
N GLU H 161 46.25 6.65 -17.52
CA GLU H 161 47.53 7.31 -17.72
C GLU H 161 47.44 8.71 -18.33
N GLU H 162 46.74 8.81 -19.46
CA GLU H 162 46.62 10.08 -20.16
C GLU H 162 45.64 11.11 -19.60
N PHE H 163 44.47 10.67 -19.16
CA PHE H 163 43.47 11.59 -18.64
C PHE H 163 43.14 11.38 -17.17
N GLY H 164 43.55 10.23 -16.63
CA GLY H 164 43.32 9.94 -15.23
C GLY H 164 41.88 9.76 -14.77
N ASN H 165 40.98 9.32 -15.65
CA ASN H 165 39.61 9.10 -15.23
C ASN H 165 39.64 8.03 -14.15
N ARG H 166 38.83 8.18 -13.12
CA ARG H 166 38.83 7.21 -12.03
C ARG H 166 37.64 6.25 -12.08
N SER H 167 36.70 6.50 -12.99
CA SER H 167 35.53 5.64 -13.15
C SER H 167 35.26 5.36 -14.62
N PHE H 168 34.92 4.10 -14.94
CA PHE H 168 34.65 3.69 -16.31
C PHE H 168 33.28 3.04 -16.52
N LYS H 169 32.57 3.51 -17.54
CA LYS H 169 31.25 3.02 -17.89
C LYS H 169 31.32 2.13 -19.13
N LEU H 170 30.85 0.88 -18.99
CA LEU H 170 30.86 -0.08 -20.08
C LEU H 170 29.49 -0.27 -20.73
N LYS H 171 29.41 0.05 -22.02
CA LYS H 171 28.17 -0.09 -22.77
C LYS H 171 27.93 -1.55 -23.09
N GLY H 173 24.54 -4.63 -24.30
CA GLY H 173 23.30 -4.77 -25.06
C GLY H 173 23.48 -5.34 -26.44
N ALA H 174 24.73 -5.44 -26.89
CA ALA H 174 25.00 -5.97 -28.21
C ALA H 174 25.11 -7.50 -28.18
N GLY H 175 24.39 -8.15 -29.09
CA GLY H 175 24.43 -9.59 -29.18
C GLY H 175 24.01 -10.36 -27.94
N ASP H 176 24.40 -11.63 -27.90
CA ASP H 176 24.07 -12.53 -26.80
C ASP H 176 24.34 -11.92 -25.43
N PRO H 177 23.35 -12.02 -24.52
CA PRO H 177 23.45 -11.49 -23.16
C PRO H 177 24.53 -12.18 -22.35
N ALA H 178 24.56 -13.50 -22.43
CA ALA H 178 25.55 -14.30 -21.70
C ALA H 178 26.98 -13.95 -22.13
N GLU H 179 27.20 -13.78 -23.44
CA GLU H 179 28.52 -13.43 -23.93
C GLU H 179 28.83 -12.02 -23.45
N ASP H 180 27.83 -11.16 -23.51
CA ASP H 180 27.97 -9.77 -23.09
C ASP H 180 28.33 -9.71 -21.60
N THR H 181 27.69 -10.53 -20.78
CA THR H 181 27.96 -10.57 -19.34
C THR H 181 29.35 -11.12 -19.04
N ARG H 182 29.65 -12.27 -19.65
CA ARG H 182 30.93 -12.96 -19.49
C ARG H 182 32.06 -11.95 -19.73
N ARG H 183 31.90 -11.17 -20.80
CA ARG H 183 32.87 -10.16 -21.17
C ARG H 183 33.11 -9.17 -20.03
N VAL H 184 32.08 -8.40 -19.69
CA VAL H 184 32.19 -7.41 -18.61
C VAL H 184 32.63 -8.04 -17.30
N ALA H 185 32.22 -9.29 -17.08
CA ALA H 185 32.58 -9.98 -15.85
C ALA H 185 34.10 -10.13 -15.74
N GLU H 186 34.72 -10.58 -16.82
CA GLU H 186 36.17 -10.77 -16.87
C GLU H 186 36.87 -9.44 -16.77
N LEU H 187 36.45 -8.51 -17.64
CA LEU H 187 37.04 -7.16 -17.65
C LEU H 187 36.92 -6.58 -16.24
N ALA H 188 35.93 -7.04 -15.50
CA ALA H 188 35.69 -6.58 -14.14
C ALA H 188 36.77 -7.02 -13.18
N ARG H 189 36.98 -8.33 -13.07
CA ARG H 189 38.00 -8.84 -12.17
C ARG H 189 39.40 -8.38 -12.54
N GLU H 190 39.65 -8.20 -13.83
CA GLU H 190 40.95 -7.75 -14.31
C GLU H 190 41.28 -6.36 -13.78
N VAL H 191 40.32 -5.44 -13.92
CA VAL H 191 40.50 -4.06 -13.46
C VAL H 191 39.83 -3.82 -12.11
N GLY H 192 38.51 -3.80 -12.12
CA GLY H 192 37.71 -3.61 -10.92
C GLY H 192 38.35 -2.93 -9.72
N ASP H 193 39.29 -3.61 -9.09
CA ASP H 193 40.00 -3.10 -7.92
C ASP H 193 40.43 -1.64 -8.02
N ARG H 194 41.13 -1.31 -9.10
CA ARG H 194 41.66 0.04 -9.30
C ARG H 194 40.68 1.16 -9.65
N VAL H 195 39.58 0.83 -10.32
CA VAL H 195 38.62 1.87 -10.68
C VAL H 195 37.16 1.52 -10.41
N SER H 196 36.29 2.52 -10.50
CA SER H 196 34.87 2.33 -10.30
C SER H 196 34.27 1.93 -11.65
N LEU H 197 33.70 0.74 -11.71
CA LEU H 197 33.12 0.25 -12.96
C LEU H 197 31.59 0.30 -12.94
N ARG H 198 31.02 0.74 -14.06
CA ARG H 198 29.58 0.84 -14.22
C ARG H 198 29.21 0.28 -15.58
N ILE H 199 27.93 -0.02 -15.78
CA ILE H 199 27.44 -0.53 -17.07
C ILE H 199 26.17 0.21 -17.49
N ASP H 200 25.87 0.17 -18.77
CA ASP H 200 24.67 0.79 -19.32
C ASP H 200 24.24 -0.12 -20.46
N ILE H 201 22.98 -0.54 -20.45
CA ILE H 201 22.49 -1.43 -21.49
C ILE H 201 21.42 -0.74 -22.33
N ASN H 202 21.33 0.58 -22.17
CA ASN H 202 20.37 1.39 -22.89
C ASN H 202 18.99 0.73 -23.01
N ALA H 203 18.52 0.15 -21.90
CA ALA H 203 17.23 -0.50 -21.85
C ALA H 203 17.04 -1.55 -22.94
N ARG H 204 18.11 -2.26 -23.29
CA ARG H 204 17.96 -3.25 -24.34
C ARG H 204 17.82 -4.71 -23.88
N TRP H 205 17.79 -4.92 -22.56
CA TRP H 205 17.60 -6.25 -21.99
C TRP H 205 16.20 -6.28 -21.39
N ASP H 206 15.54 -7.44 -21.42
CA ASP H 206 14.21 -7.53 -20.83
C ASP H 206 14.38 -7.86 -19.35
N ARG H 207 13.30 -7.72 -18.58
CA ARG H 207 13.33 -7.96 -17.15
C ARG H 207 13.98 -9.28 -16.72
N ARG H 208 13.53 -10.38 -17.32
CA ARG H 208 14.08 -11.68 -16.95
C ARG H 208 15.57 -11.79 -17.19
N THR H 209 16.02 -11.25 -18.33
CA THR H 209 17.44 -11.31 -18.66
C THR H 209 18.29 -10.56 -17.64
N ALA H 210 17.88 -9.34 -17.32
CA ALA H 210 18.63 -8.54 -16.36
C ALA H 210 18.72 -9.21 -14.99
N LEU H 211 17.60 -9.71 -14.49
CA LEU H 211 17.57 -10.37 -13.18
C LEU H 211 18.43 -11.63 -13.13
N HIS H 212 18.58 -12.27 -14.29
CA HIS H 212 19.37 -13.48 -14.37
C HIS H 212 20.87 -13.18 -14.40
N TYR H 213 21.30 -12.34 -15.34
CA TYR H 213 22.72 -12.03 -15.51
C TYR H 213 23.35 -10.95 -14.63
N LEU H 214 22.63 -9.87 -14.35
CA LEU H 214 23.21 -8.81 -13.52
C LEU H 214 23.82 -9.32 -12.22
N PRO H 215 23.25 -10.37 -11.60
CA PRO H 215 23.88 -10.81 -10.36
C PRO H 215 25.35 -11.23 -10.58
N ILE H 216 25.65 -11.71 -11.78
CA ILE H 216 27.00 -12.13 -12.10
C ILE H 216 27.93 -10.92 -12.08
N LEU H 217 27.49 -9.82 -12.70
CA LEU H 217 28.29 -8.61 -12.71
C LEU H 217 28.47 -8.09 -11.29
N ALA H 218 27.42 -8.22 -10.48
CA ALA H 218 27.45 -7.74 -9.10
C ALA H 218 28.57 -8.45 -8.33
N GLU H 219 28.62 -9.77 -8.46
CA GLU H 219 29.65 -10.54 -7.78
C GLU H 219 31.02 -10.18 -8.35
N ALA H 220 31.07 -9.89 -9.65
CA ALA H 220 32.32 -9.53 -10.31
C ALA H 220 32.81 -8.16 -9.83
N GLY H 221 31.89 -7.33 -9.37
CA GLY H 221 32.29 -6.02 -8.88
C GLY H 221 31.68 -4.78 -9.49
N VAL H 222 30.80 -4.91 -10.48
CA VAL H 222 30.20 -3.72 -11.08
C VAL H 222 29.49 -2.94 -9.96
N GLU H 223 29.64 -1.63 -9.95
CA GLU H 223 29.04 -0.81 -8.88
C GLU H 223 27.78 -0.05 -9.23
N LEU H 224 27.44 0.00 -10.51
CA LEU H 224 26.24 0.74 -10.90
C LEU H 224 25.67 0.17 -12.19
N PHE H 225 24.37 -0.11 -12.17
CA PHE H 225 23.68 -0.62 -13.34
C PHE H 225 22.83 0.50 -13.90
N GLU H 226 23.23 1.05 -15.03
CA GLU H 226 22.48 2.12 -15.65
C GLU H 226 21.45 1.57 -16.63
N GLN H 227 20.21 1.98 -16.42
CA GLN H 227 19.07 1.62 -17.24
C GLN H 227 19.27 0.35 -18.07
N PRO H 228 19.26 -0.81 -17.42
CA PRO H 228 19.44 -2.05 -18.16
C PRO H 228 18.16 -2.56 -18.82
N THR H 229 17.03 -2.09 -18.32
CA THR H 229 15.72 -2.54 -18.78
C THR H 229 14.84 -1.39 -19.28
N PRO H 230 13.69 -1.73 -19.90
CA PRO H 230 12.75 -0.74 -20.44
C PRO H 230 12.46 0.48 -19.57
N ALA H 231 12.37 1.62 -20.25
CA ALA H 231 12.12 2.91 -19.61
C ALA H 231 10.88 2.92 -18.74
N ASP H 232 9.82 2.30 -19.25
CA ASP H 232 8.53 2.24 -18.58
C ASP H 232 8.45 1.36 -17.35
N ASP H 233 9.35 0.39 -17.24
CA ASP H 233 9.31 -0.56 -16.13
C ASP H 233 10.08 -0.17 -14.87
N LEU H 234 9.54 0.79 -14.10
CA LEU H 234 10.22 1.24 -12.88
C LEU H 234 10.32 0.14 -11.82
N GLU H 235 9.34 -0.76 -11.77
CA GLU H 235 9.35 -1.83 -10.78
C GLU H 235 10.52 -2.78 -10.97
N THR H 236 10.90 -3.02 -12.23
CA THR H 236 12.03 -3.90 -12.49
C THR H 236 13.34 -3.25 -12.05
N LEU H 237 13.50 -1.94 -12.25
CA LEU H 237 14.74 -1.28 -11.80
C LEU H 237 14.88 -1.49 -10.29
N ARG H 238 13.78 -1.32 -9.58
CA ARG H 238 13.73 -1.52 -8.12
C ARG H 238 14.03 -2.98 -7.76
N GLU H 239 13.41 -3.90 -8.48
CA GLU H 239 13.62 -5.31 -8.20
C GLU H 239 15.08 -5.74 -8.44
N ILE H 240 15.75 -5.21 -9.47
CA ILE H 240 17.12 -5.64 -9.66
C ILE H 240 17.98 -5.24 -8.45
N THR H 241 17.74 -4.05 -7.89
CA THR H 241 18.51 -3.61 -6.73
C THR H 241 18.16 -4.49 -5.54
N ARG H 242 16.88 -4.81 -5.39
CA ARG H 242 16.45 -5.68 -4.28
C ARG H 242 17.18 -7.02 -4.34
N ARG H 243 17.32 -7.61 -5.53
CA ARG H 243 17.99 -8.90 -5.62
C ARG H 243 19.52 -8.89 -5.62
N THR H 244 20.13 -7.82 -6.14
CA THR H 244 21.60 -7.75 -6.20
C THR H 244 22.27 -6.80 -5.23
N ASN H 245 21.47 -5.89 -4.65
CA ASN H 245 21.99 -4.89 -3.74
C ASN H 245 22.99 -3.95 -4.38
N VAL H 246 22.82 -3.70 -5.67
CA VAL H 246 23.70 -2.75 -6.36
C VAL H 246 22.84 -1.64 -6.95
N SER H 247 23.32 -0.41 -6.79
CA SER H 247 22.60 0.75 -7.28
C SER H 247 22.29 0.74 -8.75
N VAL H 248 21.18 1.39 -9.08
CA VAL H 248 20.71 1.54 -10.44
C VAL H 248 20.66 3.03 -10.76
N ALA H 250 18.88 5.70 -13.37
CA ALA H 250 17.83 5.81 -14.37
C ALA H 250 18.23 6.79 -15.45
N ASP H 251 18.00 6.42 -16.70
CA ASP H 251 18.34 7.29 -17.83
C ASP H 251 17.11 7.43 -18.72
N GLU H 252 16.86 6.47 -19.61
CA GLU H 252 15.68 6.58 -20.48
C GLU H 252 14.39 6.66 -19.66
N SER H 253 14.39 6.13 -18.44
CA SER H 253 13.21 6.19 -17.57
C SER H 253 12.91 7.61 -17.06
N VAL H 254 13.87 8.52 -17.17
CA VAL H 254 13.67 9.88 -16.67
C VAL H 254 14.03 11.02 -17.63
N TRP H 255 13.02 11.61 -18.26
CA TRP H 255 13.22 12.76 -19.15
C TRP H 255 12.61 14.01 -18.50
N THR H 256 11.40 13.86 -17.97
CA THR H 256 10.66 14.97 -17.36
C THR H 256 10.66 15.03 -15.83
N PRO H 257 10.13 16.12 -15.26
CA PRO H 257 10.12 16.20 -13.80
C PRO H 257 9.12 15.19 -13.25
N ALA H 258 8.01 15.00 -13.97
CA ALA H 258 7.01 14.06 -13.52
C ALA H 258 7.60 12.64 -13.51
N GLU H 259 8.51 12.35 -14.43
CA GLU H 259 9.14 11.03 -14.49
C GLU H 259 10.15 10.88 -13.37
N ALA H 260 10.82 11.97 -13.01
CA ALA H 260 11.79 11.91 -11.91
C ALA H 260 11.03 11.65 -10.61
N LEU H 261 9.82 12.18 -10.55
CA LEU H 261 8.95 12.02 -9.37
C LEU H 261 8.47 10.58 -9.27
N ALA H 262 8.05 10.02 -10.39
CA ALA H 262 7.57 8.64 -10.41
C ALA H 262 8.70 7.72 -9.95
N VAL H 263 9.93 8.03 -10.33
CA VAL H 263 11.10 7.23 -9.94
C VAL H 263 11.29 7.33 -8.42
N VAL H 264 11.11 8.54 -7.89
CA VAL H 264 11.23 8.75 -6.47
C VAL H 264 10.17 7.93 -5.74
N LYS H 265 8.92 8.02 -6.19
CA LYS H 265 7.84 7.26 -5.54
C LYS H 265 8.04 5.75 -5.65
N ALA H 266 8.55 5.30 -6.79
CA ALA H 266 8.76 3.87 -6.98
C ALA H 266 10.07 3.40 -6.39
N GLN H 267 10.82 4.32 -5.77
CA GLN H 267 12.12 4.00 -5.17
C GLN H 267 12.90 3.17 -6.21
N ALA H 268 12.79 3.57 -7.47
CA ALA H 268 13.40 2.85 -8.59
C ALA H 268 14.89 3.00 -8.88
N ALA H 269 15.53 4.01 -8.30
CA ALA H 269 16.94 4.23 -8.57
C ALA H 269 17.64 5.11 -7.55
N ASP H 270 18.91 4.82 -7.28
CA ASP H 270 19.72 5.61 -6.34
C ASP H 270 20.26 6.86 -7.06
N VAL H 271 20.41 6.78 -8.38
CA VAL H 271 20.97 7.88 -9.15
C VAL H 271 20.20 8.17 -10.45
N ILE H 272 20.13 9.44 -10.82
CA ILE H 272 19.46 9.85 -12.05
C ILE H 272 20.45 10.47 -13.03
N ALA H 273 20.45 10.00 -14.27
CA ALA H 273 21.34 10.54 -15.30
C ALA H 273 20.71 11.83 -15.84
N LEU H 274 21.14 12.94 -15.26
CA LEU H 274 20.63 14.25 -15.63
C LEU H 274 21.32 14.75 -16.93
N LYS H 275 20.53 15.05 -17.95
CA LYS H 275 21.02 15.52 -19.25
C LYS H 275 20.21 16.74 -19.67
N THR H 276 20.86 17.89 -19.77
CA THR H 276 20.15 19.12 -20.12
C THR H 276 19.48 19.03 -21.48
N THR H 277 19.99 18.15 -22.33
CA THR H 277 19.38 17.97 -23.64
C THR H 277 18.08 17.20 -23.45
N LYS H 278 18.21 15.98 -22.92
CA LYS H 278 17.06 15.11 -22.68
C LYS H 278 15.93 15.74 -21.86
N HIS H 279 16.28 16.56 -20.87
CA HIS H 279 15.25 17.17 -20.04
C HIS H 279 14.54 18.32 -20.71
N GLY H 280 15.09 18.79 -21.83
CA GLY H 280 14.46 19.88 -22.55
C GLY H 280 14.89 21.26 -22.11
N GLY H 281 16.14 21.42 -21.70
CA GLY H 281 16.60 22.73 -21.29
C GLY H 281 17.21 22.87 -19.91
N LEU H 282 17.82 24.03 -19.69
CA LEU H 282 18.46 24.31 -18.42
C LEU H 282 17.42 24.51 -17.33
N LEU H 283 16.29 25.11 -17.69
CA LEU H 283 15.23 25.34 -16.73
C LEU H 283 14.64 24.00 -16.29
N GLU H 284 14.36 23.13 -17.25
CA GLU H 284 13.80 21.83 -16.95
C GLU H 284 14.80 21.02 -16.15
N SER H 285 16.08 21.13 -16.50
CA SER H 285 17.12 20.41 -15.79
C SER H 285 17.20 20.79 -14.31
N LYS H 286 16.84 22.03 -14.00
CA LYS H 286 16.86 22.49 -12.61
C LYS H 286 15.77 21.76 -11.81
N LYS H 287 14.62 21.51 -12.46
CA LYS H 287 13.50 20.83 -11.82
C LYS H 287 13.85 19.37 -11.50
N ILE H 288 14.52 18.71 -12.43
CA ILE H 288 14.95 17.32 -12.26
C ILE H 288 15.78 17.23 -10.99
N ALA H 289 16.83 18.03 -10.91
CA ALA H 289 17.73 18.04 -9.76
C ALA H 289 17.02 18.36 -8.45
N ALA H 290 16.03 19.24 -8.52
CA ALA H 290 15.28 19.64 -7.33
C ALA H 290 14.45 18.46 -6.81
N ILE H 291 13.87 17.70 -7.74
CA ILE H 291 13.06 16.57 -7.34
C ILE H 291 13.96 15.45 -6.84
N ALA H 292 15.04 15.15 -7.56
CA ALA H 292 15.94 14.10 -7.14
C ALA H 292 16.49 14.40 -5.74
N GLU H 293 16.99 15.61 -5.56
CA GLU H 293 17.55 16.05 -4.27
C GLU H 293 16.54 15.89 -3.12
N ALA H 294 15.31 16.30 -3.36
CA ALA H 294 14.28 16.20 -2.33
C ALA H 294 14.05 14.76 -1.87
N GLY H 295 14.18 13.82 -2.81
CA GLY H 295 13.98 12.41 -2.49
C GLY H 295 15.26 11.68 -2.14
N GLY H 296 16.36 12.42 -1.98
CA GLY H 296 17.63 11.79 -1.64
C GLY H 296 18.37 11.11 -2.78
N LEU H 297 17.90 11.27 -4.01
CA LEU H 297 18.55 10.64 -5.16
C LEU H 297 19.69 11.51 -5.70
N ALA H 298 20.80 10.87 -6.04
CA ALA H 298 21.95 11.58 -6.57
C ALA H 298 21.75 11.87 -8.04
N CYS H 299 22.42 12.91 -8.53
CA CYS H 299 22.35 13.27 -9.95
C CYS H 299 23.74 13.21 -10.54
N HIS H 300 23.83 12.58 -11.71
CA HIS H 300 25.07 12.42 -12.45
C HIS H 300 24.94 13.33 -13.67
N GLY H 301 25.97 14.15 -13.94
CA GLY H 301 25.90 15.04 -15.09
C GLY H 301 26.08 14.21 -16.34
N ALA H 302 24.99 13.57 -16.78
CA ALA H 302 25.00 12.67 -17.94
C ALA H 302 25.14 13.35 -19.29
N THR H 303 25.38 12.53 -20.32
CA THR H 303 25.56 13.02 -21.68
C THR H 303 24.78 12.28 -22.77
N SER H 304 24.34 13.04 -23.77
CA SER H 304 23.63 12.47 -24.91
C SER H 304 24.65 12.53 -26.05
N LEU H 305 25.93 12.62 -25.65
CA LEU H 305 27.03 12.72 -26.58
C LEU H 305 26.94 14.06 -27.30
N GLU H 306 26.76 15.12 -26.51
CA GLU H 306 26.68 16.49 -27.02
C GLU H 306 27.99 16.87 -27.67
N GLY H 307 27.94 17.92 -28.48
CA GLY H 307 29.15 18.41 -29.11
C GLY H 307 29.74 19.41 -28.13
N PRO H 308 30.66 20.28 -28.57
CA PRO H 308 31.25 21.27 -27.67
C PRO H 308 30.24 22.23 -27.05
N ILE H 309 29.30 22.74 -27.85
CA ILE H 309 28.29 23.66 -27.37
C ILE H 309 27.34 23.04 -26.33
N GLY H 310 26.93 21.80 -26.58
CA GLY H 310 26.02 21.12 -25.66
C GLY H 310 26.74 20.72 -24.38
N THR H 311 27.93 20.16 -24.54
CA THR H 311 28.73 19.74 -23.39
C THR H 311 29.04 20.97 -22.52
N ALA H 312 29.16 22.12 -23.18
CA ALA H 312 29.45 23.36 -22.48
C ALA H 312 28.25 23.79 -21.64
N ALA H 313 27.05 23.62 -22.18
CA ALA H 313 25.84 23.98 -21.46
C ALA H 313 25.61 23.08 -20.24
N SER H 314 26.02 21.81 -20.35
CA SER H 314 25.87 20.90 -19.23
C SER H 314 26.89 21.25 -18.16
N LEU H 315 28.09 21.64 -18.58
CA LEU H 315 29.13 22.01 -17.61
C LEU H 315 28.71 23.26 -16.83
N GLN H 316 28.04 24.20 -17.48
CA GLN H 316 27.57 25.39 -16.78
C GLN H 316 26.51 24.97 -15.77
N PHE H 317 25.68 24.00 -16.16
CA PHE H 317 24.63 23.51 -15.26
C PHE H 317 25.28 22.85 -14.05
N ALA H 318 26.23 21.95 -14.29
CA ALA H 318 26.93 21.27 -13.22
C ALA H 318 27.66 22.25 -12.30
N ALA H 319 28.15 23.35 -12.88
CA ALA H 319 28.87 24.35 -12.09
C ALA H 319 27.93 25.08 -11.13
N SER H 320 26.64 25.15 -11.47
CA SER H 320 25.68 25.83 -10.62
C SER H 320 24.69 24.91 -9.89
N THR H 321 24.89 23.60 -9.99
CA THR H 321 23.95 22.67 -9.34
C THR H 321 24.61 21.72 -8.35
N LYS H 322 24.42 22.01 -7.07
CA LYS H 322 24.98 21.17 -6.03
C LYS H 322 24.39 19.77 -6.15
N ALA H 323 23.13 19.67 -6.57
CA ALA H 323 22.45 18.39 -6.73
C ALA H 323 23.26 17.40 -7.58
N ILE H 324 24.09 17.92 -8.48
CA ILE H 324 24.94 17.07 -9.32
C ILE H 324 25.99 16.60 -8.32
N SER H 325 25.77 15.43 -7.72
CA SER H 325 26.67 14.91 -6.69
C SER H 325 27.35 13.58 -6.98
N TYR H 326 27.21 13.09 -8.20
CA TYR H 326 27.82 11.81 -8.55
C TYR H 326 28.65 11.97 -9.83
N GLY H 327 29.29 13.12 -9.97
CA GLY H 327 30.12 13.36 -11.14
C GLY H 327 29.37 13.51 -12.45
N THR H 328 30.10 13.47 -13.55
CA THR H 328 29.51 13.61 -14.87
C THR H 328 30.16 12.62 -15.81
N GLU H 329 29.70 12.62 -17.06
CA GLU H 329 30.26 11.77 -18.11
C GLU H 329 30.32 12.67 -19.34
N LEU H 330 30.55 13.95 -19.09
CA LEU H 330 30.64 14.94 -20.15
C LEU H 330 32.01 14.86 -20.83
N PHE H 331 32.23 13.75 -21.54
CA PHE H 331 33.47 13.50 -22.26
C PHE H 331 33.25 13.67 -23.76
N GLY H 332 31.99 13.95 -24.12
CA GLY H 332 31.62 14.12 -25.51
C GLY H 332 32.65 14.65 -26.48
N PRO H 333 33.05 15.93 -26.36
CA PRO H 333 34.04 16.54 -27.24
C PRO H 333 35.28 15.68 -27.51
N GLN H 334 35.60 14.78 -26.59
CA GLN H 334 36.76 13.90 -26.75
C GLN H 334 36.59 12.83 -27.82
N LEU H 335 35.37 12.67 -28.31
CA LEU H 335 35.09 11.66 -29.33
C LEU H 335 35.10 12.25 -30.75
N LEU H 336 34.98 13.56 -30.86
CA LEU H 336 34.95 14.22 -32.16
C LEU H 336 36.31 14.34 -32.84
N LYS H 337 36.37 13.93 -34.10
CA LYS H 337 37.61 13.99 -34.90
C LYS H 337 38.06 15.44 -35.03
N ASP H 338 37.09 16.34 -35.03
CA ASP H 338 37.34 17.77 -35.14
C ASP H 338 36.18 18.46 -34.42
N THR H 339 36.29 19.76 -34.23
CA THR H 339 35.23 20.51 -33.55
C THR H 339 34.83 21.74 -34.34
N TYR H 340 34.06 22.60 -33.71
CA TYR H 340 33.59 23.83 -34.34
C TYR H 340 33.50 24.89 -33.25
N ILE H 341 34.39 24.80 -32.27
CA ILE H 341 34.33 25.74 -31.16
C ILE H 341 35.56 26.60 -30.83
N VAL H 342 36.67 26.43 -31.53
CA VAL H 342 37.87 27.22 -31.27
C VAL H 342 38.74 26.73 -30.09
N GLN H 343 38.32 27.03 -28.87
CA GLN H 343 39.09 26.62 -27.68
C GLN H 343 39.11 25.11 -27.50
N GLU H 344 39.94 24.65 -26.56
CA GLU H 344 40.04 23.24 -26.24
C GLU H 344 39.64 23.03 -24.78
N PHE H 345 38.98 21.92 -24.51
CA PHE H 345 38.55 21.60 -23.15
C PHE H 345 39.74 21.04 -22.38
N GLU H 346 39.78 21.31 -21.08
CA GLU H 346 40.87 20.81 -20.25
C GLU H 346 40.48 19.55 -19.50
N TYR H 347 40.93 18.41 -20.01
CA TYR H 347 40.65 17.10 -19.42
C TYR H 347 41.90 16.49 -18.80
N LYS H 348 42.02 16.56 -17.49
CA LYS H 348 43.17 15.99 -16.80
C LYS H 348 42.86 15.63 -15.36
N ASP H 349 43.51 14.58 -14.87
CA ASP H 349 43.31 14.12 -13.51
C ASP H 349 41.86 13.69 -13.29
N GLY H 350 41.34 12.93 -14.24
CA GLY H 350 39.97 12.45 -14.15
C GLY H 350 38.88 13.50 -14.06
N GLN H 351 39.19 14.75 -14.41
CA GLN H 351 38.20 15.82 -14.35
C GLN H 351 38.23 16.71 -15.59
N VAL H 352 37.33 17.69 -15.62
CA VAL H 352 37.27 18.65 -16.71
C VAL H 352 36.94 20.02 -16.11
N ALA H 353 37.50 21.07 -16.70
CA ALA H 353 37.27 22.41 -16.20
C ALA H 353 36.06 23.06 -16.85
N ILE H 354 35.32 23.83 -16.06
CA ILE H 354 34.15 24.52 -16.58
C ILE H 354 34.61 25.74 -17.38
N PRO H 355 34.26 25.78 -18.66
CA PRO H 355 34.63 26.88 -19.56
C PRO H 355 34.36 28.28 -19.01
N GLN H 356 35.44 29.04 -18.82
CA GLN H 356 35.34 30.40 -18.33
C GLN H 356 35.11 31.33 -19.52
N GLY H 357 34.25 32.33 -19.33
CA GLY H 357 33.96 33.24 -20.42
C GLY H 357 32.49 33.58 -20.44
N PRO H 358 32.07 34.60 -21.22
CA PRO H 358 30.65 34.95 -21.26
C PRO H 358 29.86 33.81 -21.90
N GLY H 359 28.58 33.71 -21.54
CA GLY H 359 27.75 32.65 -22.10
C GLY H 359 28.30 31.27 -21.78
N LEU H 360 28.13 30.34 -22.71
CA LEU H 360 28.60 28.97 -22.55
C LEU H 360 30.09 28.91 -22.27
N GLY H 361 30.77 30.04 -22.48
CA GLY H 361 32.20 30.11 -22.24
C GLY H 361 33.02 29.43 -23.33
N VAL H 362 32.40 29.27 -24.49
CA VAL H 362 33.07 28.62 -25.61
C VAL H 362 32.46 29.24 -26.89
N ASP H 363 33.31 29.64 -27.84
CA ASP H 363 32.85 30.31 -29.05
C ASP H 363 32.86 29.46 -30.33
N VAL H 364 31.76 29.50 -31.07
CA VAL H 364 31.64 28.73 -32.30
C VAL H 364 32.58 29.20 -33.41
N ASP H 365 33.17 28.23 -34.11
CA ASP H 365 34.09 28.48 -35.21
C ASP H 365 33.27 28.33 -36.50
N ASP H 367 33.77 28.76 -39.62
CA ASP H 367 34.35 28.06 -40.77
C ASP H 367 33.99 26.59 -40.66
N LYS H 368 34.22 26.04 -39.49
CA LYS H 368 33.94 24.63 -39.22
C LYS H 368 32.46 24.31 -39.13
N VAL H 369 31.65 25.27 -38.70
CA VAL H 369 30.22 25.05 -38.59
C VAL H 369 29.61 25.00 -39.99
N ASN H 370 30.18 25.76 -40.91
CA ASN H 370 29.70 25.79 -42.28
C ASN H 370 30.21 24.54 -43.00
N PHE H 371 31.45 24.16 -42.71
CA PHE H 371 32.06 22.99 -43.34
C PHE H 371 31.27 21.73 -43.03
N TYR H 372 30.86 21.58 -41.78
CA TYR H 372 30.15 20.38 -41.33
C TYR H 372 28.62 20.42 -41.46
N THR H 373 28.08 21.52 -42.00
CA THR H 373 26.64 21.65 -42.17
C THR H 373 26.20 20.75 -43.32
N ARG H 374 25.19 19.93 -43.07
CA ARG H 374 24.66 18.99 -44.06
C ARG H 374 24.06 19.68 -45.29
#